data_3UKH
#
_entry.id   3UKH
#
_cell.length_a   71.967
_cell.length_b   129.262
_cell.length_c   173.885
_cell.angle_alpha   89.87
_cell.angle_beta   84.64
_cell.angle_gamma   81.21
#
_symmetry.space_group_name_H-M   'P 1'
#
loop_
_entity.id
_entity.type
_entity.pdbx_description
1 polymer 'UDP-galactopyranose mutase'
2 non-polymer 'FLAVIN-ADENINE DINUCLEOTIDE'
3 non-polymer "GALACTOSE-URIDINE-5'-DIPHOSPHATE"
4 non-polymer 'CHLORIDE ION'
5 non-polymer 'DIHYDROFLAVINE-ADENINE DINUCLEOTIDE'
6 water water
#
_entity_poly.entity_id   1
_entity_poly.type   'polypeptide(L)'
_entity_poly.pdbx_seq_one_letter_code
;THPDISVDVLVIGAGPTGLGAAKRLNQIDGPSWMIVDSNETPGGLASTDVTPEGFLYDVGGHVIFSHYKYFDDCLDEALP
KEDDWYTHQRISYVRCQGQWVPYPFQNNISMLPKEEQVKCIDGMIDAALEARVANTKPKTFDEWIVRMMGTGIADLFMRP
YNFKVWAVPTTKMQCAWLGERVAAPNLKAVTTNVILGKTAGNWGPNATFRFPARGGTGGIWIAVANTLPKEKTRFGEKGK
VTKVNANNKTVTLQDGTTIGYKKLVSTMAVDFLAEAMNDQELVGLTKQLFYSSTHVIGVGVRGSRPERIGDKCWLYFPED
NCPFYRATIFSNYSPYNQPEASKKLPTMQLADGSRPQSTEAKEGPYWSIMLEVSESSMKPVNQETILADCIQGLVNTEML
KPTDEIVSTYHRRFDHGYPTPTLEREGALTQILPKLQDKDIWSRGRFGSWRYEVGNQDHSFMLGVEAVDNIVNGAVELTL
NYPDFVNGRQNTERRLVDGAQVFAKSKAQLELEHHHHHH
;
_entity_poly.pdbx_strand_id   A,B,C,D,E,F,G,H
#
# COMPACT_ATOMS: atom_id res chain seq x y z
N THR A 1 38.69 35.43 -5.36
CA THR A 1 37.50 34.98 -4.64
C THR A 1 37.12 33.54 -4.99
N HIS A 2 37.42 32.62 -4.08
CA HIS A 2 37.19 31.20 -4.31
C HIS A 2 35.88 30.73 -3.69
N PRO A 3 35.21 29.77 -4.34
CA PRO A 3 33.96 29.21 -3.82
C PRO A 3 34.23 28.36 -2.59
N ASP A 4 33.22 28.18 -1.76
CA ASP A 4 33.34 27.30 -0.60
C ASP A 4 33.73 25.89 -1.01
N ILE A 5 33.21 25.44 -2.15
CA ILE A 5 33.48 24.10 -2.64
C ILE A 5 33.83 24.13 -4.12
N SER A 6 34.81 23.31 -4.52
CA SER A 6 35.13 23.15 -5.94
C SER A 6 35.12 21.68 -6.35
N VAL A 7 34.47 21.40 -7.48
CA VAL A 7 34.47 20.05 -8.04
C VAL A 7 34.55 20.11 -9.56
N ASP A 8 35.05 19.04 -10.16
CA ASP A 8 35.13 18.95 -11.60
C ASP A 8 33.74 18.88 -12.23
N VAL A 9 32.89 18.01 -11.71
CA VAL A 9 31.54 17.85 -12.24
C VAL A 9 30.49 18.00 -11.16
N LEU A 10 29.62 18.98 -11.31
CA LEU A 10 28.52 19.18 -10.37
C LEU A 10 27.22 18.64 -10.95
N VAL A 11 26.50 17.84 -10.17
CA VAL A 11 25.20 17.30 -10.61
C VAL A 11 24.07 17.94 -9.82
N ILE A 12 23.14 18.59 -10.51
CA ILE A 12 21.98 19.17 -9.84
C ILE A 12 20.75 18.28 -10.01
N GLY A 13 20.26 17.74 -8.90
CA GLY A 13 19.08 16.89 -8.92
C GLY A 13 19.41 15.43 -8.68
N ALA A 14 18.62 14.78 -7.83
CA ALA A 14 18.85 13.39 -7.50
C ALA A 14 17.64 12.51 -7.84
N GLY A 15 16.96 12.88 -8.91
CA GLY A 15 16.01 11.96 -9.54
C GLY A 15 16.81 10.90 -10.26
N PRO A 16 16.13 10.05 -11.04
CA PRO A 16 16.84 9.01 -11.81
C PRO A 16 17.98 9.56 -12.67
N THR A 17 17.77 10.71 -13.31
CA THR A 17 18.81 11.25 -14.21
C THR A 17 20.07 11.64 -13.43
N GLY A 18 19.90 12.43 -12.37
CA GLY A 18 21.01 12.82 -11.53
C GLY A 18 21.72 11.63 -10.90
N LEU A 19 20.97 10.63 -10.46
CA LEU A 19 21.57 9.45 -9.84
C LEU A 19 22.34 8.63 -10.88
N GLY A 20 21.88 8.63 -12.11
CA GLY A 20 22.63 8.01 -13.19
C GLY A 20 23.98 8.68 -13.35
N ALA A 21 23.99 10.01 -13.44
CA ALA A 21 25.25 10.73 -13.56
C ALA A 21 26.16 10.45 -12.36
N ALA A 22 25.57 10.40 -11.17
CA ALA A 22 26.32 10.12 -9.95
C ALA A 22 26.92 8.71 -9.96
N LYS A 23 26.13 7.74 -10.40
CA LYS A 23 26.61 6.35 -10.48
C LYS A 23 27.79 6.18 -11.42
N ARG A 24 27.70 6.75 -12.62
CA ARG A 24 28.82 6.64 -13.55
C ARG A 24 30.03 7.46 -13.09
N LEU A 25 29.80 8.63 -12.51
CA LEU A 25 30.91 9.39 -11.92
C LEU A 25 31.58 8.59 -10.80
N ASN A 26 30.78 7.92 -9.99
CA ASN A 26 31.31 7.15 -8.87
C ASN A 26 32.07 5.92 -9.37
N GLN A 27 31.54 5.27 -10.40
CA GLN A 27 32.21 4.12 -11.00
C GLN A 27 33.56 4.50 -11.59
N ILE A 28 33.58 5.57 -12.37
CA ILE A 28 34.82 6.03 -13.02
C ILE A 28 35.87 6.42 -12.00
N ASP A 29 35.43 7.05 -10.92
CA ASP A 29 36.31 7.40 -9.81
C ASP A 29 37.55 8.15 -10.30
N GLY A 30 37.32 9.15 -11.16
CA GLY A 30 38.40 9.96 -11.68
C GLY A 30 38.21 11.40 -11.25
N PRO A 31 37.50 12.19 -12.07
CA PRO A 31 37.17 13.58 -11.74
C PRO A 31 36.41 13.69 -10.42
N SER A 32 36.58 14.82 -9.73
CA SER A 32 35.85 15.08 -8.50
C SER A 32 34.42 15.50 -8.86
N TRP A 33 33.48 15.23 -7.97
CA TRP A 33 32.08 15.50 -8.26
C TRP A 33 31.27 15.58 -6.98
N MET A 34 30.09 16.17 -7.08
CA MET A 34 29.10 16.06 -6.02
C MET A 34 27.70 16.22 -6.60
N ILE A 35 26.71 15.76 -5.85
CA ILE A 35 25.33 15.85 -6.31
C ILE A 35 24.49 16.54 -5.25
N VAL A 36 23.68 17.51 -5.68
CA VAL A 36 22.80 18.23 -4.77
C VAL A 36 21.34 18.02 -5.16
N ASP A 37 20.44 18.11 -4.17
CA ASP A 37 19.01 18.08 -4.41
C ASP A 37 18.32 18.79 -3.24
N SER A 38 17.22 19.48 -3.53
CA SER A 38 16.47 20.19 -2.49
C SER A 38 15.67 19.23 -1.62
N ASN A 39 15.54 17.99 -2.06
CA ASN A 39 14.76 17.00 -1.32
C ASN A 39 15.66 16.07 -0.54
N GLU A 40 15.33 15.87 0.74
CA GLU A 40 16.13 15.05 1.62
C GLU A 40 16.12 13.59 1.14
N THR A 41 15.02 13.19 0.51
CA THR A 41 14.89 11.84 -0.03
C THR A 41 15.11 11.84 -1.53
N PRO A 42 16.15 11.13 -1.99
CA PRO A 42 16.42 11.05 -3.42
C PRO A 42 15.32 10.30 -4.17
N GLY A 43 15.20 10.52 -5.48
CA GLY A 43 14.19 9.83 -6.26
C GLY A 43 13.36 10.77 -7.12
N GLY A 44 13.39 12.06 -6.82
CA GLY A 44 12.64 13.05 -7.58
C GLY A 44 11.20 12.63 -7.85
N LEU A 45 10.78 12.69 -9.11
CA LEU A 45 9.40 12.40 -9.47
C LEU A 45 9.15 10.90 -9.59
N ALA A 46 10.18 10.09 -9.38
CA ALA A 46 10.00 8.65 -9.28
C ALA A 46 9.96 8.22 -7.81
N SER A 47 9.62 9.15 -6.92
CA SER A 47 9.50 8.86 -5.49
C SER A 47 8.17 8.22 -5.16
N THR A 48 8.02 7.77 -3.92
CA THR A 48 6.75 7.21 -3.45
C THR A 48 6.28 7.91 -2.18
N ASP A 49 5.08 8.47 -2.21
CA ASP A 49 4.49 9.09 -1.03
C ASP A 49 3.68 8.07 -0.23
N VAL A 50 3.33 8.43 1.00
CA VAL A 50 2.51 7.57 1.85
C VAL A 50 1.46 8.40 2.55
N THR A 51 0.23 7.87 2.60
CA THR A 51 -0.86 8.57 3.29
C THR A 51 -0.77 8.32 4.80
N PRO A 52 -1.36 9.22 5.59
CA PRO A 52 -1.32 9.06 7.05
C PRO A 52 -1.88 7.72 7.50
N GLU A 53 -2.65 7.05 6.65
CA GLU A 53 -3.20 5.74 6.98
C GLU A 53 -2.38 4.59 6.41
N GLY A 54 -1.23 4.90 5.83
CA GLY A 54 -0.29 3.87 5.40
C GLY A 54 -0.49 3.31 4.00
N PHE A 55 -1.09 4.09 3.11
CA PHE A 55 -1.21 3.69 1.70
C PHE A 55 -0.12 4.35 0.86
N LEU A 56 0.65 3.54 0.15
CA LEU A 56 1.73 4.05 -0.71
C LEU A 56 1.22 4.37 -2.11
N TYR A 57 1.77 5.42 -2.69
CA TYR A 57 1.44 5.78 -4.07
C TYR A 57 2.65 6.34 -4.79
N ASP A 58 3.06 5.67 -5.86
CA ASP A 58 4.10 6.18 -6.75
C ASP A 58 3.62 7.50 -7.33
N VAL A 59 4.52 8.45 -7.51
CA VAL A 59 4.12 9.73 -8.09
C VAL A 59 4.55 9.81 -9.54
N GLY A 60 5.35 8.85 -9.98
CA GLY A 60 5.89 8.84 -11.33
C GLY A 60 6.06 7.46 -11.93
N GLY A 61 5.08 6.60 -11.69
CA GLY A 61 5.04 5.29 -12.30
C GLY A 61 6.23 4.40 -11.97
N HIS A 62 6.43 3.39 -12.83
CA HIS A 62 7.42 2.36 -12.60
C HIS A 62 7.91 1.83 -13.93
N VAL A 63 9.14 1.33 -13.97
CA VAL A 63 9.69 0.78 -15.20
C VAL A 63 9.05 -0.57 -15.51
N ILE A 64 8.68 -0.75 -16.77
CA ILE A 64 8.05 -1.97 -17.21
C ILE A 64 8.99 -2.75 -18.12
N PHE A 65 9.80 -2.02 -18.89
CA PHE A 65 10.81 -2.63 -19.70
C PHE A 65 12.12 -1.83 -19.65
N SER A 66 13.19 -2.47 -19.19
CA SER A 66 14.50 -1.85 -19.18
C SER A 66 15.18 -2.06 -20.53
N HIS A 67 15.72 -0.98 -21.09
CA HIS A 67 16.38 -1.05 -22.38
C HIS A 67 17.89 -1.23 -22.26
N TYR A 68 18.39 -1.25 -21.02
CA TYR A 68 19.85 -1.18 -20.80
C TYR A 68 20.35 -2.13 -19.74
N LYS A 69 21.45 -2.82 -20.02
CA LYS A 69 22.09 -3.65 -19.00
C LYS A 69 22.63 -2.81 -17.83
N TYR A 70 23.06 -1.59 -18.11
CA TYR A 70 23.66 -0.74 -17.07
C TYR A 70 22.65 -0.39 -15.99
N PHE A 71 21.42 -0.08 -16.43
CA PHE A 71 20.32 0.19 -15.53
C PHE A 71 20.04 -1.06 -14.67
N ASP A 72 20.04 -2.23 -15.31
CA ASP A 72 19.82 -3.49 -14.61
C ASP A 72 20.89 -3.73 -13.56
N ASP A 73 22.15 -3.51 -13.93
CA ASP A 73 23.25 -3.69 -12.99
C ASP A 73 23.05 -2.84 -11.74
N CYS A 74 22.62 -1.60 -11.90
CA CYS A 74 22.45 -0.71 -10.75
C CYS A 74 21.26 -1.10 -9.88
N LEU A 75 20.16 -1.55 -10.48
CA LEU A 75 19.04 -2.01 -9.68
C LEU A 75 19.42 -3.26 -8.91
N ASP A 76 20.08 -4.20 -9.58
CA ASP A 76 20.52 -5.44 -8.93
C ASP A 76 21.42 -5.12 -7.74
N GLU A 77 22.31 -4.16 -7.91
CA GLU A 77 23.22 -3.75 -6.83
C GLU A 77 22.43 -3.16 -5.68
N ALA A 78 21.49 -2.27 -6.00
CA ALA A 78 20.69 -1.60 -4.96
C ALA A 78 19.82 -2.59 -4.19
N LEU A 79 19.13 -3.47 -4.91
CA LEU A 79 18.23 -4.45 -4.31
C LEU A 79 18.64 -5.86 -4.73
N PRO A 80 19.68 -6.40 -4.08
CA PRO A 80 20.33 -7.64 -4.54
C PRO A 80 19.66 -8.93 -4.09
N LYS A 81 18.54 -8.86 -3.37
CA LYS A 81 17.89 -10.08 -2.89
C LYS A 81 16.71 -10.46 -3.74
N GLU A 82 16.54 -11.76 -3.95
CA GLU A 82 15.40 -12.30 -4.68
C GLU A 82 14.08 -11.80 -4.09
N ASP A 83 14.00 -11.72 -2.77
CA ASP A 83 12.78 -11.28 -2.11
C ASP A 83 12.65 -9.75 -2.05
N ASP A 84 13.61 -9.03 -2.62
CA ASP A 84 13.47 -7.59 -2.76
C ASP A 84 12.47 -7.24 -3.86
N TRP A 85 12.20 -8.19 -4.73
CA TRP A 85 11.39 -7.94 -5.93
C TRP A 85 10.23 -8.90 -6.10
N TYR A 86 9.12 -8.39 -6.61
CA TYR A 86 8.06 -9.24 -7.17
C TYR A 86 8.13 -9.13 -8.70
N THR A 87 7.93 -10.24 -9.38
CA THR A 87 7.92 -10.22 -10.83
C THR A 87 6.53 -10.52 -11.37
N HIS A 88 5.99 -9.61 -12.17
CA HIS A 88 4.62 -9.73 -12.66
C HIS A 88 4.56 -9.87 -14.18
N GLN A 89 3.38 -10.22 -14.68
CA GLN A 89 3.17 -10.38 -16.12
C GLN A 89 2.72 -9.08 -16.76
N ARG A 90 3.35 -8.71 -17.87
CA ARG A 90 3.01 -7.48 -18.58
C ARG A 90 1.64 -7.59 -19.24
N ILE A 91 0.69 -6.77 -18.81
CA ILE A 91 -0.67 -6.82 -19.30
C ILE A 91 -1.24 -5.40 -19.37
N SER A 92 -2.44 -5.25 -19.95
CA SER A 92 -3.09 -3.95 -20.03
C SER A 92 -4.48 -4.07 -20.66
N TYR A 93 -5.39 -3.16 -20.28
CA TYR A 93 -6.74 -3.14 -20.84
C TYR A 93 -7.22 -1.73 -21.15
N VAL A 94 -8.08 -1.62 -22.16
CA VAL A 94 -8.76 -0.36 -22.48
C VAL A 94 -10.23 -0.45 -22.11
N ARG A 95 -10.75 0.59 -21.45
CA ARG A 95 -12.14 0.61 -21.04
C ARG A 95 -13.01 1.21 -22.13
N CYS A 96 -13.72 0.35 -22.86
CA CYS A 96 -14.54 0.81 -23.97
C CYS A 96 -15.95 0.20 -23.95
N GLN A 97 -16.95 1.05 -23.81
CA GLN A 97 -18.35 0.65 -23.86
C GLN A 97 -18.65 -0.57 -22.98
N GLY A 98 -18.44 -0.41 -21.68
CA GLY A 98 -18.73 -1.44 -20.71
C GLY A 98 -17.84 -2.66 -20.80
N GLN A 99 -16.81 -2.59 -21.62
CA GLN A 99 -15.91 -3.73 -21.80
C GLN A 99 -14.47 -3.40 -21.43
N TRP A 100 -13.74 -4.42 -20.97
CA TRP A 100 -12.31 -4.28 -20.76
C TRP A 100 -11.59 -4.88 -21.96
N VAL A 101 -11.15 -4.02 -22.88
CA VAL A 101 -10.49 -4.48 -24.09
C VAL A 101 -8.99 -4.59 -23.91
N PRO A 102 -8.44 -5.80 -24.08
CA PRO A 102 -7.02 -6.10 -23.90
C PRO A 102 -6.14 -5.32 -24.87
N TYR A 103 -4.89 -5.11 -24.48
CA TYR A 103 -3.88 -4.58 -25.39
C TYR A 103 -3.38 -5.71 -26.28
N PRO A 104 -3.19 -5.44 -27.58
CA PRO A 104 -3.45 -4.14 -28.20
C PRO A 104 -4.92 -3.98 -28.57
N PHE A 105 -5.42 -2.75 -28.49
CA PHE A 105 -6.82 -2.45 -28.74
C PHE A 105 -7.33 -2.98 -30.09
N GLN A 106 -6.64 -2.64 -31.18
CA GLN A 106 -7.10 -3.02 -32.51
C GLN A 106 -7.19 -4.53 -32.72
N ASN A 107 -6.44 -5.30 -31.95
CA ASN A 107 -6.46 -6.74 -32.10
C ASN A 107 -7.59 -7.39 -31.32
N ASN A 108 -8.40 -6.54 -30.69
CA ASN A 108 -9.48 -7.02 -29.84
C ASN A 108 -10.79 -6.28 -30.06
N ILE A 109 -10.98 -5.76 -31.27
CA ILE A 109 -12.25 -5.14 -31.65
C ILE A 109 -13.38 -6.15 -31.45
N SER A 110 -13.00 -7.42 -31.48
CA SER A 110 -13.93 -8.53 -31.27
C SER A 110 -14.86 -8.30 -30.07
N MET A 111 -14.38 -7.57 -29.07
CA MET A 111 -15.15 -7.37 -27.85
C MET A 111 -16.12 -6.21 -27.92
N LEU A 112 -16.13 -5.51 -29.06
CA LEU A 112 -17.04 -4.38 -29.26
C LEU A 112 -18.28 -4.83 -30.02
N PRO A 113 -19.35 -4.01 -29.99
CA PRO A 113 -20.55 -4.30 -30.78
C PRO A 113 -20.22 -4.49 -32.26
N LYS A 114 -21.02 -5.29 -32.96
CA LYS A 114 -20.73 -5.59 -34.36
C LYS A 114 -20.73 -4.35 -35.25
N GLU A 115 -21.54 -3.36 -34.89
CA GLU A 115 -21.62 -2.11 -35.65
C GLU A 115 -20.30 -1.36 -35.58
N GLU A 116 -19.71 -1.30 -34.39
CA GLU A 116 -18.44 -0.63 -34.19
C GLU A 116 -17.32 -1.39 -34.92
N GLN A 117 -17.38 -2.71 -34.88
CA GLN A 117 -16.39 -3.53 -35.57
C GLN A 117 -16.38 -3.23 -37.07
N VAL A 118 -17.55 -2.90 -37.62
CA VAL A 118 -17.66 -2.57 -39.03
C VAL A 118 -16.93 -1.26 -39.34
N LYS A 119 -17.27 -0.21 -38.61
CA LYS A 119 -16.63 1.10 -38.79
C LYS A 119 -15.12 1.01 -38.66
N CYS A 120 -14.64 0.24 -37.69
CA CYS A 120 -13.21 0.08 -37.49
C CYS A 120 -12.53 -0.62 -38.66
N ILE A 121 -13.13 -1.71 -39.13
CA ILE A 121 -12.54 -2.50 -40.21
C ILE A 121 -12.53 -1.73 -41.53
N ASP A 122 -13.59 -0.97 -41.78
CA ASP A 122 -13.65 -0.13 -42.97
C ASP A 122 -12.56 0.94 -42.92
N GLY A 123 -12.25 1.40 -41.71
CA GLY A 123 -11.24 2.42 -41.52
C GLY A 123 -9.84 1.92 -41.83
N MET A 124 -9.55 0.70 -41.39
CA MET A 124 -8.25 0.10 -41.63
C MET A 124 -8.07 -0.30 -43.08
N ILE A 125 -9.16 -0.71 -43.73
CA ILE A 125 -9.12 -1.04 -45.14
C ILE A 125 -8.68 0.18 -45.94
N ASP A 126 -9.38 1.29 -45.75
CA ASP A 126 -9.01 2.54 -46.40
C ASP A 126 -7.55 2.90 -46.11
N ALA A 127 -7.17 2.88 -44.83
CA ALA A 127 -5.80 3.24 -44.45
C ALA A 127 -4.78 2.31 -45.11
N ALA A 128 -5.11 1.02 -45.16
CA ALA A 128 -4.22 0.05 -45.78
C ALA A 128 -4.05 0.29 -47.28
N LEU A 129 -5.10 0.78 -47.92
CA LEU A 129 -5.05 1.05 -49.35
C LEU A 129 -4.21 2.29 -49.64
N GLU A 130 -4.43 3.35 -48.87
CA GLU A 130 -3.65 4.57 -48.99
C GLU A 130 -2.16 4.33 -48.71
N ALA A 131 -1.88 3.53 -47.69
CA ALA A 131 -0.50 3.23 -47.33
C ALA A 131 0.23 2.54 -48.47
N ARG A 132 -0.51 1.75 -49.26
CA ARG A 132 0.08 1.03 -50.37
C ARG A 132 0.70 1.99 -51.36
N VAL A 133 0.24 3.24 -51.32
CA VAL A 133 0.60 4.26 -52.31
C VAL A 133 1.29 5.48 -51.69
N ALA A 134 1.33 5.54 -50.36
CA ALA A 134 1.96 6.65 -49.66
C ALA A 134 3.40 6.90 -50.13
N ASN A 135 3.74 8.16 -50.34
CA ASN A 135 5.11 8.54 -50.66
C ASN A 135 5.62 9.69 -49.78
N THR A 136 4.82 10.06 -48.79
CA THR A 136 5.20 11.06 -47.82
C THR A 136 5.03 10.50 -46.41
N LYS A 137 5.56 11.20 -45.43
CA LYS A 137 5.38 10.78 -44.05
C LYS A 137 4.45 11.73 -43.30
N PRO A 138 3.86 11.26 -42.19
CA PRO A 138 2.93 12.08 -41.41
C PRO A 138 3.64 13.26 -40.78
N LYS A 139 2.94 14.38 -40.62
CA LYS A 139 3.53 15.58 -40.03
C LYS A 139 3.01 15.89 -38.64
N THR A 140 1.83 15.37 -38.30
CA THR A 140 1.28 15.54 -36.96
C THR A 140 0.92 14.20 -36.34
N PHE A 141 0.82 14.19 -35.02
CA PHE A 141 0.39 13.00 -34.29
C PHE A 141 -0.91 12.47 -34.89
N ASP A 142 -1.82 13.38 -35.21
CA ASP A 142 -3.12 13.01 -35.75
C ASP A 142 -3.02 12.27 -37.07
N GLU A 143 -2.29 12.84 -38.03
CA GLU A 143 -2.11 12.19 -39.32
C GLU A 143 -1.52 10.81 -39.13
N TRP A 144 -0.60 10.71 -38.17
CA TRP A 144 0.06 9.45 -37.88
C TRP A 144 -0.97 8.41 -37.43
N ILE A 145 -1.85 8.83 -36.52
CA ILE A 145 -2.89 7.95 -36.00
C ILE A 145 -3.81 7.43 -37.10
N VAL A 146 -4.30 8.33 -37.95
CA VAL A 146 -5.22 7.96 -39.01
C VAL A 146 -4.59 7.00 -40.03
N ARG A 147 -3.40 7.33 -40.51
CA ARG A 147 -2.71 6.46 -41.47
C ARG A 147 -2.48 5.10 -40.88
N MET A 148 -2.34 5.06 -39.56
CA MET A 148 -1.97 3.85 -38.86
C MET A 148 -3.20 3.01 -38.58
N MET A 149 -4.26 3.65 -38.11
CA MET A 149 -5.41 2.95 -37.55
C MET A 149 -6.68 3.04 -38.39
N GLY A 150 -6.81 4.11 -39.17
CA GLY A 150 -8.05 4.39 -39.87
C GLY A 150 -8.89 5.30 -38.98
N THR A 151 -9.81 6.05 -39.57
CA THR A 151 -10.62 7.00 -38.82
C THR A 151 -11.50 6.31 -37.78
N GLY A 152 -11.83 5.05 -38.02
CA GLY A 152 -12.70 4.31 -37.12
C GLY A 152 -12.11 4.10 -35.75
N ILE A 153 -10.98 3.41 -35.69
CA ILE A 153 -10.30 3.14 -34.43
C ILE A 153 -9.77 4.42 -33.82
N ALA A 154 -9.42 5.37 -34.66
CA ALA A 154 -8.88 6.65 -34.20
C ALA A 154 -9.88 7.44 -33.36
N ASP A 155 -11.15 7.36 -33.73
CA ASP A 155 -12.21 8.10 -33.04
C ASP A 155 -12.70 7.37 -31.80
N LEU A 156 -12.51 6.06 -31.78
CA LEU A 156 -12.92 5.24 -30.65
C LEU A 156 -11.92 5.32 -29.51
N PHE A 157 -10.63 5.38 -29.85
CA PHE A 157 -9.59 5.25 -28.85
C PHE A 157 -8.50 6.33 -28.92
N MET A 158 -7.65 6.24 -29.94
CA MET A 158 -6.48 7.12 -30.09
C MET A 158 -6.75 8.59 -29.82
N ARG A 159 -7.67 9.17 -30.57
CA ARG A 159 -7.94 10.61 -30.46
C ARG A 159 -8.41 11.04 -29.07
N PRO A 160 -9.54 10.48 -28.61
CA PRO A 160 -10.08 10.93 -27.33
C PRO A 160 -9.13 10.66 -26.17
N TYR A 161 -8.53 9.47 -26.17
CA TYR A 161 -7.60 9.11 -25.10
C TYR A 161 -6.40 10.05 -25.04
N ASN A 162 -5.75 10.26 -26.18
CA ASN A 162 -4.58 11.11 -26.22
C ASN A 162 -4.85 12.56 -25.82
N PHE A 163 -6.04 13.04 -26.10
CA PHE A 163 -6.42 14.35 -25.60
C PHE A 163 -6.50 14.33 -24.07
N LYS A 164 -7.07 13.26 -23.52
CA LYS A 164 -7.16 13.11 -22.07
C LYS A 164 -5.77 13.04 -21.43
N VAL A 165 -4.82 12.43 -22.14
CA VAL A 165 -3.46 12.29 -21.64
C VAL A 165 -2.66 13.59 -21.73
N TRP A 166 -2.56 14.13 -22.94
CA TRP A 166 -1.67 15.26 -23.21
C TRP A 166 -2.27 16.61 -22.90
N ALA A 167 -3.57 16.65 -22.60
CA ALA A 167 -4.28 17.91 -22.39
C ALA A 167 -4.06 18.85 -23.57
N VAL A 168 -3.91 18.25 -24.75
CA VAL A 168 -3.64 18.98 -25.98
C VAL A 168 -4.13 18.14 -27.15
N PRO A 169 -4.69 18.78 -28.18
CA PRO A 169 -5.24 18.07 -29.34
C PRO A 169 -4.15 17.33 -30.12
N THR A 170 -4.47 16.15 -30.62
CA THR A 170 -3.52 15.36 -31.40
C THR A 170 -3.06 16.11 -32.65
N THR A 171 -3.81 17.13 -33.06
CA THR A 171 -3.42 17.93 -34.22
C THR A 171 -2.28 18.88 -33.89
N LYS A 172 -2.04 19.09 -32.60
CA LYS A 172 -1.03 20.03 -32.16
C LYS A 172 0.31 19.37 -31.81
N MET A 173 0.42 18.08 -32.10
CA MET A 173 1.60 17.31 -31.71
C MET A 173 2.35 16.71 -32.90
N GLN A 174 3.67 16.59 -32.76
CA GLN A 174 4.49 15.95 -33.77
C GLN A 174 4.34 14.44 -33.63
N CYS A 175 4.99 13.68 -34.51
N CYS A 175 5.00 13.67 -34.50
CA CYS A 175 4.87 12.22 -34.49
CA CYS A 175 4.81 12.22 -34.51
C CYS A 175 6.23 11.52 -34.53
C CYS A 175 6.08 11.40 -34.69
N ALA A 176 7.27 12.26 -34.92
N ALA A 176 7.23 12.01 -34.39
CA ALA A 176 8.62 11.71 -34.99
CA ALA A 176 8.50 11.30 -34.49
C ALA A 176 8.98 10.97 -33.71
C ALA A 176 8.86 10.62 -33.18
N TRP A 177 8.56 11.54 -32.58
N TRP A 177 7.94 10.69 -32.22
CA TRP A 177 8.86 10.97 -31.28
CA TRP A 177 8.24 10.30 -30.85
C TRP A 177 8.39 9.54 -31.14
C TRP A 177 7.69 8.93 -30.47
N LEU A 178 7.42 9.14 -31.96
N LEU A 178 6.63 8.50 -31.15
CA LEU A 178 6.83 7.81 -31.87
CA LEU A 178 5.86 7.35 -30.73
C LEU A 178 7.73 6.72 -32.46
C LEU A 178 6.41 5.99 -31.14
N GLY A 179 8.76 7.11 -33.20
N GLY A 179 7.60 5.98 -31.73
CA GLY A 179 9.64 6.14 -33.81
CA GLY A 179 8.24 4.76 -32.17
C GLY A 179 9.56 6.12 -35.33
C GLY A 179 7.91 3.52 -31.37
N GLU A 180 10.43 5.34 -35.96
N GLU A 180 8.22 3.54 -30.08
CA GLU A 180 10.57 5.35 -37.40
CA GLU A 180 7.99 2.37 -29.22
C GLU A 180 9.63 4.40 -38.15
C GLU A 180 6.83 2.61 -28.27
N ARG A 181 9.05 3.47 -37.41
N ARG A 181 5.98 3.57 -28.60
CA ARG A 181 8.14 2.48 -38.00
CA ARG A 181 4.87 3.93 -27.73
C ARG A 181 7.19 3.11 -39.02
C ARG A 181 3.52 3.42 -28.23
N VAL A 182 7.11 2.52 -40.20
N VAL A 182 3.30 3.48 -29.55
CA VAL A 182 6.22 3.00 -41.25
CA VAL A 182 2.01 3.12 -30.11
C VAL A 182 4.77 2.96 -40.77
C VAL A 182 2.11 1.98 -31.14
N ALA A 183 4.02 4.01 -41.07
N ALA A 183 1.24 0.99 -31.00
CA ALA A 183 2.61 4.07 -40.71
CA ALA A 183 1.29 -0.21 -31.83
C ALA A 183 1.78 3.19 -41.63
C ALA A 183 0.97 0.05 -33.29
N ALA A 184 1.74 1.90 -41.33
N ALA A 184 1.38 -0.88 -34.15
CA ALA A 184 0.97 0.93 -42.12
CA ALA A 184 1.12 -0.81 -35.59
C ALA A 184 0.28 -0.07 -41.19
C ALA A 184 0.22 -1.96 -36.01
N PRO A 185 -1.05 -0.21 -41.34
N PRO A 185 -1.06 -1.66 -36.26
CA PRO A 185 -1.86 -1.08 -40.49
CA PRO A 185 -2.06 -2.69 -36.60
C PRO A 185 -1.69 -2.56 -40.81
C PRO A 185 -1.88 -3.22 -38.01
N ASN A 186 -1.80 -3.40 -39.79
N ASN A 186 -2.04 -4.54 -38.17
CA ASN A 186 -1.82 -4.85 -39.99
CA ASN A 186 -2.01 -5.16 -39.48
C ASN A 186 -3.25 -5.34 -40.11
C ASN A 186 -3.40 -5.62 -39.87
N LEU A 187 -3.82 -5.18 -41.31
N LEU A 187 -3.87 -5.17 -41.04
CA LEU A 187 -5.22 -5.48 -41.55
CA LEU A 187 -5.22 -5.48 -41.50
C LEU A 187 -5.53 -6.95 -41.35
C LEU A 187 -5.54 -6.97 -41.35
N LYS A 188 -4.65 -7.82 -41.83
CA LYS A 188 -4.85 -9.26 -41.74
C LYS A 188 -5.02 -9.74 -40.30
N ALA A 189 -4.12 -9.33 -39.41
CA ALA A 189 -4.19 -9.73 -38.02
C ALA A 189 -5.49 -9.25 -37.37
N VAL A 190 -5.92 -8.05 -37.74
CA VAL A 190 -7.15 -7.48 -37.16
C VAL A 190 -8.41 -8.21 -37.62
N THR A 191 -8.56 -8.43 -38.91
CA THR A 191 -9.73 -9.15 -39.41
C THR A 191 -9.70 -10.60 -38.93
N THR A 192 -8.52 -11.20 -38.95
CA THR A 192 -8.37 -12.57 -38.49
C THR A 192 -8.89 -12.73 -37.08
N ASN A 193 -8.58 -11.78 -36.20
CA ASN A 193 -9.09 -11.84 -34.84
C ASN A 193 -10.61 -11.65 -34.78
N VAL A 194 -11.12 -10.76 -35.62
CA VAL A 194 -12.56 -10.52 -35.67
C VAL A 194 -13.34 -11.77 -36.08
N ILE A 195 -12.81 -12.49 -37.07
CA ILE A 195 -13.43 -13.71 -37.54
C ILE A 195 -13.32 -14.82 -36.51
N LEU A 196 -12.10 -15.10 -36.07
CA LEU A 196 -11.85 -16.17 -35.12
C LEU A 196 -12.52 -15.91 -33.79
N GLY A 197 -12.66 -14.63 -33.43
CA GLY A 197 -13.27 -14.26 -32.17
C GLY A 197 -12.35 -14.45 -30.99
N LYS A 198 -11.11 -14.87 -31.27
CA LYS A 198 -10.11 -15.05 -30.22
C LYS A 198 -9.17 -13.85 -30.18
N THR A 199 -8.16 -13.93 -29.31
CA THR A 199 -7.22 -12.84 -29.12
C THR A 199 -5.78 -13.33 -29.26
N ALA A 207 6.35 -12.27 -21.31
CA ALA A 207 6.65 -10.87 -21.05
C ALA A 207 6.32 -10.48 -19.62
N THR A 208 7.33 -10.07 -18.87
CA THR A 208 7.16 -9.75 -17.45
C THR A 208 7.91 -8.48 -17.06
N PHE A 209 7.68 -8.02 -15.83
CA PHE A 209 8.42 -6.90 -15.26
C PHE A 209 8.51 -7.07 -13.75
N ARG A 210 9.57 -6.54 -13.16
CA ARG A 210 9.73 -6.63 -11.71
C ARG A 210 9.32 -5.34 -11.01
N PHE A 211 8.79 -5.48 -9.80
CA PHE A 211 8.39 -4.33 -8.99
C PHE A 211 8.88 -4.57 -7.56
N PRO A 212 9.45 -3.54 -6.93
CA PRO A 212 10.04 -3.71 -5.60
C PRO A 212 9.02 -4.19 -4.57
N ALA A 213 9.43 -5.09 -3.70
CA ALA A 213 8.54 -5.64 -2.69
C ALA A 213 8.14 -4.60 -1.65
N ARG A 214 9.06 -3.73 -1.26
CA ARG A 214 8.78 -2.71 -0.26
C ARG A 214 9.20 -1.32 -0.71
N GLY A 215 8.50 -0.31 -0.21
CA GLY A 215 8.86 1.08 -0.47
C GLY A 215 8.41 1.62 -1.80
N GLY A 216 7.77 0.77 -2.61
CA GLY A 216 7.32 1.17 -3.92
C GLY A 216 8.49 1.56 -4.81
N THR A 217 8.21 2.21 -5.92
CA THR A 217 9.27 2.59 -6.85
C THR A 217 10.33 3.45 -6.16
N GLY A 218 9.89 4.39 -5.33
CA GLY A 218 10.79 5.27 -4.63
C GLY A 218 11.89 4.55 -3.87
N GLY A 219 11.61 3.32 -3.44
CA GLY A 219 12.56 2.53 -2.69
C GLY A 219 13.79 2.13 -3.47
N ILE A 220 13.64 2.02 -4.79
CA ILE A 220 14.75 1.73 -5.68
C ILE A 220 15.79 2.85 -5.63
N TRP A 221 15.31 4.09 -5.71
CA TRP A 221 16.22 5.23 -5.82
C TRP A 221 16.88 5.58 -4.50
N ILE A 222 16.20 5.30 -3.40
CA ILE A 222 16.80 5.43 -2.08
C ILE A 222 17.97 4.45 -1.95
N ALA A 223 17.73 3.21 -2.37
CA ALA A 223 18.77 2.18 -2.34
C ALA A 223 19.93 2.46 -3.31
N VAL A 224 19.62 3.01 -4.48
CA VAL A 224 20.67 3.39 -5.43
C VAL A 224 21.52 4.51 -4.85
N ALA A 225 20.87 5.51 -4.25
CA ALA A 225 21.58 6.64 -3.66
C ALA A 225 22.45 6.19 -2.49
N ASN A 226 21.98 5.19 -1.74
CA ASN A 226 22.75 4.68 -0.60
C ASN A 226 24.05 4.00 -0.99
N THR A 227 24.23 3.68 -2.27
CA THR A 227 25.49 3.11 -2.72
C THR A 227 26.54 4.19 -2.96
N LEU A 228 26.12 5.45 -2.89
CA LEU A 228 27.04 6.57 -3.15
C LEU A 228 27.77 6.99 -1.88
N PRO A 229 28.97 7.58 -2.04
CA PRO A 229 29.69 8.07 -0.87
C PRO A 229 28.99 9.32 -0.30
N LYS A 230 28.47 9.19 0.91
CA LYS A 230 27.56 10.17 1.50
C LYS A 230 28.11 11.60 1.52
N GLU A 231 29.43 11.73 1.67
CA GLU A 231 30.03 13.05 1.76
C GLU A 231 30.09 13.78 0.40
N LYS A 232 29.65 13.10 -0.66
CA LYS A 232 29.60 13.75 -1.98
C LYS A 232 28.17 14.10 -2.34
N THR A 233 27.25 13.84 -1.42
CA THR A 233 25.85 14.19 -1.59
C THR A 233 25.44 15.35 -0.69
N ARG A 234 24.51 16.16 -1.16
CA ARG A 234 23.98 17.25 -0.37
C ARG A 234 22.47 17.33 -0.62
N PHE A 235 21.71 16.59 0.19
CA PHE A 235 20.28 16.42 -0.03
C PHE A 235 19.43 17.12 1.03
N GLY A 236 18.47 17.93 0.59
CA GLY A 236 17.61 18.64 1.51
C GLY A 236 17.69 20.14 1.30
N GLU A 237 17.25 20.90 2.30
CA GLU A 237 17.26 22.35 2.21
C GLU A 237 18.68 22.88 1.97
N LYS A 238 19.67 22.16 2.50
CA LYS A 238 21.07 22.53 2.32
C LYS A 238 21.55 22.26 0.91
N GLY A 239 20.71 21.61 0.11
CA GLY A 239 21.08 21.23 -1.24
C GLY A 239 20.27 21.92 -2.31
N LYS A 240 19.44 22.88 -1.90
CA LYS A 240 18.63 23.62 -2.86
C LYS A 240 19.47 24.66 -3.59
N VAL A 241 19.42 24.62 -4.92
CA VAL A 241 20.13 25.60 -5.74
C VAL A 241 19.26 26.82 -5.99
N THR A 242 19.84 28.00 -5.85
CA THR A 242 19.08 29.25 -6.01
C THR A 242 19.54 30.07 -7.21
N LYS A 243 20.81 29.92 -7.57
CA LYS A 243 21.28 30.51 -8.81
C LYS A 243 22.48 29.79 -9.42
N VAL A 244 22.62 29.90 -10.73
CA VAL A 244 23.79 29.36 -11.40
C VAL A 244 24.43 30.44 -12.26
N ASN A 245 25.67 30.77 -11.93
CA ASN A 245 26.40 31.77 -12.68
C ASN A 245 27.24 31.06 -13.73
N ALA A 246 26.74 31.06 -14.95
CA ALA A 246 27.39 30.33 -16.04
C ALA A 246 28.68 31.00 -16.50
N ASN A 247 28.75 32.32 -16.40
CA ASN A 247 29.94 33.04 -16.86
C ASN A 247 31.18 32.68 -16.07
N ASN A 248 31.03 32.51 -14.76
CA ASN A 248 32.17 32.09 -13.94
C ASN A 248 31.93 30.74 -13.27
N LYS A 249 31.03 29.96 -13.84
CA LYS A 249 30.86 28.56 -13.47
C LYS A 249 30.73 28.37 -11.96
N THR A 250 29.76 29.05 -11.37
CA THR A 250 29.54 28.95 -9.93
C THR A 250 28.06 28.75 -9.63
N VAL A 251 27.78 27.88 -8.68
CA VAL A 251 26.41 27.68 -8.23
C VAL A 251 26.27 28.22 -6.82
N THR A 252 25.08 28.74 -6.49
CA THR A 252 24.80 29.17 -5.15
C THR A 252 23.59 28.41 -4.56
N LEU A 253 23.76 27.91 -3.34
CA LEU A 253 22.71 27.18 -2.64
C LEU A 253 21.89 28.12 -1.75
N GLN A 254 20.77 27.62 -1.24
CA GLN A 254 19.90 28.42 -0.38
C GLN A 254 20.62 28.96 0.84
N ASP A 255 21.43 28.12 1.48
CA ASP A 255 22.12 28.50 2.70
C ASP A 255 23.38 29.35 2.44
N GLY A 256 23.53 29.83 1.21
CA GLY A 256 24.61 30.74 0.88
C GLY A 256 25.85 30.09 0.34
N THR A 257 25.95 28.76 0.48
CA THR A 257 27.10 28.01 -0.02
C THR A 257 27.32 28.25 -1.51
N THR A 258 28.58 28.41 -1.92
CA THR A 258 28.92 28.55 -3.31
C THR A 258 29.68 27.34 -3.80
N ILE A 259 29.38 26.88 -5.01
CA ILE A 259 30.07 25.73 -5.57
C ILE A 259 30.66 26.05 -6.95
N GLY A 260 31.97 25.84 -7.09
CA GLY A 260 32.62 25.98 -8.38
C GLY A 260 32.66 24.66 -9.13
N TYR A 261 32.34 24.72 -10.42
CA TYR A 261 32.31 23.52 -11.24
C TYR A 261 33.04 23.76 -12.54
N LYS A 262 33.57 22.71 -13.14
CA LYS A 262 34.13 22.81 -14.48
C LYS A 262 33.11 22.39 -15.54
N LYS A 263 32.32 21.37 -15.21
CA LYS A 263 31.20 20.94 -16.06
C LYS A 263 29.96 20.75 -15.19
N LEU A 264 28.82 21.18 -15.70
CA LEU A 264 27.58 21.08 -14.94
C LEU A 264 26.58 20.13 -15.61
N VAL A 265 26.07 19.17 -14.85
CA VAL A 265 24.97 18.33 -15.30
C VAL A 265 23.72 18.74 -14.53
N SER A 266 22.81 19.43 -15.22
CA SER A 266 21.61 19.95 -14.60
C SER A 266 20.39 19.13 -15.00
N THR A 267 19.66 18.62 -14.00
CA THR A 267 18.50 17.78 -14.28
C THR A 267 17.19 18.46 -13.90
N MET A 268 17.27 19.70 -13.43
CA MET A 268 16.07 20.47 -13.14
C MET A 268 15.37 20.83 -14.44
N ALA A 269 14.12 21.24 -14.36
CA ALA A 269 13.39 21.67 -15.55
C ALA A 269 14.16 22.78 -16.23
N VAL A 270 14.40 22.62 -17.54
CA VAL A 270 15.25 23.54 -18.28
C VAL A 270 14.74 24.98 -18.26
N ASP A 271 13.45 25.16 -18.04
CA ASP A 271 12.89 26.51 -17.94
C ASP A 271 13.26 27.16 -16.59
N PHE A 272 13.35 26.35 -15.54
CA PHE A 272 13.82 26.84 -14.25
C PHE A 272 15.29 27.20 -14.30
N LEU A 273 16.06 26.38 -15.02
CA LEU A 273 17.49 26.60 -15.17
C LEU A 273 17.75 27.95 -15.82
N ALA A 274 17.00 28.24 -16.89
CA ALA A 274 17.16 29.51 -17.59
C ALA A 274 16.85 30.69 -16.67
N GLU A 275 15.85 30.54 -15.81
CA GLU A 275 15.56 31.57 -14.83
C GLU A 275 16.71 31.69 -13.84
N ALA A 276 17.15 30.56 -13.29
CA ALA A 276 18.24 30.57 -12.30
C ALA A 276 19.54 31.11 -12.88
N MET A 277 19.64 31.08 -14.22
CA MET A 277 20.83 31.59 -14.90
C MET A 277 20.73 33.10 -15.16
N ASN A 278 19.52 33.63 -15.06
CA ASN A 278 19.27 35.01 -15.48
C ASN A 278 19.68 35.21 -16.93
N ASP A 279 19.30 34.26 -17.79
CA ASP A 279 19.64 34.35 -19.21
C ASP A 279 18.40 34.63 -20.05
N GLN A 280 18.23 35.88 -20.44
CA GLN A 280 17.02 36.31 -21.13
C GLN A 280 16.77 35.57 -22.43
N GLU A 281 17.83 35.34 -23.20
CA GLU A 281 17.70 34.62 -24.45
C GLU A 281 17.19 33.20 -24.21
N LEU A 282 17.82 32.50 -23.27
CA LEU A 282 17.41 31.14 -22.93
C LEU A 282 16.01 31.09 -22.34
N VAL A 283 15.67 32.08 -21.51
CA VAL A 283 14.33 32.16 -20.95
C VAL A 283 13.29 32.28 -22.06
N GLY A 284 13.58 33.11 -23.05
CA GLY A 284 12.69 33.32 -24.17
C GLY A 284 12.51 32.07 -25.02
N LEU A 285 13.62 31.40 -25.32
CA LEU A 285 13.57 30.17 -26.07
C LEU A 285 12.81 29.12 -25.26
N THR A 286 13.06 29.15 -23.96
CA THR A 286 12.51 28.18 -23.02
C THR A 286 10.98 28.28 -22.90
N LYS A 287 10.44 29.46 -23.15
CA LYS A 287 9.00 29.66 -23.02
C LYS A 287 8.24 29.09 -24.21
N GLN A 288 8.95 28.75 -25.27
CA GLN A 288 8.32 28.17 -26.44
C GLN A 288 8.01 26.70 -26.20
N LEU A 289 8.50 26.15 -25.10
CA LEU A 289 8.21 24.77 -24.75
C LEU A 289 6.85 24.68 -24.08
N PHE A 290 6.21 23.52 -24.21
CA PHE A 290 4.91 23.31 -23.60
C PHE A 290 4.92 22.10 -22.69
N TYR A 291 4.16 22.17 -21.61
CA TYR A 291 4.02 21.05 -20.69
C TYR A 291 2.64 21.02 -20.07
N SER A 292 2.25 19.85 -19.59
CA SER A 292 0.99 19.73 -18.87
C SER A 292 1.27 19.39 -17.42
N SER A 293 0.36 19.79 -16.54
CA SER A 293 0.44 19.42 -15.14
C SER A 293 -0.37 18.14 -14.96
N THR A 294 -0.02 17.33 -13.97
CA THR A 294 -0.79 16.13 -13.69
C THR A 294 -1.18 15.97 -12.24
N HIS A 295 -2.40 15.49 -12.01
CA HIS A 295 -2.90 15.20 -10.69
C HIS A 295 -2.77 13.72 -10.44
N VAL A 296 -2.11 13.35 -9.35
CA VAL A 296 -2.07 11.95 -8.95
C VAL A 296 -3.05 11.71 -7.81
N ILE A 297 -4.01 10.83 -8.05
CA ILE A 297 -5.06 10.54 -7.09
C ILE A 297 -4.91 9.13 -6.53
N GLY A 298 -5.00 9.01 -5.21
CA GLY A 298 -4.93 7.72 -4.57
C GLY A 298 -6.20 7.42 -3.78
N VAL A 299 -6.69 6.19 -3.91
CA VAL A 299 -7.88 5.77 -3.19
C VAL A 299 -7.62 4.42 -2.51
N GLY A 300 -7.74 4.41 -1.18
CA GLY A 300 -7.64 3.17 -0.42
C GLY A 300 -9.02 2.70 0.00
N VAL A 301 -9.29 1.42 -0.17
CA VAL A 301 -10.62 0.90 0.13
C VAL A 301 -10.57 -0.44 0.85
N ARG A 302 -11.61 -0.72 1.62
CA ARG A 302 -11.66 -1.96 2.41
C ARG A 302 -12.25 -3.10 1.62
N GLY A 303 -11.69 -4.30 1.80
CA GLY A 303 -12.23 -5.49 1.17
C GLY A 303 -11.19 -6.35 0.49
N SER A 304 -11.55 -7.61 0.23
CA SER A 304 -10.71 -8.50 -0.55
C SER A 304 -10.71 -7.99 -1.99
N ARG A 305 -9.68 -8.34 -2.75
CA ARG A 305 -9.60 -7.88 -4.14
C ARG A 305 -10.77 -8.43 -4.95
N PRO A 306 -11.63 -7.53 -5.44
CA PRO A 306 -12.83 -7.88 -6.21
C PRO A 306 -12.56 -8.81 -7.39
N GLU A 307 -13.51 -9.70 -7.66
CA GLU A 307 -13.41 -10.67 -8.75
C GLU A 307 -13.25 -9.98 -10.10
N ARG A 308 -14.07 -8.96 -10.33
CA ARG A 308 -14.10 -8.22 -11.58
C ARG A 308 -12.77 -7.54 -11.91
N ILE A 309 -11.93 -7.36 -10.89
CA ILE A 309 -10.69 -6.63 -11.05
C ILE A 309 -9.51 -7.53 -11.41
N GLY A 310 -9.33 -8.61 -10.66
CA GLY A 310 -8.30 -9.60 -10.97
C GLY A 310 -6.87 -9.07 -10.95
N ASP A 311 -6.03 -9.63 -11.82
CA ASP A 311 -4.62 -9.27 -11.88
C ASP A 311 -4.37 -8.13 -12.86
N LYS A 312 -5.19 -7.08 -12.77
CA LYS A 312 -5.05 -5.95 -13.69
C LYS A 312 -3.94 -4.98 -13.25
N CYS A 313 -3.39 -4.27 -14.23
N CYS A 313 -3.39 -4.29 -14.23
CA CYS A 313 -2.35 -3.26 -13.97
CA CYS A 313 -2.20 -3.47 -14.06
C CYS A 313 -2.77 -1.89 -14.53
C CYS A 313 -2.54 -2.01 -14.33
N TRP A 314 -2.08 -1.40 -15.56
N TRP A 314 -2.17 -1.52 -15.50
CA TRP A 314 -2.51 -0.15 -16.19
CA TRP A 314 -2.62 -0.19 -15.94
C TRP A 314 -3.87 -0.32 -16.86
C TRP A 314 -3.86 -0.32 -16.81
N LEU A 315 -4.78 0.61 -16.62
CA LEU A 315 -6.05 0.61 -17.32
C LEU A 315 -6.26 1.96 -18.03
N TYR A 316 -6.65 1.91 -19.30
CA TYR A 316 -6.77 3.15 -20.09
C TYR A 316 -8.22 3.55 -20.35
N PHE A 317 -8.50 4.85 -20.21
CA PHE A 317 -9.87 5.33 -20.27
C PHE A 317 -10.10 6.45 -21.30
N PRO A 318 -10.38 6.07 -22.55
CA PRO A 318 -10.68 6.98 -23.66
C PRO A 318 -11.97 7.77 -23.47
N GLU A 319 -12.99 7.14 -22.91
CA GLU A 319 -14.34 7.71 -22.87
C GLU A 319 -14.46 8.88 -21.91
N ASP A 320 -15.64 9.51 -21.89
CA ASP A 320 -15.84 10.75 -21.15
C ASP A 320 -16.63 10.59 -19.86
N ASN A 321 -16.77 9.37 -19.37
CA ASN A 321 -17.45 9.13 -18.09
C ASN A 321 -16.50 9.12 -16.89
N CYS A 322 -15.33 9.73 -17.06
CA CYS A 322 -14.33 9.84 -16.00
C CYS A 322 -13.19 10.74 -16.45
N PRO A 323 -12.69 11.60 -15.55
CA PRO A 323 -11.67 12.58 -15.91
C PRO A 323 -10.28 11.97 -16.12
N PHE A 324 -9.98 10.84 -15.45
CA PHE A 324 -8.65 10.24 -15.55
C PHE A 324 -8.43 9.48 -16.86
N TYR A 325 -7.17 9.40 -17.29
CA TYR A 325 -6.83 8.68 -18.52
C TYR A 325 -6.24 7.31 -18.25
N ARG A 326 -5.65 7.13 -17.07
CA ARG A 326 -5.17 5.83 -16.66
C ARG A 326 -5.28 5.61 -15.17
N ALA A 327 -5.40 4.35 -14.78
CA ALA A 327 -5.54 3.96 -13.39
C ALA A 327 -4.85 2.63 -13.24
N THR A 328 -4.41 2.32 -12.02
CA THR A 328 -3.86 1.01 -11.75
C THR A 328 -4.29 0.48 -10.40
N ILE A 329 -4.34 -0.83 -10.28
CA ILE A 329 -4.61 -1.47 -9.01
C ILE A 329 -3.27 -1.64 -8.31
N PHE A 330 -2.83 -0.57 -7.66
CA PHE A 330 -1.52 -0.53 -7.05
C PHE A 330 -1.31 -1.64 -6.01
N SER A 331 -2.37 -1.97 -5.28
CA SER A 331 -2.32 -3.02 -4.28
C SER A 331 -1.93 -4.38 -4.87
N ASN A 332 -2.11 -4.55 -6.17
CA ASN A 332 -1.73 -5.79 -6.83
C ASN A 332 -0.22 -5.95 -7.02
N TYR A 333 0.50 -4.83 -7.08
CA TYR A 333 1.94 -4.88 -7.35
C TYR A 333 2.73 -5.47 -6.18
N SER A 334 2.27 -5.18 -4.96
CA SER A 334 2.94 -5.67 -3.76
C SER A 334 2.01 -5.55 -2.56
N PRO A 335 1.99 -6.61 -1.72
CA PRO A 335 1.20 -6.62 -0.48
C PRO A 335 1.63 -5.53 0.50
N TYR A 336 2.83 -5.00 0.32
CA TYR A 336 3.35 -3.99 1.24
C TYR A 336 3.05 -2.57 0.76
N ASN A 337 2.20 -2.43 -0.24
CA ASN A 337 1.80 -1.12 -0.73
C ASN A 337 0.67 -0.50 0.09
N GLN A 338 0.05 -1.31 0.95
CA GLN A 338 -1.04 -0.87 1.82
C GLN A 338 -0.96 -1.61 3.16
N PRO A 339 -1.74 -1.16 4.15
CA PRO A 339 -1.68 -1.82 5.47
C PRO A 339 -2.13 -3.26 5.42
N GLU A 340 -1.60 -4.08 6.33
CA GLU A 340 -2.00 -5.48 6.43
C GLU A 340 -3.42 -5.57 7.01
N ALA A 341 -4.00 -6.77 6.94
CA ALA A 341 -5.37 -6.98 7.41
C ALA A 341 -5.59 -6.50 8.85
N SER A 342 -4.69 -6.92 9.75
CA SER A 342 -4.86 -6.66 11.18
C SER A 342 -5.04 -5.19 11.51
N LYS A 343 -4.44 -4.31 10.72
CA LYS A 343 -4.54 -2.87 10.95
C LYS A 343 -5.99 -2.41 10.93
N LYS A 344 -6.32 -1.46 11.78
CA LYS A 344 -7.71 -1.01 11.92
C LYS A 344 -7.88 0.45 11.48
N LEU A 345 -8.84 0.67 10.59
CA LEU A 345 -9.08 1.99 10.01
C LEU A 345 -10.57 2.30 9.91
N PRO A 346 -10.93 3.57 10.12
CA PRO A 346 -12.30 4.07 9.99
C PRO A 346 -12.64 4.41 8.54
N THR A 347 -13.89 4.16 8.14
CA THR A 347 -14.35 4.50 6.81
C THR A 347 -14.67 5.98 6.71
N MET A 348 -14.12 6.65 5.70
CA MET A 348 -14.30 8.09 5.55
C MET A 348 -15.56 8.39 4.76
N GLN A 349 -15.80 7.59 3.72
CA GLN A 349 -16.96 7.74 2.87
C GLN A 349 -17.18 6.48 2.05
N LEU A 350 -18.33 6.41 1.38
CA LEU A 350 -18.59 5.32 0.46
C LEU A 350 -18.25 5.82 -0.94
N ALA A 351 -18.13 4.89 -1.89
CA ALA A 351 -17.77 5.26 -3.26
C ALA A 351 -18.81 6.20 -3.88
N ASP A 352 -20.01 6.21 -3.32
CA ASP A 352 -21.07 7.08 -3.84
C ASP A 352 -21.07 8.46 -3.19
N GLY A 353 -20.17 8.67 -2.24
CA GLY A 353 -19.97 9.99 -1.66
C GLY A 353 -20.82 10.32 -0.44
N SER A 354 -21.43 9.30 0.16
CA SER A 354 -22.28 9.50 1.34
C SER A 354 -21.60 8.97 2.59
N ARG A 355 -22.08 9.39 3.76
CA ARG A 355 -21.52 8.91 5.02
C ARG A 355 -21.69 7.40 5.16
N PRO A 356 -20.68 6.74 5.74
CA PRO A 356 -20.75 5.30 5.99
C PRO A 356 -21.70 5.01 7.15
N GLN A 357 -22.12 3.77 7.29
CA GLN A 357 -23.06 3.41 8.35
C GLN A 357 -22.37 3.42 9.70
N SER A 358 -21.20 2.79 9.79
CA SER A 358 -20.39 2.83 11.01
C SER A 358 -19.10 3.62 10.81
N THR A 359 -18.73 4.39 11.83
CA THR A 359 -17.53 5.22 11.80
C THR A 359 -16.45 4.65 12.70
N GLU A 360 -16.60 3.37 13.05
CA GLU A 360 -15.65 2.69 13.93
C GLU A 360 -14.48 2.14 13.12
N ALA A 361 -13.28 2.26 13.67
CA ALA A 361 -12.11 1.67 13.04
C ALA A 361 -12.26 0.15 12.99
N LYS A 362 -12.21 -0.40 11.78
CA LYS A 362 -12.38 -1.84 11.59
C LYS A 362 -11.16 -2.45 10.92
N GLU A 363 -11.16 -3.77 10.79
CA GLU A 363 -10.06 -4.49 10.15
C GLU A 363 -10.13 -4.41 8.62
N GLY A 364 -9.12 -4.98 7.98
CA GLY A 364 -9.07 -5.05 6.53
C GLY A 364 -9.69 -6.35 6.05
N PRO A 365 -9.08 -6.98 5.03
CA PRO A 365 -7.90 -6.47 4.33
C PRO A 365 -8.21 -5.24 3.48
N TYR A 366 -7.20 -4.70 2.80
CA TYR A 366 -7.39 -3.53 1.96
C TYR A 366 -6.84 -3.73 0.56
N TRP A 367 -7.39 -2.98 -0.40
CA TRP A 367 -6.79 -2.85 -1.72
C TRP A 367 -6.71 -1.38 -2.12
N SER A 368 -6.08 -1.08 -3.25
CA SER A 368 -5.73 0.31 -3.55
C SER A 368 -5.76 0.66 -5.03
N ILE A 369 -6.29 1.84 -5.34
CA ILE A 369 -6.33 2.32 -6.71
C ILE A 369 -5.60 3.63 -6.85
N MET A 370 -4.85 3.77 -7.94
CA MET A 370 -4.15 5.01 -8.24
C MET A 370 -4.51 5.47 -9.66
N LEU A 371 -4.66 6.78 -9.83
CA LEU A 371 -5.03 7.30 -11.14
C LEU A 371 -4.41 8.67 -11.46
N GLU A 372 -4.50 9.08 -12.72
CA GLU A 372 -3.87 10.32 -13.17
C GLU A 372 -4.80 11.18 -14.01
N VAL A 373 -4.81 12.48 -13.71
CA VAL A 373 -5.56 13.44 -14.49
C VAL A 373 -4.60 14.50 -15.03
N SER A 374 -4.75 14.84 -16.31
CA SER A 374 -3.90 15.83 -16.95
C SER A 374 -4.55 17.21 -16.92
N GLU A 375 -3.74 18.25 -17.00
CA GLU A 375 -4.24 19.62 -16.94
C GLU A 375 -3.40 20.56 -17.81
N SER A 376 -4.06 21.51 -18.46
CA SER A 376 -3.37 22.54 -19.23
C SER A 376 -4.30 23.72 -19.48
N SER A 377 -3.76 24.75 -20.13
CA SER A 377 -4.56 25.92 -20.48
C SER A 377 -5.68 25.54 -21.44
N MET A 378 -5.56 24.37 -22.06
CA MET A 378 -6.55 23.89 -23.01
C MET A 378 -7.48 22.85 -22.41
N LYS A 379 -7.25 22.51 -21.14
CA LYS A 379 -8.05 21.52 -20.44
C LYS A 379 -7.87 21.67 -18.93
N PRO A 380 -8.51 22.69 -18.36
CA PRO A 380 -8.36 23.00 -16.94
C PRO A 380 -9.08 21.99 -16.05
N VAL A 381 -8.73 21.96 -14.77
CA VAL A 381 -9.42 21.10 -13.82
C VAL A 381 -9.73 21.89 -12.55
N ASN A 382 -10.89 21.61 -11.96
CA ASN A 382 -11.24 22.22 -10.69
C ASN A 382 -10.60 21.42 -9.56
N GLN A 383 -9.59 22.01 -8.93
CA GLN A 383 -8.82 21.30 -7.92
C GLN A 383 -9.66 20.88 -6.71
N GLU A 384 -10.68 21.68 -6.37
CA GLU A 384 -11.53 21.39 -5.23
C GLU A 384 -12.47 20.20 -5.46
N THR A 385 -12.80 19.95 -6.72
CA THR A 385 -13.81 18.95 -7.06
C THR A 385 -13.24 17.72 -7.77
N ILE A 386 -11.95 17.76 -8.10
CA ILE A 386 -11.35 16.71 -8.91
C ILE A 386 -11.30 15.35 -8.20
N LEU A 387 -11.08 15.37 -6.89
CA LEU A 387 -11.04 14.13 -6.12
C LEU A 387 -12.39 13.43 -6.18
N ALA A 388 -13.44 14.18 -5.86
CA ALA A 388 -14.79 13.62 -5.87
C ALA A 388 -15.16 13.11 -7.27
N ASP A 389 -14.84 13.88 -8.30
CA ASP A 389 -15.14 13.48 -9.67
C ASP A 389 -14.43 12.18 -10.06
N CYS A 390 -13.19 12.03 -9.62
CA CYS A 390 -12.45 10.81 -9.89
C CYS A 390 -13.10 9.60 -9.24
N ILE A 391 -13.49 9.76 -7.98
CA ILE A 391 -14.14 8.67 -7.25
C ILE A 391 -15.44 8.25 -7.94
N GLN A 392 -16.28 9.24 -8.25
CA GLN A 392 -17.48 8.99 -9.05
C GLN A 392 -17.12 8.29 -10.35
N GLY A 393 -16.00 8.68 -10.95
CA GLY A 393 -15.53 8.07 -12.19
C GLY A 393 -15.21 6.59 -12.02
N LEU A 394 -14.70 6.24 -10.85
CA LEU A 394 -14.38 4.84 -10.55
C LEU A 394 -15.66 4.02 -10.48
N VAL A 395 -16.75 4.68 -10.04
CA VAL A 395 -18.07 4.06 -10.02
C VAL A 395 -18.57 3.84 -11.44
N ASN A 396 -18.66 4.94 -12.20
CA ASN A 396 -19.17 4.90 -13.57
C ASN A 396 -18.47 3.84 -14.42
N THR A 397 -17.21 3.57 -14.12
CA THR A 397 -16.42 2.63 -14.90
C THR A 397 -16.43 1.25 -14.25
N GLU A 398 -17.18 1.12 -13.16
CA GLU A 398 -17.36 -0.16 -12.50
C GLU A 398 -16.07 -0.72 -11.92
N MET A 399 -15.22 0.16 -11.41
CA MET A 399 -14.06 -0.27 -10.65
C MET A 399 -14.40 -0.29 -9.17
N LEU A 400 -15.23 0.67 -8.75
CA LEU A 400 -15.77 0.69 -7.41
C LEU A 400 -17.29 0.51 -7.45
N LYS A 401 -17.82 -0.29 -6.53
CA LYS A 401 -19.26 -0.35 -6.32
C LYS A 401 -19.65 0.87 -5.52
N PRO A 402 -20.89 1.35 -5.69
CA PRO A 402 -21.31 2.52 -4.91
C PRO A 402 -21.28 2.22 -3.41
N THR A 403 -21.18 0.94 -3.07
CA THR A 403 -21.23 0.50 -1.68
C THR A 403 -19.85 0.35 -1.04
N ASP A 404 -18.81 0.31 -1.86
CA ASP A 404 -17.44 0.15 -1.37
C ASP A 404 -17.04 1.24 -0.38
N GLU A 405 -16.25 0.87 0.62
CA GLU A 405 -15.89 1.78 1.70
C GLU A 405 -14.51 2.38 1.49
N ILE A 406 -14.44 3.70 1.42
CA ILE A 406 -13.16 4.35 1.19
C ILE A 406 -12.44 4.67 2.50
N VAL A 407 -11.27 4.09 2.66
CA VAL A 407 -10.49 4.22 3.89
C VAL A 407 -9.45 5.35 3.82
N SER A 408 -8.97 5.64 2.61
CA SER A 408 -7.91 6.62 2.46
C SER A 408 -7.92 7.28 1.08
N THR A 409 -7.64 8.58 1.05
CA THR A 409 -7.53 9.29 -0.22
C THR A 409 -6.20 10.03 -0.32
N TYR A 410 -5.69 10.11 -1.55
CA TYR A 410 -4.45 10.81 -1.82
C TYR A 410 -4.63 11.69 -3.04
N HIS A 411 -4.18 12.94 -2.94
CA HIS A 411 -4.29 13.87 -4.05
C HIS A 411 -3.13 14.86 -4.08
N ARG A 412 -2.31 14.76 -5.13
CA ARG A 412 -1.18 15.67 -5.31
C ARG A 412 -1.09 16.17 -6.76
N ARG A 413 -0.86 17.47 -6.90
CA ARG A 413 -0.73 18.09 -8.20
C ARG A 413 0.72 18.47 -8.50
N PHE A 414 1.20 18.00 -9.65
CA PHE A 414 2.56 18.32 -10.11
C PHE A 414 2.50 19.32 -11.26
N ASP A 415 3.07 20.50 -11.03
CA ASP A 415 3.10 21.56 -12.03
C ASP A 415 3.70 21.06 -13.35
N HIS A 416 4.95 20.59 -13.29
CA HIS A 416 5.57 19.95 -14.44
C HIS A 416 5.29 18.46 -14.42
N GLY A 417 4.31 18.01 -15.19
CA GLY A 417 3.95 16.61 -15.19
C GLY A 417 4.45 15.87 -16.41
N TYR A 418 4.07 16.37 -17.58
CA TYR A 418 4.51 15.79 -18.84
C TYR A 418 5.11 16.87 -19.74
N PRO A 419 6.29 16.60 -20.31
CA PRO A 419 6.83 17.51 -21.34
C PRO A 419 6.18 17.15 -22.68
N THR A 420 5.45 18.10 -23.25
CA THR A 420 4.60 17.83 -24.41
C THR A 420 5.36 17.82 -25.74
N PRO A 421 5.19 16.74 -26.52
CA PRO A 421 5.77 16.62 -27.86
C PRO A 421 4.99 17.47 -28.86
N THR A 422 5.02 18.78 -28.69
CA THR A 422 4.35 19.69 -29.61
C THR A 422 5.10 19.81 -30.92
N LEU A 423 4.44 20.34 -31.94
CA LEU A 423 5.08 20.60 -33.22
C LEU A 423 6.28 21.54 -33.09
N GLU A 424 6.28 22.38 -32.07
CA GLU A 424 7.33 23.39 -31.90
C GLU A 424 8.50 22.95 -31.01
N ARG A 425 8.39 21.77 -30.41
CA ARG A 425 9.37 21.35 -29.41
C ARG A 425 10.81 21.35 -29.94
N GLU A 426 11.03 20.67 -31.05
CA GLU A 426 12.38 20.52 -31.58
C GLU A 426 13.00 21.83 -32.04
N GLY A 427 12.18 22.69 -32.66
CA GLY A 427 12.64 24.00 -33.08
C GLY A 427 13.26 24.76 -31.91
N ALA A 428 12.70 24.56 -30.72
CA ALA A 428 13.18 25.21 -29.53
C ALA A 428 14.38 24.46 -28.94
N LEU A 429 14.25 23.14 -28.83
CA LEU A 429 15.29 22.32 -28.23
C LEU A 429 16.60 22.33 -29.00
N THR A 430 16.52 22.35 -30.33
CA THR A 430 17.72 22.36 -31.16
C THR A 430 18.53 23.66 -30.98
N GLN A 431 17.90 24.66 -30.37
CA GLN A 431 18.59 25.89 -30.00
C GLN A 431 19.01 25.89 -28.54
N ILE A 432 18.06 25.55 -27.66
CA ILE A 432 18.30 25.59 -26.22
C ILE A 432 19.48 24.72 -25.78
N LEU A 433 19.44 23.45 -26.17
CA LEU A 433 20.42 22.49 -25.66
C LEU A 433 21.87 22.77 -26.08
N PRO A 434 22.11 23.03 -27.37
CA PRO A 434 23.47 23.38 -27.82
C PRO A 434 24.00 24.67 -27.18
N LYS A 435 23.13 25.65 -26.99
CA LYS A 435 23.52 26.89 -26.33
C LYS A 435 23.97 26.67 -24.88
N LEU A 436 23.32 25.74 -24.19
CA LEU A 436 23.73 25.43 -22.81
C LEU A 436 25.02 24.66 -22.83
N GLN A 437 25.12 23.78 -23.81
CA GLN A 437 26.30 22.96 -24.06
C GLN A 437 27.57 23.79 -24.23
N ASP A 438 27.47 24.89 -24.97
CA ASP A 438 28.61 25.78 -25.20
C ASP A 438 29.10 26.40 -23.90
N LYS A 439 28.23 26.47 -22.90
CA LYS A 439 28.59 27.00 -21.59
C LYS A 439 29.02 25.89 -20.64
N ASP A 440 29.28 24.71 -21.20
CA ASP A 440 29.65 23.53 -20.41
C ASP A 440 28.55 23.12 -19.44
N ILE A 441 27.31 23.28 -19.88
CA ILE A 441 26.17 22.85 -19.09
C ILE A 441 25.43 21.74 -19.83
N TRP A 442 25.38 20.56 -19.21
CA TRP A 442 24.64 19.44 -19.76
C TRP A 442 23.26 19.38 -19.11
N SER A 443 22.26 19.96 -19.76
CA SER A 443 20.90 19.92 -19.25
C SER A 443 20.22 18.64 -19.75
N ARG A 444 19.85 17.77 -18.82
CA ARG A 444 19.38 16.44 -19.18
C ARG A 444 18.30 15.93 -18.24
N GLY A 445 17.36 15.16 -18.78
CA GLY A 445 16.31 14.56 -17.98
C GLY A 445 14.93 14.77 -18.56
N ARG A 446 13.91 14.31 -17.86
CA ARG A 446 12.54 14.44 -18.33
C ARG A 446 12.20 15.89 -18.67
N PHE A 447 12.52 16.81 -17.77
CA PHE A 447 12.33 18.24 -18.07
C PHE A 447 13.65 18.97 -18.27
N GLY A 448 14.75 18.29 -17.97
CA GLY A 448 16.08 18.81 -18.25
C GLY A 448 16.32 18.87 -19.76
N SER A 449 15.82 17.89 -20.48
CA SER A 449 15.92 17.88 -21.94
C SER A 449 14.56 17.73 -22.65
N TRP A 450 13.50 17.47 -21.88
CA TRP A 450 12.13 17.69 -22.38
C TRP A 450 11.66 16.71 -23.46
N ARG A 451 12.26 15.54 -23.54
CA ARG A 451 11.86 14.57 -24.57
C ARG A 451 11.18 13.33 -24.00
N TYR A 452 9.86 13.30 -24.12
CA TYR A 452 9.04 12.23 -23.56
C TYR A 452 9.44 10.82 -23.99
N GLU A 453 9.81 10.66 -25.27
CA GLU A 453 10.18 9.34 -25.80
C GLU A 453 11.33 8.73 -25.02
N VAL A 454 12.10 9.59 -24.36
CA VAL A 454 13.20 9.13 -23.52
C VAL A 454 13.00 9.64 -22.09
N GLY A 455 11.74 9.60 -21.65
CA GLY A 455 11.36 10.13 -20.35
C GLY A 455 11.06 9.11 -19.27
N ASN A 456 11.17 7.82 -19.60
CA ASN A 456 11.01 6.76 -18.60
C ASN A 456 12.19 6.73 -17.66
N GLN A 457 12.03 6.05 -16.52
CA GLN A 457 13.09 6.03 -15.51
C GLN A 457 14.41 5.46 -16.03
N ASP A 458 14.34 4.39 -16.82
CA ASP A 458 15.57 3.83 -17.39
C ASP A 458 16.23 4.80 -18.40
N HIS A 459 15.45 5.38 -19.29
CA HIS A 459 15.99 6.38 -20.22
C HIS A 459 16.64 7.54 -19.48
N SER A 460 15.92 8.10 -18.51
CA SER A 460 16.40 9.28 -17.78
C SER A 460 17.68 8.98 -17.03
N PHE A 461 17.70 7.84 -16.34
CA PHE A 461 18.90 7.38 -15.68
C PHE A 461 20.08 7.39 -16.65
N MET A 462 19.88 6.77 -17.81
CA MET A 462 20.95 6.67 -18.81
C MET A 462 21.32 8.01 -19.45
N LEU A 463 20.39 8.96 -19.48
CA LEU A 463 20.70 10.31 -19.97
C LEU A 463 21.77 10.93 -19.07
N GLY A 464 21.68 10.66 -17.77
CA GLY A 464 22.67 11.12 -16.82
C GLY A 464 23.97 10.35 -16.96
N VAL A 465 23.87 9.03 -17.05
CA VAL A 465 25.02 8.18 -17.30
C VAL A 465 25.79 8.62 -18.56
N GLU A 466 25.06 8.86 -19.65
CA GLU A 466 25.70 9.18 -20.90
C GLU A 466 26.26 10.61 -20.96
N ALA A 467 25.64 11.54 -20.25
CA ALA A 467 26.17 12.89 -20.17
C ALA A 467 27.55 12.87 -19.53
N VAL A 468 27.66 12.13 -18.43
CA VAL A 468 28.95 11.94 -17.77
C VAL A 468 29.92 11.21 -18.69
N ASP A 469 29.42 10.25 -19.45
CA ASP A 469 30.30 9.53 -20.38
C ASP A 469 30.79 10.44 -21.49
N ASN A 470 29.94 11.39 -21.90
CA ASN A 470 30.35 12.38 -22.87
C ASN A 470 31.38 13.36 -22.26
N ILE A 471 31.11 13.83 -21.06
CA ILE A 471 32.03 14.74 -20.38
C ILE A 471 33.41 14.13 -20.21
N VAL A 472 33.46 12.86 -19.81
CA VAL A 472 34.73 12.25 -19.41
C VAL A 472 35.43 11.46 -20.52
N ASN A 473 34.68 10.63 -21.25
CA ASN A 473 35.27 9.72 -22.23
C ASN A 473 34.97 10.06 -23.69
N GLY A 474 34.27 11.16 -23.91
CA GLY A 474 33.95 11.58 -25.27
C GLY A 474 32.94 10.67 -25.95
N ALA A 475 32.03 10.09 -25.17
CA ALA A 475 31.04 9.18 -25.70
C ALA A 475 29.89 9.92 -26.39
N VAL A 476 29.27 9.28 -27.36
CA VAL A 476 28.09 9.84 -28.02
C VAL A 476 26.93 9.79 -27.05
N GLU A 477 26.13 10.86 -27.00
CA GLU A 477 24.93 10.83 -26.18
C GLU A 477 23.80 10.27 -27.03
N LEU A 478 23.72 8.94 -27.06
CA LEU A 478 22.82 8.24 -27.98
C LEU A 478 21.35 8.32 -27.58
N THR A 479 21.09 8.21 -26.29
CA THR A 479 19.72 8.25 -25.79
C THR A 479 19.11 9.64 -25.97
N LEU A 480 19.93 10.67 -25.79
CA LEU A 480 19.49 12.05 -25.95
C LEU A 480 19.10 12.38 -27.38
N ASN A 481 19.95 12.00 -28.34
CA ASN A 481 19.75 12.40 -29.73
C ASN A 481 19.21 11.33 -30.69
N TYR A 482 19.18 10.07 -30.28
CA TYR A 482 18.71 9.00 -31.18
C TYR A 482 17.85 7.98 -30.45
N PRO A 483 16.71 8.42 -29.90
CA PRO A 483 15.81 7.54 -29.15
C PRO A 483 15.47 6.25 -29.91
N ASP A 484 15.25 6.35 -31.22
CA ASP A 484 14.91 5.17 -32.03
C ASP A 484 16.04 4.15 -32.02
N PHE A 485 17.27 4.64 -32.06
CA PHE A 485 18.44 3.78 -32.06
C PHE A 485 18.58 2.99 -30.76
N VAL A 486 18.40 3.66 -29.62
CA VAL A 486 18.56 2.98 -28.34
C VAL A 486 17.35 2.07 -28.04
N ASN A 487 16.14 2.53 -28.35
CA ASN A 487 14.93 1.73 -28.13
C ASN A 487 14.85 0.49 -29.01
N GLY A 488 15.52 0.51 -30.15
CA GLY A 488 15.42 -0.59 -31.10
C GLY A 488 16.53 -1.63 -31.01
N ARG A 489 17.35 -1.55 -29.96
CA ARG A 489 18.47 -2.47 -29.85
C ARG A 489 18.64 -2.97 -28.42
N GLN A 490 19.51 -3.95 -28.25
CA GLN A 490 19.89 -4.35 -26.91
C GLN A 490 21.17 -3.64 -26.49
N ASN A 491 21.07 -2.81 -25.47
CA ASN A 491 22.21 -2.03 -25.02
C ASN A 491 22.96 -2.73 -23.91
N THR A 492 24.01 -3.47 -24.29
CA THR A 492 24.70 -4.34 -23.35
C THR A 492 26.16 -3.99 -23.13
N GLU A 493 26.66 -3.03 -23.89
CA GLU A 493 28.08 -2.70 -23.86
C GLU A 493 28.53 -2.01 -22.57
N ARG A 494 27.73 -1.10 -22.06
CA ARG A 494 28.10 -0.37 -20.84
C ARG A 494 27.64 -1.12 -19.59
N ARG A 495 28.59 -1.39 -18.69
CA ARG A 495 28.28 -2.17 -17.50
C ARG A 495 28.76 -1.46 -16.24
N LEU A 496 28.15 -1.80 -15.11
CA LEU A 496 28.55 -1.20 -13.84
C LEU A 496 30.01 -1.52 -13.55
N VAL A 497 30.50 -2.62 -14.11
CA VAL A 497 31.92 -2.94 -14.03
C VAL A 497 32.49 -3.07 -15.44
N ASP A 498 33.20 -2.05 -15.89
CA ASP A 498 33.81 -2.05 -17.21
C ASP A 498 35.27 -2.45 -17.10
N GLY A 499 35.93 -2.63 -18.25
CA GLY A 499 37.32 -3.03 -18.28
C GLY A 499 38.25 -2.12 -17.47
N ALA A 500 37.96 -0.82 -17.45
CA ALA A 500 38.80 0.12 -16.72
C ALA A 500 38.96 -0.32 -15.27
N GLN A 501 37.86 -0.73 -14.67
CA GLN A 501 37.87 -1.10 -13.26
C GLN A 501 38.45 -2.49 -13.04
N VAL A 502 38.18 -3.42 -13.95
CA VAL A 502 38.77 -4.75 -13.87
C VAL A 502 40.29 -4.64 -13.92
N PHE A 503 40.80 -3.98 -14.94
CA PHE A 503 42.24 -3.86 -15.12
C PHE A 503 42.91 -3.19 -13.92
N ALA A 504 42.35 -2.06 -13.49
CA ALA A 504 42.93 -1.30 -12.38
C ALA A 504 42.92 -2.10 -11.08
N LYS A 505 41.82 -2.80 -10.83
CA LYS A 505 41.69 -3.62 -9.62
C LYS A 505 42.72 -4.75 -9.63
N SER A 506 42.84 -5.42 -10.77
CA SER A 506 43.76 -6.53 -10.91
C SER A 506 45.21 -6.07 -10.74
N LYS A 507 45.47 -4.84 -11.14
CA LYS A 507 46.82 -4.26 -11.04
C LYS A 507 47.19 -3.98 -9.59
N ALA A 508 46.26 -3.41 -8.84
CA ALA A 508 46.49 -3.06 -7.44
C ALA A 508 46.62 -4.30 -6.54
N GLN A 509 46.14 -5.43 -7.05
CA GLN A 509 46.16 -6.68 -6.29
C GLN A 509 47.55 -7.29 -6.21
N LEU A 510 48.22 -7.41 -7.35
CA LEU A 510 49.58 -7.95 -7.38
C LEU A 510 50.62 -6.85 -7.20
N GLU A 511 50.24 -5.78 -6.51
CA GLU A 511 51.13 -4.65 -6.29
C GLU A 511 50.99 -4.09 -4.88
N THR B 1 54.05 -21.64 -15.57
CA THR B 1 54.77 -21.17 -16.75
C THR B 1 54.26 -19.81 -17.23
N HIS B 2 55.15 -18.82 -17.20
CA HIS B 2 54.77 -17.46 -17.58
C HIS B 2 55.38 -17.06 -18.92
N PRO B 3 54.65 -16.25 -19.70
CA PRO B 3 55.14 -15.79 -21.01
C PRO B 3 56.25 -14.76 -20.81
N ASP B 4 57.04 -14.53 -21.85
CA ASP B 4 58.09 -13.54 -21.78
C ASP B 4 57.50 -12.17 -21.43
N ILE B 5 56.31 -11.91 -21.97
CA ILE B 5 55.66 -10.61 -21.81
C ILE B 5 54.17 -10.78 -21.49
N SER B 6 53.68 -9.98 -20.55
CA SER B 6 52.26 -9.92 -20.23
C SER B 6 51.74 -8.50 -20.32
N VAL B 7 50.63 -8.31 -21.03
CA VAL B 7 49.96 -7.03 -21.11
C VAL B 7 48.45 -7.23 -20.97
N ASP B 8 47.73 -6.15 -20.66
CA ASP B 8 46.28 -6.21 -20.58
C ASP B 8 45.70 -6.34 -21.99
N VAL B 9 46.14 -5.45 -22.88
CA VAL B 9 45.62 -5.43 -24.24
C VAL B 9 46.74 -5.58 -25.24
N LEU B 10 46.66 -6.62 -26.07
CA LEU B 10 47.62 -6.83 -27.14
C LEU B 10 46.98 -6.46 -28.47
N VAL B 11 47.69 -5.67 -29.26
CA VAL B 11 47.22 -5.25 -30.58
C VAL B 11 48.09 -5.86 -31.66
N ILE B 12 47.48 -6.63 -32.55
CA ILE B 12 48.22 -7.23 -33.66
C ILE B 12 47.96 -6.48 -34.95
N GLY B 13 49.03 -5.92 -35.52
CA GLY B 13 48.93 -5.18 -36.77
C GLY B 13 49.09 -3.69 -36.56
N ALA B 14 49.90 -3.06 -37.40
CA ALA B 14 50.14 -1.62 -37.27
C ALA B 14 49.75 -0.85 -38.53
N GLY B 15 48.62 -1.25 -39.11
CA GLY B 15 47.99 -0.45 -40.15
C GLY B 15 47.10 0.59 -39.47
N PRO B 16 46.32 1.32 -40.26
CA PRO B 16 45.44 2.33 -39.64
C PRO B 16 44.64 1.77 -38.45
N THR B 17 44.08 0.58 -38.59
CA THR B 17 43.26 0.00 -37.51
C THR B 17 44.07 -0.26 -36.25
N GLY B 18 45.20 -0.92 -36.39
CA GLY B 18 46.05 -1.20 -35.25
C GLY B 18 46.54 0.07 -34.59
N LEU B 19 46.95 1.04 -35.41
CA LEU B 19 47.46 2.30 -34.88
C LEU B 19 46.34 3.09 -34.21
N GLY B 20 45.11 2.85 -34.64
CA GLY B 20 43.96 3.47 -34.02
C GLY B 20 43.77 2.95 -32.60
N ALA B 21 43.90 1.64 -32.44
CA ALA B 21 43.80 1.04 -31.11
C ALA B 21 44.93 1.55 -30.22
N ALA B 22 46.14 1.57 -30.76
CA ALA B 22 47.31 2.02 -30.04
C ALA B 22 47.18 3.48 -29.61
N LYS B 23 46.60 4.31 -30.46
CA LYS B 23 46.46 5.72 -30.13
C LYS B 23 45.51 5.93 -28.95
N ARG B 24 44.36 5.28 -28.98
CA ARG B 24 43.40 5.41 -27.89
C ARG B 24 43.95 4.79 -26.59
N LEU B 25 44.63 3.65 -26.70
CA LEU B 25 45.20 3.01 -25.52
C LEU B 25 46.22 3.95 -24.90
N ASN B 26 46.98 4.62 -25.76
CA ASN B 26 48.03 5.52 -25.31
C ASN B 26 47.43 6.79 -24.69
N GLN B 27 46.30 7.24 -25.22
CA GLN B 27 45.60 8.41 -24.69
C GLN B 27 45.02 8.09 -23.32
N ILE B 28 44.38 6.94 -23.20
CA ILE B 28 43.77 6.52 -21.95
C ILE B 28 44.82 6.32 -20.87
N ASP B 29 45.96 5.78 -21.26
CA ASP B 29 47.07 5.53 -20.34
C ASP B 29 46.64 4.81 -19.06
N GLY B 30 45.82 3.79 -19.22
CA GLY B 30 45.37 2.98 -18.09
C GLY B 30 45.93 1.59 -18.14
N PRO B 31 45.21 0.67 -18.80
CA PRO B 31 45.69 -0.70 -18.96
C PRO B 31 47.00 -0.76 -19.73
N SER B 32 47.85 -1.73 -19.40
CA SER B 32 49.09 -1.95 -20.13
C SER B 32 48.76 -2.49 -21.52
N TRP B 33 49.66 -2.27 -22.47
CA TRP B 33 49.40 -2.69 -23.83
C TRP B 33 50.68 -2.69 -24.64
N MET B 34 50.64 -3.37 -25.78
CA MET B 34 51.71 -3.30 -26.76
C MET B 34 51.16 -3.62 -28.15
N ILE B 35 51.91 -3.23 -29.17
CA ILE B 35 51.46 -3.43 -30.53
C ILE B 35 52.59 -4.05 -31.33
N VAL B 36 52.25 -5.07 -32.12
CA VAL B 36 53.24 -5.81 -32.90
C VAL B 36 52.87 -5.81 -34.37
N ASP B 37 53.87 -5.83 -35.24
CA ASP B 37 53.66 -5.93 -36.67
C ASP B 37 54.87 -6.56 -37.32
N SER B 38 54.62 -7.44 -38.29
CA SER B 38 55.68 -8.13 -39.01
C SER B 38 56.48 -7.18 -39.87
N ASN B 39 55.90 -6.01 -40.13
CA ASN B 39 56.58 -4.99 -40.93
C ASN B 39 57.34 -4.00 -40.07
N GLU B 40 58.57 -3.72 -40.46
CA GLU B 40 59.43 -2.77 -39.76
C GLU B 40 58.89 -1.35 -39.89
N THR B 41 58.17 -1.08 -40.98
CA THR B 41 57.55 0.22 -41.18
C THR B 41 56.03 0.13 -40.98
N PRO B 42 55.49 0.96 -40.09
CA PRO B 42 54.04 0.96 -39.86
C PRO B 42 53.27 1.56 -41.04
N GLY B 43 52.03 1.17 -41.21
CA GLY B 43 51.21 1.70 -42.28
C GLY B 43 50.31 0.66 -42.92
N GLY B 44 50.63 -0.61 -42.74
CA GLY B 44 49.86 -1.69 -43.35
C GLY B 44 49.66 -1.48 -44.84
N LEU B 45 48.47 -1.78 -45.33
CA LEU B 45 48.17 -1.60 -46.76
C LEU B 45 47.92 -0.15 -47.11
N ALA B 46 48.31 0.77 -46.23
CA ALA B 46 48.17 2.19 -46.51
C ALA B 46 49.53 2.85 -46.57
N SER B 47 50.56 2.03 -46.74
CA SER B 47 51.94 2.50 -46.82
C SER B 47 52.26 3.01 -48.21
N THR B 48 53.47 3.55 -48.37
CA THR B 48 53.91 4.08 -49.65
C THR B 48 55.23 3.44 -50.09
N ASP B 49 55.25 2.94 -51.31
CA ASP B 49 56.48 2.37 -51.87
C ASP B 49 57.18 3.39 -52.77
N VAL B 50 58.47 3.18 -53.01
CA VAL B 50 59.24 4.04 -53.91
C VAL B 50 60.05 3.18 -54.88
N THR B 51 60.06 3.58 -56.15
CA THR B 51 60.86 2.88 -57.15
C THR B 51 62.31 3.35 -57.06
N PRO B 52 63.24 2.50 -57.53
CA PRO B 52 64.66 2.84 -57.57
C PRO B 52 64.94 4.21 -58.20
N GLU B 53 64.07 4.65 -59.10
CA GLU B 53 64.27 5.93 -59.78
C GLU B 53 63.60 7.10 -59.05
N GLY B 54 63.03 6.83 -57.88
CA GLY B 54 62.52 7.87 -57.03
C GLY B 54 61.07 8.27 -57.25
N PHE B 55 60.24 7.32 -57.70
CA PHE B 55 58.81 7.56 -57.84
C PHE B 55 58.03 6.91 -56.71
N LEU B 56 57.13 7.68 -56.10
CA LEU B 56 56.31 7.18 -55.00
C LEU B 56 54.97 6.64 -55.49
N TYR B 57 54.44 5.65 -54.78
CA TYR B 57 53.13 5.09 -55.09
C TYR B 57 52.42 4.52 -53.86
N ASP B 58 51.27 5.09 -53.53
CA ASP B 58 50.42 4.58 -52.46
C ASP B 58 49.90 3.20 -52.81
N VAL B 59 49.95 2.27 -51.87
CA VAL B 59 49.44 0.92 -52.13
C VAL B 59 47.99 0.77 -51.72
N GLY B 60 47.47 1.74 -50.97
CA GLY B 60 46.12 1.65 -50.45
C GLY B 60 45.34 2.95 -50.48
N GLY B 61 45.68 3.82 -51.42
CA GLY B 61 44.93 5.03 -51.63
C GLY B 61 45.06 6.05 -50.51
N HIS B 62 44.09 6.95 -50.45
CA HIS B 62 44.12 8.03 -49.47
C HIS B 62 42.71 8.39 -49.04
N VAL B 63 42.59 9.05 -47.89
CA VAL B 63 41.31 9.51 -47.41
C VAL B 63 40.90 10.76 -48.16
N ILE B 64 39.64 10.79 -48.58
CA ILE B 64 39.09 11.94 -49.30
C ILE B 64 38.17 12.72 -48.39
N PHE B 65 37.47 12.01 -47.52
CA PHE B 65 36.57 12.63 -46.56
C PHE B 65 36.65 11.92 -45.21
N SER B 66 37.09 12.64 -44.19
CA SER B 66 37.14 12.12 -42.83
C SER B 66 35.79 12.27 -42.14
N HIS B 67 35.32 11.20 -41.50
CA HIS B 67 34.03 11.24 -40.83
C HIS B 67 34.16 11.51 -39.33
N TYR B 68 35.37 11.73 -38.84
CA TYR B 68 35.61 11.81 -37.40
C TYR B 68 36.58 12.91 -36.97
N LYS B 69 36.22 13.67 -35.95
CA LYS B 69 37.14 14.64 -35.40
C LYS B 69 38.37 13.94 -34.80
N TYR B 70 38.18 12.73 -34.30
CA TYR B 70 39.25 12.03 -33.62
C TYR B 70 40.37 11.66 -34.59
N PHE B 71 39.97 11.22 -35.77
CA PHE B 71 40.90 10.95 -36.86
C PHE B 71 41.63 12.24 -37.26
N ASP B 72 40.91 13.35 -37.32
CA ASP B 72 41.52 14.63 -37.67
C ASP B 72 42.54 15.07 -36.62
N ASP B 73 42.19 14.91 -35.35
CA ASP B 73 43.12 15.26 -34.26
C ASP B 73 44.44 14.51 -34.39
N CYS B 74 44.36 13.21 -34.66
CA CYS B 74 45.57 12.40 -34.75
C CYS B 74 46.42 12.77 -35.96
N LEU B 75 45.79 13.03 -37.10
CA LEU B 75 46.54 13.47 -38.27
C LEU B 75 47.17 14.84 -38.02
N ASP B 76 46.44 15.70 -37.30
CA ASP B 76 46.94 17.04 -36.98
C ASP B 76 48.15 16.97 -36.06
N GLU B 77 48.08 16.11 -35.05
CA GLU B 77 49.16 15.94 -34.10
C GLU B 77 50.39 15.34 -34.79
N ALA B 78 50.15 14.46 -35.75
CA ALA B 78 51.26 13.81 -36.45
C ALA B 78 51.93 14.75 -37.48
N LEU B 79 51.14 15.51 -38.21
CA LEU B 79 51.67 16.47 -39.20
C LEU B 79 51.12 17.88 -38.92
N PRO B 80 51.73 18.58 -37.94
CA PRO B 80 51.17 19.82 -37.39
C PRO B 80 51.48 21.10 -38.17
N LYS B 81 52.33 21.03 -39.17
CA LYS B 81 52.69 22.24 -39.94
C LYS B 81 51.80 22.45 -41.16
N GLU B 82 51.47 23.71 -41.42
CA GLU B 82 50.71 24.08 -42.61
C GLU B 82 51.31 23.46 -43.86
N ASP B 83 52.63 23.52 -43.98
CA ASP B 83 53.30 23.00 -45.16
C ASP B 83 53.55 21.50 -45.10
N ASP B 84 52.92 20.82 -44.13
CA ASP B 84 52.94 19.37 -44.11
C ASP B 84 51.86 18.83 -45.04
N TRP B 85 50.90 19.69 -45.37
CA TRP B 85 49.74 19.27 -46.15
C TRP B 85 49.49 20.10 -47.41
N TYR B 86 48.97 19.43 -48.44
CA TYR B 86 48.37 20.12 -49.56
C TYR B 86 46.88 19.90 -49.50
N THR B 87 46.10 20.91 -49.85
CA THR B 87 44.65 20.76 -49.88
C THR B 87 44.09 20.96 -51.30
N HIS B 88 43.49 19.92 -51.85
CA HIS B 88 42.99 19.93 -53.23
C HIS B 88 41.47 19.89 -53.30
N GLN B 89 40.94 20.18 -54.49
CA GLN B 89 39.52 20.06 -54.75
C GLN B 89 39.13 18.64 -55.09
N ARG B 90 38.18 18.08 -54.34
N ARG B 90 38.16 18.11 -54.34
CA ARG B 90 37.73 16.72 -54.60
CA ARG B 90 37.63 16.76 -54.57
C ARG B 90 36.77 16.65 -55.77
C ARG B 90 36.77 16.72 -55.83
N ILE B 91 37.21 15.95 -56.82
CA ILE B 91 36.45 15.80 -58.06
C ILE B 91 36.66 14.36 -58.53
N SER B 92 36.05 14.01 -59.66
CA SER B 92 36.14 12.67 -60.21
C SER B 92 35.61 12.66 -61.64
N TYR B 93 36.17 11.77 -62.47
CA TYR B 93 35.72 11.66 -63.85
C TYR B 93 35.54 10.20 -64.25
N VAL B 94 34.61 9.95 -65.15
CA VAL B 94 34.43 8.63 -65.72
C VAL B 94 34.78 8.67 -67.21
N ARG B 95 35.56 7.69 -67.66
CA ARG B 95 35.93 7.59 -69.06
C ARG B 95 34.88 6.80 -69.82
N CYS B 96 34.09 7.49 -70.64
CA CYS B 96 33.05 6.85 -71.42
C CYS B 96 33.02 7.36 -72.86
N GLN B 97 33.32 6.47 -73.80
CA GLN B 97 33.28 6.79 -75.23
C GLN B 97 34.03 8.08 -75.57
N GLY B 98 35.32 8.10 -75.28
CA GLY B 98 36.18 9.21 -75.67
C GLY B 98 35.99 10.48 -74.86
N GLN B 99 35.10 10.43 -73.87
CA GLN B 99 34.81 11.61 -73.06
C GLN B 99 35.20 11.42 -71.59
N TRP B 100 35.58 12.53 -70.94
CA TRP B 100 35.76 12.52 -69.50
C TRP B 100 34.50 13.04 -68.83
N VAL B 101 33.66 12.12 -68.36
CA VAL B 101 32.39 12.48 -67.75
C VAL B 101 32.57 12.79 -66.26
N PRO B 102 32.30 14.04 -65.86
CA PRO B 102 32.46 14.48 -64.47
C PRO B 102 31.50 13.75 -63.52
N TYR B 103 31.86 13.69 -62.25
CA TYR B 103 30.96 13.16 -61.22
C TYR B 103 29.88 14.19 -60.89
N PRO B 104 28.63 13.71 -60.70
CA PRO B 104 28.26 12.31 -60.85
C PRO B 104 27.88 11.99 -62.29
N PHE B 105 28.12 10.75 -62.71
CA PHE B 105 27.85 10.30 -64.07
C PHE B 105 26.47 10.72 -64.60
N GLN B 106 25.43 10.42 -63.83
CA GLN B 106 24.06 10.63 -64.29
C GLN B 106 23.76 12.08 -64.65
N ASN B 107 24.29 13.01 -63.86
CA ASN B 107 24.04 14.43 -64.10
C ASN B 107 24.84 14.96 -65.29
N ASN B 108 25.57 14.08 -65.95
CA ASN B 108 26.43 14.51 -67.04
C ASN B 108 26.34 13.70 -68.33
N ILE B 109 25.23 12.96 -68.49
CA ILE B 109 25.01 12.22 -69.74
C ILE B 109 25.08 13.16 -70.93
N SER B 110 24.92 14.45 -70.67
CA SER B 110 24.99 15.49 -71.69
C SER B 110 26.11 15.27 -72.69
N MET B 111 27.31 14.96 -72.20
CA MET B 111 28.47 14.82 -73.09
C MET B 111 28.63 13.45 -73.72
N LEU B 112 27.54 12.68 -73.75
CA LEU B 112 27.52 11.43 -74.49
C LEU B 112 26.72 11.61 -75.77
N PRO B 113 26.86 10.66 -76.72
CA PRO B 113 26.05 10.71 -77.94
C PRO B 113 24.58 10.81 -77.57
N LYS B 114 23.80 11.49 -78.41
CA LYS B 114 22.37 11.67 -78.13
C LYS B 114 21.63 10.34 -78.05
N GLU B 115 22.08 9.35 -78.82
CA GLU B 115 21.45 8.03 -78.79
C GLU B 115 21.61 7.39 -77.42
N GLU B 116 22.77 7.56 -76.80
CA GLU B 116 23.02 7.04 -75.47
C GLU B 116 22.17 7.77 -74.43
N GLN B 117 22.18 9.09 -74.50
CA GLN B 117 21.32 9.89 -73.64
C GLN B 117 19.90 9.35 -73.63
N VAL B 118 19.40 8.97 -74.80
CA VAL B 118 18.04 8.46 -74.93
C VAL B 118 17.82 7.19 -74.11
N LYS B 119 18.70 6.20 -74.31
CA LYS B 119 18.60 4.95 -73.56
C LYS B 119 18.69 5.19 -72.06
N CYS B 120 19.60 6.09 -71.65
CA CYS B 120 19.76 6.43 -70.25
C CYS B 120 18.49 7.03 -69.65
N ILE B 121 17.95 8.05 -70.30
CA ILE B 121 16.78 8.74 -69.80
C ILE B 121 15.56 7.81 -69.78
N ASP B 122 15.44 6.97 -70.80
CA ASP B 122 14.34 6.01 -70.87
C ASP B 122 14.42 5.02 -69.71
N GLY B 123 15.64 4.61 -69.37
CA GLY B 123 15.86 3.70 -68.26
C GLY B 123 15.42 4.31 -66.93
N MET B 124 15.82 5.56 -66.70
CA MET B 124 15.45 6.25 -65.47
C MET B 124 13.96 6.51 -65.36
N ILE B 125 13.30 6.72 -66.50
CA ILE B 125 11.85 6.92 -66.50
C ILE B 125 11.15 5.67 -65.97
N ASP B 126 11.55 4.51 -66.48
CA ASP B 126 11.05 3.25 -65.96
C ASP B 126 11.29 3.14 -64.45
N ALA B 127 12.56 3.21 -64.05
CA ALA B 127 12.93 3.10 -62.65
C ALA B 127 12.09 4.02 -61.77
N ALA B 128 11.93 5.26 -62.22
CA ALA B 128 11.17 6.26 -61.45
C ALA B 128 9.72 5.84 -61.25
N LEU B 129 9.13 5.22 -62.28
CA LEU B 129 7.73 4.81 -62.23
C LEU B 129 7.53 3.63 -61.29
N GLU B 130 8.43 2.66 -61.34
CA GLU B 130 8.37 1.53 -60.42
C GLU B 130 8.62 1.98 -58.97
N ALA B 131 9.50 2.96 -58.80
CA ALA B 131 9.84 3.44 -57.46
C ALA B 131 8.66 4.11 -56.78
N ARG B 132 7.72 4.58 -57.58
CA ARG B 132 6.53 5.25 -57.07
C ARG B 132 5.65 4.24 -56.34
N VAL B 133 5.89 2.97 -56.65
CA VAL B 133 4.97 1.91 -56.28
C VAL B 133 5.66 0.77 -55.51
N ALA B 134 6.98 0.83 -55.46
CA ALA B 134 7.77 -0.21 -54.79
C ALA B 134 7.43 -0.35 -53.31
N ASN B 135 7.42 -1.59 -52.83
CA ASN B 135 7.13 -1.87 -51.43
C ASN B 135 8.06 -2.91 -50.87
N THR B 136 9.11 -3.22 -51.62
CA THR B 136 10.15 -4.15 -51.19
C THR B 136 11.52 -3.49 -51.35
N LYS B 137 12.54 -4.09 -50.74
CA LYS B 137 13.89 -3.57 -50.82
C LYS B 137 14.73 -4.41 -51.77
N PRO B 138 15.73 -3.78 -52.42
CA PRO B 138 16.64 -4.52 -53.30
C PRO B 138 17.35 -5.62 -52.55
N LYS B 139 17.60 -6.74 -53.22
CA LYS B 139 18.21 -7.91 -52.59
C LYS B 139 19.62 -8.19 -53.11
N THR B 140 20.01 -7.53 -54.20
CA THR B 140 21.36 -7.68 -54.74
C THR B 140 21.90 -6.33 -55.20
N PHE B 141 23.22 -6.22 -55.31
CA PHE B 141 23.83 -5.02 -55.84
C PHE B 141 23.23 -4.69 -57.21
N ASP B 142 23.02 -5.71 -58.02
CA ASP B 142 22.47 -5.50 -59.37
C ASP B 142 21.07 -4.89 -59.36
N GLU B 143 20.18 -5.44 -58.54
CA GLU B 143 18.83 -4.90 -58.42
C GLU B 143 18.86 -3.47 -57.92
N TRP B 144 19.72 -3.22 -56.94
CA TRP B 144 19.88 -1.87 -56.39
C TRP B 144 20.23 -0.90 -57.51
N ILE B 145 21.21 -1.28 -58.32
CA ILE B 145 21.62 -0.46 -59.46
C ILE B 145 20.46 -0.17 -60.42
N VAL B 146 19.79 -1.23 -60.85
CA VAL B 146 18.66 -1.08 -61.76
C VAL B 146 17.61 -0.12 -61.21
N ARG B 147 17.28 -0.28 -59.93
CA ARG B 147 16.26 0.55 -59.31
C ARG B 147 16.72 1.99 -59.14
N MET B 148 18.04 2.17 -59.10
CA MET B 148 18.63 3.47 -58.85
C MET B 148 18.77 4.28 -60.15
N MET B 149 19.36 3.65 -61.17
CA MET B 149 19.68 4.34 -62.42
C MET B 149 18.80 3.94 -63.60
N GLY B 150 18.34 2.69 -63.61
CA GLY B 150 17.66 2.15 -64.76
C GLY B 150 18.65 1.38 -65.62
N THR B 151 18.14 0.48 -66.46
CA THR B 151 18.97 -0.41 -67.24
C THR B 151 19.96 0.31 -68.16
N GLY B 152 19.57 1.47 -68.67
CA GLY B 152 20.39 2.22 -69.59
C GLY B 152 21.72 2.67 -69.00
N ILE B 153 21.65 3.33 -67.84
CA ILE B 153 22.86 3.77 -67.15
C ILE B 153 23.61 2.59 -66.55
N ALA B 154 22.86 1.58 -66.12
CA ALA B 154 23.46 0.36 -65.58
C ALA B 154 24.38 -0.30 -66.58
N ASP B 155 23.93 -0.43 -67.82
CA ASP B 155 24.72 -1.08 -68.87
C ASP B 155 25.92 -0.24 -69.31
N LEU B 156 25.78 1.08 -69.26
CA LEU B 156 26.82 1.99 -69.73
C LEU B 156 27.96 2.18 -68.74
N PHE B 157 27.67 2.05 -67.46
CA PHE B 157 28.65 2.36 -66.42
C PHE B 157 28.65 1.38 -65.26
N MET B 158 27.59 1.44 -64.44
CA MET B 158 27.50 0.65 -63.21
C MET B 158 27.92 -0.82 -63.35
N ARG B 159 27.20 -1.56 -64.17
CA ARG B 159 27.43 -3.00 -64.32
C ARG B 159 28.83 -3.37 -64.81
N PRO B 160 29.29 -2.75 -65.90
CA PRO B 160 30.63 -3.13 -66.40
C PRO B 160 31.73 -2.68 -65.44
N TYR B 161 31.67 -1.43 -65.00
CA TYR B 161 32.69 -0.89 -64.09
C TYR B 161 32.83 -1.71 -62.81
N ASN B 162 31.71 -2.02 -62.16
CA ASN B 162 31.75 -2.76 -60.91
C ASN B 162 32.29 -4.19 -61.06
N PHE B 163 32.07 -4.80 -62.22
CA PHE B 163 32.66 -6.11 -62.45
C PHE B 163 34.17 -5.97 -62.54
N LYS B 164 34.63 -4.86 -63.11
CA LYS B 164 36.06 -4.59 -63.21
C LYS B 164 36.65 -4.28 -61.84
N VAL B 165 35.82 -3.75 -60.94
CA VAL B 165 36.26 -3.44 -59.59
C VAL B 165 36.31 -4.68 -58.70
N TRP B 166 35.16 -5.34 -58.54
CA TRP B 166 35.04 -6.40 -57.56
C TRP B 166 35.46 -7.78 -58.08
N ALA B 167 35.79 -7.85 -59.37
CA ALA B 167 36.13 -9.12 -60.00
C ALA B 167 35.01 -10.12 -59.75
N VAL B 168 33.80 -9.58 -59.60
CA VAL B 168 32.63 -10.39 -59.31
C VAL B 168 31.42 -9.68 -59.89
N PRO B 169 30.50 -10.45 -60.50
CA PRO B 169 29.30 -9.86 -61.11
C PRO B 169 28.37 -9.26 -60.06
N THR B 170 27.79 -8.11 -60.37
CA THR B 170 26.92 -7.38 -59.46
C THR B 170 25.78 -8.23 -58.88
N THR B 171 25.40 -9.29 -59.58
CA THR B 171 24.31 -10.15 -59.14
C THR B 171 24.74 -11.04 -57.97
N LYS B 172 26.04 -11.09 -57.72
CA LYS B 172 26.58 -11.94 -56.66
C LYS B 172 26.85 -11.17 -55.37
N MET B 173 26.52 -9.88 -55.36
CA MET B 173 26.80 -9.02 -54.21
C MET B 173 25.52 -8.47 -53.57
N GLN B 174 25.59 -8.25 -52.25
CA GLN B 174 24.50 -7.62 -51.51
C GLN B 174 24.50 -6.12 -51.79
N CYS B 175 23.57 -5.40 -51.20
N CYS B 175 23.58 -5.38 -51.19
CA CYS B 175 23.47 -3.96 -51.41
CA CYS B 175 23.46 -3.96 -51.48
C CYS B 175 23.27 -3.16 -50.12
C CYS B 175 23.26 -3.06 -50.26
N ALA B 176 22.92 -3.84 -49.03
N ALA B 176 23.42 -3.62 -49.06
CA ALA B 176 22.76 -3.18 -47.74
CA ALA B 176 23.27 -2.84 -47.83
C ALA B 176 23.99 -2.36 -47.39
C ALA B 176 24.59 -2.17 -47.45
N TRP B 177 25.15 -2.88 -47.77
N TRP B 177 25.41 -1.83 -48.44
CA TRP B 177 26.42 -2.22 -47.51
CA TRP B 177 26.76 -1.37 -48.18
C TRP B 177 26.50 -0.85 -48.17
C TRP B 177 27.11 -0.07 -48.88
N LEU B 178 25.49 -0.51 -48.97
N LEU B 178 26.28 0.34 -49.83
CA LEU B 178 25.50 0.73 -49.73
CA LEU B 178 26.63 1.44 -50.73
C LEU B 178 24.86 1.88 -48.98
C LEU B 178 26.07 2.80 -50.33
N GLY B 179 24.05 1.56 -47.96
N GLY B 179 25.46 2.86 -49.15
CA GLY B 179 23.36 2.61 -47.23
CA GLY B 179 24.85 4.10 -48.66
C GLY B 179 21.86 2.37 -47.13
C GLY B 179 25.58 5.37 -49.06
N GLU B 180 21.16 3.31 -46.51
N GLU B 180 26.87 5.44 -48.76
CA GLU B 180 19.76 3.12 -46.15
CA GLU B 180 27.65 6.64 -49.05
C GLU B 180 18.78 3.92 -46.99
C GLU B 180 28.70 6.38 -50.12
N ARG B 181 19.27 4.87 -47.79
N ARG B 181 28.44 5.39 -50.98
CA ARG B 181 18.34 5.71 -48.56
CA ARG B 181 29.39 5.04 -52.04
C ARG B 181 17.71 4.95 -49.72
C ARG B 181 28.86 5.41 -53.42
N VAL B 182 16.39 5.07 -49.84
N VAL B 182 27.63 5.00 -53.72
CA VAL B 182 15.61 4.37 -50.87
CA VAL B 182 27.05 5.26 -55.05
C VAL B 182 16.18 4.56 -52.28
C VAL B 182 25.97 6.34 -54.97
N ALA B 183 16.00 3.53 -53.11
N ALA B 183 25.94 7.20 -55.98
CA ALA B 183 16.48 3.56 -54.48
CA ALA B 183 25.03 8.35 -56.01
C ALA B 183 15.50 4.27 -55.42
C ALA B 183 23.59 7.95 -56.31
N ALA B 184 15.52 5.60 -55.37
N ALA B 184 22.67 8.84 -55.92
CA ALA B 184 14.67 6.41 -56.23
CA ALA B 184 21.24 8.62 -56.15
C ALA B 184 15.51 7.44 -56.98
C ALA B 184 20.71 9.67 -57.13
N PRO B 185 15.46 7.42 -58.31
N PRO B 185 20.47 9.25 -58.38
CA PRO B 185 16.26 8.31 -59.16
CA PRO B 185 20.03 10.17 -59.44
C PRO B 185 15.75 9.74 -59.15
C PRO B 185 18.58 10.59 -59.31
N ASN B 186 16.66 10.70 -59.19
N ASN B 186 18.31 11.87 -59.55
CA ASN B 186 16.29 12.11 -59.32
CA ASN B 186 16.94 12.39 -59.58
C ASN B 186 16.16 12.46 -60.80
C ASN B 186 16.50 12.67 -61.01
N LEU B 187 15.02 12.09 -61.39
N LEU B 187 15.36 12.11 -61.39
CA LEU B 187 14.83 12.20 -62.82
CA LEU B 187 14.87 12.21 -62.76
C LEU B 187 14.83 13.65 -63.31
C LEU B 187 14.85 13.64 -63.29
N LYS B 188 14.22 14.54 -62.53
CA LYS B 188 14.14 15.94 -62.92
C LYS B 188 15.52 16.57 -63.10
N ALA B 189 16.42 16.29 -62.16
CA ALA B 189 17.77 16.84 -62.23
C ALA B 189 18.51 16.32 -63.44
N VAL B 190 18.32 15.03 -63.73
CA VAL B 190 19.01 14.40 -64.84
C VAL B 190 18.56 14.99 -66.19
N THR B 191 17.25 15.08 -66.40
CA THR B 191 16.72 15.62 -67.64
C THR B 191 16.94 17.11 -67.73
N THR B 192 16.99 17.79 -66.59
CA THR B 192 17.21 19.23 -66.60
C THR B 192 18.62 19.57 -67.08
N ASN B 193 19.59 18.73 -66.73
CA ASN B 193 20.96 18.90 -67.18
C ASN B 193 21.12 18.62 -68.67
N VAL B 194 20.42 17.59 -69.16
CA VAL B 194 20.44 17.25 -70.57
C VAL B 194 19.85 18.39 -71.40
N ILE B 195 18.75 18.94 -70.92
CA ILE B 195 18.09 20.05 -71.60
C ILE B 195 18.96 21.29 -71.60
N LEU B 196 19.45 21.67 -70.43
CA LEU B 196 20.25 22.88 -70.28
C LEU B 196 21.66 22.72 -70.83
N GLY B 197 22.12 21.47 -70.92
CA GLY B 197 23.44 21.18 -71.48
C GLY B 197 24.57 21.60 -70.56
N LYS B 198 24.22 22.14 -69.40
CA LYS B 198 25.20 22.60 -68.43
C LYS B 198 25.22 21.68 -67.22
N THR B 199 26.12 21.98 -66.29
CA THR B 199 26.19 21.28 -65.01
C THR B 199 26.60 22.26 -63.92
N ALA B 200 25.74 23.22 -63.63
CA ALA B 200 26.07 24.29 -62.70
C ALA B 200 24.95 24.61 -61.71
N GLY B 201 25.30 25.35 -60.66
CA GLY B 201 24.35 25.80 -59.66
C GLY B 201 24.88 27.04 -58.97
N ASN B 202 24.02 27.71 -58.18
CA ASN B 202 24.44 28.92 -57.47
C ASN B 202 25.75 28.74 -56.72
N TRP B 203 25.93 27.57 -56.12
CA TRP B 203 27.22 27.17 -55.55
C TRP B 203 27.62 27.89 -54.26
N GLY B 204 28.72 27.42 -53.70
CA GLY B 204 29.37 28.02 -52.54
C GLY B 204 30.80 27.53 -52.55
N PRO B 205 31.50 27.60 -51.41
CA PRO B 205 32.87 27.08 -51.38
C PRO B 205 32.94 25.60 -51.77
N ASN B 206 33.91 25.25 -52.60
CA ASN B 206 34.04 23.88 -53.10
C ASN B 206 34.56 22.91 -52.03
N ALA B 207 34.14 21.65 -52.14
CA ALA B 207 34.59 20.61 -51.22
C ALA B 207 36.05 20.26 -51.48
N THR B 208 36.81 20.05 -50.42
CA THR B 208 38.24 19.80 -50.53
C THR B 208 38.70 18.58 -49.73
N PHE B 209 39.89 18.10 -50.07
CA PHE B 209 40.55 17.07 -49.27
C PHE B 209 42.02 17.40 -49.16
N ARG B 210 42.68 16.86 -48.14
CA ARG B 210 44.09 17.13 -47.96
C ARG B 210 44.94 15.89 -48.24
N PHE B 211 46.17 16.15 -48.69
CA PHE B 211 47.12 15.09 -49.00
C PHE B 211 48.49 15.51 -48.52
N PRO B 212 49.25 14.58 -47.93
CA PRO B 212 50.53 14.90 -47.29
C PRO B 212 51.59 15.34 -48.30
N ALA B 213 52.32 16.41 -47.96
CA ALA B 213 53.34 16.95 -48.85
C ALA B 213 54.45 15.96 -49.18
N ARG B 214 54.90 15.23 -48.16
CA ARG B 214 56.04 14.32 -48.33
C ARG B 214 55.74 12.90 -47.87
N GLY B 215 56.41 11.93 -48.48
CA GLY B 215 56.29 10.54 -48.09
C GLY B 215 54.99 9.88 -48.52
N GLY B 216 54.14 10.65 -49.19
CA GLY B 216 52.85 10.15 -49.63
C GLY B 216 51.98 9.78 -48.45
N THR B 217 50.97 8.95 -48.69
CA THR B 217 50.02 8.57 -47.66
C THR B 217 50.70 7.84 -46.51
N GLY B 218 51.65 6.96 -46.83
CA GLY B 218 52.35 6.19 -45.84
C GLY B 218 53.07 7.07 -44.83
N GLY B 219 53.29 8.33 -45.19
CA GLY B 219 53.98 9.28 -44.33
C GLY B 219 53.12 9.71 -43.14
N ILE B 220 51.80 9.60 -43.30
CA ILE B 220 50.89 9.90 -42.21
C ILE B 220 51.06 8.88 -41.08
N TRP B 221 51.06 7.61 -41.46
CA TRP B 221 51.08 6.52 -40.48
C TRP B 221 52.43 6.33 -39.81
N ILE B 222 53.49 6.61 -40.56
CA ILE B 222 54.83 6.66 -39.99
C ILE B 222 54.84 7.71 -38.88
N ALA B 223 54.35 8.91 -39.18
CA ALA B 223 54.32 10.00 -38.20
C ALA B 223 53.36 9.74 -37.02
N VAL B 224 52.23 9.10 -37.29
CA VAL B 224 51.28 8.73 -36.24
C VAL B 224 51.92 7.74 -35.29
N ALA B 225 52.59 6.74 -35.86
CA ALA B 225 53.30 5.73 -35.06
C ALA B 225 54.40 6.36 -34.22
N ASN B 226 55.02 7.42 -34.75
CA ASN B 226 56.12 8.09 -34.06
C ASN B 226 55.70 8.78 -32.77
N THR B 227 54.40 9.02 -32.62
CA THR B 227 53.90 9.67 -31.41
C THR B 227 53.66 8.64 -30.29
N LEU B 228 53.82 7.37 -30.60
CA LEU B 228 53.66 6.31 -29.60
C LEU B 228 54.97 6.04 -28.89
N PRO B 229 54.90 5.55 -27.64
CA PRO B 229 56.12 5.16 -26.93
C PRO B 229 56.75 3.94 -27.62
N LYS B 230 57.97 4.13 -28.11
CA LYS B 230 58.62 3.11 -28.91
C LYS B 230 58.73 1.76 -28.21
N GLU B 231 58.94 1.77 -26.90
CA GLU B 231 59.14 0.52 -26.16
C GLU B 231 57.87 -0.35 -26.06
N LYS B 232 56.73 0.20 -26.45
CA LYS B 232 55.49 -0.57 -26.46
C LYS B 232 55.16 -1.10 -27.86
N THR B 233 56.07 -0.85 -28.80
CA THR B 233 55.91 -1.35 -30.16
C THR B 233 56.93 -2.44 -30.45
N ARG B 234 56.59 -3.31 -31.38
CA ARG B 234 57.49 -4.39 -31.78
C ARG B 234 57.32 -4.63 -33.28
N PHE B 235 58.05 -3.87 -34.09
CA PHE B 235 57.84 -3.84 -35.54
C PHE B 235 58.97 -4.50 -36.32
N GLY B 236 58.61 -5.42 -37.21
CA GLY B 236 59.57 -6.10 -38.04
C GLY B 236 59.51 -7.60 -37.81
N GLU B 237 60.54 -8.32 -38.24
CA GLU B 237 60.57 -9.76 -38.08
C GLU B 237 60.34 -10.15 -36.62
N LYS B 238 60.85 -9.34 -35.70
CA LYS B 238 60.68 -9.61 -34.28
C LYS B 238 59.22 -9.47 -33.85
N GLY B 239 58.40 -8.90 -34.73
CA GLY B 239 56.99 -8.68 -34.40
C GLY B 239 56.02 -9.61 -35.11
N LYS B 240 56.54 -10.52 -35.93
CA LYS B 240 55.67 -11.40 -36.69
C LYS B 240 54.98 -12.46 -35.82
N VAL B 241 53.65 -12.42 -35.80
CA VAL B 241 52.87 -13.40 -35.06
C VAL B 241 52.69 -14.67 -35.88
N THR B 242 52.96 -15.81 -35.26
CA THR B 242 52.87 -17.08 -35.97
C THR B 242 51.79 -17.98 -35.39
N LYS B 243 51.56 -17.88 -34.08
CA LYS B 243 50.55 -18.70 -33.42
C LYS B 243 49.74 -17.91 -32.40
N VAL B 244 48.48 -18.29 -32.24
CA VAL B 244 47.58 -17.66 -31.28
C VAL B 244 46.80 -18.72 -30.50
N ASN B 245 47.17 -18.94 -29.25
CA ASN B 245 46.45 -19.88 -28.39
C ASN B 245 45.35 -19.17 -27.60
N ALA B 246 44.14 -19.23 -28.15
CA ALA B 246 43.01 -18.50 -27.60
C ALA B 246 42.54 -19.06 -26.26
N ASN B 247 42.87 -20.32 -25.98
CA ASN B 247 42.41 -20.96 -24.75
C ASN B 247 43.15 -20.51 -23.49
N ASN B 248 44.45 -20.26 -23.61
CA ASN B 248 45.19 -19.68 -22.50
C ASN B 248 45.75 -18.29 -22.83
N LYS B 249 45.11 -17.64 -23.81
CA LYS B 249 45.40 -16.25 -24.16
C LYS B 249 46.89 -15.97 -24.28
N THR B 250 47.57 -16.75 -25.11
CA THR B 250 48.99 -16.55 -25.36
C THR B 250 49.26 -16.47 -26.85
N VAL B 251 50.13 -15.54 -27.24
CA VAL B 251 50.53 -15.40 -28.63
C VAL B 251 52.03 -15.75 -28.74
N THR B 252 52.41 -16.33 -29.87
CA THR B 252 53.80 -16.69 -30.09
C THR B 252 54.34 -16.00 -31.33
N LEU B 253 55.54 -15.43 -31.21
CA LEU B 253 56.17 -14.70 -32.30
C LEU B 253 57.15 -15.59 -33.07
N GLN B 254 57.55 -15.13 -34.26
CA GLN B 254 58.53 -15.86 -35.06
C GLN B 254 59.75 -16.26 -34.26
N ASP B 255 60.34 -15.30 -33.55
CA ASP B 255 61.55 -15.56 -32.77
C ASP B 255 61.30 -16.32 -31.48
N GLY B 256 60.08 -16.84 -31.32
CA GLY B 256 59.75 -17.69 -30.18
C GLY B 256 59.23 -16.96 -28.94
N THR B 257 59.24 -15.63 -28.98
CA THR B 257 58.70 -14.84 -27.87
C THR B 257 57.24 -15.18 -27.61
N THR B 258 56.87 -15.30 -26.34
CA THR B 258 55.47 -15.49 -25.98
C THR B 258 54.90 -14.24 -25.31
N ILE B 259 53.67 -13.89 -25.67
CA ILE B 259 53.00 -12.74 -25.08
C ILE B 259 51.63 -13.11 -24.55
N GLY B 260 51.44 -12.92 -23.25
CA GLY B 260 50.14 -13.14 -22.64
C GLY B 260 49.30 -11.89 -22.68
N TYR B 261 48.00 -12.07 -22.89
CA TYR B 261 47.10 -10.93 -22.98
C TYR B 261 45.85 -11.22 -22.17
N LYS B 262 45.07 -10.19 -21.90
CA LYS B 262 43.74 -10.36 -21.31
C LYS B 262 42.69 -10.12 -22.39
N LYS B 263 42.95 -9.14 -23.23
CA LYS B 263 42.09 -8.85 -24.38
C LYS B 263 42.97 -8.72 -25.61
N LEU B 264 42.48 -9.24 -26.74
CA LEU B 264 43.24 -9.20 -27.97
C LEU B 264 42.53 -8.33 -29.02
N VAL B 265 43.27 -7.41 -29.62
CA VAL B 265 42.75 -6.68 -30.78
C VAL B 265 43.53 -7.12 -32.00
N SER B 266 42.86 -7.87 -32.88
CA SER B 266 43.53 -8.45 -34.04
C SER B 266 43.13 -7.73 -35.33
N THR B 267 44.10 -7.14 -36.03
CA THR B 267 43.81 -6.44 -37.28
C THR B 267 44.32 -7.19 -38.51
N MET B 268 44.90 -8.37 -38.30
CA MET B 268 45.26 -9.21 -39.44
C MET B 268 44.00 -9.77 -40.08
N ALA B 269 44.09 -10.14 -41.35
CA ALA B 269 42.98 -10.78 -42.05
C ALA B 269 42.39 -11.91 -41.21
N VAL B 270 41.07 -11.94 -41.08
CA VAL B 270 40.40 -12.87 -40.16
C VAL B 270 40.57 -14.35 -40.53
N ASP B 271 40.86 -14.62 -41.79
CA ASP B 271 41.16 -16.00 -42.22
C ASP B 271 42.52 -16.44 -41.69
N PHE B 272 43.54 -15.60 -41.87
CA PHE B 272 44.84 -15.85 -41.26
C PHE B 272 44.71 -16.10 -39.76
N LEU B 273 43.94 -15.25 -39.06
CA LEU B 273 43.76 -15.41 -37.62
C LEU B 273 43.24 -16.80 -37.29
N ALA B 274 42.17 -17.22 -37.98
CA ALA B 274 41.59 -18.54 -37.76
C ALA B 274 42.67 -19.61 -37.91
N GLU B 275 43.53 -19.43 -38.91
CA GLU B 275 44.64 -20.33 -39.15
C GLU B 275 45.63 -20.27 -37.98
N ALA B 276 46.11 -19.07 -37.67
CA ALA B 276 47.02 -18.88 -36.54
C ALA B 276 46.44 -19.43 -35.25
N MET B 277 45.10 -19.44 -35.16
CA MET B 277 44.42 -19.98 -33.98
C MET B 277 44.34 -21.49 -34.02
N ASN B 278 44.51 -22.06 -35.20
CA ASN B 278 44.35 -23.50 -35.37
C ASN B 278 42.97 -23.93 -34.90
N ASP B 279 41.96 -23.12 -35.24
CA ASP B 279 40.58 -23.38 -34.81
C ASP B 279 39.73 -23.83 -35.99
N GLN B 280 39.43 -25.12 -36.04
CA GLN B 280 38.75 -25.72 -37.19
C GLN B 280 37.45 -25.01 -37.56
N GLU B 281 36.55 -24.89 -36.59
CA GLU B 281 35.27 -24.22 -36.81
C GLU B 281 35.42 -22.84 -37.45
N LEU B 282 36.35 -22.04 -36.91
CA LEU B 282 36.55 -20.68 -37.42
C LEU B 282 37.17 -20.68 -38.81
N VAL B 283 38.02 -21.67 -39.07
CA VAL B 283 38.61 -21.81 -40.38
C VAL B 283 37.50 -22.08 -41.40
N GLY B 284 36.56 -22.94 -41.01
CA GLY B 284 35.44 -23.29 -41.87
C GLY B 284 34.59 -22.09 -42.23
N LEU B 285 34.04 -21.44 -41.20
CA LEU B 285 33.25 -20.24 -41.38
C LEU B 285 34.03 -19.23 -42.21
N THR B 286 35.31 -19.10 -41.89
CA THR B 286 36.19 -18.16 -42.57
C THR B 286 36.27 -18.41 -44.07
N LYS B 287 36.16 -19.68 -44.46
CA LYS B 287 36.22 -20.06 -45.86
C LYS B 287 35.08 -19.43 -46.65
N GLN B 288 33.94 -19.23 -45.99
CA GLN B 288 32.74 -18.74 -46.66
C GLN B 288 32.86 -17.27 -47.08
N LEU B 289 33.91 -16.61 -46.63
CA LEU B 289 34.16 -15.24 -47.00
C LEU B 289 34.83 -15.20 -48.36
N PHE B 290 34.81 -14.03 -49.00
CA PHE B 290 35.40 -13.90 -50.31
C PHE B 290 36.15 -12.58 -50.43
N TYR B 291 37.26 -12.62 -51.16
CA TYR B 291 38.03 -11.40 -51.40
C TYR B 291 38.66 -11.47 -52.78
N SER B 292 39.05 -10.31 -53.28
CA SER B 292 39.75 -10.22 -54.54
C SER B 292 41.17 -9.69 -54.30
N SER B 293 42.10 -10.10 -55.15
CA SER B 293 43.46 -9.55 -55.10
C SER B 293 43.50 -8.31 -55.98
N THR B 294 44.54 -7.50 -55.84
CA THR B 294 44.65 -6.30 -56.67
C THR B 294 46.09 -5.96 -57.03
N HIS B 295 46.29 -5.60 -58.29
CA HIS B 295 47.59 -5.18 -58.78
C HIS B 295 47.67 -3.66 -58.76
N VAL B 296 48.73 -3.13 -58.17
CA VAL B 296 48.95 -1.69 -58.18
C VAL B 296 50.07 -1.36 -59.15
N ILE B 297 49.77 -0.54 -60.15
CA ILE B 297 50.72 -0.24 -61.19
C ILE B 297 51.08 1.24 -61.22
N GLY B 298 52.37 1.53 -61.32
CA GLY B 298 52.86 2.89 -61.38
C GLY B 298 53.66 3.12 -62.64
N VAL B 299 53.50 4.31 -63.22
CA VAL B 299 54.24 4.67 -64.43
C VAL B 299 54.78 6.08 -64.33
N GLY B 300 56.11 6.20 -64.23
CA GLY B 300 56.76 7.49 -64.26
C GLY B 300 57.11 7.84 -65.70
N VAL B 301 56.89 9.10 -66.07
CA VAL B 301 57.09 9.52 -67.46
C VAL B 301 57.74 10.90 -67.52
N ARG B 302 58.50 11.15 -68.58
CA ARG B 302 59.20 12.42 -68.75
C ARG B 302 58.32 13.45 -69.45
N GLY B 303 58.49 14.71 -69.05
CA GLY B 303 57.78 15.81 -69.70
C GLY B 303 57.01 16.67 -68.74
N SER B 304 56.57 17.84 -69.21
CA SER B 304 55.70 18.71 -68.44
C SER B 304 54.31 18.09 -68.40
N ARG B 305 53.46 18.58 -67.50
CA ARG B 305 52.11 18.04 -67.39
C ARG B 305 51.26 18.46 -68.59
N PRO B 306 50.82 17.47 -69.39
CA PRO B 306 49.99 17.70 -70.57
C PRO B 306 48.64 18.33 -70.19
N GLU B 307 48.17 19.25 -71.02
CA GLU B 307 46.92 19.97 -70.73
C GLU B 307 45.74 19.02 -70.65
N ARG B 308 45.82 17.90 -71.36
CA ARG B 308 44.71 16.95 -71.44
C ARG B 308 44.34 16.33 -70.09
N ILE B 309 45.27 16.31 -69.15
CA ILE B 309 45.04 15.76 -67.82
C ILE B 309 45.68 16.61 -66.73
N GLY B 310 44.88 17.42 -66.02
CA GLY B 310 45.42 18.38 -65.09
C GLY B 310 45.04 18.30 -63.62
N ASP B 311 43.93 17.62 -63.31
CA ASP B 311 43.39 17.65 -61.95
C ASP B 311 43.76 16.46 -61.05
N LYS B 312 43.82 16.74 -59.75
CA LYS B 312 44.14 15.74 -58.73
C LYS B 312 42.97 14.80 -58.53
N CYS B 313 42.68 13.98 -59.53
CA CYS B 313 41.44 13.23 -59.54
C CYS B 313 41.61 11.73 -59.73
N TRP B 314 40.60 10.98 -59.35
N TRP B 314 40.58 11.00 -59.28
CA TRP B 314 40.51 9.56 -59.68
CA TRP B 314 40.39 9.61 -59.67
C TRP B 314 39.68 9.43 -60.95
C TRP B 314 39.86 9.61 -61.09
N LEU B 315 40.12 8.54 -61.82
CA LEU B 315 39.49 8.35 -63.11
C LEU B 315 38.94 6.93 -63.15
N TYR B 316 37.69 6.79 -63.56
CA TYR B 316 37.06 5.47 -63.60
C TYR B 316 36.86 5.00 -65.03
N PHE B 317 37.07 3.70 -65.24
CA PHE B 317 37.08 3.15 -66.59
C PHE B 317 36.21 1.89 -66.72
N PRO B 318 34.94 2.09 -67.11
CA PRO B 318 33.95 1.04 -67.36
C PRO B 318 34.27 0.18 -68.58
N GLU B 319 34.83 0.79 -69.62
CA GLU B 319 34.99 0.12 -70.92
C GLU B 319 36.10 -0.93 -70.96
N ASP B 320 36.10 -1.75 -72.01
CA ASP B 320 37.03 -2.86 -72.09
C ASP B 320 38.30 -2.59 -72.92
N ASN B 321 38.63 -1.32 -73.14
CA ASN B 321 39.88 -0.97 -73.81
C ASN B 321 41.02 -0.73 -72.81
N CYS B 322 40.92 -1.40 -71.66
CA CYS B 322 41.96 -1.32 -70.62
C CYS B 322 41.57 -2.21 -69.44
N PRO B 323 42.56 -2.87 -68.82
CA PRO B 323 42.27 -3.84 -67.77
C PRO B 323 42.00 -3.18 -66.41
N PHE B 324 42.52 -1.97 -66.21
CA PHE B 324 42.35 -1.27 -64.93
C PHE B 324 40.98 -0.62 -64.76
N TYR B 325 40.50 -0.56 -63.51
CA TYR B 325 39.20 0.04 -63.22
C TYR B 325 39.32 1.48 -62.73
N ARG B 326 40.44 1.83 -62.13
CA ARG B 326 40.68 3.22 -61.75
C ARG B 326 42.14 3.62 -61.86
N ALA B 327 42.35 4.91 -62.05
CA ALA B 327 43.70 5.45 -62.21
C ALA B 327 43.71 6.91 -61.74
N THR B 328 44.91 7.44 -61.51
CA THR B 328 45.02 8.82 -61.03
C THR B 328 46.36 9.43 -61.41
N ILE B 329 46.38 10.76 -61.51
CA ILE B 329 47.62 11.48 -61.76
C ILE B 329 48.28 11.82 -60.43
N PHE B 330 49.02 10.87 -59.90
CA PHE B 330 49.61 11.00 -58.56
C PHE B 330 50.54 12.22 -58.47
N SER B 331 51.26 12.50 -59.54
CA SER B 331 52.20 13.63 -59.56
C SER B 331 51.50 14.97 -59.30
N ASN B 332 50.18 14.96 -59.42
CA ASN B 332 49.39 16.18 -59.19
C ASN B 332 49.15 16.45 -57.70
N TYR B 333 49.20 15.40 -56.88
CA TYR B 333 48.91 15.54 -55.45
C TYR B 333 50.02 16.26 -54.72
N SER B 334 51.25 16.08 -55.16
CA SER B 334 52.40 16.70 -54.51
C SER B 334 53.64 16.69 -55.40
N PRO B 335 54.39 17.80 -55.41
CA PRO B 335 55.64 17.89 -56.17
C PRO B 335 56.64 16.85 -55.69
N TYR B 336 56.43 16.32 -54.49
CA TYR B 336 57.41 15.41 -53.90
C TYR B 336 57.04 13.95 -54.08
N ASN B 337 56.11 13.67 -54.97
CA ASN B 337 55.76 12.29 -55.29
C ASN B 337 56.65 11.71 -56.38
N GLN B 338 57.48 12.55 -56.99
CA GLN B 338 58.38 12.14 -58.07
C GLN B 338 59.64 12.99 -58.08
N PRO B 339 60.73 12.48 -58.68
CA PRO B 339 62.00 13.22 -58.75
C PRO B 339 61.80 14.64 -59.29
N GLU B 340 62.63 15.56 -58.83
CA GLU B 340 62.56 16.95 -59.32
C GLU B 340 63.13 17.07 -60.73
N ALA B 341 63.00 18.25 -61.31
CA ALA B 341 63.42 18.49 -62.69
C ALA B 341 64.88 18.10 -62.94
N SER B 342 65.78 18.65 -62.14
CA SER B 342 67.22 18.47 -62.34
C SER B 342 67.68 17.01 -62.41
N LYS B 343 66.89 16.11 -61.83
CA LYS B 343 67.25 14.70 -61.83
C LYS B 343 67.26 14.12 -63.25
N LYS B 344 68.32 13.37 -63.57
CA LYS B 344 68.47 12.81 -64.91
C LYS B 344 68.21 11.31 -64.92
N LEU B 345 67.34 10.87 -65.83
CA LEU B 345 67.00 9.46 -65.94
C LEU B 345 66.92 8.99 -67.39
N PRO B 346 67.33 7.73 -67.63
CA PRO B 346 67.25 7.10 -68.94
C PRO B 346 65.85 6.61 -69.25
N THR B 347 65.48 6.57 -70.52
CA THR B 347 64.15 6.10 -70.92
C THR B 347 64.13 4.59 -71.10
N MET B 348 63.24 3.93 -70.37
CA MET B 348 63.14 2.47 -70.40
C MET B 348 62.38 2.00 -71.63
N GLN B 349 61.36 2.77 -72.01
CA GLN B 349 60.54 2.44 -73.18
C GLN B 349 59.63 3.61 -73.54
N LEU B 350 58.93 3.46 -74.66
CA LEU B 350 57.92 4.44 -75.06
C LEU B 350 56.56 3.82 -74.77
N ALA B 351 55.53 4.66 -74.68
CA ALA B 351 54.19 4.17 -74.37
C ALA B 351 53.73 3.04 -75.29
N ASP B 352 54.17 3.09 -76.55
CA ASP B 352 53.77 2.09 -77.54
C ASP B 352 54.38 0.71 -77.28
N GLY B 353 55.44 0.68 -76.47
CA GLY B 353 56.09 -0.57 -76.12
C GLY B 353 57.36 -0.82 -76.91
N SER B 354 57.96 0.24 -77.44
CA SER B 354 59.16 0.11 -78.26
C SER B 354 60.34 0.85 -77.65
N ARG B 355 61.56 0.43 -78.01
CA ARG B 355 62.77 1.02 -77.47
C ARG B 355 62.89 2.52 -77.78
N PRO B 356 63.59 3.25 -76.91
CA PRO B 356 63.76 4.71 -77.05
C PRO B 356 64.71 5.05 -78.17
N GLN B 357 64.96 6.33 -78.40
CA GLN B 357 65.88 6.76 -79.44
C GLN B 357 67.29 6.88 -78.88
N SER B 358 67.39 7.32 -77.63
CA SER B 358 68.67 7.43 -76.95
C SER B 358 68.56 6.91 -75.52
N THR B 359 69.53 6.12 -75.10
CA THR B 359 69.51 5.51 -73.77
C THR B 359 70.32 6.34 -72.77
N GLU B 360 70.53 7.61 -73.11
CA GLU B 360 71.20 8.53 -72.22
C GLU B 360 70.25 9.03 -71.13
N ALA B 361 70.81 9.37 -69.97
CA ALA B 361 70.03 9.92 -68.88
C ALA B 361 69.73 11.39 -69.14
N LYS B 362 68.44 11.75 -69.11
CA LYS B 362 68.02 13.11 -69.43
C LYS B 362 67.19 13.73 -68.31
N GLU B 363 67.25 15.06 -68.21
CA GLU B 363 66.49 15.80 -67.21
C GLU B 363 64.98 15.60 -67.30
N GLY B 364 64.26 16.27 -66.40
CA GLY B 364 62.81 16.24 -66.41
C GLY B 364 62.26 17.51 -67.04
N PRO B 365 61.15 18.04 -66.51
CA PRO B 365 60.44 17.53 -65.33
C PRO B 365 59.75 16.19 -65.57
N TYR B 366 59.14 15.64 -64.52
CA TYR B 366 58.43 14.37 -64.62
C TYR B 366 57.01 14.46 -64.09
N TRP B 367 56.16 13.53 -64.56
CA TRP B 367 54.86 13.32 -63.96
C TRP B 367 54.58 11.81 -63.85
N SER B 368 53.54 11.44 -63.11
CA SER B 368 53.36 10.04 -62.72
C SER B 368 51.91 9.58 -62.75
N ILE B 369 51.71 8.31 -63.05
CA ILE B 369 50.38 7.72 -63.11
C ILE B 369 50.35 6.43 -62.33
N MET B 370 49.25 6.20 -61.62
CA MET B 370 49.06 4.95 -60.91
C MET B 370 47.66 4.41 -61.18
N LEU B 371 47.51 3.09 -61.18
CA LEU B 371 46.25 2.48 -61.53
C LEU B 371 46.11 1.10 -60.89
N GLU B 372 44.91 0.54 -60.93
CA GLU B 372 44.64 -0.71 -60.22
C GLU B 372 43.86 -1.71 -61.07
N VAL B 373 44.17 -2.99 -60.89
CA VAL B 373 43.49 -4.06 -61.59
C VAL B 373 43.08 -5.13 -60.57
N SER B 374 41.81 -5.54 -60.61
CA SER B 374 41.33 -6.56 -59.70
C SER B 374 41.65 -7.96 -60.24
N GLU B 375 41.57 -8.96 -59.36
CA GLU B 375 41.80 -10.34 -59.75
C GLU B 375 41.01 -11.30 -58.88
N SER B 376 40.49 -12.36 -59.47
CA SER B 376 39.78 -13.37 -58.72
C SER B 376 39.63 -14.65 -59.54
N SER B 377 39.00 -15.66 -58.94
CA SER B 377 38.76 -16.92 -59.62
C SER B 377 37.77 -16.74 -60.78
N MET B 378 37.14 -15.58 -60.84
CA MET B 378 36.13 -15.30 -61.86
C MET B 378 36.65 -14.33 -62.90
N LYS B 379 37.81 -13.74 -62.63
CA LYS B 379 38.40 -12.75 -63.52
C LYS B 379 39.91 -12.75 -63.35
N PRO B 380 40.58 -13.79 -63.88
CA PRO B 380 42.03 -13.96 -63.75
C PRO B 380 42.79 -12.89 -64.51
N VAL B 381 44.07 -12.73 -64.21
CA VAL B 381 44.93 -11.82 -64.96
C VAL B 381 46.28 -12.47 -65.22
N ASN B 382 46.89 -12.14 -66.35
CA ASN B 382 48.23 -12.62 -66.65
C ASN B 382 49.26 -11.69 -66.02
N GLN B 383 49.95 -12.18 -65.00
CA GLN B 383 50.89 -11.35 -64.25
C GLN B 383 52.11 -10.93 -65.08
N GLU B 384 52.45 -11.75 -66.06
CA GLU B 384 53.58 -11.46 -66.92
C GLU B 384 53.28 -10.34 -67.92
N THR B 385 52.06 -10.32 -68.42
CA THR B 385 51.68 -9.37 -69.46
C THR B 385 50.88 -8.18 -68.94
N ILE B 386 50.49 -8.23 -67.67
CA ILE B 386 49.59 -7.21 -67.11
C ILE B 386 50.17 -5.80 -67.20
N LEU B 387 51.47 -5.66 -66.97
CA LEU B 387 52.10 -4.34 -66.98
C LEU B 387 52.00 -3.71 -68.38
N ALA B 388 52.32 -4.50 -69.40
CA ALA B 388 52.28 -4.03 -70.78
C ALA B 388 50.86 -3.68 -71.20
N ASP B 389 49.92 -4.58 -70.92
CA ASP B 389 48.52 -4.38 -71.25
C ASP B 389 47.98 -3.07 -70.66
N CYS B 390 48.30 -2.83 -69.39
CA CYS B 390 47.88 -1.61 -68.72
C CYS B 390 48.48 -0.39 -69.39
N ILE B 391 49.77 -0.45 -69.72
CA ILE B 391 50.42 0.65 -70.42
C ILE B 391 49.71 0.92 -71.75
N GLN B 392 49.38 -0.16 -72.45
CA GLN B 392 48.64 -0.07 -73.71
C GLN B 392 47.25 0.48 -73.47
N GLY B 393 46.67 0.13 -72.33
CA GLY B 393 45.37 0.64 -71.95
C GLY B 393 45.44 2.15 -71.75
N LEU B 394 46.56 2.63 -71.24
CA LEU B 394 46.76 4.05 -71.01
C LEU B 394 46.80 4.79 -72.35
N VAL B 395 47.31 4.11 -73.36
CA VAL B 395 47.31 4.65 -74.71
C VAL B 395 45.89 4.70 -75.26
N ASN B 396 45.20 3.56 -75.20
CA ASN B 396 43.83 3.46 -75.71
C ASN B 396 42.89 4.50 -75.10
N THR B 397 43.18 4.91 -73.87
CA THR B 397 42.33 5.87 -73.17
C THR B 397 42.86 7.29 -73.32
N GLU B 398 43.88 7.46 -74.16
CA GLU B 398 44.44 8.77 -74.46
C GLU B 398 45.03 9.47 -73.23
N MET B 399 45.56 8.68 -72.29
CA MET B 399 46.28 9.25 -71.18
C MET B 399 47.76 9.37 -71.53
N LEU B 400 48.24 8.41 -72.33
CA LEU B 400 49.61 8.43 -72.83
C LEU B 400 49.67 8.44 -74.35
N LYS B 401 50.35 9.44 -74.91
CA LYS B 401 50.67 9.41 -76.33
C LYS B 401 51.66 8.27 -76.57
N PRO B 402 51.56 7.61 -77.73
CA PRO B 402 52.44 6.46 -78.00
C PRO B 402 53.90 6.88 -78.02
N THR B 403 54.13 8.19 -77.98
CA THR B 403 55.47 8.76 -78.04
C THR B 403 56.02 9.13 -76.66
N ASP B 404 55.17 9.07 -75.64
CA ASP B 404 55.58 9.42 -74.28
C ASP B 404 56.68 8.51 -73.74
N GLU B 405 57.65 9.12 -73.06
CA GLU B 405 58.82 8.40 -72.56
C GLU B 405 58.59 7.86 -71.15
N ILE B 406 58.58 6.54 -71.02
CA ILE B 406 58.42 5.90 -69.73
C ILE B 406 59.75 5.79 -68.99
N VAL B 407 59.88 6.55 -67.91
CA VAL B 407 61.11 6.58 -67.13
C VAL B 407 61.14 5.52 -66.02
N SER B 408 59.99 5.23 -65.43
CA SER B 408 59.92 4.28 -64.33
C SER B 408 58.63 3.48 -64.34
N THR B 409 58.72 2.21 -63.96
CA THR B 409 57.54 1.37 -63.80
C THR B 409 57.47 0.81 -62.39
N TYR B 410 56.27 0.42 -61.98
CA TYR B 410 56.05 -0.19 -60.68
C TYR B 410 54.90 -1.17 -60.75
N HIS B 411 55.08 -2.35 -60.17
CA HIS B 411 54.05 -3.37 -60.17
C HIS B 411 54.13 -4.19 -58.89
N ARG B 412 52.99 -4.34 -58.22
CA ARG B 412 52.95 -5.14 -56.99
C ARG B 412 51.55 -5.71 -56.79
N ARG B 413 51.49 -6.99 -56.42
CA ARG B 413 50.22 -7.70 -56.29
C ARG B 413 49.91 -8.10 -54.84
N PHE B 414 48.85 -7.54 -54.29
CA PHE B 414 48.41 -7.87 -52.94
C PHE B 414 47.34 -8.95 -52.99
N ASP B 415 47.54 -10.02 -52.24
CA ASP B 415 46.61 -11.15 -52.23
C ASP B 415 45.27 -10.75 -51.62
N HIS B 416 45.31 -10.06 -50.49
CA HIS B 416 44.12 -9.52 -49.87
C HIS B 416 43.97 -8.05 -50.24
N GLY B 417 43.14 -7.75 -51.24
CA GLY B 417 43.01 -6.40 -51.73
C GLY B 417 41.70 -5.73 -51.39
N TYR B 418 40.59 -6.41 -51.68
CA TYR B 418 39.27 -5.93 -51.32
C TYR B 418 38.48 -7.05 -50.65
N PRO B 419 37.89 -6.76 -49.49
CA PRO B 419 36.93 -7.67 -48.87
C PRO B 419 35.61 -7.52 -49.63
N THR B 420 35.09 -8.60 -50.20
CA THR B 420 33.96 -8.49 -51.12
C THR B 420 32.62 -8.55 -50.41
N PRO B 421 31.80 -7.51 -50.58
CA PRO B 421 30.43 -7.52 -50.05
C PRO B 421 29.54 -8.54 -50.78
N THR B 422 29.89 -9.80 -50.68
CA THR B 422 29.08 -10.87 -51.26
C THR B 422 27.78 -11.10 -50.50
N LEU B 423 26.86 -11.80 -51.12
CA LEU B 423 25.57 -12.09 -50.52
C LEU B 423 25.70 -12.94 -49.27
N GLU B 424 26.75 -13.74 -49.20
CA GLU B 424 26.96 -14.64 -48.08
C GLU B 424 27.81 -14.05 -46.96
N ARG B 425 28.34 -12.84 -47.15
CA ARG B 425 29.26 -12.24 -46.19
C ARG B 425 28.70 -12.18 -44.77
N GLU B 426 27.58 -11.50 -44.60
CA GLU B 426 26.97 -11.32 -43.29
C GLU B 426 26.60 -12.63 -42.60
N GLY B 427 26.11 -13.59 -43.38
CA GLY B 427 25.79 -14.90 -42.84
C GLY B 427 27.00 -15.49 -42.15
N ALA B 428 28.17 -15.20 -42.70
CA ALA B 428 29.43 -15.69 -42.15
C ALA B 428 29.92 -14.83 -40.97
N LEU B 429 29.99 -13.51 -41.19
CA LEU B 429 30.51 -12.61 -40.18
C LEU B 429 29.71 -12.60 -38.87
N THR B 430 28.39 -12.76 -38.98
CA THR B 430 27.51 -12.76 -37.81
C THR B 430 27.71 -14.00 -36.94
N GLN B 431 28.55 -14.92 -37.39
CA GLN B 431 28.94 -16.06 -36.58
C GLN B 431 30.39 -15.93 -36.14
N ILE B 432 31.25 -15.52 -37.08
CA ILE B 432 32.67 -15.40 -36.84
C ILE B 432 32.99 -14.39 -35.74
N LEU B 433 32.57 -13.14 -35.93
CA LEU B 433 32.90 -12.07 -35.01
C LEU B 433 32.44 -12.33 -33.56
N PRO B 434 31.16 -12.70 -33.37
CA PRO B 434 30.66 -13.03 -32.03
C PRO B 434 31.42 -14.18 -31.36
N LYS B 435 31.79 -15.19 -32.13
CA LYS B 435 32.53 -16.32 -31.56
C LYS B 435 33.92 -15.90 -31.09
N LEU B 436 34.57 -15.04 -31.88
CA LEU B 436 35.87 -14.49 -31.50
C LEU B 436 35.70 -13.60 -30.27
N GLN B 437 34.60 -12.87 -30.25
CA GLN B 437 34.26 -12.01 -29.14
C GLN B 437 34.18 -12.79 -27.82
N ASP B 438 33.58 -13.98 -27.89
CA ASP B 438 33.39 -14.82 -26.70
C ASP B 438 34.72 -15.36 -26.17
N LYS B 439 35.78 -15.21 -26.95
CA LYS B 439 37.12 -15.60 -26.51
C LYS B 439 37.94 -14.36 -26.16
N ASP B 440 37.25 -13.22 -26.00
CA ASP B 440 37.91 -11.94 -25.75
C ASP B 440 38.86 -11.54 -26.88
N ILE B 441 38.47 -11.85 -28.10
CA ILE B 441 39.22 -11.38 -29.26
C ILE B 441 38.39 -10.41 -30.08
N TRP B 442 38.90 -9.20 -30.24
CA TRP B 442 38.26 -8.19 -31.08
C TRP B 442 38.94 -8.19 -32.43
N SER B 443 38.35 -8.88 -33.40
CA SER B 443 38.90 -8.92 -34.75
C SER B 443 38.30 -7.78 -35.55
N ARG B 444 39.14 -6.85 -36.00
CA ARG B 444 38.66 -5.60 -36.56
C ARG B 444 39.57 -5.12 -37.66
N GLY B 445 39.00 -4.40 -38.63
CA GLY B 445 39.79 -3.86 -39.73
C GLY B 445 39.25 -4.24 -41.10
N ARG B 446 39.93 -3.78 -42.14
CA ARG B 446 39.53 -4.05 -43.51
C ARG B 446 39.34 -5.55 -43.76
N PHE B 447 40.30 -6.35 -43.33
CA PHE B 447 40.15 -7.81 -43.37
C PHE B 447 40.03 -8.40 -41.98
N GLY B 448 40.10 -7.55 -40.96
CA GLY B 448 39.87 -7.98 -39.59
C GLY B 448 38.40 -8.22 -39.35
N SER B 449 37.57 -7.31 -39.86
CA SER B 449 36.12 -7.46 -39.75
C SER B 449 35.43 -7.50 -41.13
N TRP B 450 36.20 -7.23 -42.17
CA TRP B 450 35.82 -7.62 -43.54
C TRP B 450 34.65 -6.82 -44.13
N ARG B 451 34.44 -5.60 -43.66
CA ARG B 451 33.34 -4.79 -44.18
C ARG B 451 33.81 -3.57 -44.98
N TYR B 452 33.70 -3.66 -46.29
CA TYR B 452 34.16 -2.60 -47.19
C TYR B 452 33.55 -1.23 -46.89
N GLU B 453 32.27 -1.21 -46.50
CA GLU B 453 31.58 0.05 -46.17
C GLU B 453 32.38 0.90 -45.19
N VAL B 454 33.07 0.24 -44.27
CA VAL B 454 33.90 0.94 -43.29
C VAL B 454 35.34 0.49 -43.40
N GLY B 455 35.86 0.50 -44.63
CA GLY B 455 37.19 0.00 -44.91
C GLY B 455 38.19 1.08 -45.29
N ASN B 456 37.72 2.32 -45.38
CA ASN B 456 38.62 3.45 -45.59
C ASN B 456 39.56 3.63 -44.41
N GLN B 457 40.56 4.47 -44.59
CA GLN B 457 41.59 4.64 -43.56
C GLN B 457 41.03 5.24 -42.28
N ASP B 458 40.11 6.20 -42.41
CA ASP B 458 39.51 6.80 -41.22
C ASP B 458 38.60 5.79 -40.52
N HIS B 459 37.70 5.15 -41.26
CA HIS B 459 36.85 4.12 -40.68
C HIS B 459 37.66 3.07 -39.94
N SER B 460 38.73 2.59 -40.58
CA SER B 460 39.55 1.53 -40.00
C SER B 460 40.25 1.99 -38.73
N PHE B 461 40.80 3.19 -38.78
CA PHE B 461 41.42 3.80 -37.61
C PHE B 461 40.42 3.77 -36.47
N MET B 462 39.19 4.18 -36.77
CA MET B 462 38.16 4.26 -35.73
C MET B 462 37.68 2.88 -35.25
N LEU B 463 37.76 1.87 -36.10
CA LEU B 463 37.41 0.53 -35.67
C LEU B 463 38.34 0.10 -34.55
N GLY B 464 39.60 0.50 -34.66
CA GLY B 464 40.58 0.23 -33.63
C GLY B 464 40.29 1.02 -32.37
N VAL B 465 40.04 2.31 -32.55
CA VAL B 465 39.71 3.20 -31.44
C VAL B 465 38.51 2.71 -30.65
N GLU B 466 37.42 2.38 -31.36
CA GLU B 466 36.18 1.99 -30.71
C GLU B 466 36.28 0.62 -30.05
N ALA B 467 37.12 -0.26 -30.59
CA ALA B 467 37.35 -1.56 -29.96
C ALA B 467 38.00 -1.36 -28.59
N VAL B 468 39.00 -0.48 -28.54
CA VAL B 468 39.64 -0.17 -27.26
C VAL B 468 38.63 0.45 -26.31
N ASP B 469 37.79 1.34 -26.83
CA ASP B 469 36.78 1.99 -26.00
C ASP B 469 35.76 1.01 -25.44
N ASN B 470 35.50 -0.05 -26.19
CA ASN B 470 34.54 -1.06 -25.77
C ASN B 470 35.17 -1.92 -24.68
N ILE B 471 36.42 -2.27 -24.88
CA ILE B 471 37.18 -3.05 -23.92
C ILE B 471 37.31 -2.32 -22.58
N VAL B 472 37.60 -1.03 -22.64
CA VAL B 472 37.91 -0.25 -21.43
C VAL B 472 36.72 0.49 -20.82
N ASN B 473 35.96 1.19 -21.65
CA ASN B 473 34.89 2.06 -21.17
C ASN B 473 33.47 1.58 -21.52
N GLY B 474 33.37 0.43 -22.18
CA GLY B 474 32.05 -0.09 -22.54
C GLY B 474 31.30 0.74 -23.57
N ALA B 475 32.02 1.35 -24.49
CA ALA B 475 31.38 2.11 -25.56
C ALA B 475 30.76 1.17 -26.59
N VAL B 476 29.78 1.67 -27.33
CA VAL B 476 29.22 0.92 -28.44
C VAL B 476 30.20 0.96 -29.60
N GLU B 477 30.38 -0.16 -30.27
CA GLU B 477 31.20 -0.18 -31.48
C GLU B 477 30.29 0.21 -32.64
N LEU B 478 30.17 1.51 -32.85
CA LEU B 478 29.22 2.05 -33.81
C LEU B 478 29.70 1.87 -35.25
N THR B 479 30.99 2.08 -35.49
CA THR B 479 31.51 1.92 -36.85
C THR B 479 31.39 0.47 -37.31
N LEU B 480 31.62 -0.47 -36.41
CA LEU B 480 31.54 -1.89 -36.73
C LEU B 480 30.14 -2.33 -37.17
N ASN B 481 29.15 -2.01 -36.36
CA ASN B 481 27.80 -2.53 -36.59
C ASN B 481 26.81 -1.53 -37.21
N TYR B 482 27.13 -0.24 -37.19
CA TYR B 482 26.20 0.74 -37.76
C TYR B 482 26.84 1.76 -38.69
N PRO B 483 27.46 1.28 -39.78
CA PRO B 483 28.10 2.15 -40.77
C PRO B 483 27.22 3.32 -41.21
N ASP B 484 25.94 3.07 -41.45
CA ASP B 484 25.00 4.11 -41.88
C ASP B 484 24.87 5.24 -40.87
N PHE B 485 24.83 4.85 -39.60
CA PHE B 485 24.77 5.80 -38.50
C PHE B 485 25.98 6.71 -38.53
N VAL B 486 27.16 6.11 -38.58
CA VAL B 486 28.38 6.90 -38.46
C VAL B 486 28.67 7.72 -39.72
N ASN B 487 28.25 7.21 -40.88
CA ASN B 487 28.48 7.91 -42.14
C ASN B 487 27.52 9.09 -42.34
N GLY B 488 26.35 9.01 -41.72
CA GLY B 488 25.35 10.05 -41.88
C GLY B 488 25.37 11.15 -40.82
N ARG B 489 26.46 11.27 -40.09
CA ARG B 489 26.56 12.26 -39.03
C ARG B 489 27.96 12.84 -38.91
N GLN B 490 28.07 13.95 -38.19
CA GLN B 490 29.38 14.46 -37.83
C GLN B 490 29.79 13.91 -36.47
N ASN B 491 30.85 13.12 -36.44
CA ASN B 491 31.29 12.48 -35.21
C ASN B 491 32.34 13.34 -34.50
N THR B 492 31.86 14.14 -33.55
CA THR B 492 32.71 15.15 -32.92
C THR B 492 32.95 14.93 -31.43
N GLU B 493 32.27 13.95 -30.84
CA GLU B 493 32.32 13.76 -29.39
C GLU B 493 33.67 13.26 -28.89
N ARG B 494 34.28 12.34 -29.63
CA ARG B 494 35.53 11.73 -29.20
C ARG B 494 36.74 12.50 -29.71
N ARG B 495 37.58 12.93 -28.78
CA ARG B 495 38.72 13.78 -29.11
C ARG B 495 40.03 13.17 -28.61
N LEU B 496 41.14 13.58 -29.23
CA LEU B 496 42.46 13.12 -28.78
C LEU B 496 42.71 13.58 -27.35
N VAL B 497 42.04 14.66 -26.95
CA VAL B 497 42.05 15.08 -25.56
C VAL B 497 40.61 15.14 -25.03
N ASP B 498 40.27 14.19 -24.17
CA ASP B 498 38.93 14.13 -23.59
C ASP B 498 38.97 14.70 -22.17
N GLY B 499 37.80 14.91 -21.60
CA GLY B 499 37.69 15.35 -20.21
C GLY B 499 38.57 14.56 -19.25
N ALA B 500 38.62 13.25 -19.42
CA ALA B 500 39.41 12.41 -18.52
C ALA B 500 40.85 12.91 -18.39
N GLN B 501 41.44 13.33 -19.50
CA GLN B 501 42.83 13.78 -19.47
C GLN B 501 42.97 15.20 -18.92
N VAL B 502 42.00 16.06 -19.23
CA VAL B 502 41.99 17.42 -18.72
C VAL B 502 41.89 17.41 -17.19
N PHE B 503 40.91 16.68 -16.68
CA PHE B 503 40.68 16.59 -15.25
C PHE B 503 41.87 15.98 -14.51
N ALA B 504 42.49 14.97 -15.12
CA ALA B 504 43.64 14.32 -14.51
C ALA B 504 44.84 15.25 -14.43
N LYS B 505 45.08 15.99 -15.52
CA LYS B 505 46.21 16.91 -15.60
C LYS B 505 46.05 18.06 -14.60
N SER B 506 44.86 18.66 -14.60
CA SER B 506 44.55 19.79 -13.74
C SER B 506 44.67 19.40 -12.26
N LYS B 507 44.35 18.15 -11.96
CA LYS B 507 44.43 17.66 -10.61
C LYS B 507 45.88 17.54 -10.15
N ALA B 508 46.75 17.18 -11.09
CA ALA B 508 48.16 16.96 -10.78
C ALA B 508 48.93 18.27 -10.57
N GLN B 509 48.20 19.38 -10.55
CA GLN B 509 48.79 20.69 -10.37
C GLN B 509 48.36 21.32 -9.05
N LEU B 510 47.76 20.52 -8.18
CA LEU B 510 47.29 21.01 -6.88
C LEU B 510 47.93 20.23 -5.74
N THR C 1 -25.91 -26.40 -115.77
CA THR C 1 -26.51 -27.26 -114.76
C THR C 1 -26.94 -26.46 -113.53
N HIS C 2 -28.25 -26.49 -113.25
CA HIS C 2 -28.80 -25.76 -112.11
C HIS C 2 -29.12 -26.73 -110.97
N PRO C 3 -29.06 -26.24 -109.73
CA PRO C 3 -29.43 -27.07 -108.57
C PRO C 3 -30.94 -27.17 -108.49
N ASP C 4 -31.46 -28.11 -107.71
CA ASP C 4 -32.90 -28.31 -107.59
C ASP C 4 -33.63 -27.11 -106.99
N ILE C 5 -32.96 -26.39 -106.10
CA ILE C 5 -33.55 -25.23 -105.44
C ILE C 5 -32.54 -24.08 -105.40
N SER C 6 -33.02 -22.86 -105.63
CA SER C 6 -32.18 -21.68 -105.47
C SER C 6 -32.80 -20.65 -104.54
N VAL C 7 -32.00 -20.16 -103.58
CA VAL C 7 -32.46 -19.11 -102.68
C VAL C 7 -31.38 -18.04 -102.50
N ASP C 8 -31.80 -16.82 -102.18
CA ASP C 8 -30.86 -15.76 -101.88
C ASP C 8 -30.05 -16.10 -100.63
N VAL C 9 -30.72 -16.56 -99.58
CA VAL C 9 -30.07 -16.85 -98.32
C VAL C 9 -30.47 -18.23 -97.77
N LEU C 10 -29.49 -19.11 -97.62
CA LEU C 10 -29.75 -20.44 -97.08
C LEU C 10 -29.30 -20.52 -95.63
N VAL C 11 -30.15 -21.05 -94.76
CA VAL C 11 -29.81 -21.23 -93.35
C VAL C 11 -29.67 -22.70 -93.01
N ILE C 12 -28.49 -23.10 -92.57
CA ILE C 12 -28.29 -24.47 -92.11
C ILE C 12 -28.38 -24.55 -90.59
N GLY C 13 -29.33 -25.32 -90.10
CA GLY C 13 -29.52 -25.52 -88.67
C GLY C 13 -30.71 -24.76 -88.13
N ALA C 14 -31.52 -25.43 -87.32
CA ALA C 14 -32.71 -24.81 -86.76
C ALA C 14 -32.73 -24.87 -85.23
N GLY C 15 -31.57 -24.63 -84.61
CA GLY C 15 -31.52 -24.32 -83.20
C GLY C 15 -31.91 -22.86 -83.01
N PRO C 16 -31.64 -22.31 -81.81
CA PRO C 16 -31.92 -20.88 -81.61
C PRO C 16 -31.32 -19.98 -82.70
N THR C 17 -30.09 -20.22 -83.12
CA THR C 17 -29.41 -19.34 -84.06
C THR C 17 -30.06 -19.34 -85.44
N GLY C 18 -30.25 -20.53 -86.00
CA GLY C 18 -30.90 -20.66 -87.29
C GLY C 18 -32.30 -20.08 -87.28
N LEU C 19 -33.05 -20.37 -86.23
CA LEU C 19 -34.41 -19.86 -86.11
C LEU C 19 -34.44 -18.34 -86.03
N GLY C 20 -33.39 -17.76 -85.46
CA GLY C 20 -33.27 -16.32 -85.38
C GLY C 20 -33.05 -15.73 -86.76
N ALA C 21 -32.11 -16.29 -87.50
CA ALA C 21 -31.96 -15.95 -88.91
C ALA C 21 -33.28 -16.10 -89.67
N ALA C 22 -33.95 -17.24 -89.50
CA ALA C 22 -35.24 -17.48 -90.18
C ALA C 22 -36.28 -16.43 -89.80
N LYS C 23 -36.34 -16.07 -88.52
CA LYS C 23 -37.35 -15.11 -88.08
C LYS C 23 -37.13 -13.71 -88.68
N ARG C 24 -35.88 -13.25 -88.73
CA ARG C 24 -35.60 -11.94 -89.30
C ARG C 24 -35.78 -11.94 -90.82
N LEU C 25 -35.34 -13.02 -91.47
CA LEU C 25 -35.61 -13.24 -92.88
C LEU C 25 -37.11 -13.22 -93.18
N ASN C 26 -37.88 -13.89 -92.33
CA ASN C 26 -39.32 -13.95 -92.53
C ASN C 26 -40.01 -12.60 -92.29
N GLN C 27 -39.49 -11.83 -91.33
CA GLN C 27 -40.00 -10.50 -91.01
C GLN C 27 -39.67 -9.50 -92.13
N ILE C 28 -38.47 -9.61 -92.67
CA ILE C 28 -38.05 -8.70 -93.73
C ILE C 28 -38.80 -9.02 -95.01
N ASP C 29 -38.98 -10.31 -95.26
CA ASP C 29 -39.76 -10.78 -96.40
C ASP C 29 -39.33 -10.08 -97.68
N GLY C 30 -38.03 -10.13 -97.95
CA GLY C 30 -37.48 -9.56 -99.16
C GLY C 30 -36.79 -10.62 -99.99
N PRO C 31 -35.52 -10.87 -99.71
CA PRO C 31 -34.79 -11.96 -100.37
C PRO C 31 -35.39 -13.33 -100.04
N SER C 32 -35.35 -14.23 -101.02
CA SER C 32 -35.82 -15.59 -100.83
C SER C 32 -34.89 -16.31 -99.87
N TRP C 33 -35.42 -17.31 -99.16
CA TRP C 33 -34.64 -18.01 -98.14
C TRP C 33 -35.26 -19.37 -97.80
N MET C 34 -34.45 -20.27 -97.26
CA MET C 34 -34.99 -21.50 -96.69
C MET C 34 -34.08 -21.98 -95.58
N ILE C 35 -34.62 -22.83 -94.71
CA ILE C 35 -33.84 -23.35 -93.60
C ILE C 35 -33.96 -24.88 -93.53
N VAL C 36 -32.82 -25.53 -93.36
CA VAL C 36 -32.77 -26.99 -93.29
C VAL C 36 -32.16 -27.46 -91.96
N ASP C 37 -32.55 -28.65 -91.52
CA ASP C 37 -32.05 -29.24 -90.29
C ASP C 37 -32.24 -30.76 -90.33
N SER C 38 -31.19 -31.50 -89.99
CA SER C 38 -31.22 -32.96 -90.00
C SER C 38 -32.23 -33.50 -89.00
N ASN C 39 -32.60 -32.68 -88.01
CA ASN C 39 -33.58 -33.08 -87.01
C ASN C 39 -34.99 -32.68 -87.45
N GLU C 40 -35.96 -33.53 -87.15
CA GLU C 40 -37.35 -33.29 -87.55
C GLU C 40 -38.02 -32.32 -86.58
N THR C 41 -37.47 -32.23 -85.37
CA THR C 41 -37.94 -31.27 -84.39
C THR C 41 -36.90 -30.18 -84.24
N PRO C 42 -37.30 -28.92 -84.49
CA PRO C 42 -36.38 -27.79 -84.31
C PRO C 42 -36.02 -27.60 -82.85
N GLY C 43 -34.95 -26.85 -82.58
CA GLY C 43 -34.57 -26.51 -81.22
C GLY C 43 -33.11 -26.78 -80.92
N GLY C 44 -32.45 -27.53 -81.78
CA GLY C 44 -31.04 -27.85 -81.58
C GLY C 44 -30.75 -28.32 -80.17
N LEU C 45 -29.67 -27.84 -79.59
CA LEU C 45 -29.27 -28.23 -78.24
C LEU C 45 -30.06 -27.50 -77.17
N ALA C 46 -31.13 -26.82 -77.57
CA ALA C 46 -32.03 -26.19 -76.62
C ALA C 46 -33.35 -26.93 -76.63
N SER C 47 -33.31 -28.19 -77.05
CA SER C 47 -34.50 -29.04 -77.10
C SER C 47 -34.73 -29.74 -75.76
N THR C 48 -35.83 -30.50 -75.70
CA THR C 48 -36.22 -31.20 -74.49
C THR C 48 -36.57 -32.66 -74.77
N ASP C 49 -36.03 -33.58 -73.97
CA ASP C 49 -36.35 -34.99 -74.10
C ASP C 49 -37.32 -35.44 -73.02
N VAL C 50 -37.93 -36.60 -73.22
CA VAL C 50 -38.83 -37.17 -72.22
C VAL C 50 -38.60 -38.67 -72.09
N THR C 51 -38.54 -39.15 -70.86
CA THR C 51 -38.37 -40.58 -70.60
C THR C 51 -39.68 -41.32 -70.83
N PRO C 52 -39.59 -42.63 -71.10
CA PRO C 52 -40.80 -43.44 -71.31
C PRO C 52 -41.77 -43.34 -70.14
N GLU C 53 -41.28 -43.00 -68.95
CA GLU C 53 -42.15 -42.88 -67.79
C GLU C 53 -42.73 -41.47 -67.59
N GLY C 54 -42.43 -40.57 -68.51
CA GLY C 54 -43.04 -39.25 -68.51
C GLY C 54 -42.22 -38.11 -67.90
N PHE C 55 -40.91 -38.26 -67.81
CA PHE C 55 -40.06 -37.20 -67.25
C PHE C 55 -39.34 -36.36 -68.32
N LEU C 56 -39.58 -35.06 -68.29
CA LEU C 56 -38.90 -34.13 -69.20
C LEU C 56 -37.51 -33.71 -68.70
N TYR C 57 -36.56 -33.59 -69.63
CA TYR C 57 -35.25 -33.08 -69.29
C TYR C 57 -34.64 -32.21 -70.40
N ASP C 58 -34.28 -30.98 -70.06
N ASP C 58 -34.24 -31.00 -70.05
CA ASP C 58 -33.68 -30.07 -71.02
CA ASP C 58 -33.51 -30.16 -71.00
C ASP C 58 -32.25 -30.49 -71.35
C ASP C 58 -32.10 -30.68 -71.17
N VAL C 59 -31.97 -30.65 -72.65
N VAL C 59 -31.24 -29.87 -71.80
CA VAL C 59 -30.64 -31.06 -73.07
CA VAL C 59 -29.83 -30.20 -71.91
C VAL C 59 -29.62 -29.96 -72.77
C VAL C 59 -29.07 -29.43 -70.82
N GLY C 60 -29.96 -29.14 -71.78
N GLY C 60 -29.76 -29.19 -69.70
CA GLY C 60 -29.09 -28.05 -71.34
CA GLY C 60 -29.19 -28.45 -68.60
C GLY C 60 -29.53 -26.72 -71.93
C GLY C 60 -30.19 -27.49 -67.99
N GLY C 61 -30.32 -25.98 -71.18
N GLY C 61 -31.40 -28.00 -67.77
CA GLY C 61 -30.81 -24.70 -71.67
CA GLY C 61 -32.48 -27.22 -67.19
C GLY C 61 -31.61 -23.86 -70.68
C GLY C 61 -32.45 -25.76 -67.61
N HIS C 62 -32.54 -23.09 -71.22
N HIS C 62 -32.42 -25.55 -68.92
CA HIS C 62 -33.35 -22.15 -70.45
CA HIS C 62 -32.28 -24.21 -69.48
C HIS C 62 -32.60 -20.87 -70.08
C HIS C 62 -33.20 -23.18 -68.82
N VAL C 63 -33.03 -19.76 -70.65
N VAL C 63 -32.78 -21.92 -68.88
CA VAL C 63 -32.38 -18.47 -70.43
CA VAL C 63 -33.48 -20.83 -68.20
C VAL C 63 -32.82 -17.87 -69.10
C VAL C 63 -33.43 -19.55 -69.04
N ILE C 64 -31.88 -17.19 -68.43
N ILE C 64 -34.60 -19.02 -69.38
CA ILE C 64 -32.16 -16.54 -67.17
CA ILE C 64 -34.70 -17.85 -70.25
C ILE C 64 -32.42 -15.06 -67.40
C ILE C 64 -34.46 -16.53 -69.53
N PHE C 65 -31.54 -14.41 -68.16
N PHE C 65 -33.32 -15.89 -69.84
CA PHE C 65 -31.65 -12.99 -68.43
CA PHE C 65 -33.06 -14.52 -69.43
C PHE C 65 -31.67 -12.70 -69.94
C PHE C 65 -32.45 -13.73 -70.59
N SER C 66 -32.75 -12.07 -70.39
N SER C 66 -33.20 -12.78 -71.12
CA SER C 66 -32.87 -11.69 -71.80
CA SER C 66 -32.86 -12.11 -72.37
C SER C 66 -32.22 -10.33 -72.05
C SER C 66 -32.21 -10.74 -72.21
N HIS C 67 -31.27 -10.31 -72.98
N HIS C 67 -31.32 -10.41 -73.14
CA HIS C 67 -30.55 -9.08 -73.29
CA HIS C 67 -30.69 -9.09 -73.20
C HIS C 67 -31.19 -8.29 -74.43
C HIS C 67 -31.25 -8.28 -74.35
N TYR C 68 -32.26 -8.83 -75.02
CA TYR C 68 -32.84 -8.19 -76.20
C TYR C 68 -34.37 -8.19 -76.23
N LYS C 69 -34.97 -7.05 -76.53
CA LYS C 69 -36.42 -6.99 -76.75
C LYS C 69 -36.86 -7.87 -77.91
N TYR C 70 -36.04 -7.97 -78.94
CA TYR C 70 -36.41 -8.72 -80.13
C TYR C 70 -36.61 -10.20 -79.80
N PHE C 71 -35.73 -10.73 -78.97
CA PHE C 71 -35.87 -12.09 -78.45
C PHE C 71 -37.18 -12.20 -77.68
N ASP C 72 -37.47 -11.20 -76.85
CA ASP C 72 -38.73 -11.18 -76.12
C ASP C 72 -39.93 -11.18 -77.06
N ASP C 73 -39.87 -10.36 -78.10
CA ASP C 73 -40.97 -10.26 -79.05
C ASP C 73 -41.31 -11.63 -79.64
N CYS C 74 -40.27 -12.39 -79.98
CA CYS C 74 -40.48 -13.67 -80.63
C CYS C 74 -41.02 -14.72 -79.66
N LEU C 75 -40.56 -14.70 -78.41
CA LEU C 75 -41.08 -15.63 -77.42
C LEU C 75 -42.54 -15.30 -77.13
N ASP C 76 -42.85 -14.02 -77.05
CA ASP C 76 -44.22 -13.61 -76.77
C ASP C 76 -45.15 -13.99 -77.91
N GLU C 77 -44.64 -13.95 -79.14
CA GLU C 77 -45.45 -14.30 -80.31
C GLU C 77 -45.70 -15.80 -80.35
N ALA C 78 -44.67 -16.57 -80.02
CA ALA C 78 -44.76 -18.02 -80.04
C ALA C 78 -45.63 -18.55 -78.89
N LEU C 79 -45.52 -17.93 -77.73
CA LEU C 79 -46.25 -18.34 -76.52
C LEU C 79 -46.94 -17.13 -75.89
N PRO C 80 -48.07 -16.71 -76.46
CA PRO C 80 -48.72 -15.43 -76.11
C PRO C 80 -49.65 -15.46 -74.90
N LYS C 81 -49.88 -16.63 -74.31
CA LYS C 81 -50.80 -16.73 -73.18
C LYS C 81 -50.11 -16.65 -71.82
N GLU C 82 -50.67 -15.84 -70.92
CA GLU C 82 -50.16 -15.74 -69.56
C GLU C 82 -49.79 -17.10 -68.98
N ASP C 83 -50.66 -18.10 -69.17
CA ASP C 83 -50.40 -19.42 -68.60
C ASP C 83 -49.45 -20.27 -69.45
N ASP C 84 -48.81 -19.66 -70.44
CA ASP C 84 -47.78 -20.34 -71.20
C ASP C 84 -46.46 -20.29 -70.44
N TRP C 85 -46.39 -19.38 -69.47
CA TRP C 85 -45.13 -19.09 -68.78
C TRP C 85 -45.20 -19.13 -67.26
N TYR C 86 -44.19 -19.75 -66.65
CA TYR C 86 -43.98 -19.63 -65.22
C TYR C 86 -42.81 -18.70 -64.98
N THR C 87 -43.00 -17.73 -64.10
CA THR C 87 -41.94 -16.78 -63.80
C THR C 87 -41.42 -16.98 -62.36
N HIS C 88 -40.11 -17.16 -62.23
CA HIS C 88 -39.49 -17.52 -60.96
C HIS C 88 -38.41 -16.54 -60.50
N GLN C 89 -38.00 -16.66 -59.25
N GLN C 89 -38.03 -16.67 -59.25
CA GLN C 89 -36.99 -15.78 -58.67
CA GLN C 89 -36.90 -15.95 -58.70
C GLN C 89 -35.59 -16.26 -59.03
C GLN C 89 -35.79 -16.97 -58.49
N ARG C 90 -34.74 -15.32 -59.43
N ARG C 90 -34.58 -16.66 -58.95
CA ARG C 90 -33.36 -15.65 -59.81
CA ARG C 90 -33.46 -17.57 -58.82
C ARG C 90 -32.45 -15.75 -58.58
C ARG C 90 -33.17 -17.94 -57.37
N ILE C 91 -31.92 -16.95 -58.35
N ILE C 91 -33.21 -19.23 -57.07
CA ILE C 91 -31.00 -17.20 -57.26
CA ILE C 91 -32.79 -19.75 -55.78
C ILE C 91 -30.08 -18.36 -57.61
C ILE C 91 -31.61 -20.68 -56.03
N SER C 92 -29.33 -18.83 -56.61
N SER C 92 -30.42 -20.21 -55.70
CA SER C 92 -28.43 -19.96 -56.79
CA SER C 92 -29.20 -20.96 -56.02
C SER C 92 -27.71 -20.30 -55.50
C SER C 92 -28.19 -20.99 -54.88
N TYR C 93 -27.17 -21.51 -55.42
N TYR C 93 -27.48 -22.10 -54.77
CA TYR C 93 -26.47 -21.96 -54.22
CA TYR C 93 -26.49 -22.27 -53.73
C TYR C 93 -25.31 -22.87 -54.56
C TYR C 93 -25.26 -23.00 -54.26
N VAL C 94 -24.22 -22.76 -53.80
N VAL C 94 -24.12 -22.78 -53.63
CA VAL C 94 -23.05 -23.61 -54.00
CA VAL C 94 -22.91 -23.55 -53.92
C VAL C 94 -22.91 -24.62 -52.86
C VAL C 94 -22.70 -24.57 -52.81
N ARG C 95 -22.47 -25.83 -53.18
CA ARG C 95 -22.28 -26.88 -52.19
C ARG C 95 -20.85 -26.93 -51.71
N CYS C 96 -20.64 -26.47 -50.46
CA CYS C 96 -19.31 -26.44 -49.88
C CYS C 96 -19.35 -26.84 -48.40
N GLN C 97 -18.74 -27.98 -48.09
CA GLN C 97 -18.68 -28.49 -46.73
C GLN C 97 -20.05 -28.55 -46.05
N GLY C 98 -20.90 -29.44 -46.54
CA GLY C 98 -22.21 -29.68 -45.95
C GLY C 98 -23.12 -28.47 -45.85
N GLN C 99 -22.77 -27.40 -46.56
CA GLN C 99 -23.53 -26.17 -46.49
C GLN C 99 -24.04 -25.73 -47.86
N TRP C 100 -25.15 -24.99 -47.88
CA TRP C 100 -25.64 -24.37 -49.10
C TRP C 100 -25.33 -22.88 -49.09
N VAL C 101 -24.26 -22.51 -49.77
CA VAL C 101 -23.82 -21.12 -49.84
C VAL C 101 -24.52 -20.38 -50.98
N PRO C 102 -25.28 -19.34 -50.65
CA PRO C 102 -26.02 -18.50 -51.61
C PRO C 102 -25.15 -18.03 -52.78
N TYR C 103 -25.79 -17.64 -53.87
CA TYR C 103 -25.12 -17.47 -55.17
C TYR C 103 -23.89 -16.58 -55.21
N PRO C 104 -24.02 -15.29 -54.84
CA PRO C 104 -22.74 -14.59 -54.81
C PRO C 104 -21.87 -15.20 -53.71
N PHE C 105 -21.15 -16.27 -54.07
CA PHE C 105 -20.33 -17.02 -53.12
C PHE C 105 -19.59 -16.11 -52.13
N GLN C 106 -18.92 -15.08 -52.64
CA GLN C 106 -18.05 -14.26 -51.80
C GLN C 106 -18.78 -13.47 -50.72
N ASN C 107 -20.05 -13.15 -50.94
CA ASN C 107 -20.78 -12.38 -49.93
C ASN C 107 -21.36 -13.26 -48.83
N ASN C 108 -21.03 -14.55 -48.89
CA ASN C 108 -21.62 -15.50 -47.96
C ASN C 108 -20.61 -16.42 -47.30
N ILE C 109 -19.36 -15.95 -47.23
CA ILE C 109 -18.32 -16.63 -46.49
C ILE C 109 -18.82 -16.86 -45.06
N SER C 110 -19.64 -15.92 -44.58
CA SER C 110 -20.27 -16.01 -43.28
C SER C 110 -20.93 -17.37 -43.05
N MET C 111 -21.08 -18.15 -44.11
CA MET C 111 -21.71 -19.47 -43.99
C MET C 111 -20.70 -20.61 -43.96
N LEU C 112 -19.43 -20.27 -44.20
CA LEU C 112 -18.36 -21.25 -44.13
C LEU C 112 -17.80 -21.32 -42.70
N PRO C 113 -17.03 -22.37 -42.40
CA PRO C 113 -16.34 -22.43 -41.10
C PRO C 113 -15.44 -21.20 -40.93
N LYS C 114 -15.24 -20.78 -39.69
CA LYS C 114 -14.42 -19.60 -39.41
C LYS C 114 -13.01 -19.71 -39.99
N GLU C 115 -12.39 -20.88 -39.83
CA GLU C 115 -11.05 -21.10 -40.37
C GLU C 115 -11.00 -20.77 -41.87
N GLU C 116 -12.02 -21.21 -42.60
CA GLU C 116 -12.09 -20.97 -44.04
C GLU C 116 -12.32 -19.50 -44.36
N GLN C 117 -13.22 -18.86 -43.62
CA GLN C 117 -13.46 -17.44 -43.80
C GLN C 117 -12.14 -16.67 -43.76
N VAL C 118 -11.32 -16.97 -42.76
CA VAL C 118 -10.01 -16.34 -42.61
C VAL C 118 -9.17 -16.45 -43.87
N LYS C 119 -9.00 -17.68 -44.37
CA LYS C 119 -8.20 -17.88 -45.57
C LYS C 119 -8.76 -17.09 -46.76
N CYS C 120 -10.08 -16.99 -46.84
CA CYS C 120 -10.72 -16.22 -47.89
C CYS C 120 -10.47 -14.72 -47.74
N ILE C 121 -10.66 -14.20 -46.54
CA ILE C 121 -10.50 -12.77 -46.30
C ILE C 121 -9.05 -12.34 -46.49
N ASP C 122 -8.12 -13.14 -45.98
CA ASP C 122 -6.70 -12.88 -46.20
C ASP C 122 -6.41 -12.78 -47.69
N GLY C 123 -6.99 -13.71 -48.45
CA GLY C 123 -6.77 -13.76 -49.88
C GLY C 123 -7.24 -12.51 -50.60
N MET C 124 -8.38 -11.97 -50.17
CA MET C 124 -8.92 -10.76 -50.77
C MET C 124 -8.13 -9.52 -50.37
N ILE C 125 -7.64 -9.51 -49.14
CA ILE C 125 -6.83 -8.39 -48.66
C ILE C 125 -5.59 -8.24 -49.54
N ASP C 126 -4.90 -9.34 -49.78
CA ASP C 126 -3.76 -9.33 -50.69
C ASP C 126 -4.17 -8.79 -52.06
N ALA C 127 -5.18 -9.40 -52.65
CA ALA C 127 -5.64 -9.02 -53.97
C ALA C 127 -6.01 -7.54 -54.05
N ALA C 128 -6.69 -7.05 -53.02
CA ALA C 128 -7.11 -5.65 -53.01
C ALA C 128 -5.90 -4.71 -52.98
N LEU C 129 -4.84 -5.12 -52.29
CA LEU C 129 -3.63 -4.32 -52.22
C LEU C 129 -2.85 -4.29 -53.53
N GLU C 130 -2.81 -5.44 -54.21
CA GLU C 130 -2.15 -5.52 -55.52
C GLU C 130 -2.93 -4.79 -56.60
N ALA C 131 -4.25 -4.78 -56.46
CA ALA C 131 -5.11 -4.10 -57.43
C ALA C 131 -4.92 -2.59 -57.38
N ARG C 132 -4.54 -2.08 -56.21
CA ARG C 132 -4.39 -0.64 -56.03
C ARG C 132 -3.24 -0.11 -56.88
N VAL C 133 -2.38 -1.02 -57.30
CA VAL C 133 -1.11 -0.68 -57.92
C VAL C 133 -0.93 -1.35 -59.29
N ALA C 134 -1.78 -2.32 -59.60
CA ALA C 134 -1.70 -3.02 -60.88
C ALA C 134 -1.76 -2.06 -62.08
N ASN C 135 -0.95 -2.33 -63.09
CA ASN C 135 -0.95 -1.54 -64.31
C ASN C 135 -0.99 -2.43 -65.55
N THR C 136 -1.24 -3.71 -65.32
CA THR C 136 -1.38 -4.67 -66.41
C THR C 136 -2.74 -5.37 -66.28
N LYS C 137 -3.10 -6.17 -67.28
CA LYS C 137 -4.32 -6.95 -67.21
C LYS C 137 -4.02 -8.44 -67.21
N PRO C 138 -4.90 -9.25 -66.60
CA PRO C 138 -4.73 -10.69 -66.50
C PRO C 138 -4.63 -11.34 -67.88
N LYS C 139 -3.84 -12.40 -68.00
CA LYS C 139 -3.65 -13.08 -69.28
C LYS C 139 -4.34 -14.45 -69.32
N THR C 140 -4.59 -15.04 -68.15
CA THR C 140 -5.31 -16.30 -68.10
C THR C 140 -6.50 -16.21 -67.15
N PHE C 141 -7.46 -17.12 -67.32
CA PHE C 141 -8.61 -17.23 -66.43
C PHE C 141 -8.09 -17.32 -64.98
N ASP C 142 -7.02 -18.07 -64.80
CA ASP C 142 -6.46 -18.31 -63.47
C ASP C 142 -5.93 -17.03 -62.80
N GLU C 143 -5.16 -16.24 -63.55
CA GLU C 143 -4.66 -14.96 -63.03
C GLU C 143 -5.82 -14.04 -62.69
N TRP C 144 -6.84 -14.05 -63.56
CA TRP C 144 -8.02 -13.22 -63.37
C TRP C 144 -8.70 -13.58 -62.06
N ILE C 145 -8.91 -14.86 -61.83
CA ILE C 145 -9.51 -15.35 -60.59
C ILE C 145 -8.73 -14.81 -59.37
N VAL C 146 -7.43 -15.09 -59.34
CA VAL C 146 -6.59 -14.68 -58.23
C VAL C 146 -6.61 -13.17 -57.98
N ARG C 147 -6.61 -12.38 -59.05
CA ARG C 147 -6.62 -10.92 -58.92
C ARG C 147 -7.95 -10.39 -58.42
N MET C 148 -9.00 -11.17 -58.65
CA MET C 148 -10.35 -10.76 -58.27
C MET C 148 -10.75 -11.27 -56.89
N MET C 149 -10.39 -12.51 -56.59
CA MET C 149 -10.89 -13.18 -55.39
C MET C 149 -9.82 -13.43 -54.33
N GLY C 150 -8.58 -13.61 -54.76
CA GLY C 150 -7.52 -14.02 -53.86
C GLY C 150 -7.38 -15.52 -53.89
N THR C 151 -6.20 -16.01 -53.53
CA THR C 151 -5.91 -17.44 -53.59
C THR C 151 -6.83 -18.25 -52.68
N GLY C 152 -7.34 -17.61 -51.64
CA GLY C 152 -8.22 -18.29 -50.70
C GLY C 152 -9.48 -18.79 -51.39
N ILE C 153 -10.26 -17.85 -51.92
CA ILE C 153 -11.50 -18.18 -52.59
C ILE C 153 -11.24 -18.99 -53.85
N ALA C 154 -10.11 -18.72 -54.51
CA ALA C 154 -9.73 -19.46 -55.69
C ALA C 154 -9.64 -20.96 -55.40
N ASP C 155 -9.02 -21.32 -54.28
CA ASP C 155 -8.79 -22.71 -53.92
C ASP C 155 -10.04 -23.39 -53.37
N LEU C 156 -10.86 -22.63 -52.66
CA LEU C 156 -12.09 -23.15 -52.06
C LEU C 156 -13.16 -23.43 -53.11
N PHE C 157 -13.21 -22.60 -54.16
CA PHE C 157 -14.30 -22.70 -55.12
C PHE C 157 -13.86 -22.62 -56.58
N MET C 158 -13.54 -21.42 -57.05
CA MET C 158 -13.23 -21.15 -58.46
C MET C 158 -12.43 -22.23 -59.18
N ARG C 159 -11.26 -22.54 -58.66
CA ARG C 159 -10.35 -23.46 -59.35
C ARG C 159 -10.91 -24.86 -59.50
N PRO C 160 -11.28 -25.50 -58.38
CA PRO C 160 -11.83 -26.86 -58.49
C PRO C 160 -13.11 -26.90 -59.33
N TYR C 161 -14.03 -25.96 -59.10
CA TYR C 161 -15.30 -25.96 -59.81
C TYR C 161 -15.12 -25.82 -61.32
N ASN C 162 -14.35 -24.81 -61.72
CA ASN C 162 -14.18 -24.54 -63.14
C ASN C 162 -13.55 -25.69 -63.90
N PHE C 163 -12.67 -26.45 -63.24
CA PHE C 163 -12.14 -27.64 -63.87
C PHE C 163 -13.22 -28.70 -64.05
N LYS C 164 -14.16 -28.73 -63.11
CA LYS C 164 -15.25 -29.70 -63.20
C LYS C 164 -16.19 -29.33 -64.34
N VAL C 165 -16.34 -28.03 -64.57
CA VAL C 165 -17.21 -27.53 -65.62
C VAL C 165 -16.54 -27.61 -66.99
N TRP C 166 -15.36 -27.02 -67.11
CA TRP C 166 -14.72 -26.87 -68.40
C TRP C 166 -13.94 -28.11 -68.82
N ALA C 167 -13.71 -29.02 -67.88
CA ALA C 167 -12.88 -30.20 -68.12
C ALA C 167 -11.50 -29.76 -68.58
N VAL C 168 -11.12 -28.55 -68.18
CA VAL C 168 -9.83 -27.97 -68.53
C VAL C 168 -9.37 -27.14 -67.33
N PRO C 169 -8.06 -27.16 -67.04
CA PRO C 169 -7.54 -26.38 -65.91
C PRO C 169 -7.63 -24.88 -66.19
N THR C 170 -7.97 -24.10 -65.17
CA THR C 170 -8.13 -22.65 -65.30
C THR C 170 -6.93 -21.95 -65.93
N THR C 171 -5.75 -22.57 -65.83
CA THR C 171 -4.53 -21.95 -66.35
C THR C 171 -4.44 -22.04 -67.86
N LYS C 172 -5.39 -22.76 -68.47
CA LYS C 172 -5.38 -22.99 -69.91
C LYS C 172 -6.45 -22.17 -70.66
N MET C 173 -7.18 -21.35 -69.92
CA MET C 173 -8.26 -20.55 -70.50
C MET C 173 -7.97 -19.06 -70.45
N GLN C 174 -8.48 -18.33 -71.44
CA GLN C 174 -8.35 -16.88 -71.47
C GLN C 174 -9.35 -16.29 -70.48
N CYS C 175 -9.41 -14.97 -70.39
N CYS C 175 -9.45 -14.97 -70.42
CA CYS C 175 -10.30 -14.30 -69.45
CA CYS C 175 -10.30 -14.33 -69.42
C CYS C 175 -10.97 -13.08 -70.06
C CYS C 175 -11.06 -13.10 -69.93
N ALA C 176 -10.55 -12.72 -71.28
N ALA C 176 -11.09 -12.93 -71.25
CA ALA C 176 -11.19 -11.65 -72.01
CA ALA C 176 -11.84 -11.81 -71.83
C ALA C 176 -12.67 -11.95 -72.17
C ALA C 176 -13.34 -12.13 -71.93
N TRP C 177 -12.97 -13.23 -72.39
N TRP C 177 -13.75 -13.27 -71.39
CA TRP C 177 -14.34 -13.70 -72.60
CA TRP C 177 -15.07 -13.82 -71.64
C TRP C 177 -15.23 -13.39 -71.41
C TRP C 177 -16.05 -13.72 -70.46
N LEU C 178 -14.62 -13.10 -70.27
N LEU C 178 -15.52 -13.56 -69.26
CA LEU C 178 -15.37 -12.77 -69.06
CA LEU C 178 -16.30 -13.74 -68.04
C LEU C 178 -15.86 -11.33 -69.09
C LEU C 178 -17.00 -12.48 -67.52
N GLY C 179 -15.24 -10.52 -69.93
N GLY C 179 -16.94 -11.41 -68.29
CA GLY C 179 -15.63 -9.12 -70.05
CA GLY C 179 -17.54 -10.15 -67.89
C GLY C 179 -14.55 -8.16 -69.59
C GLY C 179 -18.84 -10.28 -67.12
N GLU C 180 -14.77 -6.88 -69.86
N GLU C 180 -19.77 -11.05 -67.66
CA GLU C 180 -13.82 -5.84 -69.51
CA GLU C 180 -21.10 -11.17 -67.07
C GLU C 180 -14.24 -5.09 -68.24
C GLU C 180 -21.36 -12.55 -66.48
N ARG C 181 -13.92 -5.67 -67.10
N ARG C 181 -20.30 -13.33 -66.28
CA ARG C 181 -14.24 -5.08 -65.81
CA ARG C 181 -20.43 -14.67 -65.74
C ARG C 181 -13.07 -5.27 -64.85
C ARG C 181 -19.97 -14.76 -64.28
N VAL C 182 -12.37 -4.18 -64.55
N VAL C 182 -18.78 -14.20 -64.00
CA VAL C 182 -11.16 -4.23 -63.74
CA VAL C 182 -18.19 -14.32 -62.68
C VAL C 182 -11.25 -5.16 -62.53
C VAL C 182 -18.22 -13.01 -61.90
N ALA C 183 -10.20 -5.95 -62.33
N ALA C 183 -18.71 -13.08 -60.67
CA ALA C 183 -10.16 -6.93 -61.25
CA ALA C 183 -18.91 -11.90 -59.83
C ALA C 183 -9.92 -6.29 -59.87
C ALA C 183 -17.59 -11.22 -59.44
N ALA C 184 -11.00 -5.80 -59.28
N ALA C 184 -17.69 -9.95 -59.08
CA ALA C 184 -10.94 -5.17 -57.97
CA ALA C 184 -16.54 -9.16 -58.65
C ALA C 184 -11.97 -5.78 -57.03
C ALA C 184 -16.66 -8.79 -57.17
N PRO C 185 -11.51 -6.57 -56.04
N PRO C 185 -15.97 -9.53 -56.29
CA PRO C 185 -12.38 -7.26 -55.11
CA PRO C 185 -16.07 -9.33 -54.85
C PRO C 185 -13.08 -6.28 -54.16
C PRO C 185 -15.44 -8.02 -54.39
N ASN C 186 -14.39 -6.45 -53.98
N ASN C 186 -16.10 -7.35 -53.44
CA ASN C 186 -15.12 -5.64 -53.02
CA ASN C 186 -15.58 -6.14 -52.84
C ASN C 186 -14.88 -6.17 -51.61
C ASN C 186 -15.19 -6.36 -51.37
N LEU C 187 -13.80 -5.70 -51.00
N LEU C 187 -13.95 -6.03 -51.04
CA LEU C 187 -13.37 -6.21 -49.70
CA LEU C 187 -13.43 -6.27 -49.68
C LEU C 187 -14.30 -5.75 -48.58
C LEU C 187 -14.37 -5.78 -48.60
N LYS C 188 -14.72 -4.49 -48.62
CA LYS C 188 -15.62 -3.95 -47.61
C LYS C 188 -16.91 -4.75 -47.49
N ALA C 189 -17.58 -4.95 -48.62
CA ALA C 189 -18.85 -5.69 -48.64
C ALA C 189 -18.69 -7.07 -48.01
N VAL C 190 -17.65 -7.79 -48.41
CA VAL C 190 -17.40 -9.14 -47.90
C VAL C 190 -17.14 -9.18 -46.39
N THR C 191 -16.23 -8.35 -45.89
CA THR C 191 -15.92 -8.34 -44.47
C THR C 191 -17.08 -7.82 -43.64
N THR C 192 -17.87 -6.91 -44.21
CA THR C 192 -19.03 -6.39 -43.52
C THR C 192 -20.06 -7.49 -43.30
N ASN C 193 -20.19 -8.38 -44.27
CA ASN C 193 -21.14 -9.49 -44.17
C ASN C 193 -20.66 -10.54 -43.18
N VAL C 194 -19.36 -10.78 -43.15
CA VAL C 194 -18.78 -11.72 -42.20
C VAL C 194 -18.93 -11.21 -40.77
N ILE C 195 -18.88 -9.89 -40.61
CA ILE C 195 -19.10 -9.29 -39.30
C ILE C 195 -20.56 -9.37 -38.91
N LEU C 196 -21.44 -8.93 -39.80
CA LEU C 196 -22.86 -8.85 -39.51
C LEU C 196 -23.58 -10.21 -39.53
N GLY C 197 -22.93 -11.21 -40.10
CA GLY C 197 -23.54 -12.52 -40.24
C GLY C 197 -24.75 -12.48 -41.15
N LYS C 198 -24.89 -11.37 -41.87
CA LYS C 198 -25.99 -11.15 -42.79
C LYS C 198 -25.58 -11.56 -44.21
N THR C 199 -26.55 -11.72 -45.10
CA THR C 199 -26.26 -12.23 -46.43
C THR C 199 -26.58 -11.27 -47.57
N ALA C 200 -26.28 -11.72 -48.78
CA ALA C 200 -26.59 -11.02 -50.02
C ALA C 200 -26.61 -12.04 -51.15
N GLY C 201 -27.60 -11.96 -52.02
CA GLY C 201 -27.73 -12.95 -53.08
C GLY C 201 -28.59 -12.53 -54.27
N ASN C 202 -28.21 -11.45 -54.93
CA ASN C 202 -28.94 -10.96 -56.09
C ASN C 202 -28.08 -10.74 -57.33
N TRP C 203 -26.81 -11.11 -57.24
CA TRP C 203 -25.88 -10.86 -58.34
C TRP C 203 -26.30 -11.56 -59.64
N GLY C 204 -25.70 -11.11 -60.74
CA GLY C 204 -25.98 -11.70 -62.04
C GLY C 204 -27.35 -11.30 -62.56
N PRO C 205 -27.56 -11.49 -63.87
CA PRO C 205 -28.84 -11.17 -64.49
C PRO C 205 -29.82 -12.32 -64.39
N ASN C 206 -29.46 -13.35 -63.62
CA ASN C 206 -30.27 -14.54 -63.45
C ASN C 206 -31.39 -14.38 -62.42
N ALA C 207 -31.15 -13.53 -61.42
CA ALA C 207 -32.07 -13.33 -60.31
C ALA C 207 -33.53 -13.64 -60.67
N THR C 208 -36.08 -12.05 -61.41
N THR C 208 -33.93 -13.23 -61.87
CA THR C 208 -37.09 -12.89 -62.05
CA THR C 208 -35.27 -13.56 -62.37
C THR C 208 -36.58 -13.50 -63.36
C THR C 208 -35.16 -14.31 -63.70
N PHE C 209 -37.19 -14.62 -63.74
N PHE C 209 -36.15 -15.15 -63.97
CA PHE C 209 -36.90 -15.27 -65.01
CA PHE C 209 -36.19 -15.89 -65.23
C PHE C 209 -38.08 -16.19 -65.36
C PHE C 209 -37.54 -16.54 -65.50
N ARG C 210 -38.51 -16.17 -66.61
CA ARG C 210 -39.66 -16.98 -67.01
C ARG C 210 -39.25 -18.32 -67.61
N PHE C 211 -40.07 -19.34 -67.35
CA PHE C 211 -39.83 -20.69 -67.87
C PHE C 211 -41.13 -21.21 -68.47
N PRO C 212 -41.04 -21.91 -69.60
CA PRO C 212 -42.24 -22.36 -70.31
C PRO C 212 -43.03 -23.41 -69.51
N ALA C 213 -44.32 -23.18 -69.36
CA ALA C 213 -45.22 -24.09 -68.68
C ALA C 213 -45.17 -25.53 -69.21
N ARG C 214 -45.13 -25.69 -70.53
CA ARG C 214 -45.21 -27.02 -71.12
C ARG C 214 -44.10 -27.32 -72.12
N GLY C 215 -43.70 -28.58 -72.19
CA GLY C 215 -42.77 -29.05 -73.20
C GLY C 215 -41.34 -28.65 -72.92
N GLY C 216 -41.12 -27.97 -71.80
CA GLY C 216 -39.78 -27.54 -71.43
C GLY C 216 -39.25 -26.48 -72.37
N THR C 217 -37.95 -26.21 -72.29
CA THR C 217 -37.35 -25.18 -73.11
C THR C 217 -37.58 -25.48 -74.59
N GLY C 218 -37.43 -26.75 -74.96
CA GLY C 218 -37.68 -27.20 -76.31
C GLY C 218 -39.02 -26.73 -76.86
N GLY C 219 -40.00 -26.58 -75.98
CA GLY C 219 -41.33 -26.14 -76.37
C GLY C 219 -41.33 -24.74 -76.96
N ILE C 220 -40.37 -23.92 -76.54
CA ILE C 220 -40.25 -22.57 -77.07
C ILE C 220 -39.90 -22.61 -78.55
N TRP C 221 -38.91 -23.42 -78.88
CA TRP C 221 -38.37 -23.44 -80.24
C TRP C 221 -39.31 -24.11 -81.24
N ILE C 222 -40.12 -25.06 -80.74
CA ILE C 222 -41.16 -25.66 -81.55
C ILE C 222 -42.23 -24.61 -81.87
N ALA C 223 -42.66 -23.89 -80.86
CA ALA C 223 -43.64 -22.82 -81.06
C ALA C 223 -43.13 -21.69 -81.96
N VAL C 224 -41.84 -21.37 -81.87
CA VAL C 224 -41.27 -20.32 -82.70
C VAL C 224 -41.19 -20.79 -84.15
N ALA C 225 -40.73 -22.02 -84.34
CA ALA C 225 -40.67 -22.62 -85.66
C ALA C 225 -42.04 -22.58 -86.34
N ASN C 226 -43.09 -22.89 -85.57
CA ASN C 226 -44.45 -22.91 -86.13
C ASN C 226 -44.92 -21.57 -86.69
N THR C 227 -44.22 -20.49 -86.37
CA THR C 227 -44.59 -19.17 -86.90
C THR C 227 -44.07 -19.00 -88.33
N LEU C 228 -43.14 -19.86 -88.72
CA LEU C 228 -42.54 -19.79 -90.06
C LEU C 228 -43.43 -20.43 -91.13
N PRO C 229 -43.30 -19.98 -92.38
CA PRO C 229 -43.98 -20.64 -93.51
C PRO C 229 -43.38 -22.03 -93.73
N LYS C 230 -44.16 -23.07 -93.45
CA LYS C 230 -43.66 -24.43 -93.41
C LYS C 230 -42.93 -24.85 -94.67
N GLU C 231 -43.35 -24.31 -95.81
CA GLU C 231 -42.79 -24.69 -97.10
C GLU C 231 -41.35 -24.18 -97.30
N LYS C 232 -40.92 -23.26 -96.44
CA LYS C 232 -39.54 -22.76 -96.50
C LYS C 232 -38.66 -23.50 -95.49
N THR C 233 -39.22 -24.49 -94.82
CA THR C 233 -38.44 -25.31 -93.90
C THR C 233 -38.30 -26.73 -94.43
N ARG C 234 -37.21 -27.38 -94.06
CA ARG C 234 -36.93 -28.74 -94.51
C ARG C 234 -36.29 -29.51 -93.36
N PHE C 235 -37.12 -30.03 -92.46
CA PHE C 235 -36.67 -30.62 -91.21
C PHE C 235 -36.78 -32.14 -91.20
N GLY C 236 -35.69 -32.80 -90.84
CA GLY C 236 -35.64 -34.24 -90.82
C GLY C 236 -34.48 -34.78 -91.65
N GLU C 237 -34.51 -36.06 -91.95
CA GLU C 237 -33.47 -36.68 -92.77
C GLU C 237 -33.41 -36.01 -94.14
N LYS C 238 -34.56 -35.50 -94.58
CA LYS C 238 -34.65 -34.82 -95.87
C LYS C 238 -33.96 -33.46 -95.84
N GLY C 239 -33.57 -33.02 -94.65
CA GLY C 239 -32.92 -31.73 -94.49
C GLY C 239 -31.48 -31.84 -94.02
N LYS C 240 -30.96 -33.06 -93.97
CA LYS C 240 -29.60 -33.28 -93.50
C LYS C 240 -28.57 -32.87 -94.54
N VAL C 241 -27.74 -31.89 -94.19
CA VAL C 241 -26.69 -31.41 -95.09
C VAL C 241 -25.50 -32.36 -95.04
N THR C 242 -25.07 -32.84 -96.20
CA THR C 242 -23.92 -33.75 -96.27
C THR C 242 -22.68 -33.07 -96.85
N LYS C 243 -22.88 -32.11 -97.73
CA LYS C 243 -21.77 -31.49 -98.44
C LYS C 243 -22.02 -30.01 -98.76
N VAL C 244 -20.96 -29.21 -98.67
CA VAL C 244 -21.05 -27.79 -98.95
C VAL C 244 -19.96 -27.37 -99.94
N ASN C 245 -20.35 -27.06 -101.16
CA ASN C 245 -19.41 -26.58 -102.17
C ASN C 245 -19.36 -25.06 -102.19
N ALA C 246 -18.38 -24.49 -101.49
CA ALA C 246 -18.27 -23.05 -101.36
C ALA C 246 -17.94 -22.35 -102.68
N ASN C 247 -17.30 -23.08 -103.58
CA ASN C 247 -16.83 -22.50 -104.83
C ASN C 247 -17.94 -22.11 -105.81
N ASN C 248 -18.90 -23.00 -106.02
CA ASN C 248 -20.07 -22.64 -106.83
C ASN C 248 -21.32 -22.46 -105.99
N LYS C 249 -21.12 -22.18 -104.70
CA LYS C 249 -22.20 -21.83 -103.79
C LYS C 249 -23.38 -22.79 -103.84
N THR C 250 -23.11 -24.06 -103.61
CA THR C 250 -24.15 -25.08 -103.61
C THR C 250 -24.02 -26.01 -102.41
N VAL C 251 -25.15 -26.42 -101.88
CA VAL C 251 -25.19 -27.35 -100.76
C VAL C 251 -25.87 -28.63 -101.19
N THR C 252 -25.41 -29.76 -100.67
CA THR C 252 -26.00 -31.06 -101.01
C THR C 252 -26.63 -31.73 -99.81
N LEU C 253 -27.87 -32.18 -99.98
CA LEU C 253 -28.61 -32.86 -98.92
C LEU C 253 -28.45 -34.38 -98.98
N GLN C 254 -28.87 -35.05 -97.91
CA GLN C 254 -28.75 -36.51 -97.81
C GLN C 254 -29.47 -37.23 -98.94
N ASP C 255 -30.69 -36.78 -99.23
CA ASP C 255 -31.49 -37.39 -100.29
C ASP C 255 -31.03 -36.94 -101.67
N GLY C 256 -29.87 -36.30 -101.74
CA GLY C 256 -29.28 -35.91 -103.00
C GLY C 256 -29.70 -34.55 -103.53
N THR C 257 -30.68 -33.93 -102.87
CA THR C 257 -31.12 -32.59 -103.25
C THR C 257 -29.95 -31.60 -103.26
N THR C 258 -29.95 -30.71 -104.23
CA THR C 258 -28.94 -29.67 -104.32
C THR C 258 -29.59 -28.32 -104.15
N ILE C 259 -28.94 -27.44 -103.38
CA ILE C 259 -29.48 -26.10 -103.14
C ILE C 259 -28.44 -25.03 -103.45
N GLY C 260 -28.80 -24.10 -104.32
CA GLY C 260 -27.93 -22.99 -104.64
C GLY C 260 -28.25 -21.78 -103.76
N TYR C 261 -27.22 -21.07 -103.34
CA TYR C 261 -27.39 -19.91 -102.47
C TYR C 261 -26.52 -18.74 -102.90
N LYS C 262 -26.93 -17.54 -102.52
CA LYS C 262 -26.07 -16.37 -102.70
C LYS C 262 -25.33 -16.08 -101.42
N LYS C 263 -25.99 -16.32 -100.28
CA LYS C 263 -25.40 -16.11 -98.97
C LYS C 263 -25.76 -17.28 -98.05
N LEU C 264 -24.77 -17.80 -97.35
CA LEU C 264 -24.99 -18.92 -96.45
C LEU C 264 -24.80 -18.52 -95.00
N VAL C 265 -25.82 -18.76 -94.17
CA VAL C 265 -25.71 -18.67 -92.72
C VAL C 265 -25.68 -20.09 -92.18
N SER C 266 -24.52 -20.51 -91.68
CA SER C 266 -24.35 -21.87 -91.19
C SER C 266 -24.26 -21.91 -89.66
N THR C 267 -25.14 -22.69 -89.03
CA THR C 267 -25.15 -22.78 -87.58
C THR C 267 -24.64 -24.13 -87.04
N MET C 268 -24.18 -24.99 -87.93
CA MET C 268 -23.56 -26.24 -87.49
C MET C 268 -22.21 -25.94 -86.87
N ALA C 269 -21.69 -26.86 -86.05
CA ALA C 269 -20.36 -26.69 -85.48
C ALA C 269 -19.36 -26.38 -86.59
N VAL C 270 -18.54 -25.36 -86.40
CA VAL C 270 -17.67 -24.86 -87.46
C VAL C 270 -16.68 -25.93 -87.93
N ASP C 271 -16.37 -26.87 -87.05
CA ASP C 271 -15.47 -27.97 -87.41
C ASP C 271 -16.14 -28.99 -88.33
N PHE C 272 -17.46 -29.15 -88.20
CA PHE C 272 -18.22 -29.98 -89.13
C PHE C 272 -18.35 -29.29 -90.49
N LEU C 273 -18.52 -27.97 -90.48
CA LEU C 273 -18.63 -27.21 -91.71
C LEU C 273 -17.38 -27.41 -92.56
N ALA C 274 -16.22 -27.33 -91.92
CA ALA C 274 -14.95 -27.54 -92.62
C ALA C 274 -14.92 -28.90 -93.31
N GLU C 275 -15.35 -29.94 -92.58
CA GLU C 275 -15.37 -31.28 -93.13
C GLU C 275 -16.31 -31.33 -94.33
N ALA C 276 -17.53 -30.86 -94.14
CA ALA C 276 -18.53 -30.87 -95.20
C ALA C 276 -18.09 -30.07 -96.41
N MET C 277 -17.19 -29.11 -96.20
CA MET C 277 -16.67 -28.27 -97.28
C MET C 277 -15.54 -28.95 -98.05
N ASN C 278 -14.94 -29.98 -97.44
CA ASN C 278 -13.75 -30.59 -98.00
C ASN C 278 -12.65 -29.55 -98.19
N ASP C 279 -12.42 -28.75 -97.18
CA ASP C 279 -11.41 -27.70 -97.23
C ASP C 279 -10.34 -28.00 -96.19
N GLN C 280 -9.16 -28.38 -96.66
CA GLN C 280 -8.08 -28.80 -95.78
C GLN C 280 -7.59 -27.68 -94.86
N GLU C 281 -7.40 -26.50 -95.43
CA GLU C 281 -6.92 -25.36 -94.64
C GLU C 281 -7.85 -25.11 -93.45
N LEU C 282 -9.15 -25.09 -93.70
CA LEU C 282 -10.12 -24.83 -92.65
C LEU C 282 -10.25 -25.99 -91.66
N VAL C 283 -10.25 -27.21 -92.18
CA VAL C 283 -10.27 -28.39 -91.33
C VAL C 283 -9.11 -28.31 -90.35
N GLY C 284 -7.97 -27.83 -90.84
CA GLY C 284 -6.79 -27.66 -90.01
C GLY C 284 -7.01 -26.63 -88.92
N LEU C 285 -7.20 -25.38 -89.31
CA LEU C 285 -7.44 -24.31 -88.36
C LEU C 285 -8.53 -24.72 -87.37
N THR C 286 -9.52 -25.43 -87.88
CA THR C 286 -10.63 -25.89 -87.08
C THR C 286 -10.17 -26.78 -85.91
N LYS C 287 -9.07 -27.50 -86.12
CA LYS C 287 -8.54 -28.43 -85.12
C LYS C 287 -8.01 -27.70 -83.90
N GLN C 288 -7.52 -26.48 -84.10
CA GLN C 288 -6.89 -25.71 -83.03
C GLN C 288 -7.92 -25.26 -82.01
N LEU C 289 -9.20 -25.50 -82.30
CA LEU C 289 -10.28 -25.17 -81.38
C LEU C 289 -10.48 -26.33 -80.40
N PHE C 290 -11.13 -26.05 -79.27
CA PHE C 290 -11.33 -27.07 -78.25
C PHE C 290 -12.76 -27.03 -77.72
N TYR C 291 -13.30 -28.20 -77.39
CA TYR C 291 -14.61 -28.29 -76.75
C TYR C 291 -14.67 -29.46 -75.80
N SER C 292 -15.62 -29.40 -74.87
CA SER C 292 -15.88 -30.49 -73.95
C SER C 292 -17.24 -31.07 -74.24
N SER C 293 -17.36 -32.40 -74.14
CA SER C 293 -18.65 -33.05 -74.26
C SER C 293 -19.34 -32.97 -72.91
N THR C 294 -20.63 -33.22 -72.87
CA THR C 294 -21.35 -33.15 -71.60
C THR C 294 -22.43 -34.22 -71.47
N HIS C 295 -22.51 -34.81 -70.28
CA HIS C 295 -23.49 -35.84 -70.00
C HIS C 295 -24.66 -35.24 -69.23
N VAL C 296 -25.85 -35.37 -69.80
CA VAL C 296 -27.06 -34.93 -69.10
C VAL C 296 -27.75 -36.12 -68.42
N ILE C 297 -27.77 -36.09 -67.09
CA ILE C 297 -28.34 -37.17 -66.31
C ILE C 297 -29.67 -36.77 -65.69
N GLY C 298 -30.71 -37.57 -65.95
CA GLY C 298 -32.01 -37.29 -65.37
C GLY C 298 -32.35 -38.32 -64.31
N VAL C 299 -32.99 -37.87 -63.22
CA VAL C 299 -33.44 -38.78 -62.18
C VAL C 299 -34.82 -38.40 -61.66
N GLY C 300 -35.79 -39.26 -61.93
CA GLY C 300 -37.14 -39.09 -61.40
C GLY C 300 -37.29 -39.89 -60.13
N VAL C 301 -37.99 -39.33 -59.16
CA VAL C 301 -38.11 -39.97 -57.85
C VAL C 301 -39.47 -39.70 -57.20
N ARG C 302 -40.05 -40.75 -56.61
CA ARG C 302 -41.35 -40.63 -55.94
C ARG C 302 -41.23 -39.84 -54.65
N GLY C 303 -42.29 -39.11 -54.30
CA GLY C 303 -42.34 -38.42 -53.03
C GLY C 303 -42.81 -36.99 -53.17
N SER C 304 -43.28 -36.42 -52.07
CA SER C 304 -43.59 -35.00 -52.01
C SER C 304 -42.28 -34.22 -52.05
N ARG C 305 -42.35 -32.94 -52.43
CA ARG C 305 -41.16 -32.12 -52.52
C ARG C 305 -40.55 -31.94 -51.13
N PRO C 306 -39.40 -32.59 -50.88
CA PRO C 306 -38.75 -32.52 -49.57
C PRO C 306 -38.37 -31.08 -49.23
N GLU C 307 -38.70 -30.63 -48.02
CA GLU C 307 -38.42 -29.26 -47.63
C GLU C 307 -36.92 -29.02 -47.48
N ARG C 308 -36.16 -30.10 -47.41
CA ARG C 308 -34.71 -30.03 -47.41
C ARG C 308 -34.24 -29.54 -48.78
N ILE C 309 -35.03 -29.85 -49.80
CA ILE C 309 -34.77 -29.35 -51.15
C ILE C 309 -35.31 -27.93 -51.28
N GLY C 310 -36.61 -27.76 -51.09
CA GLY C 310 -37.24 -26.46 -51.13
C GLY C 310 -37.41 -25.93 -52.54
N ASP C 311 -37.09 -24.65 -52.74
CA ASP C 311 -37.23 -24.02 -54.06
C ASP C 311 -35.90 -23.80 -54.75
N LYS C 312 -34.94 -24.69 -54.50
CA LYS C 312 -33.64 -24.61 -55.16
C LYS C 312 -33.84 -24.69 -56.67
N CYS C 313 -33.00 -23.98 -57.41
CA CYS C 313 -33.02 -24.06 -58.87
C CYS C 313 -31.73 -24.74 -59.33
N TRP C 314 -30.66 -23.99 -59.56
N TRP C 314 -30.69 -23.93 -59.54
CA TRP C 314 -29.39 -24.67 -59.87
CA TRP C 314 -29.33 -24.40 -59.79
C TRP C 314 -28.36 -24.57 -58.75
C TRP C 314 -28.63 -24.71 -58.47
N LEU C 315 -27.78 -25.73 -58.46
CA LEU C 315 -26.86 -25.92 -57.36
C LEU C 315 -25.49 -26.22 -57.93
N TYR C 316 -24.45 -25.67 -57.31
CA TYR C 316 -23.09 -25.82 -57.82
C TYR C 316 -22.26 -26.74 -56.94
N PHE C 317 -21.45 -27.59 -57.56
CA PHE C 317 -20.74 -28.64 -56.84
C PHE C 317 -19.24 -28.67 -57.11
N PRO C 318 -18.48 -27.81 -56.42
CA PRO C 318 -17.02 -27.70 -56.51
C PRO C 318 -16.28 -28.94 -55.99
N GLU C 319 -16.83 -29.58 -54.96
CA GLU C 319 -16.13 -30.66 -54.26
C GLU C 319 -16.06 -31.97 -55.04
N ASP C 320 -15.22 -32.88 -54.58
CA ASP C 320 -14.92 -34.11 -55.31
C ASP C 320 -15.77 -35.32 -54.89
N ASN C 321 -16.85 -35.07 -54.15
CA ASN C 321 -17.70 -36.18 -53.72
C ASN C 321 -18.79 -36.51 -54.73
N CYS C 322 -18.72 -35.89 -55.90
CA CYS C 322 -19.69 -36.14 -56.98
C CYS C 322 -19.12 -35.75 -58.34
N PRO C 323 -19.56 -36.44 -59.39
CA PRO C 323 -19.04 -36.21 -60.74
C PRO C 323 -19.60 -34.93 -61.36
N PHE C 324 -20.84 -34.61 -61.02
CA PHE C 324 -21.52 -33.48 -61.64
C PHE C 324 -21.10 -32.14 -61.07
N TYR C 325 -21.11 -31.10 -61.91
CA TYR C 325 -20.72 -29.76 -61.50
C TYR C 325 -21.92 -28.87 -61.20
N ARG C 326 -23.07 -29.22 -61.79
CA ARG C 326 -24.27 -28.41 -61.63
C ARG C 326 -25.49 -29.32 -61.65
N ALA C 327 -26.50 -28.96 -60.87
CA ALA C 327 -27.72 -29.77 -60.78
C ALA C 327 -28.91 -28.86 -60.55
N THR C 328 -30.08 -29.28 -61.01
CA THR C 328 -31.27 -28.48 -60.79
C THR C 328 -32.48 -29.31 -60.39
N ILE C 329 -33.36 -28.71 -59.61
CA ILE C 329 -34.63 -29.35 -59.29
C ILE C 329 -35.62 -28.96 -60.36
N PHE C 330 -35.56 -29.69 -61.47
CA PHE C 330 -36.36 -29.38 -62.65
C PHE C 330 -37.85 -29.36 -62.35
N SER C 331 -38.29 -30.25 -61.47
CA SER C 331 -39.71 -30.35 -61.12
C SER C 331 -40.23 -29.08 -60.45
N ASN C 332 -39.30 -28.23 -60.02
CA ASN C 332 -39.67 -26.94 -59.44
C ASN C 332 -40.05 -25.89 -60.49
N TYR C 333 -39.55 -26.03 -61.71
CA TYR C 333 -39.78 -25.02 -62.74
C TYR C 333 -41.22 -25.03 -63.26
N SER C 334 -41.79 -26.22 -63.37
CA SER C 334 -43.15 -26.37 -63.89
C SER C 334 -43.79 -27.68 -63.41
N PRO C 335 -45.08 -27.63 -63.09
CA PRO C 335 -45.81 -28.84 -62.70
C PRO C 335 -45.94 -29.82 -63.86
N TYR C 336 -45.47 -29.43 -65.04
CA TYR C 336 -45.64 -30.27 -66.23
C TYR C 336 -44.34 -30.92 -66.71
N ASN C 337 -43.29 -30.80 -65.91
CA ASN C 337 -42.01 -31.43 -66.25
C ASN C 337 -41.96 -32.91 -65.87
N GLN C 338 -42.98 -33.35 -65.13
CA GLN C 338 -43.06 -34.75 -64.67
C GLN C 338 -44.52 -35.16 -64.48
N PRO C 339 -44.79 -36.47 -64.44
CA PRO C 339 -46.16 -36.96 -64.39
C PRO C 339 -46.92 -36.40 -63.18
N GLU C 340 -48.23 -36.29 -63.31
CA GLU C 340 -49.07 -35.88 -62.19
C GLU C 340 -49.13 -37.02 -61.16
N ALA C 341 -49.65 -36.72 -59.97
CA ALA C 341 -49.65 -37.69 -58.88
C ALA C 341 -50.40 -38.98 -59.19
N SER C 342 -51.58 -38.85 -59.80
CA SER C 342 -52.43 -40.01 -60.09
C SER C 342 -51.73 -41.08 -60.91
N LYS C 343 -50.75 -40.68 -61.72
CA LYS C 343 -49.98 -41.62 -62.53
C LYS C 343 -49.27 -42.65 -61.64
N LYS C 344 -49.31 -43.92 -62.04
CA LYS C 344 -48.72 -44.99 -61.26
C LYS C 344 -47.47 -45.56 -61.92
N LEU C 345 -46.38 -45.60 -61.15
CA LEU C 345 -45.11 -46.09 -61.66
C LEU C 345 -44.42 -47.01 -60.66
N PRO C 346 -43.74 -48.05 -61.17
CA PRO C 346 -42.96 -48.97 -60.33
C PRO C 346 -41.59 -48.40 -60.00
N THR C 347 -41.06 -48.73 -58.82
CA THR C 347 -39.73 -48.29 -58.45
C THR C 347 -38.68 -49.12 -59.19
N MET C 348 -37.76 -48.42 -59.85
CA MET C 348 -36.68 -49.09 -60.58
C MET C 348 -35.54 -49.47 -59.65
N GLN C 349 -35.31 -48.63 -58.64
CA GLN C 349 -34.24 -48.88 -57.68
C GLN C 349 -34.31 -47.86 -56.54
N LEU C 350 -33.52 -48.09 -55.50
CA LEU C 350 -33.40 -47.15 -54.40
C LEU C 350 -32.10 -46.35 -54.57
N ALA C 351 -32.07 -45.14 -54.05
CA ALA C 351 -30.93 -44.26 -54.22
C ALA C 351 -29.61 -44.98 -53.93
N ASP C 352 -29.63 -45.86 -52.92
CA ASP C 352 -28.44 -46.59 -52.51
C ASP C 352 -27.98 -47.60 -53.54
N GLY C 353 -28.89 -48.02 -54.42
CA GLY C 353 -28.56 -48.93 -55.50
C GLY C 353 -29.21 -50.29 -55.38
N SER C 354 -29.91 -50.51 -54.27
CA SER C 354 -30.54 -51.80 -54.02
C SER C 354 -31.94 -51.86 -54.63
N ARG C 355 -32.49 -53.07 -54.73
CA ARG C 355 -33.81 -53.26 -55.29
C ARG C 355 -34.92 -52.75 -54.36
N PRO C 356 -36.07 -52.40 -54.93
CA PRO C 356 -37.22 -51.89 -54.16
C PRO C 356 -37.98 -53.02 -53.48
N GLN C 357 -38.52 -52.74 -52.30
CA GLN C 357 -39.25 -53.75 -51.53
C GLN C 357 -40.42 -54.34 -52.31
N SER C 358 -40.99 -53.56 -53.22
CA SER C 358 -42.09 -54.02 -54.06
C SER C 358 -41.94 -53.50 -55.49
N THR C 359 -42.20 -54.37 -56.46
CA THR C 359 -42.13 -53.98 -57.86
C THR C 359 -43.53 -53.74 -58.42
N GLU C 360 -44.40 -53.17 -57.61
CA GLU C 360 -45.74 -52.84 -58.02
C GLU C 360 -45.86 -51.34 -58.32
N ALA C 361 -46.61 -51.01 -59.36
CA ALA C 361 -46.81 -49.61 -59.74
C ALA C 361 -47.57 -48.84 -58.66
N LYS C 362 -46.99 -47.75 -58.18
CA LYS C 362 -47.62 -46.95 -57.13
C LYS C 362 -47.77 -45.48 -57.56
N GLU C 363 -48.59 -44.75 -56.82
CA GLU C 363 -48.86 -43.35 -57.12
C GLU C 363 -47.68 -42.42 -56.85
N GLY C 364 -47.91 -41.13 -57.07
CA GLY C 364 -46.94 -40.10 -56.75
C GLY C 364 -47.32 -39.44 -55.44
N PRO C 365 -47.12 -38.12 -55.33
CA PRO C 365 -46.57 -37.20 -56.34
C PRO C 365 -45.14 -37.53 -56.75
N TYR C 366 -44.58 -36.73 -57.64
CA TYR C 366 -43.22 -36.93 -58.12
C TYR C 366 -42.42 -35.63 -58.12
N TRP C 367 -41.10 -35.76 -58.03
CA TRP C 367 -40.19 -34.65 -58.25
C TRP C 367 -38.99 -35.12 -59.09
N SER C 368 -38.16 -34.19 -59.56
CA SER C 368 -37.18 -34.53 -60.58
C SER C 368 -35.87 -33.73 -60.47
N ILE C 369 -34.76 -34.39 -60.81
CA ILE C 369 -33.45 -33.77 -60.72
C ILE C 369 -32.67 -33.99 -62.02
N MET C 370 -31.98 -32.96 -62.45
CA MET C 370 -31.12 -33.03 -63.64
C MET C 370 -29.68 -32.66 -63.30
N LEU C 371 -28.74 -33.47 -63.78
CA LEU C 371 -27.33 -33.32 -63.49
C LEU C 371 -26.54 -33.15 -64.78
N GLU C 372 -25.39 -32.48 -64.68
CA GLU C 372 -24.49 -32.38 -65.82
C GLU C 372 -23.08 -32.79 -65.43
N VAL C 373 -22.42 -33.55 -66.30
CA VAL C 373 -21.04 -33.95 -66.09
C VAL C 373 -20.27 -33.67 -67.36
N SER C 374 -19.12 -33.01 -67.23
CA SER C 374 -18.31 -32.67 -68.39
C SER C 374 -17.25 -33.73 -68.69
N GLU C 375 -16.87 -33.82 -69.96
CA GLU C 375 -15.86 -34.81 -70.39
C GLU C 375 -14.92 -34.21 -71.43
N SER C 376 -13.66 -34.62 -71.39
CA SER C 376 -12.67 -34.20 -72.37
C SER C 376 -11.42 -35.05 -72.29
N SER C 377 -10.50 -34.85 -73.23
CA SER C 377 -9.24 -35.57 -73.26
C SER C 377 -8.44 -35.40 -71.96
N MET C 378 -8.78 -34.39 -71.17
CA MET C 378 -8.08 -34.14 -69.91
C MET C 378 -8.89 -34.61 -68.71
N LYS C 379 -10.15 -34.97 -68.95
CA LYS C 379 -11.04 -35.39 -67.87
C LYS C 379 -12.06 -36.40 -68.39
N PRO C 380 -11.62 -37.66 -68.60
CA PRO C 380 -12.48 -38.71 -69.15
C PRO C 380 -13.57 -39.15 -68.18
N VAL C 381 -14.58 -39.86 -68.68
CA VAL C 381 -15.61 -40.43 -67.84
C VAL C 381 -16.01 -41.82 -68.31
N ASN C 382 -16.33 -42.69 -67.36
CA ASN C 382 -16.81 -44.03 -67.69
C ASN C 382 -18.31 -44.01 -67.93
N GLN C 383 -18.69 -44.24 -69.18
CA GLN C 383 -20.10 -44.09 -69.58
C GLN C 383 -21.01 -45.15 -68.96
N GLU C 384 -20.49 -46.36 -68.76
CA GLU C 384 -21.27 -47.44 -68.16
C GLU C 384 -21.58 -47.17 -66.69
N THR C 385 -20.64 -46.52 -66.00
CA THR C 385 -20.76 -46.32 -64.55
C THR C 385 -21.25 -44.92 -64.18
N ILE C 386 -21.11 -43.97 -65.10
CA ILE C 386 -21.38 -42.58 -64.80
C ILE C 386 -22.78 -42.34 -64.20
N LEU C 387 -23.77 -43.08 -64.67
CA LEU C 387 -25.14 -42.92 -64.17
C LEU C 387 -25.22 -43.26 -62.69
N ALA C 388 -24.67 -44.42 -62.32
CA ALA C 388 -24.67 -44.85 -60.93
C ALA C 388 -23.89 -43.86 -60.09
N ASP C 389 -22.68 -43.54 -60.52
CA ASP C 389 -21.80 -42.60 -59.81
C ASP C 389 -22.52 -41.29 -59.48
N CYS C 390 -23.34 -40.82 -60.41
CA CYS C 390 -24.10 -39.59 -60.20
C CYS C 390 -25.14 -39.78 -59.12
N ILE C 391 -25.87 -40.89 -59.18
CA ILE C 391 -26.88 -41.20 -58.18
C ILE C 391 -26.23 -41.30 -56.80
N GLN C 392 -25.08 -41.94 -56.75
CA GLN C 392 -24.31 -42.03 -55.50
C GLN C 392 -23.92 -40.63 -55.04
N GLY C 393 -23.53 -39.78 -55.99
CA GLY C 393 -23.15 -38.42 -55.69
C GLY C 393 -24.31 -37.63 -55.13
N LEU C 394 -25.52 -37.94 -55.59
CA LEU C 394 -26.71 -37.29 -55.07
C LEU C 394 -26.91 -37.66 -53.61
N VAL C 395 -26.47 -38.87 -53.25
CA VAL C 395 -26.52 -39.31 -51.86
C VAL C 395 -25.51 -38.52 -51.02
N ASN C 396 -24.24 -38.59 -51.39
CA ASN C 396 -23.17 -37.91 -50.66
C ASN C 396 -23.45 -36.43 -50.42
N THR C 397 -24.25 -35.84 -51.29
CA THR C 397 -24.56 -34.41 -51.20
C THR C 397 -25.84 -34.17 -50.41
N GLU C 398 -26.47 -35.25 -49.96
CA GLU C 398 -27.70 -35.15 -49.19
C GLU C 398 -28.86 -34.60 -50.02
N MET C 399 -28.82 -34.82 -51.32
CA MET C 399 -29.95 -34.45 -52.17
C MET C 399 -30.95 -35.60 -52.17
N LEU C 400 -30.44 -36.81 -52.27
CA LEU C 400 -31.27 -38.00 -52.17
C LEU C 400 -30.91 -38.82 -50.93
N LYS C 401 -31.91 -39.12 -50.11
CA LYS C 401 -31.73 -40.06 -49.01
C LYS C 401 -31.49 -41.43 -49.63
N PRO C 402 -30.69 -42.27 -48.97
CA PRO C 402 -30.43 -43.60 -49.52
C PRO C 402 -31.73 -44.40 -49.62
N THR C 403 -32.81 -43.84 -49.06
CA THR C 403 -34.09 -44.53 -49.00
C THR C 403 -35.02 -44.17 -50.16
N ASP C 404 -34.75 -43.03 -50.81
CA ASP C 404 -35.61 -42.53 -51.88
C ASP C 404 -35.81 -43.51 -53.04
N GLU C 405 -37.02 -43.52 -53.58
CA GLU C 405 -37.38 -44.45 -54.64
C GLU C 405 -37.19 -43.83 -56.02
N ILE C 406 -36.30 -44.40 -56.82
CA ILE C 406 -36.04 -43.88 -58.14
C ILE C 406 -36.96 -44.51 -59.17
N VAL C 407 -37.84 -43.67 -59.74
CA VAL C 407 -38.83 -44.12 -60.71
C VAL C 407 -38.31 -44.02 -62.14
N SER C 408 -37.40 -43.07 -62.39
CA SER C 408 -36.98 -42.81 -63.75
C SER C 408 -35.52 -42.35 -63.86
N THR C 409 -34.79 -42.94 -64.80
CA THR C 409 -33.44 -42.47 -65.10
C THR C 409 -33.33 -42.00 -66.56
N TYR C 410 -32.45 -41.03 -66.79
CA TYR C 410 -32.18 -40.52 -68.14
C TYR C 410 -30.70 -40.19 -68.31
N HIS C 411 -30.12 -40.64 -69.41
CA HIS C 411 -28.72 -40.37 -69.70
C HIS C 411 -28.45 -40.18 -71.19
N ARG C 412 -27.77 -39.10 -71.52
CA ARG C 412 -27.44 -38.81 -72.91
C ARG C 412 -26.16 -37.98 -72.98
N ARG C 413 -25.24 -38.41 -73.82
CA ARG C 413 -23.96 -37.73 -73.99
C ARG C 413 -23.93 -36.88 -75.26
N PHE C 414 -23.66 -35.59 -75.09
CA PHE C 414 -23.57 -34.68 -76.23
C PHE C 414 -22.13 -34.38 -76.56
N ASP C 415 -21.69 -34.81 -77.74
CA ASP C 415 -20.29 -34.66 -78.13
C ASP C 415 -19.87 -33.20 -78.03
N HIS C 416 -20.59 -32.32 -78.72
CA HIS C 416 -20.33 -30.89 -78.65
C HIS C 416 -21.21 -30.27 -77.58
N GLY C 417 -20.62 -29.93 -76.44
CA GLY C 417 -21.39 -29.39 -75.34
C GLY C 417 -21.03 -27.96 -74.96
N TYR C 418 -19.75 -27.69 -74.73
CA TYR C 418 -19.28 -26.35 -74.42
C TYR C 418 -18.12 -25.99 -75.34
N PRO C 419 -18.24 -24.86 -76.05
CA PRO C 419 -17.10 -24.33 -76.78
C PRO C 419 -16.11 -23.73 -75.78
N THR C 420 -14.94 -24.34 -75.65
CA THR C 420 -14.01 -23.96 -74.57
C THR C 420 -13.22 -22.71 -74.87
N PRO C 421 -13.32 -21.70 -74.00
CA PRO C 421 -12.56 -20.45 -74.18
C PRO C 421 -11.09 -20.65 -73.82
N THR C 422 -10.39 -21.45 -74.61
CA THR C 422 -8.96 -21.65 -74.40
C THR C 422 -8.17 -20.39 -74.76
N LEU C 423 -6.87 -20.43 -74.48
CA LEU C 423 -5.97 -19.32 -74.79
C LEU C 423 -5.75 -19.22 -76.30
N GLU C 424 -5.93 -20.35 -76.98
CA GLU C 424 -5.70 -20.42 -78.42
C GLU C 424 -6.93 -20.05 -79.25
N ARG C 425 -8.08 -19.92 -78.59
CA ARG C 425 -9.36 -19.75 -79.29
C ARG C 425 -9.35 -18.62 -80.32
N GLU C 426 -9.09 -17.40 -79.85
CA GLU C 426 -9.15 -16.24 -80.73
C GLU C 426 -8.11 -16.28 -81.85
N GLY C 427 -6.98 -16.92 -81.58
CA GLY C 427 -5.96 -17.07 -82.59
C GLY C 427 -6.46 -17.94 -83.74
N ALA C 428 -7.39 -18.82 -83.41
CA ALA C 428 -7.97 -19.71 -84.41
C ALA C 428 -9.15 -19.04 -85.12
N LEU C 429 -10.07 -18.49 -84.34
CA LEU C 429 -11.25 -17.84 -84.89
C LEU C 429 -10.94 -16.63 -85.77
N THR C 430 -9.93 -15.84 -85.41
CA THR C 430 -9.57 -14.66 -86.19
C THR C 430 -9.02 -15.06 -87.55
N GLN C 431 -8.86 -16.36 -87.75
CA GLN C 431 -8.50 -16.87 -89.07
C GLN C 431 -9.70 -17.54 -89.72
N ILE C 432 -10.34 -18.44 -88.99
CA ILE C 432 -11.44 -19.24 -89.52
C ILE C 432 -12.62 -18.40 -90.02
N LEU C 433 -13.04 -17.42 -89.23
CA LEU C 433 -14.26 -16.68 -89.53
C LEU C 433 -14.11 -15.73 -90.73
N PRO C 434 -13.02 -14.96 -90.80
CA PRO C 434 -12.79 -14.10 -91.97
C PRO C 434 -12.66 -14.89 -93.26
N LYS C 435 -12.05 -16.07 -93.20
CA LYS C 435 -11.87 -16.89 -94.39
C LYS C 435 -13.20 -17.41 -94.90
N LEU C 436 -14.07 -17.79 -93.98
CA LEU C 436 -15.43 -18.20 -94.34
C LEU C 436 -16.19 -16.99 -94.88
N GLN C 437 -15.99 -15.85 -94.22
CA GLN C 437 -16.63 -14.61 -94.63
C GLN C 437 -16.35 -14.27 -96.10
N ASP C 438 -15.11 -14.51 -96.53
CA ASP C 438 -14.71 -14.20 -97.91
C ASP C 438 -15.43 -15.07 -98.94
N LYS C 439 -16.00 -16.17 -98.46
CA LYS C 439 -16.76 -17.07 -99.32
C LYS C 439 -18.25 -16.77 -99.22
N ASP C 440 -18.59 -15.67 -98.56
CA ASP C 440 -19.99 -15.31 -98.29
C ASP C 440 -20.67 -16.33 -97.38
N ILE C 441 -19.91 -16.88 -96.45
CA ILE C 441 -20.49 -17.78 -95.46
C ILE C 441 -20.45 -17.13 -94.08
N TRP C 442 -21.63 -16.93 -93.49
CA TRP C 442 -21.74 -16.40 -92.15
C TRP C 442 -21.84 -17.55 -91.14
N SER C 443 -20.72 -18.00 -90.61
CA SER C 443 -20.75 -19.06 -89.60
C SER C 443 -21.03 -18.48 -88.22
N ARG C 444 -22.16 -18.87 -87.63
CA ARG C 444 -22.61 -18.22 -86.41
C ARG C 444 -23.24 -19.22 -85.44
N GLY C 445 -23.10 -18.93 -84.15
CA GLY C 445 -23.78 -19.72 -83.13
C GLY C 445 -22.84 -20.33 -82.12
N ARG C 446 -23.41 -21.06 -81.17
CA ARG C 446 -22.64 -21.64 -80.08
C ARG C 446 -21.42 -22.39 -80.57
N PHE C 447 -21.59 -23.24 -81.57
CA PHE C 447 -20.43 -23.86 -82.21
C PHE C 447 -20.20 -23.36 -83.64
N GLY C 448 -21.11 -22.51 -84.10
CA GLY C 448 -20.95 -21.86 -85.40
C GLY C 448 -19.85 -20.83 -85.34
N SER C 449 -19.82 -20.05 -84.25
CA SER C 449 -18.79 -19.04 -84.05
C SER C 449 -18.01 -19.27 -82.75
N TRP C 450 -18.47 -20.23 -81.96
CA TRP C 450 -17.64 -20.84 -80.93
C TRP C 450 -17.27 -19.91 -79.78
N ARG C 451 -18.12 -18.93 -79.48
CA ARG C 451 -17.85 -17.99 -78.38
C ARG C 451 -18.86 -18.11 -77.23
N TYR C 452 -18.45 -18.75 -76.15
CA TYR C 452 -19.33 -19.00 -75.01
C TYR C 452 -19.95 -17.75 -74.42
N GLU C 453 -19.20 -16.64 -74.37
CA GLU C 453 -19.69 -15.37 -73.82
C GLU C 453 -21.02 -14.95 -74.45
N VAL C 454 -21.27 -15.43 -75.65
CA VAL C 454 -22.53 -15.15 -76.33
C VAL C 454 -23.12 -16.46 -76.83
N GLY C 455 -23.23 -17.42 -75.91
CA GLY C 455 -23.65 -18.76 -76.23
C GLY C 455 -24.99 -19.16 -75.65
N ASN C 456 -25.60 -18.27 -74.86
CA ASN C 456 -26.95 -18.50 -74.38
C ASN C 456 -27.96 -18.47 -75.52
N GLN C 457 -29.18 -18.90 -75.25
CA GLN C 457 -30.20 -18.98 -76.30
C GLN C 457 -30.53 -17.61 -76.87
N ASP C 458 -30.53 -16.57 -76.04
CA ASP C 458 -30.87 -15.25 -76.55
C ASP C 458 -29.73 -14.70 -77.43
N HIS C 459 -28.49 -14.86 -76.96
CA HIS C 459 -27.33 -14.47 -77.75
C HIS C 459 -27.33 -15.18 -79.09
N SER C 460 -27.46 -16.50 -79.04
CA SER C 460 -27.42 -17.35 -80.23
C SER C 460 -28.48 -16.97 -81.25
N PHE C 461 -29.70 -16.79 -80.78
CA PHE C 461 -30.81 -16.35 -81.60
C PHE C 461 -30.45 -15.02 -82.28
N MET C 462 -29.86 -14.12 -81.51
CA MET C 462 -29.53 -12.80 -82.02
C MET C 462 -28.34 -12.83 -82.97
N LEU C 463 -27.51 -13.85 -82.83
CA LEU C 463 -26.41 -14.04 -83.78
C LEU C 463 -26.97 -14.34 -85.16
N GLY C 464 -28.07 -15.09 -85.22
CA GLY C 464 -28.74 -15.39 -86.47
C GLY C 464 -29.45 -14.17 -87.01
N VAL C 465 -30.20 -13.50 -86.15
CA VAL C 465 -30.88 -12.26 -86.53
C VAL C 465 -29.89 -11.27 -87.14
N GLU C 466 -28.83 -10.96 -86.40
CA GLU C 466 -27.87 -9.94 -86.80
C GLU C 466 -27.09 -10.32 -88.05
N ALA C 467 -26.84 -11.60 -88.24
CA ALA C 467 -26.19 -12.05 -89.46
C ALA C 467 -27.07 -11.70 -90.67
N VAL C 468 -28.36 -11.95 -90.54
CA VAL C 468 -29.31 -11.58 -91.60
C VAL C 468 -29.38 -10.07 -91.79
N ASP C 469 -29.33 -9.32 -90.69
CA ASP C 469 -29.40 -7.87 -90.76
C ASP C 469 -28.16 -7.28 -91.42
N ASN C 470 -27.03 -7.95 -91.24
CA ASN C 470 -25.80 -7.54 -91.90
C ASN C 470 -25.88 -7.86 -93.39
N ILE C 471 -26.35 -9.06 -93.71
CA ILE C 471 -26.51 -9.48 -95.09
C ILE C 471 -27.43 -8.55 -95.87
N VAL C 472 -28.53 -8.15 -95.26
CA VAL C 472 -29.58 -7.41 -95.97
C VAL C 472 -29.52 -5.90 -95.77
N ASN C 473 -29.32 -5.45 -94.53
CA ASN C 473 -29.38 -4.01 -94.23
C ASN C 473 -28.04 -3.38 -93.91
N GLY C 474 -26.98 -4.15 -94.02
CA GLY C 474 -25.65 -3.65 -93.68
C GLY C 474 -25.50 -3.30 -92.20
N ALA C 475 -26.08 -4.13 -91.34
CA ALA C 475 -25.99 -3.89 -89.90
C ALA C 475 -24.66 -4.38 -89.34
N VAL C 476 -24.20 -3.77 -88.26
CA VAL C 476 -23.03 -4.27 -87.57
C VAL C 476 -23.38 -5.53 -86.81
N GLU C 477 -22.52 -6.54 -86.87
CA GLU C 477 -22.72 -7.76 -86.08
C GLU C 477 -22.18 -7.53 -84.68
N LEU C 478 -22.96 -6.83 -83.86
CA LEU C 478 -22.56 -6.39 -82.54
C LEU C 478 -22.35 -7.53 -81.53
N THR C 479 -23.26 -8.50 -81.54
CA THR C 479 -23.20 -9.62 -80.61
C THR C 479 -22.00 -10.51 -80.90
N LEU C 480 -21.69 -10.69 -82.18
CA LEU C 480 -20.55 -11.51 -82.59
C LEU C 480 -19.20 -10.92 -82.19
N ASN C 481 -19.02 -9.62 -82.40
CA ASN C 481 -17.72 -8.98 -82.19
C ASN C 481 -17.58 -8.18 -80.90
N TYR C 482 -18.70 -7.80 -80.30
CA TYR C 482 -18.64 -6.95 -79.11
C TYR C 482 -19.54 -7.45 -77.98
N PRO C 483 -19.24 -8.62 -77.42
CA PRO C 483 -20.03 -9.21 -76.34
C PRO C 483 -20.25 -8.26 -75.15
N ASP C 484 -19.20 -7.56 -74.74
CA ASP C 484 -19.30 -6.65 -73.60
C ASP C 484 -20.25 -5.50 -73.90
N PHE C 485 -20.30 -5.08 -75.16
CA PHE C 485 -21.19 -3.99 -75.54
C PHE C 485 -22.66 -4.39 -75.44
N VAL C 486 -23.00 -5.58 -75.93
CA VAL C 486 -24.40 -6.01 -75.91
C VAL C 486 -24.85 -6.47 -74.53
N ASN C 487 -23.97 -7.14 -73.79
CA ASN C 487 -24.31 -7.55 -72.43
C ASN C 487 -24.46 -6.38 -71.47
N GLY C 488 -23.88 -5.24 -71.82
CA GLY C 488 -23.84 -4.11 -70.91
C GLY C 488 -24.93 -3.08 -71.10
N ARG C 489 -25.86 -3.34 -72.01
CA ARG C 489 -26.88 -2.36 -72.32
C ARG C 489 -28.25 -3.01 -72.44
N GLN C 490 -29.29 -2.20 -72.54
CA GLN C 490 -30.59 -2.72 -72.96
C GLN C 490 -30.72 -2.56 -74.46
N ASN C 491 -30.88 -3.69 -75.15
CA ASN C 491 -31.00 -3.70 -76.59
C ASN C 491 -32.46 -3.67 -76.99
N THR C 492 -32.98 -2.48 -77.27
CA THR C 492 -34.42 -2.29 -77.43
C THR C 492 -34.83 -1.77 -78.80
N GLU C 493 -33.83 -1.50 -79.64
CA GLU C 493 -34.08 -0.84 -80.92
C GLU C 493 -34.72 -1.78 -81.95
N ARG C 494 -34.24 -3.01 -82.01
CA ARG C 494 -34.72 -3.95 -83.02
C ARG C 494 -35.94 -4.73 -82.50
N ARG C 495 -37.04 -4.64 -83.24
CA ARG C 495 -38.31 -5.24 -82.83
C ARG C 495 -38.86 -6.21 -83.87
N LEU C 496 -39.78 -7.08 -83.46
CA LEU C 496 -40.41 -8.02 -84.37
C LEU C 496 -41.27 -7.26 -85.39
N VAL C 497 -41.73 -6.08 -85.01
CA VAL C 497 -42.40 -5.18 -85.94
C VAL C 497 -41.65 -3.85 -86.00
N ASP C 498 -40.86 -3.66 -87.05
CA ASP C 498 -40.07 -2.44 -87.23
C ASP C 498 -40.83 -1.46 -88.12
N GLY C 499 -40.34 -0.23 -88.19
CA GLY C 499 -40.94 0.79 -89.05
C GLY C 499 -41.17 0.32 -90.48
N ALA C 500 -40.27 -0.50 -91.00
CA ALA C 500 -40.39 -0.98 -92.37
C ALA C 500 -41.71 -1.73 -92.62
N GLN C 501 -42.10 -2.60 -91.69
CA GLN C 501 -43.34 -3.37 -91.84
C GLN C 501 -44.58 -2.52 -91.55
N VAL C 502 -44.45 -1.57 -90.62
CA VAL C 502 -45.55 -0.66 -90.33
C VAL C 502 -45.85 0.22 -91.54
N PHE C 503 -44.81 0.81 -92.13
CA PHE C 503 -44.97 1.72 -93.26
C PHE C 503 -45.53 1.01 -94.50
N ALA C 504 -45.06 -0.19 -94.76
CA ALA C 504 -45.48 -0.95 -95.92
C ALA C 504 -46.93 -1.43 -95.78
N LYS C 505 -47.32 -1.71 -94.54
CA LYS C 505 -48.69 -2.13 -94.26
C LYS C 505 -49.65 -0.97 -94.47
N SER C 506 -49.31 0.17 -93.88
CA SER C 506 -50.15 1.36 -93.97
C SER C 506 -50.21 1.92 -95.39
N LYS C 507 -49.21 1.56 -96.20
CA LYS C 507 -49.20 1.96 -97.60
C LYS C 507 -50.12 1.07 -98.40
N ALA C 508 -50.21 -0.19 -98.00
CA ALA C 508 -51.04 -1.20 -98.69
C ALA C 508 -52.53 -0.94 -98.50
N GLN C 509 -52.89 -0.37 -97.35
CA GLN C 509 -54.28 0.03 -97.09
C GLN C 509 -54.69 1.21 -97.97
N LEU C 510 -53.82 2.19 -98.07
CA LEU C 510 -54.07 3.39 -98.86
C LEU C 510 -54.08 3.10 -100.36
N GLU C 511 -53.62 1.90 -100.74
CA GLU C 511 -53.57 1.51 -102.14
C GLU C 511 -54.38 0.26 -102.40
N THR D 1 -59.84 17.10 -90.93
CA THR D 1 -58.93 18.11 -91.46
C THR D 1 -57.58 17.51 -91.84
N HIS D 2 -57.34 17.38 -93.14
CA HIS D 2 -56.12 16.75 -93.65
C HIS D 2 -55.11 17.79 -94.11
N PRO D 3 -53.82 17.60 -93.77
CA PRO D 3 -52.76 18.50 -94.20
C PRO D 3 -52.56 18.47 -95.71
N ASP D 4 -51.92 19.52 -96.24
CA ASP D 4 -51.70 19.63 -97.68
C ASP D 4 -50.77 18.54 -98.19
N ILE D 5 -49.92 18.03 -97.31
CA ILE D 5 -48.98 16.97 -97.66
C ILE D 5 -48.83 15.98 -96.52
N SER D 6 -48.68 14.70 -96.85
CA SER D 6 -48.46 13.67 -95.84
C SER D 6 -47.34 12.72 -96.24
N VAL D 7 -46.39 12.53 -95.32
CA VAL D 7 -45.30 11.59 -95.55
C VAL D 7 -45.07 10.75 -94.30
N ASP D 8 -44.44 9.59 -94.46
CA ASP D 8 -44.12 8.74 -93.31
C ASP D 8 -43.01 9.40 -92.49
N VAL D 9 -41.98 9.90 -93.18
CA VAL D 9 -40.85 10.55 -92.52
C VAL D 9 -40.58 11.95 -93.08
N LEU D 10 -40.58 12.94 -92.19
CA LEU D 10 -40.26 14.31 -92.56
C LEU D 10 -38.89 14.69 -92.01
N VAL D 11 -38.00 15.14 -92.90
CA VAL D 11 -36.69 15.63 -92.47
C VAL D 11 -36.62 17.15 -92.54
N ILE D 12 -36.39 17.79 -91.40
CA ILE D 12 -36.23 19.24 -91.35
C ILE D 12 -34.75 19.60 -91.32
N GLY D 13 -34.31 20.29 -92.37
CA GLY D 13 -32.94 20.75 -92.45
C GLY D 13 -32.14 19.98 -93.48
N ALA D 14 -31.39 20.70 -94.31
CA ALA D 14 -30.62 20.07 -95.39
C ALA D 14 -29.12 20.33 -95.25
N GLY D 15 -28.65 20.36 -94.01
CA GLY D 15 -27.23 20.29 -93.74
C GLY D 15 -26.79 18.85 -93.89
N PRO D 16 -25.54 18.53 -93.55
CA PRO D 16 -25.03 17.16 -93.64
C PRO D 16 -25.93 16.15 -92.93
N THR D 17 -26.48 16.53 -91.79
CA THR D 17 -27.32 15.60 -91.02
C THR D 17 -28.60 15.28 -91.79
N GLY D 18 -29.31 16.32 -92.20
CA GLY D 18 -30.50 16.17 -93.00
C GLY D 18 -30.25 15.39 -94.27
N LEU D 19 -29.20 15.76 -94.99
CA LEU D 19 -28.90 15.08 -96.25
C LEU D 19 -28.57 13.61 -96.01
N GLY D 20 -27.99 13.31 -94.85
CA GLY D 20 -27.70 11.95 -94.45
C GLY D 20 -28.97 11.14 -94.32
N ALA D 21 -29.94 11.71 -93.61
CA ALA D 21 -31.25 11.09 -93.48
C ALA D 21 -31.89 10.88 -94.85
N ALA D 22 -31.82 11.90 -95.70
CA ALA D 22 -32.46 11.83 -97.02
C ALA D 22 -31.82 10.74 -97.88
N LYS D 23 -30.50 10.62 -97.81
CA LYS D 23 -29.80 9.63 -98.62
C LYS D 23 -30.13 8.19 -98.24
N ARG D 24 -30.26 7.92 -96.95
CA ARG D 24 -30.62 6.57 -96.52
C ARG D 24 -32.08 6.27 -96.87
N LEU D 25 -32.97 7.23 -96.63
CA LEU D 25 -34.36 7.11 -97.07
C LEU D 25 -34.46 6.86 -98.57
N ASN D 26 -33.69 7.60 -99.35
CA ASN D 26 -33.71 7.45 -100.80
C ASN D 26 -33.14 6.11 -101.25
N GLN D 27 -32.15 5.60 -100.51
CA GLN D 27 -31.60 4.28 -100.79
C GLN D 27 -32.61 3.18 -100.45
N ILE D 28 -33.30 3.34 -99.33
CA ILE D 28 -34.21 2.32 -98.83
C ILE D 28 -35.42 2.24 -99.76
N ASP D 29 -35.93 3.41 -100.15
CA ASP D 29 -37.02 3.50 -101.12
C ASP D 29 -38.22 2.68 -100.66
N GLY D 30 -38.60 2.87 -99.41
CA GLY D 30 -39.75 2.19 -98.84
C GLY D 30 -40.76 3.22 -98.40
N PRO D 31 -40.68 3.64 -97.14
CA PRO D 31 -41.55 4.69 -96.59
C PRO D 31 -41.44 5.97 -97.39
N SER D 32 -42.49 6.77 -97.38
CA SER D 32 -42.48 8.05 -98.08
C SER D 32 -41.78 9.09 -97.21
N TRP D 33 -41.31 10.16 -97.84
CA TRP D 33 -40.55 11.19 -97.13
C TRP D 33 -40.37 12.46 -97.95
N MET D 34 -39.99 13.52 -97.28
CA MET D 34 -39.55 14.74 -97.94
C MET D 34 -38.63 15.49 -97.00
N ILE D 35 -37.84 16.41 -97.55
CA ILE D 35 -36.90 17.17 -96.76
C ILE D 35 -37.04 18.66 -97.06
N VAL D 36 -37.15 19.47 -96.01
CA VAL D 36 -37.30 20.91 -96.18
C VAL D 36 -36.12 21.66 -95.58
N ASP D 37 -35.82 22.81 -96.14
CA ASP D 37 -34.78 23.68 -95.59
C ASP D 37 -35.05 25.13 -96.00
N SER D 38 -34.99 26.04 -95.04
CA SER D 38 -35.28 27.45 -95.27
C SER D 38 -34.29 28.08 -96.25
N ASN D 39 -33.15 27.43 -96.44
CA ASN D 39 -32.14 27.93 -97.36
C ASN D 39 -32.28 27.28 -98.73
N GLU D 40 -32.15 28.09 -99.78
CA GLU D 40 -32.32 27.62 -101.14
C GLU D 40 -31.17 26.71 -101.58
N THR D 41 -30.00 26.90 -100.99
CA THR D 41 -28.85 26.05 -101.28
C THR D 41 -28.59 25.09 -100.11
N PRO D 42 -28.61 23.78 -100.39
CA PRO D 42 -28.35 22.78 -99.35
C PRO D 42 -26.90 22.85 -98.88
N GLY D 43 -26.63 22.40 -97.66
CA GLY D 43 -25.28 22.38 -97.15
C GLY D 43 -25.19 22.85 -95.71
N GLY D 44 -26.22 23.55 -95.25
CA GLY D 44 -26.24 24.07 -93.91
C GLY D 44 -24.97 24.85 -93.59
N LEU D 45 -24.46 24.66 -92.38
CA LEU D 45 -23.23 25.32 -91.95
C LEU D 45 -21.98 24.64 -92.51
N ALA D 46 -22.17 23.74 -93.47
CA ALA D 46 -21.04 23.17 -94.19
C ALA D 46 -20.97 23.72 -95.62
N SER D 47 -21.70 24.81 -95.85
CA SER D 47 -21.70 25.49 -97.15
C SER D 47 -20.45 26.33 -97.38
N THR D 48 -20.37 26.94 -98.56
CA THR D 48 -19.22 27.77 -98.92
C THR D 48 -19.70 29.11 -99.48
N ASP D 49 -19.28 30.19 -98.83
CA ASP D 49 -19.66 31.54 -99.28
C ASP D 49 -18.65 32.12 -100.28
N VAL D 50 -19.04 33.19 -100.96
CA VAL D 50 -18.15 33.86 -101.89
C VAL D 50 -18.24 35.37 -101.77
N THR D 51 -17.07 36.02 -101.79
CA THR D 51 -17.01 37.48 -101.76
C THR D 51 -17.24 38.05 -103.15
N PRO D 52 -17.72 39.31 -103.22
CA PRO D 52 -17.95 39.96 -104.51
C PRO D 52 -16.71 39.94 -105.40
N GLU D 53 -15.53 39.81 -104.81
CA GLU D 53 -14.30 39.78 -105.60
C GLU D 53 -13.83 38.36 -105.94
N GLY D 54 -14.67 37.37 -105.64
CA GLY D 54 -14.44 36.00 -106.09
C GLY D 54 -13.60 35.12 -105.18
N PHE D 55 -13.57 35.42 -103.89
CA PHE D 55 -12.88 34.58 -102.93
C PHE D 55 -13.84 33.66 -102.19
N LEU D 56 -13.54 32.37 -102.19
CA LEU D 56 -14.37 31.38 -101.48
C LEU D 56 -13.95 31.19 -100.02
N TYR D 57 -14.93 30.97 -99.16
CA TYR D 57 -14.65 30.62 -97.77
C TYR D 57 -15.65 29.62 -97.20
N ASP D 58 -15.15 28.46 -96.77
CA ASP D 58 -15.97 27.46 -96.09
C ASP D 58 -16.44 28.04 -94.76
N VAL D 59 -17.72 27.91 -94.48
CA VAL D 59 -18.26 28.46 -93.24
C VAL D 59 -18.13 27.46 -92.09
N GLY D 60 -17.87 26.20 -92.42
CA GLY D 60 -17.88 25.14 -91.43
C GLY D 60 -16.85 24.05 -91.60
N GLY D 61 -15.66 24.43 -92.04
CA GLY D 61 -14.55 23.50 -92.13
C GLY D 61 -14.65 22.48 -93.23
N HIS D 62 -13.88 21.42 -93.09
CA HIS D 62 -13.81 20.35 -94.08
C HIS D 62 -13.45 19.05 -93.38
N VAL D 63 -13.95 17.93 -93.88
CA VAL D 63 -13.59 16.65 -93.30
C VAL D 63 -12.14 16.32 -93.60
N ILE D 64 -11.44 15.87 -92.56
CA ILE D 64 -10.05 15.47 -92.70
C ILE D 64 -9.93 13.95 -92.64
N PHE D 65 -10.73 13.35 -91.79
CA PHE D 65 -10.75 11.89 -91.70
C PHE D 65 -12.18 11.36 -91.69
N SER D 66 -12.48 10.47 -92.62
CA SER D 66 -13.79 9.82 -92.66
C SER D 66 -13.77 8.55 -91.84
N HIS D 67 -14.72 8.42 -90.92
CA HIS D 67 -14.82 7.22 -90.09
C HIS D 67 -15.76 6.15 -90.66
N TYR D 68 -16.40 6.44 -91.80
CA TYR D 68 -17.41 5.54 -92.36
C TYR D 68 -17.29 5.30 -93.87
N LYS D 69 -17.38 4.04 -94.28
CA LYS D 69 -17.47 3.70 -95.70
C LYS D 69 -18.73 4.30 -96.33
N TYR D 70 -19.81 4.41 -95.55
CA TYR D 70 -21.05 4.96 -96.09
C TYR D 70 -20.86 6.40 -96.55
N PHE D 71 -20.19 7.20 -95.73
CA PHE D 71 -19.90 8.59 -96.04
C PHE D 71 -19.07 8.67 -97.32
N ASP D 72 -18.05 7.81 -97.42
CA ASP D 72 -17.22 7.72 -98.62
C ASP D 72 -18.01 7.41 -99.89
N ASP D 73 -18.91 6.41 -99.81
CA ASP D 73 -19.71 6.04 -100.99
C ASP D 73 -20.46 7.25 -101.51
N CYS D 74 -21.01 8.05 -100.59
CA CYS D 74 -21.85 9.17 -100.98
C CYS D 74 -21.04 10.31 -101.60
N LEU D 75 -19.81 10.52 -101.13
CA LEU D 75 -18.93 11.54 -101.73
C LEU D 75 -18.41 11.05 -103.07
N ASP D 76 -18.11 9.76 -103.17
CA ASP D 76 -17.69 9.15 -104.43
C ASP D 76 -18.80 9.30 -105.46
N GLU D 77 -20.03 9.09 -105.01
CA GLU D 77 -21.17 9.18 -105.92
C GLU D 77 -21.39 10.62 -106.35
N ALA D 78 -21.29 11.54 -105.39
CA ALA D 78 -21.56 12.95 -105.67
C ALA D 78 -20.50 13.57 -106.59
N LEU D 79 -19.24 13.22 -106.36
CA LEU D 79 -18.13 13.73 -107.15
C LEU D 79 -17.27 12.58 -107.67
N PRO D 80 -17.73 11.88 -108.72
CA PRO D 80 -17.14 10.63 -109.20
C PRO D 80 -15.85 10.75 -109.99
N LYS D 81 -15.52 11.96 -110.46
CA LYS D 81 -14.31 12.15 -111.26
C LYS D 81 -13.06 12.34 -110.40
N GLU D 82 -11.93 11.84 -110.88
CA GLU D 82 -10.65 11.99 -110.19
C GLU D 82 -10.27 13.46 -110.05
N ASP D 83 -10.61 14.25 -111.06
CA ASP D 83 -10.27 15.67 -111.06
C ASP D 83 -11.32 16.49 -110.32
N ASP D 84 -12.22 15.81 -109.61
CA ASP D 84 -13.17 16.49 -108.74
C ASP D 84 -12.53 16.75 -107.39
N TRP D 85 -11.37 16.13 -107.15
CA TRP D 85 -10.73 16.19 -105.85
C TRP D 85 -9.25 16.53 -105.90
N TYR D 86 -8.77 17.17 -104.85
CA TYR D 86 -7.33 17.28 -104.61
C TYR D 86 -7.02 16.46 -103.37
N THR D 87 -5.91 15.75 -103.38
CA THR D 87 -5.50 15.01 -102.19
C THR D 87 -4.26 15.65 -101.57
N HIS D 88 -4.39 16.10 -100.33
CA HIS D 88 -3.32 16.81 -99.63
C HIS D 88 -2.80 16.02 -98.44
N GLN D 89 -1.57 16.34 -98.01
CA GLN D 89 -1.00 15.71 -96.82
C GLN D 89 -1.56 16.33 -95.54
N ARG D 90 -1.87 15.46 -94.58
N ARG D 90 -1.88 15.47 -94.57
CA ARG D 90 -2.42 15.91 -93.30
CA ARG D 90 -2.44 15.93 -93.31
C ARG D 90 -1.32 16.37 -92.36
C ARG D 90 -1.33 16.37 -92.35
N ILE D 91 -1.39 17.64 -91.94
CA ILE D 91 -0.42 18.19 -91.01
C ILE D 91 -1.05 19.36 -90.28
N SER D 92 -0.32 19.93 -89.32
CA SER D 92 -0.84 21.03 -88.52
C SER D 92 0.28 21.69 -87.73
N TYR D 93 0.06 22.94 -87.36
CA TYR D 93 1.05 23.69 -86.59
C TYR D 93 0.42 24.50 -85.47
N VAL D 94 1.20 24.72 -84.41
CA VAL D 94 0.80 25.59 -83.33
C VAL D 94 1.74 26.80 -83.29
N ARG D 95 1.16 27.99 -83.18
CA ARG D 95 1.95 29.21 -83.11
C ARG D 95 2.33 29.49 -81.66
N CYS D 96 3.61 29.35 -81.35
CA CYS D 96 4.09 29.54 -79.98
C CYS D 96 5.46 30.22 -79.94
N GLN D 97 5.50 31.40 -79.32
CA GLN D 97 6.74 32.16 -79.14
C GLN D 97 7.57 32.23 -80.42
N GLY D 98 6.97 32.79 -81.48
CA GLY D 98 7.64 32.99 -82.75
C GLY D 98 7.96 31.71 -83.49
N GLN D 99 7.36 30.60 -83.06
CA GLN D 99 7.62 29.31 -83.70
C GLN D 99 6.36 28.64 -84.24
N TRP D 100 6.51 27.96 -85.37
CA TRP D 100 5.45 27.10 -85.88
C TRP D 100 5.70 25.68 -85.42
N VAL D 101 5.13 25.34 -84.26
CA VAL D 101 5.35 24.03 -83.66
C VAL D 101 4.43 22.99 -84.29
N PRO D 102 5.02 21.96 -84.91
CA PRO D 102 4.28 20.90 -85.61
C PRO D 102 3.46 20.05 -84.65
N TYR D 103 2.40 19.44 -85.17
CA TYR D 103 1.58 18.51 -84.41
C TYR D 103 2.31 17.18 -84.27
N PRO D 104 2.21 16.56 -83.08
CA PRO D 104 1.55 17.13 -81.91
C PRO D 104 2.49 18.05 -81.14
N PHE D 105 1.93 18.97 -80.37
CA PHE D 105 2.71 20.00 -79.69
C PHE D 105 3.76 19.42 -78.74
N GLN D 106 3.35 18.47 -77.90
CA GLN D 106 4.25 17.91 -76.89
C GLN D 106 5.49 17.28 -77.49
N ASN D 107 5.34 16.65 -78.65
CA ASN D 107 6.48 15.99 -79.30
C ASN D 107 7.42 16.97 -79.99
N ASN D 108 7.12 18.26 -79.89
CA ASN D 108 7.91 19.27 -80.59
C ASN D 108 8.36 20.46 -79.74
N ILE D 109 8.31 20.32 -78.42
CA ILE D 109 8.80 21.37 -77.51
C ILE D 109 10.26 21.73 -77.82
N SER D 110 10.92 20.86 -78.57
CA SER D 110 12.29 21.07 -79.01
C SER D 110 12.50 22.47 -79.59
N MET D 111 11.47 22.99 -80.25
CA MET D 111 11.58 24.28 -80.92
C MET D 111 11.48 25.46 -79.96
N LEU D 112 11.05 25.19 -78.72
CA LEU D 112 10.90 26.24 -77.74
C LEU D 112 12.24 26.56 -77.08
N PRO D 113 12.31 27.67 -76.36
CA PRO D 113 13.51 27.97 -75.57
C PRO D 113 13.74 26.89 -74.52
N LYS D 114 15.00 26.66 -74.17
CA LYS D 114 15.35 25.61 -73.23
C LYS D 114 14.73 25.79 -71.84
N GLU D 115 14.57 27.05 -71.42
CA GLU D 115 13.91 27.33 -70.15
C GLU D 115 12.50 26.76 -70.16
N GLU D 116 11.78 27.02 -71.24
CA GLU D 116 10.41 26.54 -71.39
C GLU D 116 10.37 25.01 -71.48
N GLN D 117 11.37 24.43 -72.12
CA GLN D 117 11.45 22.97 -72.23
C GLN D 117 11.56 22.33 -70.85
N VAL D 118 12.34 22.96 -69.98
CA VAL D 118 12.51 22.46 -68.62
C VAL D 118 11.18 22.36 -67.88
N LYS D 119 10.44 23.47 -67.86
CA LYS D 119 9.14 23.49 -67.20
C LYS D 119 8.19 22.42 -67.74
N CYS D 120 8.20 22.24 -69.06
CA CYS D 120 7.35 21.24 -69.70
C CYS D 120 7.66 19.82 -69.24
N ILE D 121 8.94 19.46 -69.30
CA ILE D 121 9.35 18.12 -68.91
C ILE D 121 9.11 17.88 -67.42
N ASP D 122 9.36 18.90 -66.60
CA ASP D 122 9.08 18.79 -65.17
C ASP D 122 7.61 18.47 -64.93
N GLY D 123 6.72 19.19 -65.61
CA GLY D 123 5.29 18.99 -65.48
C GLY D 123 4.83 17.60 -65.89
N MET D 124 5.44 17.04 -66.92
CA MET D 124 5.04 15.71 -67.40
C MET D 124 5.60 14.58 -66.55
N ILE D 125 6.77 14.81 -65.95
CA ILE D 125 7.31 13.86 -64.98
C ILE D 125 6.36 13.72 -63.81
N ASP D 126 5.88 14.84 -63.30
CA ASP D 126 4.92 14.82 -62.20
C ASP D 126 3.65 14.08 -62.62
N ALA D 127 3.11 14.46 -63.77
CA ALA D 127 1.90 13.83 -64.29
C ALA D 127 2.09 12.34 -64.47
N ALA D 128 3.24 11.95 -65.01
CA ALA D 128 3.51 10.53 -65.23
C ALA D 128 3.46 9.76 -63.92
N LEU D 129 4.07 10.33 -62.87
CA LEU D 129 4.15 9.67 -61.58
C LEU D 129 2.78 9.52 -60.93
N GLU D 130 1.99 10.59 -60.98
CA GLU D 130 0.63 10.54 -60.46
C GLU D 130 -0.22 9.51 -61.20
N ALA D 131 -0.05 9.44 -62.52
CA ALA D 131 -0.83 8.51 -63.33
C ALA D 131 -0.50 7.06 -62.98
N ARG D 132 0.73 6.83 -62.51
CA ARG D 132 1.15 5.48 -62.14
C ARG D 132 0.33 4.95 -60.97
N VAL D 133 -0.34 5.86 -60.28
CA VAL D 133 -1.00 5.55 -59.03
C VAL D 133 -2.49 5.93 -59.01
N ALA D 134 -2.92 6.65 -60.04
CA ALA D 134 -4.31 7.12 -60.12
C ALA D 134 -5.33 5.98 -60.10
N ASN D 135 -6.42 6.20 -59.39
CA ASN D 135 -7.51 5.22 -59.29
C ASN D 135 -8.87 5.88 -59.53
N THR D 136 -8.84 7.17 -59.87
CA THR D 136 -10.04 7.90 -60.24
C THR D 136 -9.86 8.44 -61.64
N LYS D 137 -10.93 8.93 -62.24
CA LYS D 137 -10.86 9.52 -63.56
C LYS D 137 -11.20 11.01 -63.49
N PRO D 138 -10.74 11.79 -64.49
CA PRO D 138 -10.89 13.24 -64.51
C PRO D 138 -12.37 13.65 -64.54
N LYS D 139 -12.69 14.76 -63.88
CA LYS D 139 -14.07 15.24 -63.80
C LYS D 139 -14.29 16.48 -64.65
N THR D 140 -13.20 17.15 -65.02
CA THR D 140 -13.29 18.32 -65.88
C THR D 140 -12.31 18.24 -67.04
N PHE D 141 -12.54 19.04 -68.07
CA PHE D 141 -11.59 19.18 -69.16
C PHE D 141 -10.23 19.61 -68.59
N ASP D 142 -10.26 20.54 -67.64
CA ASP D 142 -9.02 21.05 -67.04
C ASP D 142 -8.20 19.94 -66.38
N GLU D 143 -8.85 19.12 -65.56
CA GLU D 143 -8.18 18.00 -64.90
C GLU D 143 -7.64 17.01 -65.92
N TRP D 144 -8.45 16.71 -66.93
CA TRP D 144 -8.04 15.82 -68.02
C TRP D 144 -6.78 16.38 -68.68
N ILE D 145 -6.80 17.67 -68.98
CA ILE D 145 -5.65 18.35 -69.57
C ILE D 145 -4.39 18.18 -68.74
N VAL D 146 -4.47 18.50 -67.45
CA VAL D 146 -3.31 18.45 -66.57
C VAL D 146 -2.76 17.03 -66.37
N ARG D 147 -3.65 16.06 -66.21
CA ARG D 147 -3.24 14.68 -66.00
C ARG D 147 -2.57 14.11 -67.25
N MET D 148 -2.93 14.68 -68.39
CA MET D 148 -2.42 14.19 -69.67
C MET D 148 -1.09 14.88 -70.01
N MET D 149 -1.04 16.18 -69.78
CA MET D 149 0.05 17.02 -70.28
C MET D 149 0.99 17.53 -69.20
N GLY D 150 0.46 17.71 -68.00
CA GLY D 150 1.19 18.39 -66.94
C GLY D 150 0.95 19.88 -67.04
N THR D 151 1.13 20.57 -65.92
CA THR D 151 0.86 22.01 -65.84
C THR D 151 1.68 22.84 -66.84
N GLY D 152 2.93 22.43 -67.06
CA GLY D 152 3.81 23.16 -67.95
C GLY D 152 3.24 23.27 -69.35
N ILE D 153 3.14 22.14 -70.03
CA ILE D 153 2.57 22.10 -71.37
C ILE D 153 1.13 22.60 -71.39
N ALA D 154 0.39 22.35 -70.32
CA ALA D 154 -0.99 22.80 -70.22
C ALA D 154 -1.10 24.32 -70.32
N ASP D 155 -0.23 25.03 -69.62
CA ASP D 155 -0.26 26.49 -69.59
C ASP D 155 0.19 27.14 -70.89
N LEU D 156 1.06 26.44 -71.63
CA LEU D 156 1.58 26.96 -72.89
C LEU D 156 0.58 26.83 -74.04
N PHE D 157 -0.23 25.78 -74.01
CA PHE D 157 -1.07 25.46 -75.16
C PHE D 157 -2.53 25.13 -74.83
N MET D 158 -2.74 23.93 -74.28
CA MET D 158 -4.08 23.43 -73.98
C MET D 158 -5.00 24.48 -73.38
N ARG D 159 -4.60 25.02 -72.24
CA ARG D 159 -5.46 25.91 -71.46
C ARG D 159 -5.83 27.20 -72.18
N PRO D 160 -4.82 28.02 -72.54
CA PRO D 160 -5.17 29.29 -73.18
C PRO D 160 -5.85 29.04 -74.52
N TYR D 161 -5.37 28.05 -75.28
CA TYR D 161 -5.99 27.75 -76.56
C TYR D 161 -7.46 27.39 -76.40
N ASN D 162 -7.75 26.44 -75.52
CA ASN D 162 -9.13 25.98 -75.35
C ASN D 162 -10.08 27.07 -74.87
N PHE D 163 -9.58 27.99 -74.05
CA PHE D 163 -10.41 29.13 -73.64
C PHE D 163 -10.73 30.03 -74.82
N LYS D 164 -9.79 30.18 -75.75
CA LYS D 164 -10.03 30.97 -76.95
C LYS D 164 -11.02 30.27 -77.87
N VAL D 165 -10.96 28.95 -77.92
CA VAL D 165 -11.87 28.16 -78.74
C VAL D 165 -13.30 28.16 -78.19
N TRP D 166 -13.46 27.66 -76.97
CA TRP D 166 -14.79 27.47 -76.39
C TRP D 166 -15.36 28.73 -75.76
N ALA D 167 -14.53 29.76 -75.62
CA ALA D 167 -14.97 30.99 -74.95
C ALA D 167 -15.54 30.67 -73.58
N VAL D 168 -14.92 29.69 -72.93
CA VAL D 168 -15.35 29.20 -71.63
C VAL D 168 -14.13 28.55 -70.99
N PRO D 169 -13.95 28.77 -69.69
CA PRO D 169 -12.78 28.17 -69.04
C PRO D 169 -12.84 26.64 -69.07
N THR D 170 -11.68 26.01 -69.12
CA THR D 170 -11.60 24.55 -69.17
C THR D 170 -12.18 23.91 -67.90
N THR D 171 -12.15 24.64 -66.80
CA THR D 171 -12.70 24.14 -65.55
C THR D 171 -14.20 23.96 -65.61
N LYS D 172 -14.83 24.56 -66.62
CA LYS D 172 -16.28 24.55 -66.74
C LYS D 172 -16.79 23.49 -67.71
N MET D 173 -15.89 22.66 -68.22
CA MET D 173 -16.22 21.68 -69.25
C MET D 173 -15.97 20.24 -68.81
N GLN D 174 -16.78 19.32 -69.32
CA GLN D 174 -16.58 17.91 -69.04
C GLN D 174 -15.41 17.39 -69.88
N CYS D 175 -15.09 16.12 -69.73
CA CYS D 175 -13.98 15.53 -70.47
C CYS D 175 -14.30 14.17 -71.08
N ALA D 176 -15.53 13.69 -70.90
CA ALA D 176 -15.94 12.41 -71.45
C ALA D 176 -15.98 12.49 -72.98
N TRP D 177 -16.31 13.68 -73.46
CA TRP D 177 -16.39 13.93 -74.89
C TRP D 177 -15.08 13.66 -75.62
N LEU D 178 -13.99 13.56 -74.86
CA LEU D 178 -12.68 13.32 -75.45
C LEU D 178 -12.39 11.85 -75.69
N GLY D 179 -13.24 10.97 -75.16
CA GLY D 179 -13.05 9.54 -75.35
C GLY D 179 -12.64 8.83 -74.08
N GLU D 180 -12.35 7.54 -74.21
CA GLU D 180 -12.07 6.71 -73.05
C GLU D 180 -10.57 6.52 -72.83
N ARG D 181 -9.78 7.12 -73.71
CA ARG D 181 -8.32 7.09 -73.59
C ARG D 181 -7.86 7.53 -72.20
N VAL D 182 -6.99 6.74 -71.58
CA VAL D 182 -6.49 7.04 -70.25
C VAL D 182 -5.72 8.35 -70.21
N ALA D 183 -6.13 9.26 -69.32
CA ALA D 183 -5.46 10.54 -69.14
C ALA D 183 -4.06 10.35 -68.56
N ALA D 184 -3.08 10.13 -69.45
CA ALA D 184 -1.70 9.90 -69.04
C ALA D 184 -0.74 10.24 -70.18
N PRO D 185 0.46 10.74 -69.84
CA PRO D 185 1.44 11.20 -70.83
C PRO D 185 2.42 10.11 -71.29
N ASN D 186 2.88 10.24 -72.53
CA ASN D 186 3.97 9.41 -73.06
C ASN D 186 5.32 10.10 -72.86
N LEU D 187 5.82 10.07 -71.63
CA LEU D 187 7.04 10.75 -71.24
C LEU D 187 8.22 10.43 -72.16
N LYS D 188 8.41 9.15 -72.42
CA LYS D 188 9.56 8.70 -73.20
C LYS D 188 9.63 9.36 -74.59
N ALA D 189 8.51 9.39 -75.29
CA ALA D 189 8.49 9.95 -76.65
C ALA D 189 8.82 11.44 -76.62
N VAL D 190 8.30 12.13 -75.62
CA VAL D 190 8.54 13.57 -75.46
C VAL D 190 9.99 13.89 -75.12
N THR D 191 10.60 13.10 -74.24
CA THR D 191 12.00 13.32 -73.87
C THR D 191 12.94 12.83 -74.95
N THR D 192 12.48 11.86 -75.72
CA THR D 192 13.29 11.34 -76.83
C THR D 192 13.41 12.39 -77.94
N ASN D 193 12.34 13.14 -78.17
CA ASN D 193 12.36 14.18 -79.17
C ASN D 193 13.12 15.42 -78.70
N VAL D 194 13.13 15.67 -77.40
CA VAL D 194 13.89 16.77 -76.83
C VAL D 194 15.39 16.51 -76.91
N ILE D 195 15.77 15.27 -76.67
CA ILE D 195 17.17 14.85 -76.72
C ILE D 195 17.67 14.82 -78.17
N LEU D 196 16.97 14.08 -79.02
CA LEU D 196 17.37 13.93 -80.42
C LEU D 196 17.27 15.23 -81.21
N GLY D 197 16.42 16.15 -80.73
CA GLY D 197 16.25 17.43 -81.38
C GLY D 197 15.53 17.33 -82.71
N LYS D 198 15.27 16.10 -83.14
CA LYS D 198 14.57 15.86 -84.40
C LYS D 198 13.15 15.38 -84.12
N THR D 199 12.28 15.51 -85.12
CA THR D 199 10.94 14.95 -85.05
C THR D 199 10.86 13.73 -85.96
N ALA D 200 9.82 12.92 -85.79
CA ALA D 200 9.62 11.76 -86.64
C ALA D 200 9.65 12.17 -88.11
N GLY D 201 10.49 11.50 -88.89
CA GLY D 201 10.61 11.80 -90.31
C GLY D 201 9.26 11.75 -91.01
N ASN D 202 9.12 12.52 -92.07
CA ASN D 202 7.87 12.57 -92.83
C ASN D 202 7.34 11.19 -93.22
N TRP D 203 6.16 10.87 -92.70
CA TRP D 203 5.47 9.62 -92.99
C TRP D 203 4.90 9.64 -94.42
N GLY D 204 5.24 10.69 -95.17
CA GLY D 204 4.83 10.80 -96.56
C GLY D 204 5.01 9.49 -97.30
N PRO D 205 4.02 9.11 -98.13
CA PRO D 205 2.82 9.90 -98.49
C PRO D 205 2.00 10.26 -97.27
N ASN D 206 2.11 9.46 -96.22
CA ASN D 206 1.47 9.72 -94.93
C ASN D 206 -0.04 9.89 -95.01
N ALA D 207 -0.66 10.12 -93.87
CA ALA D 207 -2.09 10.39 -93.82
C ALA D 207 -2.42 11.56 -94.73
N THR D 208 -3.23 11.31 -95.75
CA THR D 208 -3.68 12.35 -96.64
C THR D 208 -5.18 12.53 -96.51
N PHE D 209 -5.68 13.69 -96.91
CA PHE D 209 -7.12 13.88 -97.02
C PHE D 209 -7.44 14.43 -98.39
N ARG D 210 -8.70 14.36 -98.77
CA ARG D 210 -9.10 14.90 -100.06
C ARG D 210 -9.97 16.13 -99.87
N PHE D 211 -9.85 17.08 -100.79
CA PHE D 211 -10.61 18.31 -100.76
C PHE D 211 -11.16 18.57 -102.15
N PRO D 212 -12.39 19.11 -102.23
CA PRO D 212 -13.00 19.28 -103.55
C PRO D 212 -12.28 20.34 -104.39
N ALA D 213 -12.22 20.11 -105.70
CA ALA D 213 -11.49 20.99 -106.61
C ALA D 213 -12.17 22.34 -106.79
N ARG D 214 -13.49 22.34 -106.83
CA ARG D 214 -14.25 23.57 -107.07
C ARG D 214 -15.40 23.72 -106.08
N GLY D 215 -15.87 24.96 -105.91
CA GLY D 215 -17.03 25.22 -105.07
C GLY D 215 -16.81 25.04 -103.58
N GLY D 216 -15.61 24.65 -103.20
CA GLY D 216 -15.29 24.47 -101.79
C GLY D 216 -16.07 23.33 -101.17
N THR D 217 -16.00 23.20 -99.85
CA THR D 217 -16.70 22.13 -99.16
C THR D 217 -18.18 22.11 -99.52
N GLY D 218 -18.78 23.30 -99.61
CA GLY D 218 -20.19 23.41 -99.92
C GLY D 218 -20.57 22.72 -101.21
N GLY D 219 -19.59 22.56 -102.10
CA GLY D 219 -19.82 21.91 -103.38
C GLY D 219 -20.15 20.43 -103.20
N ILE D 220 -19.57 19.81 -102.17
CA ILE D 220 -19.87 18.42 -101.87
C ILE D 220 -21.36 18.25 -101.59
N TRP D 221 -21.90 19.16 -100.78
CA TRP D 221 -23.28 19.01 -100.31
C TRP D 221 -24.32 19.40 -101.34
N ILE D 222 -23.93 20.20 -102.31
CA ILE D 222 -24.81 20.54 -103.42
C ILE D 222 -24.95 19.34 -104.33
N ALA D 223 -23.82 18.68 -104.59
CA ALA D 223 -23.79 17.51 -105.44
C ALA D 223 -24.49 16.30 -104.78
N VAL D 224 -24.30 16.14 -103.48
CA VAL D 224 -25.01 15.09 -102.75
C VAL D 224 -26.51 15.31 -102.87
N ALA D 225 -26.96 16.53 -102.59
CA ALA D 225 -28.37 16.88 -102.70
C ALA D 225 -28.93 16.63 -104.10
N ASN D 226 -28.11 16.82 -105.12
CA ASN D 226 -28.57 16.66 -106.50
C ASN D 226 -28.84 15.21 -106.89
N THR D 227 -28.41 14.27 -106.06
CA THR D 227 -28.69 12.86 -106.33
C THR D 227 -30.06 12.46 -105.79
N LEU D 228 -30.75 13.42 -105.17
CA LEU D 228 -32.06 13.20 -104.60
C LEU D 228 -33.16 13.54 -105.59
N PRO D 229 -34.32 12.86 -105.49
CA PRO D 229 -35.47 13.18 -106.34
C PRO D 229 -36.03 14.56 -105.98
N LYS D 230 -35.90 15.50 -106.90
CA LYS D 230 -36.14 16.92 -106.60
C LYS D 230 -37.52 17.21 -106.02
N GLU D 231 -38.53 16.45 -106.44
CA GLU D 231 -39.89 16.67 -105.96
C GLU D 231 -40.06 16.38 -104.47
N LYS D 232 -39.07 15.71 -103.87
CA LYS D 232 -39.14 15.39 -102.44
C LYS D 232 -38.38 16.41 -101.60
N THR D 233 -37.79 17.40 -102.27
CA THR D 233 -37.13 18.50 -101.57
C THR D 233 -37.96 19.77 -101.64
N ARG D 234 -37.90 20.56 -100.58
CA ARG D 234 -38.57 21.85 -100.55
C ARG D 234 -37.60 22.86 -99.94
N PHE D 235 -36.70 23.38 -100.77
CA PHE D 235 -35.63 24.28 -100.30
C PHE D 235 -35.92 25.73 -100.63
N GLY D 236 -35.83 26.59 -99.64
CA GLY D 236 -36.02 28.01 -99.84
C GLY D 236 -36.96 28.59 -98.80
N GLU D 237 -37.50 29.76 -99.09
CA GLU D 237 -38.49 30.37 -98.20
C GLU D 237 -39.71 29.45 -98.14
N LYS D 238 -39.92 28.69 -99.22
CA LYS D 238 -41.05 27.79 -99.32
C LYS D 238 -40.85 26.56 -98.43
N GLY D 239 -39.70 26.49 -97.77
CA GLY D 239 -39.38 25.35 -96.94
C GLY D 239 -39.10 25.72 -95.50
N LYS D 240 -39.25 27.00 -95.19
CA LYS D 240 -39.04 27.48 -93.84
C LYS D 240 -40.14 26.94 -92.93
N VAL D 241 -39.75 26.32 -91.83
CA VAL D 241 -40.69 25.79 -90.86
C VAL D 241 -40.92 26.81 -89.75
N THR D 242 -42.18 27.10 -89.46
CA THR D 242 -42.51 28.13 -88.47
C THR D 242 -43.15 27.56 -87.21
N LYS D 243 -43.81 26.41 -87.34
CA LYS D 243 -44.41 25.76 -86.18
C LYS D 243 -44.44 24.24 -86.32
N VAL D 244 -44.10 23.56 -85.24
CA VAL D 244 -44.17 22.11 -85.18
C VAL D 244 -45.15 21.69 -84.09
N ASN D 245 -46.24 21.06 -84.51
CA ASN D 245 -47.24 20.57 -83.57
C ASN D 245 -47.04 19.09 -83.27
N ALA D 246 -46.36 18.81 -82.17
CA ALA D 246 -45.99 17.44 -81.82
C ALA D 246 -47.20 16.57 -81.55
N ASN D 247 -48.25 17.15 -80.98
CA ASN D 247 -49.42 16.38 -80.57
C ASN D 247 -50.14 15.70 -81.72
N ASN D 248 -50.47 16.46 -82.76
CA ASN D 248 -51.10 15.87 -83.93
C ASN D 248 -50.12 15.74 -85.09
N LYS D 249 -48.83 15.73 -84.74
CA LYS D 249 -47.76 15.47 -85.70
C LYS D 249 -47.93 16.26 -86.99
N THR D 250 -48.01 17.57 -86.88
CA THR D 250 -48.13 18.42 -88.07
C THR D 250 -47.11 19.55 -88.06
N VAL D 251 -46.57 19.85 -89.23
CA VAL D 251 -45.60 20.92 -89.38
C VAL D 251 -46.14 22.00 -90.31
N THR D 252 -45.98 23.26 -89.91
CA THR D 252 -46.48 24.38 -90.70
C THR D 252 -45.36 25.26 -91.24
N LEU D 253 -45.39 25.52 -92.54
CA LEU D 253 -44.35 26.31 -93.21
C LEU D 253 -44.70 27.79 -93.26
N GLN D 254 -43.74 28.61 -93.69
CA GLN D 254 -43.94 30.05 -93.80
C GLN D 254 -45.14 30.37 -94.68
N ASP D 255 -45.11 29.86 -95.91
CA ASP D 255 -46.17 30.15 -96.87
C ASP D 255 -47.53 29.55 -96.49
N GLY D 256 -47.58 28.93 -95.32
CA GLY D 256 -48.85 28.43 -94.80
C GLY D 256 -49.10 26.95 -95.02
N THR D 257 -48.27 26.32 -95.86
CA THR D 257 -48.39 24.90 -96.14
C THR D 257 -48.30 24.05 -94.88
N THR D 258 -49.11 22.98 -94.82
CA THR D 258 -49.09 22.07 -93.68
C THR D 258 -48.63 20.68 -94.10
N ILE D 259 -47.72 20.10 -93.31
CA ILE D 259 -47.20 18.76 -93.60
C ILE D 259 -47.50 17.82 -92.45
N GLY D 260 -48.00 16.64 -92.78
CA GLY D 260 -48.25 15.61 -91.78
C GLY D 260 -47.19 14.53 -91.87
N TYR D 261 -46.74 14.06 -90.71
CA TYR D 261 -45.68 13.06 -90.66
C TYR D 261 -45.99 11.98 -89.63
N LYS D 262 -45.39 10.81 -89.81
CA LYS D 262 -45.45 9.77 -88.81
C LYS D 262 -44.21 9.80 -87.92
N LYS D 263 -43.07 10.12 -88.53
CA LYS D 263 -41.82 10.28 -87.79
C LYS D 263 -41.09 11.53 -88.27
N LEU D 264 -40.50 12.27 -87.33
CA LEU D 264 -39.84 13.51 -87.66
C LEU D 264 -38.34 13.44 -87.35
N VAL D 265 -37.53 13.78 -88.34
CA VAL D 265 -36.10 13.94 -88.14
C VAL D 265 -35.77 15.42 -88.21
N SER D 266 -35.61 16.04 -87.05
CA SER D 266 -35.33 17.47 -86.98
C SER D 266 -33.84 17.72 -86.76
N THR D 267 -33.22 18.47 -87.67
CA THR D 267 -31.81 18.77 -87.53
C THR D 267 -31.56 20.24 -87.22
N MET D 268 -32.61 21.00 -86.94
CA MET D 268 -32.45 22.39 -86.52
C MET D 268 -31.98 22.43 -85.07
N ALA D 269 -31.41 23.54 -84.65
CA ALA D 269 -30.97 23.68 -83.26
C ALA D 269 -32.12 23.28 -82.34
N VAL D 270 -31.81 22.45 -81.34
CA VAL D 270 -32.85 21.85 -80.50
C VAL D 270 -33.59 22.88 -79.65
N ASP D 271 -32.95 24.01 -79.37
CA ASP D 271 -33.60 25.09 -78.65
C ASP D 271 -34.61 25.83 -79.53
N PHE D 272 -34.29 25.95 -80.82
CA PHE D 272 -35.24 26.49 -81.79
C PHE D 272 -36.43 25.54 -81.99
N LEU D 273 -36.16 24.24 -81.98
CA LEU D 273 -37.23 23.25 -82.11
C LEU D 273 -38.17 23.35 -80.92
N ALA D 274 -37.61 23.51 -79.72
CA ALA D 274 -38.43 23.71 -78.53
C ALA D 274 -39.37 24.89 -78.75
N GLU D 275 -38.79 26.02 -79.13
CA GLU D 275 -39.55 27.22 -79.45
C GLU D 275 -40.67 26.90 -80.44
N ALA D 276 -40.30 26.35 -81.60
CA ALA D 276 -41.26 26.08 -82.67
C ALA D 276 -42.32 25.05 -82.27
N MET D 277 -42.10 24.35 -81.16
CA MET D 277 -43.05 23.38 -80.67
C MET D 277 -44.04 24.00 -79.68
N ASN D 278 -43.62 25.12 -79.07
CA ASN D 278 -44.40 25.76 -78.01
C ASN D 278 -44.54 24.84 -76.82
N ASP D 279 -43.45 24.19 -76.46
CA ASP D 279 -43.40 23.32 -75.29
C ASP D 279 -42.52 23.96 -74.24
N GLN D 280 -43.13 24.43 -73.16
CA GLN D 280 -42.42 25.17 -72.13
C GLN D 280 -41.42 24.32 -71.37
N GLU D 281 -41.79 23.07 -71.08
CA GLU D 281 -40.90 22.16 -70.38
C GLU D 281 -39.60 22.02 -71.17
N LEU D 282 -39.72 21.65 -72.44
CA LEU D 282 -38.56 21.51 -73.31
C LEU D 282 -37.75 22.80 -73.37
N VAL D 283 -38.39 23.90 -73.76
CA VAL D 283 -37.73 25.20 -73.80
C VAL D 283 -36.95 25.44 -72.52
N GLY D 284 -37.50 25.00 -71.39
CA GLY D 284 -36.83 25.16 -70.11
C GLY D 284 -35.56 24.34 -70.01
N LEU D 285 -35.67 23.04 -70.29
CA LEU D 285 -34.51 22.15 -70.30
C LEU D 285 -33.51 22.64 -71.34
N THR D 286 -34.03 23.15 -72.45
CA THR D 286 -33.20 23.61 -73.55
C THR D 286 -32.34 24.82 -73.19
N LYS D 287 -32.72 25.50 -72.11
CA LYS D 287 -31.98 26.68 -71.66
C LYS D 287 -30.69 26.28 -70.98
N GLN D 288 -30.71 25.11 -70.34
CA GLN D 288 -29.56 24.61 -69.60
C GLN D 288 -28.37 24.30 -70.50
N LEU D 289 -28.62 24.19 -71.80
CA LEU D 289 -27.55 23.98 -72.77
C LEU D 289 -26.80 25.30 -73.02
N PHE D 290 -25.53 25.19 -73.34
CA PHE D 290 -24.70 26.37 -73.60
C PHE D 290 -24.01 26.25 -74.95
N TYR D 291 -23.92 27.37 -75.68
CA TYR D 291 -23.21 27.40 -76.95
C TYR D 291 -22.45 28.72 -77.12
N SER D 292 -21.41 28.69 -77.96
CA SER D 292 -20.70 29.90 -78.31
C SER D 292 -20.99 30.30 -79.75
N SER D 293 -20.91 31.59 -80.02
CA SER D 293 -21.05 32.11 -81.37
C SER D 293 -19.66 32.14 -82.00
N THR D 294 -19.59 32.13 -83.32
CA THR D 294 -18.28 32.24 -83.97
C THR D 294 -18.26 33.24 -85.12
N HIS D 295 -17.11 33.86 -85.31
CA HIS D 295 -16.90 34.76 -86.43
C HIS D 295 -15.98 34.07 -87.41
N VAL D 296 -16.45 33.93 -88.66
CA VAL D 296 -15.60 33.43 -89.73
C VAL D 296 -15.09 34.62 -90.53
N ILE D 297 -13.77 34.85 -90.47
CA ILE D 297 -13.16 35.95 -91.19
C ILE D 297 -12.36 35.44 -92.38
N GLY D 298 -12.49 36.11 -93.51
CA GLY D 298 -11.71 35.79 -94.69
C GLY D 298 -10.94 36.99 -95.21
N VAL D 299 -9.69 36.76 -95.60
CA VAL D 299 -8.85 37.82 -96.14
C VAL D 299 -8.19 37.36 -97.44
N GLY D 300 -8.46 38.07 -98.53
CA GLY D 300 -7.81 37.81 -99.79
C GLY D 300 -6.70 38.81 -100.01
N VAL D 301 -5.55 38.35 -100.44
CA VAL D 301 -4.40 39.22 -100.58
C VAL D 301 -3.66 38.96 -101.88
N ARG D 302 -2.99 39.98 -102.41
CA ARG D 302 -2.24 39.87 -103.65
C ARG D 302 -0.85 39.31 -103.41
N GLY D 303 -0.34 38.56 -104.39
CA GLY D 303 1.02 38.06 -104.36
C GLY D 303 1.13 36.56 -104.55
N SER D 304 2.32 36.12 -104.93
CA SER D 304 2.61 34.69 -104.96
C SER D 304 2.62 34.19 -103.52
N ARG D 305 2.44 32.90 -103.33
CA ARG D 305 2.42 32.35 -101.98
C ARG D 305 3.80 32.47 -101.32
N PRO D 306 3.91 33.34 -100.31
CA PRO D 306 5.16 33.64 -99.61
C PRO D 306 5.87 32.40 -99.06
N GLU D 307 7.20 32.48 -98.97
CA GLU D 307 8.02 31.37 -98.47
C GLU D 307 7.62 30.94 -97.06
N ARG D 308 7.51 31.92 -96.17
CA ARG D 308 7.34 31.66 -94.74
C ARG D 308 6.11 30.83 -94.39
N ILE D 309 5.10 30.86 -95.27
CA ILE D 309 3.80 30.27 -94.94
C ILE D 309 3.73 28.76 -95.14
N GLY D 310 4.32 28.26 -96.22
CA GLY D 310 4.42 26.82 -96.44
C GLY D 310 3.23 26.17 -97.13
N ASP D 311 2.80 25.02 -96.60
CA ASP D 311 1.80 24.20 -97.26
C ASP D 311 0.50 23.97 -96.47
N LYS D 312 -0.42 24.91 -96.59
CA LYS D 312 -1.82 24.75 -96.16
C LYS D 312 -2.08 24.25 -94.73
N CYS D 313 -3.31 23.73 -94.55
N CYS D 313 -3.26 23.66 -94.56
CA CYS D 313 -3.75 23.10 -93.31
CA CYS D 313 -3.67 23.04 -93.30
C CYS D 313 -3.89 24.04 -92.11
C CYS D 313 -4.05 24.07 -92.26
N TRP D 314 -4.49 23.52 -91.04
N TRP D 314 -4.32 23.59 -91.04
CA TRP D 314 -4.82 24.33 -89.87
CA TRP D 314 -4.80 24.42 -89.96
C TRP D 314 -3.61 24.87 -89.10
C TRP D 314 -3.67 24.85 -89.05
N LEU D 315 -3.76 26.07 -88.55
CA LEU D 315 -2.77 26.63 -87.65
C LEU D 315 -3.47 27.02 -86.35
N TYR D 316 -2.87 26.69 -85.21
CA TYR D 316 -3.52 26.97 -83.92
C TYR D 316 -2.81 28.06 -83.12
N PHE D 317 -3.59 28.92 -82.49
CA PHE D 317 -3.06 30.12 -81.85
C PHE D 317 -3.44 30.27 -80.38
N PRO D 318 -2.64 29.67 -79.49
CA PRO D 318 -2.79 29.74 -78.03
C PRO D 318 -2.59 31.14 -77.45
N GLU D 319 -1.69 31.92 -78.05
CA GLU D 319 -1.22 33.17 -77.44
C GLU D 319 -2.21 34.33 -77.54
N ASP D 320 -1.90 35.43 -76.86
CA ASP D 320 -2.82 36.56 -76.78
C ASP D 320 -2.49 37.72 -77.74
N ASN D 321 -1.63 37.46 -78.72
CA ASN D 321 -1.35 38.47 -79.75
C ASN D 321 -2.26 38.37 -80.98
N CYS D 322 -3.39 37.68 -80.81
CA CYS D 322 -4.39 37.58 -81.88
C CYS D 322 -5.70 37.03 -81.32
N PRO D 323 -6.82 37.57 -81.79
CA PRO D 323 -8.13 37.19 -81.24
C PRO D 323 -8.62 35.82 -81.73
N PHE D 324 -8.09 35.35 -82.85
CA PHE D 324 -8.55 34.09 -83.43
C PHE D 324 -7.85 32.87 -82.83
N TYR D 325 -8.51 31.70 -82.89
CA TYR D 325 -7.91 30.48 -82.33
C TYR D 325 -7.33 29.56 -83.40
N ARG D 326 -7.89 29.60 -84.61
CA ARG D 326 -7.31 28.86 -85.71
C ARG D 326 -7.48 29.59 -87.03
N ALA D 327 -6.63 29.24 -88.00
CA ALA D 327 -6.65 29.86 -89.31
C ALA D 327 -6.07 28.87 -90.30
N THR D 328 -6.30 29.13 -91.58
CA THR D 328 -5.77 28.27 -92.61
C THR D 328 -5.54 29.05 -93.89
N ILE D 329 -4.52 28.67 -94.63
CA ILE D 329 -4.26 29.26 -95.93
C ILE D 329 -5.16 28.55 -96.93
N PHE D 330 -6.41 29.01 -97.01
CA PHE D 330 -7.43 28.34 -97.82
C PHE D 330 -6.99 28.22 -99.28
N SER D 331 -6.29 29.23 -99.78
CA SER D 331 -5.86 29.25 -101.17
C SER D 331 -4.93 28.07 -101.50
N ASN D 332 -4.37 27.45 -100.46
CA ASN D 332 -3.54 26.27 -100.68
C ASN D 332 -4.34 25.00 -101.01
N TYR D 333 -5.62 24.98 -100.64
CA TYR D 333 -6.44 23.78 -100.80
C TYR D 333 -6.83 23.53 -102.25
N SER D 334 -7.04 24.61 -102.98
CA SER D 334 -7.39 24.52 -104.40
C SER D 334 -7.19 25.86 -105.12
N PRO D 335 -6.66 25.81 -106.33
CA PRO D 335 -6.46 27.03 -107.15
C PRO D 335 -7.77 27.68 -107.51
N TYR D 336 -8.88 27.02 -107.22
CA TYR D 336 -10.20 27.55 -107.56
C TYR D 336 -10.92 28.17 -106.38
N ASN D 337 -10.22 28.32 -105.25
CA ASN D 337 -10.81 28.98 -104.09
C ASN D 337 -10.73 30.50 -104.21
N GLN D 338 -10.03 30.97 -105.24
CA GLN D 338 -9.83 32.40 -105.44
C GLN D 338 -9.53 32.74 -106.91
N PRO D 339 -9.69 34.02 -107.29
CA PRO D 339 -9.57 34.40 -108.70
C PRO D 339 -8.22 34.03 -109.29
N GLU D 340 -8.18 33.71 -110.59
CA GLU D 340 -6.94 33.46 -111.28
C GLU D 340 -6.15 34.76 -111.42
N ALA D 341 -4.86 34.64 -111.73
CA ALA D 341 -3.96 35.79 -111.76
C ALA D 341 -4.45 36.90 -112.69
N SER D 342 -4.95 36.53 -113.87
CA SER D 342 -5.35 37.52 -114.88
C SER D 342 -6.46 38.44 -114.37
N LYS D 343 -7.19 38.01 -113.35
CA LYS D 343 -8.24 38.83 -112.77
C LYS D 343 -7.63 40.08 -112.15
N LYS D 344 -8.28 41.23 -112.35
CA LYS D 344 -7.75 42.49 -111.84
C LYS D 344 -8.61 43.06 -110.73
N LEU D 345 -7.96 43.36 -109.61
CA LEU D 345 -8.66 43.84 -108.43
C LEU D 345 -7.87 44.97 -107.76
N PRO D 346 -8.59 45.96 -107.23
CA PRO D 346 -7.98 47.09 -106.49
C PRO D 346 -7.65 46.71 -105.06
N THR D 347 -6.50 47.15 -104.57
CA THR D 347 -6.15 46.97 -103.16
C THR D 347 -7.09 47.78 -102.30
N MET D 348 -7.64 47.16 -101.26
CA MET D 348 -8.58 47.83 -100.36
C MET D 348 -7.85 48.49 -99.22
N GLN D 349 -6.82 47.81 -98.72
CA GLN D 349 -6.02 48.31 -97.61
C GLN D 349 -4.75 47.48 -97.51
N LEU D 350 -3.80 47.97 -96.72
CA LEU D 350 -2.59 47.20 -96.46
C LEU D 350 -2.78 46.47 -95.13
N ALA D 351 -1.96 45.44 -94.90
CA ALA D 351 -2.08 44.66 -93.68
C ALA D 351 -1.94 45.52 -92.43
N ASP D 352 -1.14 46.57 -92.51
CA ASP D 352 -0.93 47.47 -91.36
C ASP D 352 -2.17 48.31 -91.07
N GLY D 353 -3.13 48.30 -91.99
CA GLY D 353 -4.37 49.02 -91.80
C GLY D 353 -4.47 50.38 -92.47
N SER D 354 -3.47 50.71 -93.28
CA SER D 354 -3.43 52.02 -93.95
C SER D 354 -3.85 51.92 -95.41
N ARG D 355 -4.31 53.05 -95.98
CA ARG D 355 -4.64 53.11 -97.39
C ARG D 355 -3.46 52.68 -98.25
N PRO D 356 -3.73 52.01 -99.38
CA PRO D 356 -2.68 51.63 -100.33
C PRO D 356 -2.20 52.84 -101.13
N GLN D 357 -1.00 52.76 -101.70
CA GLN D 357 -0.45 53.82 -102.51
C GLN D 357 -1.24 54.00 -103.82
N SER D 358 -1.69 52.89 -104.40
CA SER D 358 -2.47 52.93 -105.63
C SER D 358 -3.76 52.14 -105.50
N THR D 359 -4.85 52.72 -105.99
CA THR D 359 -6.17 52.07 -105.92
C THR D 359 -6.63 51.57 -107.29
N GLU D 360 -5.70 51.45 -108.22
CA GLU D 360 -6.01 50.92 -109.54
C GLU D 360 -6.12 49.40 -109.48
N ALA D 361 -7.10 48.84 -110.18
CA ALA D 361 -7.22 47.39 -110.27
C ALA D 361 -5.98 46.81 -110.93
N LYS D 362 -5.43 45.76 -110.36
CA LYS D 362 -4.21 45.16 -110.88
C LYS D 362 -4.27 43.65 -110.91
N GLU D 363 -3.32 43.05 -111.60
CA GLU D 363 -3.25 41.61 -111.78
C GLU D 363 -2.92 40.90 -110.47
N GLY D 364 -3.03 39.58 -110.47
CA GLY D 364 -2.64 38.77 -109.32
C GLY D 364 -1.20 38.34 -109.44
N PRO D 365 -0.92 37.06 -109.11
CA PRO D 365 -1.90 36.09 -108.61
C PRO D 365 -2.34 36.41 -107.19
N TYR D 366 -3.18 35.56 -106.63
CA TYR D 366 -3.74 35.81 -105.31
C TYR D 366 -3.55 34.64 -104.36
N TRP D 367 -3.66 34.92 -103.06
CA TRP D 367 -3.78 33.87 -102.05
C TRP D 367 -4.73 34.34 -100.96
N SER D 368 -5.04 33.47 -100.00
CA SER D 368 -6.21 33.67 -99.16
C SER D 368 -6.04 33.05 -97.77
N ILE D 369 -6.59 33.72 -96.76
CA ILE D 369 -6.49 33.26 -95.38
C ILE D 369 -7.86 33.28 -94.73
N MET D 370 -8.16 32.22 -93.98
CA MET D 370 -9.43 32.10 -93.28
C MET D 370 -9.16 31.83 -91.81
N LEU D 371 -9.95 32.44 -90.94
CA LEU D 371 -9.72 32.32 -89.51
C LEU D 371 -11.02 32.43 -88.72
N GLU D 372 -10.99 31.94 -87.48
CA GLU D 372 -12.20 31.87 -86.66
C GLU D 372 -12.01 32.52 -85.29
N VAL D 373 -13.03 33.25 -84.84
CA VAL D 373 -13.03 33.85 -83.53
C VAL D 373 -14.32 33.47 -82.78
N SER D 374 -14.16 32.98 -81.55
CA SER D 374 -15.30 32.59 -80.73
C SER D 374 -15.82 33.75 -79.89
N GLU D 375 -17.10 33.67 -79.50
CA GLU D 375 -17.73 34.71 -78.71
C GLU D 375 -18.75 34.10 -77.75
N SER D 376 -18.81 34.64 -76.54
CA SER D 376 -19.80 34.21 -75.56
C SER D 376 -19.96 35.25 -74.45
N SER D 377 -20.83 34.95 -73.50
CA SER D 377 -21.05 35.84 -72.37
C SER D 377 -19.77 36.09 -71.58
N MET D 378 -18.89 35.09 -71.53
CA MET D 378 -17.67 35.19 -70.74
C MET D 378 -16.49 35.66 -71.58
N LYS D 379 -16.71 35.91 -72.87
CA LYS D 379 -15.65 36.34 -73.77
C LYS D 379 -16.25 37.08 -74.96
N PRO D 380 -16.64 38.34 -74.76
CA PRO D 380 -17.34 39.12 -75.78
C PRO D 380 -16.41 39.61 -76.89
N VAL D 381 -16.99 40.06 -78.00
CA VAL D 381 -16.20 40.64 -79.08
C VAL D 381 -16.87 41.89 -79.65
N ASN D 382 -16.04 42.87 -80.00
CA ASN D 382 -16.53 44.09 -80.64
C ASN D 382 -16.69 43.83 -82.14
N GLN D 383 -17.93 43.76 -82.60
CA GLN D 383 -18.20 43.38 -83.98
C GLN D 383 -17.69 44.41 -84.98
N GLU D 384 -17.54 45.66 -84.54
CA GLU D 384 -17.08 46.74 -85.42
C GLU D 384 -15.56 46.73 -85.61
N THR D 385 -14.84 46.17 -84.65
CA THR D 385 -13.39 46.24 -84.67
C THR D 385 -12.72 44.87 -84.86
N ILE D 386 -13.51 43.81 -84.81
CA ILE D 386 -12.97 42.45 -84.86
C ILE D 386 -12.18 42.16 -86.15
N LEU D 387 -12.68 42.63 -87.29
CA LEU D 387 -12.01 42.43 -88.56
C LEU D 387 -10.61 43.04 -88.50
N ALA D 388 -10.53 44.29 -88.06
CA ALA D 388 -9.25 44.99 -87.97
C ALA D 388 -8.31 44.32 -86.97
N ASP D 389 -8.85 43.95 -85.82
CA ASP D 389 -8.06 43.23 -84.81
C ASP D 389 -7.47 41.93 -85.37
N CYS D 390 -8.28 41.19 -86.13
CA CYS D 390 -7.82 39.95 -86.75
C CYS D 390 -6.70 40.18 -87.75
N ILE D 391 -6.90 41.18 -88.62
CA ILE D 391 -5.87 41.56 -89.58
C ILE D 391 -4.58 41.94 -88.85
N GLN D 392 -4.70 42.78 -87.84
CA GLN D 392 -3.54 43.11 -87.02
C GLN D 392 -2.93 41.87 -86.40
N GLY D 393 -3.79 40.93 -86.01
CA GLY D 393 -3.34 39.67 -85.44
C GLY D 393 -2.53 38.86 -86.43
N LEU D 394 -2.92 38.92 -87.68
CA LEU D 394 -2.19 38.23 -88.75
C LEU D 394 -0.80 38.82 -88.93
N VAL D 395 -0.67 40.11 -88.70
CA VAL D 395 0.65 40.75 -88.74
C VAL D 395 1.47 40.33 -87.54
N ASN D 396 0.87 40.37 -86.35
CA ASN D 396 1.57 40.01 -85.13
C ASN D 396 2.08 38.57 -85.15
N THR D 397 1.36 37.70 -85.84
CA THR D 397 1.75 36.29 -85.91
C THR D 397 2.68 36.02 -87.09
N GLU D 398 2.97 37.07 -87.85
CA GLU D 398 3.86 36.96 -89.01
C GLU D 398 3.25 36.10 -90.12
N MET D 399 1.95 36.19 -90.29
CA MET D 399 1.31 35.56 -91.44
C MET D 399 1.22 36.54 -92.61
N LEU D 400 0.90 37.80 -92.30
CA LEU D 400 0.97 38.87 -93.29
C LEU D 400 2.06 39.87 -92.92
N LYS D 401 2.79 40.35 -93.92
CA LYS D 401 3.69 41.47 -93.72
C LYS D 401 2.83 42.72 -93.63
N PRO D 402 3.34 43.76 -92.96
CA PRO D 402 2.54 44.99 -92.88
C PRO D 402 2.35 45.60 -94.26
N THR D 403 3.18 45.18 -95.20
CA THR D 403 3.16 45.72 -96.56
C THR D 403 2.22 44.95 -97.50
N ASP D 404 1.76 43.77 -97.08
CA ASP D 404 0.90 42.94 -97.92
C ASP D 404 -0.42 43.62 -98.26
N GLU D 405 -0.85 43.46 -99.51
CA GLU D 405 -2.00 44.18 -100.04
C GLU D 405 -3.28 43.36 -99.94
N ILE D 406 -4.28 43.91 -99.26
CA ILE D 406 -5.53 43.20 -99.06
C ILE D 406 -6.57 43.56 -100.13
N VAL D 407 -6.95 42.55 -100.90
CA VAL D 407 -7.86 42.73 -102.03
C VAL D 407 -9.31 42.38 -101.67
N SER D 408 -9.50 41.54 -100.66
CA SER D 408 -10.83 41.08 -100.30
C SER D 408 -10.94 40.74 -98.82
N THR D 409 -12.03 41.15 -98.20
CA THR D 409 -12.31 40.75 -96.82
C THR D 409 -13.66 40.05 -96.73
N TYR D 410 -13.79 39.16 -95.74
CA TYR D 410 -15.03 38.45 -95.50
C TYR D 410 -15.26 38.32 -94.00
N HIS D 411 -16.46 38.66 -93.55
CA HIS D 411 -16.78 38.61 -92.14
C HIS D 411 -18.24 38.23 -91.93
N ARG D 412 -18.46 37.10 -91.27
CA ARG D 412 -19.81 36.62 -90.99
C ARG D 412 -19.91 36.02 -89.60
N ARG D 413 -20.96 36.39 -88.88
CA ARG D 413 -21.16 35.90 -87.53
C ARG D 413 -22.27 34.87 -87.45
N PHE D 414 -21.97 33.71 -86.88
CA PHE D 414 -22.95 32.65 -86.70
C PHE D 414 -23.37 32.54 -85.24
N ASP D 415 -24.62 32.87 -84.95
CA ASP D 415 -25.13 32.84 -83.59
C ASP D 415 -24.82 31.51 -82.93
N HIS D 416 -25.34 30.43 -83.50
CA HIS D 416 -25.01 29.08 -83.05
C HIS D 416 -23.76 28.61 -83.76
N GLY D 417 -22.63 28.61 -83.06
CA GLY D 417 -21.37 28.27 -83.68
C GLY D 417 -20.79 26.96 -83.20
N TYR D 418 -20.74 26.80 -81.89
CA TYR D 418 -20.24 25.57 -81.28
C TYR D 418 -21.15 25.18 -80.13
N PRO D 419 -21.63 23.92 -80.13
CA PRO D 419 -22.36 23.40 -78.98
C PRO D 419 -21.36 23.01 -77.90
N THR D 420 -21.41 23.68 -76.75
CA THR D 420 -20.38 23.57 -75.73
C THR D 420 -20.54 22.34 -74.84
N PRO D 421 -19.48 21.52 -74.75
CA PRO D 421 -19.45 20.38 -73.83
C PRO D 421 -19.29 20.83 -72.36
N THR D 422 -20.25 21.60 -71.86
CA THR D 422 -20.22 22.01 -70.46
C THR D 422 -20.48 20.83 -69.54
N LEU D 423 -20.22 21.00 -68.25
CA LEU D 423 -20.47 19.95 -67.26
C LEU D 423 -21.95 19.62 -67.16
N GLU D 424 -22.79 20.56 -67.58
CA GLU D 424 -24.24 20.43 -67.46
C GLU D 424 -24.89 19.79 -68.68
N ARG D 425 -24.15 19.67 -69.78
CA ARG D 425 -24.71 19.25 -71.05
C ARG D 425 -25.53 17.95 -70.95
N GLU D 426 -24.87 16.88 -70.50
CA GLU D 426 -25.51 15.56 -70.49
C GLU D 426 -26.75 15.49 -69.58
N GLY D 427 -26.69 16.14 -68.43
CA GLY D 427 -27.83 16.21 -67.54
C GLY D 427 -29.07 16.74 -68.24
N ALA D 428 -28.86 17.64 -69.19
CA ALA D 428 -29.97 18.24 -69.94
C ALA D 428 -30.38 17.41 -71.15
N LEU D 429 -29.39 16.92 -71.89
CA LEU D 429 -29.66 16.12 -73.08
C LEU D 429 -30.35 14.81 -72.74
N THR D 430 -29.95 14.20 -71.63
CA THR D 430 -30.54 12.92 -71.22
C THR D 430 -32.01 13.07 -70.83
N GLN D 431 -32.47 14.31 -70.76
CA GLN D 431 -33.88 14.59 -70.56
C GLN D 431 -34.57 15.06 -71.83
N ILE D 432 -33.87 15.92 -72.58
CA ILE D 432 -34.44 16.53 -73.78
C ILE D 432 -34.69 15.53 -74.90
N LEU D 433 -33.70 14.68 -75.16
CA LEU D 433 -33.75 13.79 -76.30
C LEU D 433 -34.76 12.64 -76.12
N PRO D 434 -34.71 11.95 -74.98
CA PRO D 434 -35.73 10.92 -74.70
C PRO D 434 -37.15 11.48 -74.76
N LYS D 435 -37.36 12.67 -74.19
CA LYS D 435 -38.68 13.29 -74.21
C LYS D 435 -39.16 13.56 -75.64
N LEU D 436 -38.27 14.05 -76.50
CA LEU D 436 -38.60 14.28 -77.90
C LEU D 436 -38.84 12.95 -78.62
N GLN D 437 -38.14 11.92 -78.16
CA GLN D 437 -38.27 10.58 -78.72
C GLN D 437 -39.68 10.03 -78.51
N ASP D 438 -40.22 10.25 -77.32
CA ASP D 438 -41.54 9.75 -76.97
C ASP D 438 -42.63 10.41 -77.81
N LYS D 439 -42.24 11.36 -78.66
CA LYS D 439 -43.19 12.00 -79.56
C LYS D 439 -42.84 11.66 -81.01
N ASP D 440 -42.03 10.62 -81.19
CA ASP D 440 -41.56 10.23 -82.51
C ASP D 440 -40.78 11.35 -83.20
N ILE D 441 -39.98 12.06 -82.40
CA ILE D 441 -39.14 13.12 -82.93
C ILE D 441 -37.67 12.79 -82.69
N TRP D 442 -36.95 12.53 -83.78
CA TRP D 442 -35.52 12.28 -83.72
C TRP D 442 -34.77 13.60 -83.93
N SER D 443 -34.37 14.24 -82.83
CA SER D 443 -33.59 15.47 -82.92
C SER D 443 -32.11 15.12 -83.02
N ARG D 444 -31.51 15.39 -84.17
CA ARG D 444 -30.13 14.96 -84.42
C ARG D 444 -29.33 16.02 -85.12
N GLY D 445 -28.01 15.98 -84.94
CA GLY D 445 -27.13 16.92 -85.62
C GLY D 445 -26.25 17.70 -84.68
N ARG D 446 -25.41 18.55 -85.25
CA ARG D 446 -24.49 19.38 -84.48
C ARG D 446 -25.23 20.15 -83.39
N PHE D 447 -26.34 20.80 -83.76
CA PHE D 447 -27.18 21.45 -82.76
C PHE D 447 -28.51 20.73 -82.50
N GLY D 448 -28.79 19.71 -83.31
CA GLY D 448 -29.98 18.91 -83.12
C GLY D 448 -29.86 17.98 -81.93
N SER D 449 -28.66 17.48 -81.69
CA SER D 449 -28.39 16.67 -80.52
C SER D 449 -27.23 17.23 -79.68
N TRP D 450 -26.61 18.29 -80.18
CA TRP D 450 -25.74 19.14 -79.36
C TRP D 450 -24.44 18.52 -78.86
N ARG D 451 -23.88 17.56 -79.61
CA ARG D 451 -22.69 16.87 -79.14
C ARG D 451 -21.50 17.04 -80.08
N TYR D 452 -20.57 17.90 -79.68
CA TYR D 452 -19.42 18.26 -80.49
C TYR D 452 -18.55 17.08 -80.92
N GLU D 453 -18.41 16.08 -80.05
CA GLU D 453 -17.58 14.91 -80.36
C GLU D 453 -18.02 14.20 -81.63
N VAL D 454 -19.31 14.31 -81.95
CA VAL D 454 -19.84 13.75 -83.18
C VAL D 454 -20.42 14.86 -84.04
N GLY D 455 -19.69 15.97 -84.11
CA GLY D 455 -20.18 17.16 -84.78
C GLY D 455 -19.59 17.41 -86.15
N ASN D 456 -18.52 16.69 -86.50
CA ASN D 456 -17.95 16.79 -87.85
C ASN D 456 -18.96 16.36 -88.91
N GLN D 457 -18.68 16.71 -90.15
CA GLN D 457 -19.60 16.46 -91.25
C GLN D 457 -19.90 14.97 -91.45
N ASP D 458 -18.88 14.13 -91.41
CA ASP D 458 -19.09 12.70 -91.53
C ASP D 458 -19.94 12.15 -90.37
N HIS D 459 -19.60 12.53 -89.13
CA HIS D 459 -20.40 12.13 -87.98
C HIS D 459 -21.84 12.58 -88.08
N SER D 460 -22.05 13.86 -88.37
CA SER D 460 -23.39 14.43 -88.47
C SER D 460 -24.18 13.75 -89.58
N PHE D 461 -23.53 13.54 -90.71
CA PHE D 461 -24.14 12.83 -91.82
C PHE D 461 -24.66 11.50 -91.30
N MET D 462 -23.79 10.73 -90.64
CA MET D 462 -24.18 9.42 -90.14
C MET D 462 -25.24 9.48 -89.03
N LEU D 463 -25.29 10.58 -88.27
CA LEU D 463 -26.38 10.73 -87.32
C LEU D 463 -27.71 10.70 -88.05
N GLY D 464 -27.75 11.31 -89.22
CA GLY D 464 -28.94 11.35 -90.05
C GLY D 464 -29.23 9.98 -90.62
N VAL D 465 -28.21 9.35 -91.18
CA VAL D 465 -28.33 8.00 -91.72
C VAL D 465 -28.81 7.00 -90.66
N GLU D 466 -28.23 7.08 -89.48
CA GLU D 466 -28.55 6.12 -88.44
C GLU D 466 -29.93 6.34 -87.84
N ALA D 467 -30.38 7.58 -87.83
CA ALA D 467 -31.71 7.88 -87.30
C ALA D 467 -32.77 7.24 -88.20
N VAL D 468 -32.56 7.35 -89.50
CA VAL D 468 -33.44 6.71 -90.46
C VAL D 468 -33.38 5.19 -90.33
N ASP D 469 -32.18 4.66 -90.13
CA ASP D 469 -32.02 3.23 -89.97
C ASP D 469 -32.70 2.73 -88.70
N ASN D 470 -32.80 3.61 -87.70
CA ASN D 470 -33.50 3.27 -86.47
C ASN D 470 -35.01 3.32 -86.67
N ILE D 471 -35.46 4.35 -87.38
CA ILE D 471 -36.88 4.51 -87.66
C ILE D 471 -37.40 3.33 -88.49
N VAL D 472 -36.61 2.91 -89.47
CA VAL D 472 -37.07 1.92 -90.44
C VAL D 472 -36.64 0.49 -90.14
N ASN D 473 -35.37 0.30 -89.78
CA ASN D 473 -34.84 -1.05 -89.58
C ASN D 473 -34.50 -1.41 -88.13
N GLY D 474 -34.87 -0.55 -87.20
CA GLY D 474 -34.56 -0.79 -85.80
C GLY D 474 -33.07 -0.88 -85.49
N ALA D 475 -32.24 -0.18 -86.26
CA ALA D 475 -30.80 -0.16 -86.00
C ALA D 475 -30.47 0.63 -84.75
N VAL D 476 -29.32 0.32 -84.14
CA VAL D 476 -28.84 1.08 -83.01
C VAL D 476 -28.24 2.41 -83.46
N GLU D 477 -28.58 3.48 -82.78
CA GLU D 477 -27.98 4.76 -83.10
C GLU D 477 -26.62 4.88 -82.41
N LEU D 478 -25.63 4.28 -83.04
CA LEU D 478 -24.29 4.13 -82.47
C LEU D 478 -23.53 5.45 -82.37
N THR D 479 -23.58 6.26 -83.42
CA THR D 479 -22.85 7.52 -83.44
C THR D 479 -23.37 8.47 -82.38
N LEU D 480 -24.69 8.49 -82.20
CA LEU D 480 -25.33 9.34 -81.20
C LEU D 480 -24.94 8.99 -79.76
N ASN D 481 -24.97 7.70 -79.44
CA ASN D 481 -24.81 7.27 -78.05
C ASN D 481 -23.46 6.66 -77.69
N TYR D 482 -22.69 6.23 -78.69
CA TYR D 482 -21.39 5.62 -78.41
C TYR D 482 -20.27 6.12 -79.34
N PRO D 483 -20.00 7.44 -79.29
CA PRO D 483 -18.96 8.05 -80.11
C PRO D 483 -17.59 7.34 -80.00
N ASP D 484 -17.23 6.91 -78.81
CA ASP D 484 -15.96 6.20 -78.63
C ASP D 484 -15.95 4.88 -79.40
N PHE D 485 -17.12 4.24 -79.46
CA PHE D 485 -17.25 2.98 -80.17
C PHE D 485 -17.02 3.15 -81.67
N VAL D 486 -17.64 4.16 -82.26
CA VAL D 486 -17.55 4.37 -83.69
C VAL D 486 -16.21 4.94 -84.12
N ASN D 487 -15.64 5.83 -83.30
CA ASN D 487 -14.33 6.40 -83.61
C ASN D 487 -13.20 5.39 -83.51
N GLY D 488 -13.41 4.33 -82.74
CA GLY D 488 -12.37 3.36 -82.48
C GLY D 488 -12.36 2.16 -83.42
N ARG D 489 -13.24 2.17 -84.40
CA ARG D 489 -13.34 1.03 -85.30
C ARG D 489 -13.43 1.45 -86.77
N GLN D 490 -13.24 0.48 -87.67
CA GLN D 490 -13.49 0.70 -89.08
C GLN D 490 -14.94 0.38 -89.42
N ASN D 491 -15.72 1.41 -89.72
CA ASN D 491 -17.14 1.24 -89.99
C ASN D 491 -17.43 0.94 -91.46
N THR D 492 -17.45 -0.36 -91.79
CA THR D 492 -17.50 -0.78 -93.17
C THR D 492 -18.78 -1.53 -93.57
N GLU D 493 -19.62 -1.84 -92.59
CA GLU D 493 -20.79 -2.69 -92.84
C GLU D 493 -21.87 -1.99 -93.66
N ARG D 494 -22.19 -0.76 -93.31
CA ARG D 494 -23.24 -0.03 -94.00
C ARG D 494 -22.72 0.63 -95.28
N ARG D 495 -23.35 0.33 -96.41
CA ARG D 495 -22.92 0.85 -97.70
C ARG D 495 -24.07 1.50 -98.46
N LEU D 496 -23.74 2.35 -99.43
CA LEU D 496 -24.77 2.97 -100.28
C LEU D 496 -25.54 1.90 -101.10
N VAL D 497 -24.88 0.78 -101.38
CA VAL D 497 -25.59 -0.37 -101.93
C VAL D 497 -25.54 -1.57 -100.96
N ASP D 498 -26.65 -1.82 -100.28
CA ASP D 498 -26.73 -2.96 -99.35
C ASP D 498 -27.34 -4.21 -100.03
N GLY D 499 -27.26 -5.35 -99.35
CA GLY D 499 -27.83 -6.58 -99.86
C GLY D 499 -29.27 -6.45 -100.31
N ALA D 500 -30.04 -5.67 -99.56
CA ALA D 500 -31.44 -5.42 -99.91
C ALA D 500 -31.57 -4.94 -101.35
N GLN D 501 -30.76 -3.96 -101.75
CA GLN D 501 -30.85 -3.40 -103.09
C GLN D 501 -30.31 -4.37 -104.15
N VAL D 502 -29.26 -5.11 -103.80
CA VAL D 502 -28.73 -6.13 -104.71
C VAL D 502 -29.78 -7.21 -105.01
N PHE D 503 -30.38 -7.77 -103.96
CA PHE D 503 -31.36 -8.84 -104.14
C PHE D 503 -32.55 -8.34 -104.94
N ALA D 504 -33.04 -7.16 -104.58
CA ALA D 504 -34.22 -6.59 -105.24
C ALA D 504 -33.97 -6.33 -106.72
N LYS D 505 -32.79 -5.79 -107.03
CA LYS D 505 -32.44 -5.48 -108.42
C LYS D 505 -32.28 -6.78 -109.22
N SER D 506 -31.58 -7.74 -108.64
CA SER D 506 -31.35 -9.02 -109.28
C SER D 506 -32.68 -9.71 -109.60
N LYS D 507 -33.67 -9.48 -108.75
CA LYS D 507 -34.99 -10.09 -108.91
C LYS D 507 -35.81 -9.42 -110.02
N ALA D 508 -35.58 -8.13 -110.22
CA ALA D 508 -36.31 -7.36 -111.21
C ALA D 508 -35.96 -7.80 -112.63
N GLN D 509 -34.77 -8.36 -112.79
CA GLN D 509 -34.31 -8.83 -114.10
C GLN D 509 -34.82 -10.25 -114.41
N LEU D 510 -34.79 -11.12 -113.41
CA LEU D 510 -35.25 -12.50 -113.58
C LEU D 510 -36.65 -12.56 -114.20
N THR E 1 -70.68 2.42 42.58
CA THR E 1 -70.16 3.38 41.61
C THR E 1 -68.91 2.85 40.90
N HIS E 2 -69.06 2.52 39.63
CA HIS E 2 -67.95 1.98 38.84
C HIS E 2 -67.25 3.08 38.04
N PRO E 3 -65.92 2.98 37.92
CA PRO E 3 -65.15 3.91 37.10
C PRO E 3 -65.39 3.61 35.62
N ASP E 4 -65.13 4.60 34.77
CA ASP E 4 -65.34 4.42 33.33
C ASP E 4 -64.51 3.25 32.78
N ILE E 5 -63.28 3.12 33.27
CA ILE E 5 -62.36 2.11 32.76
C ILE E 5 -61.71 1.34 33.91
N SER E 6 -61.67 0.01 33.78
CA SER E 6 -61.01 -0.84 34.77
C SER E 6 -59.98 -1.78 34.12
N VAL E 7 -58.75 -1.75 34.63
CA VAL E 7 -57.69 -2.60 34.14
C VAL E 7 -56.96 -3.27 35.29
N ASP E 8 -56.29 -4.39 35.01
CA ASP E 8 -55.49 -5.06 36.02
C ASP E 8 -54.26 -4.23 36.39
N VAL E 9 -53.56 -3.73 35.36
CA VAL E 9 -52.35 -2.93 35.61
C VAL E 9 -52.41 -1.60 34.85
N LEU E 10 -52.40 -0.50 35.59
CA LEU E 10 -52.35 0.82 34.96
C LEU E 10 -50.93 1.40 34.99
N VAL E 11 -50.49 1.94 33.87
CA VAL E 11 -49.17 2.55 33.77
C VAL E 11 -49.30 4.05 33.53
N ILE E 12 -48.64 4.85 34.36
CA ILE E 12 -48.69 6.29 34.20
C ILE E 12 -47.35 6.82 33.70
N GLY E 13 -47.39 7.53 32.58
CA GLY E 13 -46.19 8.09 31.97
C GLY E 13 -45.64 7.20 30.88
N ALA E 14 -45.34 7.78 29.73
CA ALA E 14 -44.85 7.01 28.59
C ALA E 14 -43.45 7.45 28.18
N GLY E 15 -42.59 7.67 29.18
CA GLY E 15 -41.16 7.80 28.93
C GLY E 15 -40.62 6.38 28.84
N PRO E 16 -39.30 6.25 28.71
CA PRO E 16 -38.70 4.91 28.58
C PRO E 16 -39.19 3.93 29.65
N THR E 17 -39.47 4.43 30.85
CA THR E 17 -39.87 3.57 31.96
C THR E 17 -41.29 3.03 31.77
N GLY E 18 -42.20 3.91 31.38
CA GLY E 18 -43.57 3.50 31.12
C GLY E 18 -43.63 2.58 29.91
N LEU E 19 -42.94 2.99 28.84
CA LEU E 19 -42.92 2.20 27.62
C LEU E 19 -42.31 0.84 27.88
N GLY E 20 -41.41 0.78 28.87
CA GLY E 20 -40.84 -0.48 29.29
C GLY E 20 -41.88 -1.38 29.94
N ALA E 21 -42.71 -0.79 30.79
CA ALA E 21 -43.78 -1.53 31.42
C ALA E 21 -44.78 -2.01 30.36
N ALA E 22 -45.18 -1.10 29.47
CA ALA E 22 -46.12 -1.43 28.41
C ALA E 22 -45.62 -2.56 27.52
N LYS E 23 -44.32 -2.56 27.21
CA LYS E 23 -43.75 -3.58 26.32
C LYS E 23 -43.81 -4.98 26.93
N ARG E 24 -43.50 -5.10 28.22
CA ARG E 24 -43.53 -6.41 28.84
C ARG E 24 -44.96 -6.91 29.05
N LEU E 25 -45.85 -6.01 29.46
CA LEU E 25 -47.26 -6.33 29.58
C LEU E 25 -47.77 -6.80 28.22
N ASN E 26 -47.40 -6.09 27.17
CA ASN E 26 -47.88 -6.42 25.83
C ASN E 26 -47.29 -7.72 25.32
N GLN E 27 -46.08 -8.05 25.76
CA GLN E 27 -45.48 -9.34 25.43
C GLN E 27 -46.17 -10.48 26.17
N ILE E 28 -46.38 -10.30 27.47
CA ILE E 28 -47.00 -11.32 28.30
C ILE E 28 -48.42 -11.61 27.82
N ASP E 29 -49.12 -10.53 27.46
CA ASP E 29 -50.48 -10.60 26.97
C ASP E 29 -51.38 -11.44 27.87
N GLY E 30 -51.36 -11.14 29.16
CA GLY E 30 -52.19 -11.84 30.12
C GLY E 30 -53.19 -10.89 30.74
N PRO E 31 -52.81 -10.29 31.88
CA PRO E 31 -53.65 -9.29 32.53
C PRO E 31 -53.88 -8.08 31.64
N SER E 32 -55.04 -7.45 31.80
CA SER E 32 -55.38 -6.25 31.06
C SER E 32 -54.51 -5.08 31.55
N TRP E 33 -54.37 -4.06 30.73
CA TRP E 33 -53.52 -2.94 31.09
C TRP E 33 -53.78 -1.76 30.18
N MET E 34 -53.38 -0.57 30.63
CA MET E 34 -53.33 0.59 29.74
C MET E 34 -52.26 1.56 30.21
N ILE E 35 -51.86 2.47 29.32
CA ILE E 35 -50.84 3.45 29.64
C ILE E 35 -51.32 4.85 29.25
N VAL E 36 -51.05 5.82 30.12
CA VAL E 36 -51.48 7.20 29.87
C VAL E 36 -50.32 8.19 30.00
N ASP E 37 -50.43 9.33 29.35
CA ASP E 37 -49.41 10.37 29.42
C ASP E 37 -50.00 11.70 28.93
N SER E 38 -49.58 12.78 29.57
CA SER E 38 -50.11 14.11 29.24
C SER E 38 -49.52 14.64 27.94
N ASN E 39 -48.45 14.01 27.48
CA ASN E 39 -47.84 14.39 26.20
C ASN E 39 -48.36 13.56 25.04
N GLU E 40 -48.74 14.23 23.96
CA GLU E 40 -49.24 13.58 22.76
C GLU E 40 -48.15 12.71 22.14
N THR E 41 -46.90 13.04 22.43
CA THR E 41 -45.76 12.30 21.89
C THR E 41 -45.05 11.55 23.00
N PRO E 42 -44.98 10.21 22.88
CA PRO E 42 -44.29 9.40 23.89
C PRO E 42 -42.80 9.68 23.88
N GLY E 43 -42.13 9.43 25.02
CA GLY E 43 -40.70 9.61 25.11
C GLY E 43 -40.27 10.33 26.38
N GLY E 44 -41.21 11.04 26.99
CA GLY E 44 -40.91 11.81 28.19
C GLY E 44 -39.71 12.72 27.97
N LEU E 45 -38.75 12.66 28.89
CA LEU E 45 -37.56 13.51 28.81
C LEU E 45 -36.48 12.87 27.94
N ALA E 46 -36.85 11.84 27.19
CA ALA E 46 -35.92 11.24 26.23
C ALA E 46 -36.37 11.59 24.82
N SER E 47 -37.29 12.56 24.73
CA SER E 47 -37.81 13.03 23.46
C SER E 47 -36.83 13.97 22.75
N THR E 48 -37.14 14.32 21.52
CA THR E 48 -36.31 15.23 20.73
C THR E 48 -37.13 16.42 20.25
N ASP E 49 -36.53 17.60 20.26
CA ASP E 49 -37.21 18.80 19.80
C ASP E 49 -36.61 19.32 18.50
N VAL E 50 -37.36 20.16 17.79
CA VAL E 50 -36.87 20.76 16.55
C VAL E 50 -37.11 22.27 16.56
N THR E 51 -36.13 23.02 16.05
CA THR E 51 -36.25 24.47 15.96
C THR E 51 -36.94 24.87 14.66
N PRO E 52 -37.68 25.98 14.69
CA PRO E 52 -38.34 26.55 13.51
C PRO E 52 -37.46 26.47 12.27
N GLU E 53 -36.14 26.43 12.46
CA GLU E 53 -35.22 26.39 11.33
C GLU E 53 -34.71 24.98 11.03
N GLY E 54 -35.25 23.98 11.73
CA GLY E 54 -34.97 22.60 11.42
C GLY E 54 -33.75 21.97 12.08
N PHE E 55 -33.41 22.40 13.29
CA PHE E 55 -32.33 21.80 14.05
C PHE E 55 -32.90 20.92 15.15
N LEU E 56 -32.42 19.69 15.24
CA LEU E 56 -32.87 18.74 16.27
C LEU E 56 -31.97 18.75 17.52
N TYR E 57 -32.59 18.69 18.69
CA TYR E 57 -31.85 18.60 19.95
C TYR E 57 -32.50 17.63 20.94
N ASP E 58 -31.73 16.64 21.39
CA ASP E 58 -32.22 15.70 22.41
C ASP E 58 -32.32 16.37 23.76
N VAL E 59 -33.40 16.09 24.48
CA VAL E 59 -33.64 16.70 25.78
C VAL E 59 -33.18 15.83 26.91
N GLY E 60 -32.80 14.59 26.59
CA GLY E 60 -32.43 13.62 27.61
C GLY E 60 -31.31 12.69 27.20
N GLY E 61 -30.41 13.20 26.37
CA GLY E 61 -29.24 12.45 25.97
C GLY E 61 -29.56 11.23 25.15
N HIS E 62 -28.63 10.27 25.15
CA HIS E 62 -28.80 9.05 24.40
C HIS E 62 -28.10 7.91 25.11
N VAL E 63 -28.49 6.68 24.80
CA VAL E 63 -27.85 5.51 25.39
C VAL E 63 -26.52 5.27 24.69
N ILE E 64 -25.49 5.01 25.50
CA ILE E 64 -24.15 4.79 24.98
C ILE E 64 -23.76 3.32 25.13
N PHE E 65 -24.11 2.73 26.27
CA PHE E 65 -23.91 1.32 26.47
C PHE E 65 -25.18 0.67 27.00
N SER E 66 -25.61 -0.41 26.36
CA SER E 66 -26.79 -1.14 26.78
C SER E 66 -26.42 -2.32 27.68
N HIS E 67 -27.06 -2.39 28.84
CA HIS E 67 -26.78 -3.48 29.77
C HIS E 67 -27.70 -4.70 29.61
N TYR E 68 -28.65 -4.62 28.68
CA TYR E 68 -29.69 -5.64 28.56
C TYR E 68 -30.02 -6.07 27.12
N LYS E 69 -30.07 -7.39 26.87
CA LYS E 69 -30.54 -7.88 25.58
C LYS E 69 -32.00 -7.49 25.34
N TYR E 70 -32.78 -7.42 26.40
CA TYR E 70 -34.21 -7.14 26.25
C TYR E 70 -34.39 -5.75 25.68
N PHE E 71 -33.59 -4.81 26.19
CA PHE E 71 -33.59 -3.45 25.69
C PHE E 71 -33.22 -3.44 24.21
N ASP E 72 -32.22 -4.25 23.86
CA ASP E 72 -31.76 -4.33 22.47
C ASP E 72 -32.87 -4.85 21.56
N ASP E 73 -33.51 -5.95 21.98
CA ASP E 73 -34.59 -6.55 21.20
C ASP E 73 -35.64 -5.53 20.85
N CYS E 74 -35.99 -4.68 21.82
CA CYS E 74 -37.05 -3.71 21.62
C CYS E 74 -36.63 -2.61 20.64
N LEU E 75 -35.37 -2.17 20.72
CA LEU E 75 -34.89 -1.17 19.78
C LEU E 75 -34.81 -1.74 18.37
N ASP E 76 -34.39 -3.00 18.27
CA ASP E 76 -34.26 -3.64 16.97
C ASP E 76 -35.64 -3.74 16.31
N GLU E 77 -36.60 -4.26 17.06
CA GLU E 77 -37.98 -4.38 16.58
C GLU E 77 -38.54 -3.05 16.11
N ALA E 78 -38.28 -2.00 16.89
CA ALA E 78 -38.78 -0.66 16.58
C ALA E 78 -38.12 -0.05 15.34
N LEU E 79 -36.83 -0.31 15.15
CA LEU E 79 -36.04 0.22 14.04
C LEU E 79 -35.22 -0.91 13.40
N PRO E 80 -35.89 -1.80 12.65
CA PRO E 80 -35.29 -3.06 12.18
C PRO E 80 -34.33 -2.92 11.01
N LYS E 81 -34.26 -1.77 10.35
CA LYS E 81 -33.42 -1.64 9.16
C LYS E 81 -32.00 -1.18 9.46
N GLU E 82 -31.03 -1.77 8.77
CA GLU E 82 -29.63 -1.41 8.93
C GLU E 82 -29.41 0.09 8.82
N ASP E 83 -30.15 0.74 7.93
CA ASP E 83 -29.99 2.17 7.71
C ASP E 83 -30.83 3.00 8.68
N ASP E 84 -31.45 2.34 9.65
CA ASP E 84 -32.15 3.06 10.71
C ASP E 84 -31.15 3.57 11.77
N TRP E 85 -29.94 3.01 11.74
CA TRP E 85 -28.95 3.28 12.79
C TRP E 85 -27.60 3.74 12.25
N TYR E 86 -27.01 4.71 12.93
CA TYR E 86 -25.58 5.01 12.74
C TYR E 86 -24.82 4.44 13.93
N THR E 87 -23.68 3.80 13.65
CA THR E 87 -22.87 3.24 14.71
C THR E 87 -21.50 3.91 14.78
N HIS E 88 -21.25 4.62 15.87
CA HIS E 88 -20.03 5.39 16.04
C HIS E 88 -19.09 4.76 17.08
N GLN E 89 -17.93 5.37 17.27
CA GLN E 89 -16.97 4.88 18.24
C GLN E 89 -17.13 5.62 19.57
N ARG E 90 -17.03 4.89 20.67
CA ARG E 90 -17.18 5.48 21.99
C ARG E 90 -15.93 6.25 22.41
N ILE E 91 -16.12 7.51 22.76
CA ILE E 91 -15.02 8.40 23.13
C ILE E 91 -15.55 9.56 23.98
N SER E 92 -14.65 10.26 24.65
CA SER E 92 -15.01 11.43 25.45
C SER E 92 -13.80 12.35 25.58
N TYR E 93 -14.04 13.61 25.90
CA TYR E 93 -12.96 14.58 26.11
C TYR E 93 -13.28 15.55 27.25
N VAL E 94 -12.22 15.97 27.95
CA VAL E 94 -12.34 16.98 29.00
C VAL E 94 -11.55 18.23 28.61
N ARG E 95 -12.19 19.38 28.73
CA ARG E 95 -11.53 20.65 28.42
C ARG E 95 -10.77 21.15 29.64
N CYS E 96 -9.44 21.05 29.58
CA CYS E 96 -8.59 21.47 30.68
C CYS E 96 -7.43 22.33 30.18
N GLN E 97 -7.42 23.60 30.62
CA GLN E 97 -6.33 24.52 30.28
C GLN E 97 -5.94 24.46 28.80
N GLY E 98 -6.90 24.76 27.93
CA GLY E 98 -6.66 24.80 26.51
C GLY E 98 -6.31 23.46 25.87
N GLN E 99 -6.67 22.37 26.55
CA GLN E 99 -6.40 21.04 26.01
C GLN E 99 -7.66 20.16 25.98
N TRP E 100 -7.82 19.39 24.91
CA TRP E 100 -8.87 18.38 24.84
C TRP E 100 -8.34 17.08 25.40
N VAL E 101 -8.55 16.87 26.70
CA VAL E 101 -8.02 15.70 27.38
C VAL E 101 -8.92 14.49 27.19
N PRO E 102 -8.42 13.47 26.49
CA PRO E 102 -9.17 12.25 26.19
C PRO E 102 -9.60 11.54 27.46
N TYR E 103 -10.66 10.74 27.37
CA TYR E 103 -11.07 9.88 28.47
C TYR E 103 -10.17 8.65 28.48
N PRO E 104 -9.79 8.17 29.67
CA PRO E 104 -10.09 8.78 30.97
C PRO E 104 -9.05 9.82 31.35
N PHE E 105 -9.49 10.89 32.02
CA PHE E 105 -8.63 12.00 32.39
C PHE E 105 -7.30 11.57 32.98
N GLN E 106 -7.34 10.71 34.00
CA GLN E 106 -6.14 10.33 34.73
C GLN E 106 -5.04 9.73 33.87
N ASN E 107 -5.44 9.01 32.82
CA ASN E 107 -4.45 8.39 31.93
C ASN E 107 -3.95 9.34 30.85
N ASN E 108 -4.39 10.60 30.93
CA ASN E 108 -4.03 11.56 29.90
C ASN E 108 -3.46 12.88 30.44
N ILE E 109 -2.98 12.85 31.68
CA ILE E 109 -2.41 14.04 32.31
C ILE E 109 -1.26 14.61 31.49
N SER E 110 -0.55 13.73 30.77
CA SER E 110 0.61 14.15 29.98
C SER E 110 0.31 15.41 29.19
N MET E 111 -0.92 15.52 28.69
CA MET E 111 -1.33 16.66 27.88
C MET E 111 -1.43 17.96 28.67
N LEU E 112 -1.28 17.86 29.99
CA LEU E 112 -1.31 19.04 30.85
C LEU E 112 0.11 19.56 31.04
N PRO E 113 0.22 20.80 31.54
CA PRO E 113 1.55 21.35 31.90
C PRO E 113 2.24 20.44 32.91
N LYS E 114 3.56 20.41 32.88
CA LYS E 114 4.33 19.54 33.76
C LYS E 114 4.12 19.87 35.23
N GLU E 115 3.92 21.15 35.54
CA GLU E 115 3.65 21.57 36.92
C GLU E 115 2.41 20.89 37.47
N GLU E 116 1.39 20.78 36.62
CA GLU E 116 0.11 20.18 37.01
C GLU E 116 0.21 18.66 37.13
N GLN E 117 0.97 18.05 36.23
CA GLN E 117 1.21 16.61 36.29
C GLN E 117 1.83 16.23 37.64
N VAL E 118 2.82 17.00 38.08
CA VAL E 118 3.46 16.76 39.35
C VAL E 118 2.43 16.70 40.47
N LYS E 119 1.63 17.75 40.59
CA LYS E 119 0.59 17.80 41.62
C LYS E 119 -0.40 16.64 41.49
N CYS E 120 -0.70 16.24 40.27
CA CYS E 120 -1.61 15.12 40.03
C CYS E 120 -1.02 13.81 40.51
N ILE E 121 0.25 13.57 40.20
CA ILE E 121 0.90 12.32 40.59
C ILE E 121 1.19 12.26 42.09
N ASP E 122 1.52 13.40 42.69
CA ASP E 122 1.77 13.45 44.13
C ASP E 122 0.51 13.07 44.90
N GLY E 123 -0.62 13.60 44.45
CA GLY E 123 -1.90 13.30 45.05
C GLY E 123 -2.22 11.81 44.99
N MET E 124 -1.92 11.19 43.85
CA MET E 124 -2.21 9.76 43.64
C MET E 124 -1.25 8.84 44.38
N ILE E 125 -0.03 9.30 44.60
CA ILE E 125 0.91 8.52 45.39
C ILE E 125 0.38 8.42 46.82
N ASP E 126 -0.10 9.55 47.33
CA ASP E 126 -0.71 9.59 48.65
C ASP E 126 -1.93 8.69 48.73
N ALA E 127 -2.85 8.86 47.79
CA ALA E 127 -4.06 8.05 47.73
C ALA E 127 -3.73 6.56 47.67
N ALA E 128 -2.75 6.21 46.85
CA ALA E 128 -2.34 4.81 46.74
C ALA E 128 -1.82 4.27 48.07
N LEU E 129 -1.09 5.11 48.81
CA LEU E 129 -0.49 4.68 50.07
C LEU E 129 -1.55 4.45 51.16
N GLU E 130 -2.45 5.42 51.33
CA GLU E 130 -3.56 5.27 52.26
C GLU E 130 -4.44 4.07 51.88
N ALA E 131 -4.72 3.93 50.59
CA ALA E 131 -5.61 2.86 50.13
C ALA E 131 -5.04 1.48 50.47
N ARG E 132 -3.73 1.40 50.63
CA ARG E 132 -3.06 0.15 50.98
C ARG E 132 -3.43 -0.28 52.40
N VAL E 133 -3.96 0.66 53.17
CA VAL E 133 -4.16 0.46 54.59
C VAL E 133 -5.60 0.65 55.04
N ALA E 134 -6.37 1.37 54.22
CA ALA E 134 -7.76 1.69 54.56
C ALA E 134 -8.56 0.46 54.99
N ASN E 135 -9.43 0.65 55.98
CA ASN E 135 -10.29 -0.43 56.46
C ASN E 135 -11.74 0.03 56.54
N THR E 136 -11.97 1.29 56.15
CA THR E 136 -13.32 1.84 56.11
C THR E 136 -13.67 2.24 54.68
N LYS E 137 -14.92 2.59 54.44
CA LYS E 137 -15.36 3.00 53.12
C LYS E 137 -15.83 4.46 53.09
N PRO E 138 -15.70 5.11 51.94
CA PRO E 138 -16.02 6.54 51.80
C PRO E 138 -17.46 6.84 52.20
N LYS E 139 -17.67 7.99 52.82
CA LYS E 139 -19.00 8.35 53.31
C LYS E 139 -19.61 9.50 52.50
N THR E 140 -18.80 10.11 51.63
CA THR E 140 -19.31 11.16 50.75
C THR E 140 -18.71 11.04 49.37
N PHE E 141 -19.39 11.61 48.38
CA PHE E 141 -18.86 11.68 47.03
C PHE E 141 -17.46 12.30 47.07
N ASP E 142 -17.31 13.37 47.86
CA ASP E 142 -16.02 14.06 47.96
C ASP E 142 -14.90 13.16 48.49
N GLU E 143 -15.18 12.42 49.56
CA GLU E 143 -14.20 11.48 50.11
C GLU E 143 -13.86 10.40 49.09
N TRP E 144 -14.87 9.91 48.39
CA TRP E 144 -14.68 8.89 47.36
C TRP E 144 -13.68 9.38 46.31
N ILE E 145 -13.91 10.59 45.81
CA ILE E 145 -13.02 11.20 44.83
C ILE E 145 -11.57 11.26 45.31
N VAL E 146 -11.36 11.86 46.49
CA VAL E 146 -10.01 11.98 47.04
C VAL E 146 -9.30 10.63 47.19
N ARG E 147 -10.02 9.63 47.70
CA ARG E 147 -9.45 8.30 47.88
C ARG E 147 -9.17 7.67 46.52
N MET E 148 -9.89 8.14 45.51
CA MET E 148 -9.82 7.55 44.19
C MET E 148 -8.71 8.19 43.38
N MET E 149 -8.74 9.53 43.31
CA MET E 149 -7.89 10.27 42.40
C MET E 149 -6.76 11.03 43.09
N GLY E 150 -6.96 11.36 44.36
CA GLY E 150 -6.04 12.23 45.06
C GLY E 150 -6.53 13.66 44.94
N THR E 151 -5.95 14.57 45.72
CA THR E 151 -6.41 15.96 45.74
C THR E 151 -6.00 16.74 44.49
N GLY E 152 -4.93 16.30 43.84
CA GLY E 152 -4.43 16.96 42.65
C GLY E 152 -5.37 16.83 41.46
N ILE E 153 -5.82 15.60 41.21
CA ILE E 153 -6.75 15.35 40.13
C ILE E 153 -8.16 15.81 40.53
N ALA E 154 -8.43 15.76 41.83
CA ALA E 154 -9.74 16.15 42.34
C ALA E 154 -10.01 17.63 42.13
N ASP E 155 -9.03 18.47 42.48
CA ASP E 155 -9.19 19.92 42.37
C ASP E 155 -9.15 20.38 40.92
N LEU E 156 -8.47 19.60 40.08
CA LEU E 156 -8.31 19.94 38.67
C LEU E 156 -9.55 19.63 37.84
N PHE E 157 -10.23 18.55 38.17
CA PHE E 157 -11.34 18.08 37.36
C PHE E 157 -12.57 17.69 38.19
N MET E 158 -12.47 16.56 38.88
CA MET E 158 -13.59 16.00 39.63
C MET E 158 -14.43 17.02 40.37
N ARG E 159 -13.79 17.77 41.27
CA ARG E 159 -14.54 18.66 42.17
C ARG E 159 -15.28 19.79 41.46
N PRO E 160 -14.57 20.60 40.66
CA PRO E 160 -15.27 21.71 40.00
C PRO E 160 -16.32 21.22 39.01
N TYR E 161 -15.92 20.29 38.14
CA TYR E 161 -16.83 19.73 37.14
C TYR E 161 -18.14 19.24 37.76
N ASN E 162 -18.04 18.37 38.75
CA ASN E 162 -19.22 17.82 39.39
C ASN E 162 -20.12 18.89 40.02
N PHE E 163 -19.54 19.95 40.56
CA PHE E 163 -20.36 21.03 41.11
C PHE E 163 -21.15 21.70 40.00
N LYS E 164 -20.55 21.78 38.81
CA LYS E 164 -21.24 22.36 37.66
C LYS E 164 -22.32 21.40 37.15
N VAL E 165 -22.13 20.12 37.40
CA VAL E 165 -23.09 19.10 36.98
C VAL E 165 -24.29 19.03 37.93
N TRP E 166 -24.00 18.70 39.19
CA TRP E 166 -25.06 18.48 40.17
C TRP E 166 -25.56 19.76 40.83
N ALA E 167 -24.94 20.88 40.50
CA ALA E 167 -25.29 22.15 41.14
C ALA E 167 -25.30 21.99 42.65
N VAL E 168 -24.38 21.16 43.14
CA VAL E 168 -24.28 20.83 44.55
C VAL E 168 -22.84 20.41 44.85
N PRO E 169 -22.29 20.88 45.99
CA PRO E 169 -20.90 20.55 46.32
C PRO E 169 -20.73 19.06 46.59
N THR E 170 -19.63 18.49 46.11
CA THR E 170 -19.35 17.06 46.25
C THR E 170 -19.51 16.57 47.69
N THR E 171 -19.28 17.44 48.65
CA THR E 171 -19.35 17.07 50.05
C THR E 171 -20.79 16.79 50.51
N LYS E 172 -21.76 17.16 49.67
CA LYS E 172 -23.17 17.03 50.03
C LYS E 172 -23.85 15.80 49.41
N MET E 173 -23.05 14.93 48.80
CA MET E 173 -23.58 13.75 48.13
C MET E 173 -22.99 12.45 48.67
N GLN E 174 -23.71 11.35 48.47
CA GLN E 174 -23.24 10.03 48.86
C GLN E 174 -22.33 9.48 47.78
N CYS E 175 -21.89 8.23 47.93
CA CYS E 175 -20.98 7.62 46.98
C CYS E 175 -21.28 6.13 46.76
N ALA E 176 -22.34 5.64 47.40
CA ALA E 176 -22.75 4.25 47.20
C ALA E 176 -23.33 4.07 45.80
N TRP E 177 -23.52 5.17 45.11
CA TRP E 177 -24.23 5.18 43.84
C TRP E 177 -23.30 5.08 42.64
N LEU E 178 -22.00 5.23 42.91
N LEU E 178 -22.01 5.38 42.80
CA LEU E 178 -20.94 5.00 41.95
CA LEU E 178 -21.18 5.70 41.63
C LEU E 178 -20.59 3.52 41.87
C LEU E 178 -20.35 4.57 41.00
N GLY E 179 -20.99 2.75 42.87
N GLY E 179 -20.77 3.32 41.20
CA GLY E 179 -20.70 1.34 42.91
CA GLY E 179 -20.04 2.17 40.69
C GLY E 179 -19.90 0.94 44.14
C GLY E 179 -19.49 2.29 39.27
N GLU E 180 -19.56 -0.34 44.23
N GLU E 180 -20.38 2.43 38.28
CA GLU E 180 -18.88 -0.86 45.41
CA GLU E 180 -19.99 2.36 36.88
C GLU E 180 -17.42 -1.25 45.15
C GLU E 180 -20.05 3.73 36.19
N ARG E 181 -16.94 -0.98 43.94
N ARG E 181 -19.64 4.77 36.90
CA ARG E 181 -15.53 -1.20 43.62
CA ARG E 181 -19.70 6.13 36.35
C ARG E 181 -14.66 -0.38 44.57
C ARG E 181 -18.31 6.76 36.28
N VAL E 182 -13.63 -1.01 45.12
N VAL E 182 -17.58 6.70 37.39
CA VAL E 182 -12.74 -0.34 46.08
CA VAL E 182 -16.29 7.37 37.47
C VAL E 182 -12.08 0.90 45.49
C VAL E 182 -15.12 6.37 37.44
N ALA E 183 -11.82 1.88 46.36
N ALA E 183 -14.11 6.69 36.63
CA ALA E 183 -11.23 3.16 45.94
CA ALA E 183 -12.97 5.80 36.43
C ALA E 183 -9.71 3.10 45.86
C ALA E 183 -12.20 5.52 37.71
N ALA E 184 -9.18 2.65 44.72
N ALA E 184 -11.45 4.43 37.71
CA ALA E 184 -7.75 2.56 44.50
CA ALA E 184 -10.65 4.03 38.87
C ALA E 184 -7.38 2.98 43.08
C ALA E 184 -9.16 4.06 38.53
N PRO E 185 -6.56 4.03 42.95
N PRO E 185 -8.39 4.90 39.25
CA PRO E 185 -6.11 4.58 41.67
CA PRO E 185 -6.94 4.97 39.11
C PRO E 185 -5.14 3.61 41.00
C PRO E 185 -6.23 3.64 39.29
N ASN E 186 -4.94 3.65 39.68
CA ASN E 186 -4.00 2.70 39.11
C ASN E 186 -2.68 3.39 38.83
N LEU E 187 -1.93 3.70 39.89
CA LEU E 187 -0.70 4.48 39.78
C LEU E 187 0.20 4.05 38.63
N LYS E 188 0.48 2.75 38.55
CA LYS E 188 1.33 2.23 37.50
C LYS E 188 0.87 2.71 36.12
N ALA E 189 -0.42 2.53 35.83
CA ALA E 189 -0.98 2.94 34.55
C ALA E 189 -0.83 4.45 34.32
N VAL E 190 -1.16 5.25 35.32
CA VAL E 190 -1.10 6.69 35.17
C VAL E 190 0.32 7.20 34.90
N THR E 191 1.26 6.79 35.75
CA THR E 191 2.65 7.20 35.56
C THR E 191 3.20 6.65 34.26
N THR E 192 2.83 5.41 33.93
CA THR E 192 3.31 4.80 32.70
C THR E 192 2.89 5.62 31.49
N ASN E 193 1.76 6.30 31.60
CA ASN E 193 1.27 7.14 30.52
C ASN E 193 1.97 8.49 30.46
N VAL E 194 2.35 9.01 31.63
CA VAL E 194 3.13 10.25 31.69
C VAL E 194 4.50 10.00 31.09
N ILE E 195 5.13 8.91 31.52
CA ILE E 195 6.45 8.52 31.03
C ILE E 195 6.43 8.30 29.52
N LEU E 196 5.69 7.28 29.09
CA LEU E 196 5.64 6.94 27.68
C LEU E 196 5.09 8.07 26.82
N GLY E 197 4.40 9.01 27.45
CA GLY E 197 3.86 10.17 26.77
C GLY E 197 2.71 9.84 25.83
N LYS E 198 2.52 8.54 25.59
CA LYS E 198 1.44 8.09 24.72
C LYS E 198 0.32 7.47 25.55
N THR E 199 -0.90 7.53 25.03
CA THR E 199 -2.04 6.92 25.70
C THR E 199 -2.37 5.58 25.05
N ALA E 200 -2.75 4.61 25.87
CA ALA E 200 -2.99 3.24 25.40
C ALA E 200 -3.82 3.17 24.12
N GLY E 201 -3.22 2.66 23.06
CA GLY E 201 -3.91 2.47 21.79
C GLY E 201 -4.74 1.20 21.79
N ASN E 202 -6.00 1.32 21.39
CA ASN E 202 -6.94 0.20 21.46
C ASN E 202 -6.57 -0.96 20.55
N TRP E 203 -6.39 -2.14 21.14
CA TRP E 203 -6.09 -3.36 20.39
C TRP E 203 -7.30 -4.28 20.32
N GLY E 204 -7.60 -4.76 19.12
CA GLY E 204 -8.80 -5.55 18.89
C GLY E 204 -9.97 -4.62 18.57
N PRO E 205 -11.14 -5.20 18.30
CA PRO E 205 -12.33 -4.42 17.96
C PRO E 205 -12.56 -3.27 18.94
N ASN E 206 -12.97 -2.12 18.44
CA ASN E 206 -13.21 -0.95 19.27
C ASN E 206 -14.59 -0.93 19.92
N ALA E 207 -14.75 -0.10 20.94
CA ALA E 207 -16.03 0.06 21.61
C ALA E 207 -16.91 1.04 20.82
N THR E 208 -18.13 0.61 20.52
CA THR E 208 -19.01 1.41 19.69
C THR E 208 -20.38 1.58 20.33
N PHE E 209 -21.15 2.53 19.81
CA PHE E 209 -22.54 2.70 20.20
C PHE E 209 -23.35 3.10 18.97
N ARG E 210 -24.65 2.84 19.00
CA ARG E 210 -25.50 3.20 17.87
C ARG E 210 -26.37 4.41 18.18
N PHE E 211 -26.67 5.17 17.13
CA PHE E 211 -27.53 6.34 17.25
C PHE E 211 -28.50 6.31 16.07
N PRO E 212 -29.75 6.74 16.30
CA PRO E 212 -30.76 6.62 15.24
C PRO E 212 -30.53 7.59 14.07
N ALA E 213 -30.70 7.07 12.86
CA ALA E 213 -30.51 7.85 11.66
C ALA E 213 -31.40 9.10 11.61
N ARG E 214 -32.66 8.94 12.02
CA ARG E 214 -33.62 10.04 11.94
C ARG E 214 -34.40 10.22 13.23
N GLY E 215 -34.90 11.44 13.45
CA GLY E 215 -35.75 11.72 14.59
C GLY E 215 -35.02 11.92 15.91
N GLY E 216 -33.71 11.73 15.89
CA GLY E 216 -32.93 11.79 17.11
C GLY E 216 -33.37 10.70 18.09
N THR E 217 -32.95 10.83 19.33
CA THR E 217 -33.24 9.80 20.33
C THR E 217 -34.74 9.60 20.49
N GLY E 218 -35.48 10.70 20.48
CA GLY E 218 -36.93 10.65 20.57
C GLY E 218 -37.56 9.76 19.54
N GLY E 219 -36.87 9.56 18.42
CA GLY E 219 -37.36 8.74 17.33
C GLY E 219 -37.48 7.28 17.73
N ILE E 220 -36.58 6.84 18.61
CA ILE E 220 -36.64 5.47 19.12
C ILE E 220 -37.96 5.24 19.85
N TRP E 221 -38.25 6.14 20.79
CA TRP E 221 -39.39 5.95 21.68
C TRP E 221 -40.73 6.14 20.98
N ILE E 222 -40.73 6.92 19.91
CA ILE E 222 -41.91 7.03 19.06
C ILE E 222 -42.15 5.70 18.35
N ALA E 223 -41.08 5.10 17.85
CA ALA E 223 -41.18 3.83 17.15
C ALA E 223 -41.56 2.67 18.09
N VAL E 224 -40.92 2.63 19.26
CA VAL E 224 -41.23 1.62 20.26
C VAL E 224 -42.71 1.67 20.66
N ALA E 225 -43.21 2.88 20.86
CA ALA E 225 -44.60 3.08 21.24
C ALA E 225 -45.54 2.64 20.11
N ASN E 226 -45.06 2.76 18.88
CA ASN E 226 -45.85 2.39 17.71
C ASN E 226 -46.08 0.90 17.56
N THR E 227 -45.38 0.09 18.36
CA THR E 227 -45.56 -1.36 18.29
C THR E 227 -46.64 -1.82 19.26
N LEU E 228 -47.08 -0.91 20.12
CA LEU E 228 -48.14 -1.20 21.08
C LEU E 228 -49.50 -1.03 20.44
N PRO E 229 -50.53 -1.70 20.98
CA PRO E 229 -51.88 -1.50 20.47
C PRO E 229 -52.39 -0.11 20.87
N LYS E 230 -52.63 0.74 19.88
CA LYS E 230 -52.95 2.14 20.14
C LYS E 230 -54.12 2.34 21.09
N GLU E 231 -55.10 1.43 21.02
CA GLU E 231 -56.31 1.56 21.81
C GLU E 231 -56.09 1.35 23.33
N LYS E 232 -54.91 0.87 23.70
CA LYS E 232 -54.58 0.73 25.11
C LYS E 232 -53.75 1.91 25.60
N THR E 233 -53.51 2.87 24.72
CA THR E 233 -52.79 4.09 25.06
C THR E 233 -53.73 5.27 25.15
N ARG E 234 -53.32 6.29 25.88
CA ARG E 234 -54.10 7.51 26.00
C ARG E 234 -53.15 8.69 26.20
N PHE E 235 -52.59 9.19 25.09
CA PHE E 235 -51.52 10.18 25.15
C PHE E 235 -52.01 11.59 24.83
N GLY E 236 -51.68 12.54 25.70
CA GLY E 236 -52.07 13.93 25.51
C GLY E 236 -52.89 14.46 26.66
N GLU E 237 -53.55 15.60 26.42
CA GLU E 237 -54.39 16.22 27.44
C GLU E 237 -55.40 15.22 28.02
N LYS E 238 -55.87 14.31 27.17
CA LYS E 238 -56.84 13.31 27.60
C LYS E 238 -56.21 12.27 28.52
N GLY E 239 -54.89 12.25 28.56
CA GLY E 239 -54.18 11.27 29.37
C GLY E 239 -53.55 11.88 30.61
N LYS E 240 -53.74 13.19 30.78
CA LYS E 240 -53.19 13.87 31.94
C LYS E 240 -53.90 13.43 33.22
N VAL E 241 -53.13 12.86 34.14
CA VAL E 241 -53.65 12.46 35.43
C VAL E 241 -53.69 13.67 36.36
N THR E 242 -54.81 13.86 37.04
CA THR E 242 -54.98 15.00 37.93
C THR E 242 -55.11 14.57 39.39
N LYS E 243 -55.63 13.36 39.61
CA LYS E 243 -55.81 12.86 40.96
C LYS E 243 -55.65 11.34 41.05
N VAL E 244 -55.02 10.88 42.13
CA VAL E 244 -54.85 9.46 42.38
C VAL E 244 -55.42 9.08 43.75
N ASN E 245 -56.58 8.43 43.74
CA ASN E 245 -57.18 7.92 44.98
C ASN E 245 -56.66 6.53 45.29
N ALA E 246 -55.59 6.47 46.06
CA ALA E 246 -54.92 5.21 46.38
C ALA E 246 -55.74 4.29 47.28
N ASN E 247 -56.75 4.83 47.94
CA ASN E 247 -57.55 4.04 48.87
C ASN E 247 -58.54 3.10 48.19
N ASN E 248 -59.21 3.59 47.15
CA ASN E 248 -60.10 2.73 46.38
C ASN E 248 -59.54 2.47 44.98
N LYS E 249 -58.24 2.71 44.82
CA LYS E 249 -57.53 2.41 43.59
C LYS E 249 -58.23 2.97 42.36
N THR E 250 -58.31 4.30 42.29
CA THR E 250 -58.93 4.97 41.17
C THR E 250 -58.13 6.19 40.76
N VAL E 251 -57.93 6.34 39.46
CA VAL E 251 -57.23 7.50 38.93
C VAL E 251 -58.21 8.39 38.16
N THR E 252 -58.00 9.71 38.25
CA THR E 252 -58.86 10.66 37.55
C THR E 252 -58.08 11.51 36.57
N LEU E 253 -58.58 11.58 35.34
CA LEU E 253 -57.92 12.35 34.28
C LEU E 253 -58.44 13.79 34.18
N GLN E 254 -57.71 14.63 33.47
CA GLN E 254 -58.09 16.02 33.23
C GLN E 254 -59.52 16.14 32.72
N ASP E 255 -59.86 15.30 31.74
CA ASP E 255 -61.19 15.34 31.14
C ASP E 255 -62.25 14.68 32.02
N GLY E 256 -61.85 14.26 33.22
CA GLY E 256 -62.79 13.73 34.19
C GLY E 256 -62.92 12.22 34.18
N THR E 257 -62.29 11.57 33.21
CA THR E 257 -62.34 10.11 33.10
C THR E 257 -61.73 9.43 34.33
N THR E 258 -62.36 8.35 34.78
CA THR E 258 -61.89 7.61 35.95
C THR E 258 -61.43 6.21 35.56
N ILE E 259 -60.29 5.79 36.11
CA ILE E 259 -59.71 4.49 35.79
C ILE E 259 -59.47 3.66 37.04
N GLY E 260 -59.98 2.43 37.05
CA GLY E 260 -59.80 1.53 38.17
C GLY E 260 -58.69 0.53 37.89
N TYR E 261 -57.87 0.26 38.90
CA TYR E 261 -56.75 -0.65 38.71
C TYR E 261 -56.61 -1.62 39.86
N LYS E 262 -55.83 -2.68 39.65
CA LYS E 262 -55.43 -3.55 40.73
C LYS E 262 -53.98 -3.25 41.13
N LYS E 263 -53.15 -2.90 40.16
CA LYS E 263 -51.76 -2.53 40.44
C LYS E 263 -51.40 -1.28 39.66
N LEU E 264 -50.59 -0.41 40.25
CA LEU E 264 -50.23 0.82 39.58
C LEU E 264 -48.73 0.89 39.33
N VAL E 265 -48.36 1.21 38.10
CA VAL E 265 -46.97 1.51 37.78
C VAL E 265 -46.85 2.99 37.46
N SER E 266 -46.42 3.78 38.44
CA SER E 266 -46.33 5.24 38.28
C SER E 266 -44.92 5.69 37.95
N THR E 267 -44.75 6.32 36.79
CA THR E 267 -43.42 6.76 36.38
C THR E 267 -43.26 8.28 36.46
N MET E 268 -44.30 8.98 36.92
CA MET E 268 -44.19 10.42 37.07
C MET E 268 -43.32 10.71 38.28
N ALA E 269 -42.73 11.92 38.33
CA ALA E 269 -41.91 12.31 39.47
C ALA E 269 -42.66 12.04 40.77
N VAL E 270 -42.05 11.30 41.67
CA VAL E 270 -42.73 10.83 42.88
C VAL E 270 -43.34 11.97 43.72
N ASP E 271 -42.67 13.13 43.73
CA ASP E 271 -43.21 14.29 44.43
C ASP E 271 -44.55 14.71 43.85
N PHE E 272 -44.64 14.77 42.52
CA PHE E 272 -45.91 15.04 41.86
C PHE E 272 -46.95 13.98 42.23
N LEU E 273 -46.51 12.73 42.35
CA LEU E 273 -47.40 11.64 42.71
C LEU E 273 -48.07 11.95 44.04
N ALA E 274 -47.25 12.27 45.03
CA ALA E 274 -47.76 12.58 46.37
C ALA E 274 -48.81 13.68 46.29
N GLU E 275 -48.48 14.74 45.57
CA GLU E 275 -49.41 15.84 45.32
C GLU E 275 -50.71 15.30 44.73
N ALA E 276 -50.60 14.66 43.57
CA ALA E 276 -51.76 14.06 42.90
C ALA E 276 -52.48 13.08 43.81
N MET E 277 -51.75 12.50 44.77
CA MET E 277 -52.33 11.55 45.70
C MET E 277 -53.11 12.24 46.82
N ASN E 278 -52.73 13.49 47.11
CA ASN E 278 -53.30 14.21 48.24
C ASN E 278 -52.94 13.54 49.56
N ASP E 279 -51.67 13.20 49.70
CA ASP E 279 -51.17 12.51 50.89
C ASP E 279 -50.10 13.36 51.58
N GLN E 280 -50.48 13.93 52.72
CA GLN E 280 -49.58 14.81 53.47
C GLN E 280 -48.27 14.11 53.86
N GLU E 281 -48.40 12.95 54.50
CA GLU E 281 -47.24 12.21 54.95
C GLU E 281 -46.26 11.97 53.80
N LEU E 282 -46.78 11.60 52.64
CA LEU E 282 -45.96 11.33 51.47
C LEU E 282 -45.41 12.60 50.84
N VAL E 283 -46.25 13.64 50.77
CA VAL E 283 -45.80 14.93 50.27
C VAL E 283 -44.68 15.43 51.16
N GLY E 284 -44.76 15.09 52.44
CA GLY E 284 -43.74 15.48 53.40
C GLY E 284 -42.42 14.80 53.14
N LEU E 285 -42.43 13.47 53.15
CA LEU E 285 -41.20 12.71 52.90
C LEU E 285 -40.60 13.15 51.57
N THR E 286 -41.47 13.49 50.63
CA THR E 286 -41.06 13.84 49.28
C THR E 286 -40.22 15.13 49.23
N LYS E 287 -40.43 16.00 50.21
CA LYS E 287 -39.66 17.24 50.30
C LYS E 287 -38.20 16.94 50.67
N GLN E 288 -37.98 15.85 51.40
CA GLN E 288 -36.64 15.47 51.82
C GLN E 288 -35.74 15.17 50.62
N LEU E 289 -36.36 14.86 49.48
CA LEU E 289 -35.62 14.60 48.26
C LEU E 289 -35.12 15.91 47.68
N PHE E 290 -34.11 15.84 46.82
CA PHE E 290 -33.59 17.04 46.18
C PHE E 290 -33.32 16.76 44.71
N TYR E 291 -33.50 17.78 43.88
CA TYR E 291 -33.22 17.68 42.46
C TYR E 291 -32.75 19.02 41.91
N SER E 292 -31.98 18.97 40.83
CA SER E 292 -31.54 20.19 40.15
C SER E 292 -32.31 20.35 38.85
N SER E 293 -32.53 21.59 38.43
CA SER E 293 -33.11 21.86 37.11
C SER E 293 -31.99 21.94 36.08
N THR E 294 -32.33 21.76 34.81
CA THR E 294 -31.31 21.84 33.77
C THR E 294 -31.78 22.62 32.53
N HIS E 295 -30.83 23.29 31.89
CA HIS E 295 -31.10 24.10 30.70
C HIS E 295 -30.50 23.42 29.48
N VAL E 296 -31.34 22.99 28.55
CA VAL E 296 -30.84 22.41 27.31
C VAL E 296 -30.74 23.50 26.25
N ILE E 297 -29.51 23.74 25.78
CA ILE E 297 -29.24 24.81 24.84
C ILE E 297 -28.80 24.25 23.51
N GLY E 298 -29.32 24.83 22.44
CA GLY E 298 -28.96 24.40 21.11
C GLY E 298 -28.41 25.55 20.28
N VAL E 299 -27.42 25.24 19.46
CA VAL E 299 -26.82 26.23 18.59
C VAL E 299 -26.51 25.64 17.23
N GLY E 300 -27.22 26.13 16.22
CA GLY E 300 -26.96 25.74 14.84
C GLY E 300 -26.19 26.85 14.15
N VAL E 301 -25.21 26.46 13.34
CA VAL E 301 -24.30 27.42 12.73
C VAL E 301 -23.90 27.01 11.31
N ARG E 302 -23.66 28.00 10.47
CA ARG E 302 -23.28 27.75 9.08
C ARG E 302 -21.81 27.37 8.94
N GLY E 303 -21.50 26.56 7.93
CA GLY E 303 -20.13 26.20 7.62
C GLY E 303 -19.90 24.71 7.58
N SER E 304 -18.84 24.29 6.90
CA SER E 304 -18.41 22.89 6.94
C SER E 304 -17.93 22.56 8.35
N ARG E 305 -17.74 21.29 8.64
CA ARG E 305 -17.28 20.89 9.97
C ARG E 305 -15.81 21.24 10.20
N PRO E 306 -15.55 22.15 11.14
CA PRO E 306 -14.17 22.56 11.46
C PRO E 306 -13.35 21.36 11.91
N GLU E 307 -12.23 21.10 11.25
CA GLU E 307 -11.40 19.96 11.57
C GLU E 307 -10.85 20.02 12.99
N ARG E 308 -10.89 21.21 13.59
CA ARG E 308 -10.51 21.39 14.98
C ARG E 308 -11.57 20.77 15.90
N ILE E 309 -12.78 20.59 15.37
CA ILE E 309 -13.90 20.07 16.16
C ILE E 309 -13.77 18.57 16.47
N GLY E 310 -13.71 17.74 15.43
CA GLY E 310 -13.43 16.32 15.63
C GLY E 310 -14.59 15.34 15.48
N ASP E 311 -14.79 14.52 16.50
CA ASP E 311 -15.68 13.35 16.39
C ASP E 311 -16.95 13.37 17.24
N LYS E 312 -17.77 12.34 17.04
CA LYS E 312 -19.05 12.18 17.72
C LYS E 312 -18.85 11.81 19.18
N CYS E 313 -19.19 12.72 20.08
CA CYS E 313 -19.04 12.44 21.50
C CYS E 313 -19.37 13.61 22.44
N TRP E 314 -19.26 13.33 23.74
N TRP E 314 -19.20 13.37 23.73
CA TRP E 314 -19.46 14.33 24.78
CA TRP E 314 -19.48 14.36 24.77
C TRP E 314 -18.16 15.08 25.05
C TRP E 314 -18.20 15.03 25.23
N LEU E 315 -18.28 16.34 25.45
CA LEU E 315 -17.14 17.11 25.90
C LEU E 315 -17.48 17.64 27.28
N TYR E 316 -16.55 17.50 28.22
CA TYR E 316 -16.79 17.92 29.60
C TYR E 316 -15.97 19.16 29.96
N PHE E 317 -16.55 20.02 30.80
CA PHE E 317 -15.97 21.32 31.10
C PHE E 317 -15.93 21.65 32.59
N PRO E 318 -14.78 21.41 33.23
CA PRO E 318 -14.54 21.71 34.65
C PRO E 318 -14.28 23.18 34.94
N GLU E 319 -13.66 23.89 34.01
CA GLU E 319 -13.22 25.27 34.25
C GLU E 319 -14.37 26.28 34.27
N ASP E 320 -14.06 27.53 34.59
CA ASP E 320 -15.10 28.55 34.76
C ASP E 320 -15.20 29.56 33.61
N ASN E 321 -14.58 29.26 32.48
CA ASN E 321 -14.79 30.06 31.28
C ASN E 321 -16.03 29.61 30.48
N CYS E 322 -17.04 29.11 31.19
CA CYS E 322 -18.28 28.64 30.58
C CYS E 322 -19.25 28.07 31.63
N PRO E 323 -20.53 28.41 31.51
CA PRO E 323 -21.53 28.00 32.52
C PRO E 323 -22.03 26.57 32.34
N PHE E 324 -21.81 25.99 31.16
CA PHE E 324 -22.25 24.62 30.92
C PHE E 324 -21.24 23.60 31.44
N TYR E 325 -21.69 22.36 31.63
CA TYR E 325 -20.82 21.28 32.11
C TYR E 325 -20.53 20.23 31.06
N ARG E 326 -21.42 20.08 30.08
CA ARG E 326 -21.15 19.15 28.98
C ARG E 326 -21.79 19.62 27.69
N ALA E 327 -21.18 19.23 26.58
CA ALA E 327 -21.66 19.62 25.27
C ALA E 327 -21.23 18.61 24.23
N THR E 328 -21.87 18.64 23.07
CA THR E 328 -21.55 17.68 22.02
C THR E 328 -21.82 18.25 20.64
N ILE E 329 -21.09 17.75 19.66
CA ILE E 329 -21.32 18.14 18.27
C ILE E 329 -22.41 17.23 17.71
N PHE E 330 -23.65 17.53 18.08
CA PHE E 330 -24.78 16.68 17.72
C PHE E 330 -24.80 16.39 16.23
N SER E 331 -24.51 17.40 15.41
CA SER E 331 -24.52 17.26 13.96
C SER E 331 -23.60 16.15 13.47
N ASN E 332 -22.71 15.68 14.35
CA ASN E 332 -21.80 14.59 14.00
C ASN E 332 -22.46 13.21 14.07
N TYR E 333 -23.49 13.08 14.89
CA TYR E 333 -24.13 11.78 15.08
C TYR E 333 -24.91 11.36 13.84
N SER E 334 -25.60 12.31 13.23
CA SER E 334 -26.42 12.01 12.06
C SER E 334 -26.59 13.23 11.14
N PRO E 335 -26.42 13.01 9.84
CA PRO E 335 -26.64 14.06 8.84
C PRO E 335 -28.05 14.62 8.92
N TYR E 336 -28.98 13.86 9.49
CA TYR E 336 -30.38 14.27 9.53
C TYR E 336 -30.76 15.01 10.82
N ASN E 337 -29.76 15.40 11.61
CA ASN E 337 -30.03 16.20 12.80
C ASN E 337 -30.12 17.70 12.49
N GLN E 338 -29.73 18.05 11.26
CA GLN E 338 -29.76 19.44 10.81
C GLN E 338 -30.04 19.51 9.31
N PRO E 339 -30.54 20.67 8.83
CA PRO E 339 -30.92 20.82 7.42
C PRO E 339 -29.78 20.50 6.47
N GLU E 340 -30.11 19.96 5.30
CA GLU E 340 -29.11 19.66 4.28
C GLU E 340 -28.51 20.94 3.72
N ALA E 341 -27.48 20.80 2.88
CA ALA E 341 -26.78 21.96 2.33
C ALA E 341 -27.72 22.95 1.63
N SER E 342 -28.56 22.43 0.75
CA SER E 342 -29.39 23.24 -0.13
C SER E 342 -30.35 24.20 0.60
N LYS E 343 -30.59 23.96 1.88
CA LYS E 343 -31.49 24.81 2.65
C LYS E 343 -30.86 26.18 2.92
N LYS E 344 -31.66 27.24 2.78
CA LYS E 344 -31.17 28.60 2.96
C LYS E 344 -31.70 29.24 4.23
N LEU E 345 -30.81 29.89 4.98
CA LEU E 345 -31.18 30.49 6.26
C LEU E 345 -30.46 31.81 6.53
N PRO E 346 -31.14 32.74 7.22
CA PRO E 346 -30.57 34.03 7.60
C PRO E 346 -29.78 33.91 8.90
N THR E 347 -28.66 34.62 8.98
CA THR E 347 -27.84 34.59 10.18
C THR E 347 -28.44 35.47 11.27
N MET E 348 -28.85 34.84 12.37
CA MET E 348 -29.49 35.55 13.48
C MET E 348 -28.47 36.40 14.23
N GLN E 349 -27.21 35.96 14.19
CA GLN E 349 -26.14 36.66 14.90
C GLN E 349 -24.80 35.97 14.67
N LEU E 350 -23.74 36.57 15.22
CA LEU E 350 -22.42 35.96 15.20
C LEU E 350 -22.13 35.40 16.58
N ALA E 351 -21.02 34.68 16.71
CA ALA E 351 -20.62 34.12 18.00
C ALA E 351 -20.34 35.22 19.02
N ASP E 352 -19.72 36.31 18.56
CA ASP E 352 -19.32 37.39 19.44
C ASP E 352 -20.50 38.16 20.06
N GLY E 353 -21.68 38.04 19.46
CA GLY E 353 -22.87 38.67 19.98
C GLY E 353 -23.38 39.84 19.14
N SER E 354 -22.73 40.07 18.01
CA SER E 354 -23.08 41.19 17.14
C SER E 354 -23.92 40.72 15.95
N ARG E 355 -24.54 41.69 15.27
CA ARG E 355 -25.32 41.42 14.06
C ARG E 355 -24.42 41.03 12.88
N PRO E 356 -24.98 40.29 11.91
CA PRO E 356 -24.24 39.87 10.71
C PRO E 356 -24.19 40.97 9.66
N GLN E 357 -23.22 40.90 8.76
CA GLN E 357 -23.14 41.87 7.66
C GLN E 357 -24.40 41.78 6.79
N SER E 358 -24.62 40.61 6.20
CA SER E 358 -25.77 40.40 5.32
C SER E 358 -26.88 39.59 6.02
N THR E 359 -28.12 40.05 5.89
CA THR E 359 -29.25 39.39 6.52
C THR E 359 -29.98 38.47 5.55
N GLU E 360 -29.36 38.23 4.40
CA GLU E 360 -29.93 37.36 3.38
C GLU E 360 -29.85 35.89 3.78
N ALA E 361 -30.88 35.13 3.43
CA ALA E 361 -30.86 33.68 3.65
C ALA E 361 -29.84 33.03 2.71
N LYS E 362 -28.89 32.32 3.29
CA LYS E 362 -27.85 31.65 2.50
C LYS E 362 -27.82 30.17 2.85
N GLU E 363 -27.11 29.39 2.03
CA GLU E 363 -27.11 27.94 2.24
C GLU E 363 -26.01 27.46 3.19
N GLY E 364 -26.02 26.15 3.46
CA GLY E 364 -25.02 25.56 4.33
C GLY E 364 -23.77 25.18 3.56
N PRO E 365 -23.16 24.02 3.90
CA PRO E 365 -23.60 23.07 4.93
C PRO E 365 -23.75 23.67 6.33
N TYR E 366 -24.39 22.93 7.22
CA TYR E 366 -24.57 23.36 8.60
C TYR E 366 -23.98 22.34 9.58
N TRP E 367 -23.74 22.79 10.81
CA TRP E 367 -23.40 21.89 11.90
C TRP E 367 -24.04 22.40 13.19
N SER E 368 -23.89 21.64 14.26
CA SER E 368 -24.71 21.88 15.44
C SER E 368 -24.01 21.52 16.74
N ILE E 369 -24.42 22.19 17.80
CA ILE E 369 -23.82 22.00 19.10
C ILE E 369 -24.93 22.07 20.11
N MET E 370 -24.89 21.17 21.10
CA MET E 370 -25.86 21.24 22.18
C MET E 370 -25.10 21.14 23.50
N LEU E 371 -25.65 21.77 24.54
CA LEU E 371 -24.97 21.80 25.82
C LEU E 371 -25.97 21.92 26.96
N GLU E 372 -25.51 21.62 28.17
CA GLU E 372 -26.39 21.63 29.33
C GLU E 372 -25.82 22.47 30.47
N VAL E 373 -26.72 23.17 31.16
CA VAL E 373 -26.35 24.01 32.29
C VAL E 373 -27.26 23.69 33.47
N SER E 374 -26.66 23.21 34.55
CA SER E 374 -27.43 22.87 35.75
C SER E 374 -27.93 24.12 36.47
N GLU E 375 -28.91 23.93 37.36
CA GLU E 375 -29.45 25.03 38.15
C GLU E 375 -30.10 24.51 39.44
N SER E 376 -29.81 25.20 40.54
CA SER E 376 -30.39 24.85 41.83
C SER E 376 -30.39 26.07 42.75
N SER E 377 -30.85 25.87 43.98
CA SER E 377 -30.83 26.93 44.97
C SER E 377 -29.40 27.35 45.29
N MET E 378 -28.50 26.37 45.30
CA MET E 378 -27.10 26.62 45.64
C MET E 378 -26.30 27.10 44.43
N LYS E 379 -26.94 27.11 43.27
CA LYS E 379 -26.29 27.53 42.04
C LYS E 379 -27.34 28.04 41.06
N PRO E 380 -27.82 29.27 41.29
CA PRO E 380 -28.87 29.86 40.44
C PRO E 380 -28.35 30.25 39.07
N VAL E 381 -29.26 30.48 38.13
CA VAL E 381 -28.88 30.96 36.80
C VAL E 381 -29.83 32.05 36.34
N ASN E 382 -29.35 32.91 35.45
CA ASN E 382 -30.21 33.94 34.85
C ASN E 382 -30.75 33.50 33.50
N GLN E 383 -32.05 33.26 33.45
CA GLN E 383 -32.69 32.71 32.25
C GLN E 383 -32.57 33.64 31.05
N GLU E 384 -32.57 34.95 31.30
CA GLU E 384 -32.51 35.93 30.23
C GLU E 384 -31.11 36.10 29.64
N THR E 385 -30.08 35.86 30.45
CA THR E 385 -28.71 36.03 29.99
C THR E 385 -28.02 34.72 29.67
N ILE E 386 -28.54 33.62 30.23
CA ILE E 386 -27.88 32.32 30.13
C ILE E 386 -27.54 31.92 28.69
N LEU E 387 -28.45 32.19 27.76
CA LEU E 387 -28.22 31.83 26.36
C LEU E 387 -26.98 32.54 25.81
N ALA E 388 -26.91 33.86 26.01
CA ALA E 388 -25.78 34.64 25.53
C ALA E 388 -24.48 34.18 26.19
N ASP E 389 -24.54 33.94 27.49
CA ASP E 389 -23.38 33.50 28.25
C ASP E 389 -22.80 32.20 27.70
N CYS E 390 -23.68 31.24 27.40
CA CYS E 390 -23.26 29.96 26.85
C CYS E 390 -22.57 30.14 25.52
N ILE E 391 -23.16 30.97 24.65
CA ILE E 391 -22.55 31.26 23.36
C ILE E 391 -21.17 31.87 23.54
N GLN E 392 -21.07 32.82 24.47
CA GLN E 392 -19.78 33.37 24.85
C GLN E 392 -18.86 32.25 25.31
N GLY E 393 -19.41 31.36 26.15
CA GLY E 393 -18.68 30.22 26.68
C GLY E 393 -18.08 29.34 25.59
N LEU E 394 -18.81 29.18 24.49
CA LEU E 394 -18.35 28.38 23.37
C LEU E 394 -17.16 29.04 22.69
N VAL E 395 -17.14 30.37 22.74
CA VAL E 395 -16.02 31.13 22.18
C VAL E 395 -14.77 30.93 23.03
N ASN E 396 -14.89 31.16 24.33
CA ASN E 396 -13.78 30.95 25.25
C ASN E 396 -13.19 29.56 25.12
N THR E 397 -14.05 28.55 25.01
CA THR E 397 -13.62 27.17 24.96
C THR E 397 -13.12 26.76 23.57
N GLU E 398 -13.08 27.72 22.66
CA GLU E 398 -12.59 27.48 21.31
C GLU E 398 -13.42 26.45 20.55
N MET E 399 -14.73 26.51 20.70
CA MET E 399 -15.63 25.70 19.87
C MET E 399 -16.21 26.58 18.77
N LEU E 400 -16.50 27.82 19.12
CA LEU E 400 -17.00 28.81 18.16
C LEU E 400 -16.02 29.98 17.99
N LYS E 401 -15.56 30.17 16.75
CA LYS E 401 -14.81 31.37 16.41
C LYS E 401 -15.75 32.56 16.47
N PRO E 402 -15.25 33.73 16.91
CA PRO E 402 -16.12 34.89 17.05
C PRO E 402 -16.71 35.31 15.70
N THR E 403 -16.24 34.66 14.63
CA THR E 403 -16.70 34.97 13.28
C THR E 403 -17.83 34.03 12.82
N ASP E 404 -17.97 32.89 13.47
CA ASP E 404 -18.97 31.89 13.08
C ASP E 404 -20.41 32.42 13.12
N GLU E 405 -21.16 32.14 12.07
CA GLU E 405 -22.54 32.61 11.93
C GLU E 405 -23.54 31.65 12.58
N ILE E 406 -24.29 32.17 13.55
CA ILE E 406 -25.32 31.39 14.22
C ILE E 406 -26.64 31.45 13.47
N VAL E 407 -27.04 30.31 12.91
CA VAL E 407 -28.27 30.21 12.12
C VAL E 407 -29.51 29.96 12.99
N SER E 408 -29.31 29.29 14.12
CA SER E 408 -30.42 28.90 14.97
C SER E 408 -30.01 28.73 16.43
N THR E 409 -30.93 29.03 17.34
CA THR E 409 -30.69 28.80 18.76
C THR E 409 -31.86 28.08 19.40
N TYR E 410 -31.58 27.31 20.45
CA TYR E 410 -32.60 26.58 21.19
C TYR E 410 -32.30 26.63 22.68
N HIS E 411 -33.33 26.86 23.48
CA HIS E 411 -33.17 26.92 24.92
C HIS E 411 -34.46 26.49 25.61
N ARG E 412 -34.34 25.54 26.53
CA ARG E 412 -35.49 25.04 27.27
C ARG E 412 -35.06 24.62 28.66
N ARG E 413 -35.89 24.93 29.66
CA ARG E 413 -35.57 24.63 31.04
C ARG E 413 -36.52 23.61 31.67
N PHE E 414 -36.00 22.41 31.94
CA PHE E 414 -36.80 21.37 32.56
C PHE E 414 -36.67 21.43 34.08
N ASP E 415 -37.79 21.66 34.77
CA ASP E 415 -37.79 21.77 36.22
C ASP E 415 -37.07 20.61 36.89
N HIS E 416 -37.60 19.41 36.71
CA HIS E 416 -36.93 18.19 37.16
C HIS E 416 -35.95 17.76 36.09
N GLY E 417 -34.65 17.84 36.37
CA GLY E 417 -33.64 17.45 35.41
C GLY E 417 -32.79 16.28 35.86
N TYR E 418 -32.29 16.37 37.08
CA TYR E 418 -31.50 15.31 37.68
C TYR E 418 -31.99 15.05 39.10
N PRO E 419 -32.25 13.78 39.44
CA PRO E 419 -32.54 13.41 40.83
C PRO E 419 -31.23 13.34 41.58
N THR E 420 -30.94 14.35 42.39
CA THR E 420 -29.62 14.43 43.01
C THR E 420 -29.40 13.38 44.09
N PRO E 421 -28.35 12.58 43.93
CA PRO E 421 -27.96 11.61 44.96
C PRO E 421 -27.38 12.31 46.21
N THR E 422 -28.24 12.90 47.03
CA THR E 422 -27.80 13.54 48.28
C THR E 422 -27.73 12.56 49.44
N LEU E 423 -26.91 12.88 50.43
CA LEU E 423 -26.73 12.03 51.61
C LEU E 423 -28.05 11.60 52.24
N GLU E 424 -29.07 12.45 52.10
CA GLU E 424 -30.37 12.17 52.71
C GLU E 424 -31.26 11.33 51.78
N ARG E 425 -30.84 11.17 50.53
CA ARG E 425 -31.69 10.54 49.51
C ARG E 425 -32.27 9.21 49.97
N GLU E 426 -31.40 8.26 50.26
CA GLU E 426 -31.84 6.92 50.68
C GLU E 426 -32.73 6.95 51.92
N GLY E 427 -32.45 7.87 52.84
CA GLY E 427 -33.27 8.01 54.03
C GLY E 427 -34.72 8.25 53.64
N ALA E 428 -34.92 9.15 52.69
CA ALA E 428 -36.26 9.48 52.21
C ALA E 428 -36.88 8.36 51.39
N LEU E 429 -36.11 7.80 50.45
CA LEU E 429 -36.61 6.74 49.59
C LEU E 429 -37.00 5.48 50.34
N THR E 430 -36.19 5.07 51.31
CA THR E 430 -36.46 3.85 52.08
C THR E 430 -37.76 3.96 52.87
N GLN E 431 -38.40 5.12 52.80
CA GLN E 431 -39.70 5.31 53.41
C GLN E 431 -40.78 5.54 52.35
N ILE E 432 -40.44 6.35 51.35
CA ILE E 432 -41.38 6.69 50.28
C ILE E 432 -41.82 5.46 49.50
N LEU E 433 -40.86 4.71 48.97
CA LEU E 433 -41.16 3.55 48.13
C LEU E 433 -41.97 2.45 48.83
N PRO E 434 -41.51 2.01 50.02
CA PRO E 434 -42.22 0.94 50.73
C PRO E 434 -43.66 1.31 51.07
N LYS E 435 -43.88 2.57 51.41
CA LYS E 435 -45.22 3.02 51.75
C LYS E 435 -46.11 3.03 50.50
N LEU E 436 -45.54 3.46 49.38
CA LEU E 436 -46.22 3.38 48.10
C LEU E 436 -46.46 1.91 47.76
N GLN E 437 -45.46 1.08 48.04
CA GLN E 437 -45.58 -0.35 47.77
C GLN E 437 -46.79 -0.96 48.47
N ASP E 438 -47.01 -0.58 49.71
CA ASP E 438 -48.08 -1.16 50.53
C ASP E 438 -49.47 -0.85 49.95
N LYS E 439 -49.55 0.13 49.07
CA LYS E 439 -50.81 0.46 48.42
C LYS E 439 -50.87 -0.12 47.00
N ASP E 440 -50.06 -1.14 46.75
CA ASP E 440 -49.91 -1.71 45.41
C ASP E 440 -49.56 -0.68 44.35
N ILE E 441 -48.68 0.27 44.71
CA ILE E 441 -48.18 1.22 43.75
C ILE E 441 -46.68 1.05 43.54
N TRP E 442 -46.28 0.71 42.32
CA TRP E 442 -44.88 0.58 41.95
C TRP E 442 -44.40 1.91 41.38
N SER E 443 -43.74 2.72 42.20
CA SER E 443 -43.20 3.98 41.74
C SER E 443 -41.79 3.74 41.20
N ARG E 444 -41.59 4.03 39.91
CA ARG E 444 -40.38 3.60 39.24
C ARG E 444 -39.96 4.62 38.17
N GLY E 445 -38.66 4.75 37.94
CA GLY E 445 -38.16 5.66 36.93
C GLY E 445 -37.19 6.70 37.46
N ARG E 446 -36.63 7.49 36.55
CA ARG E 446 -35.63 8.50 36.89
C ARG E 446 -36.08 9.38 38.05
N PHE E 447 -37.35 9.79 38.03
CA PHE E 447 -37.94 10.54 39.14
C PHE E 447 -39.08 9.77 39.78
N GLY E 448 -39.36 8.57 39.27
CA GLY E 448 -40.35 7.70 39.85
C GLY E 448 -39.80 7.02 41.10
N SER E 449 -38.53 6.65 41.03
CA SER E 449 -37.84 6.08 42.17
C SER E 449 -36.55 6.86 42.53
N TRP E 450 -36.23 7.85 41.70
CA TRP E 450 -35.28 8.90 42.08
C TRP E 450 -33.81 8.48 42.21
N ARG E 451 -33.37 7.49 41.44
CA ARG E 451 -32.01 7.00 41.57
C ARG E 451 -31.17 7.13 40.30
N TYR E 452 -30.23 8.09 40.31
CA TYR E 452 -29.42 8.41 39.13
C TYR E 452 -28.65 7.21 38.56
N GLU E 453 -28.13 6.35 39.44
CA GLU E 453 -27.33 5.20 39.02
C GLU E 453 -28.06 4.32 38.01
N VAL E 454 -29.39 4.28 38.11
CA VAL E 454 -30.20 3.53 37.14
C VAL E 454 -31.20 4.45 36.46
N GLY E 455 -30.68 5.56 35.93
CA GLY E 455 -31.50 6.60 35.34
C GLY E 455 -31.30 6.79 33.86
N ASN E 456 -30.34 6.06 33.29
CA ASN E 456 -30.20 6.00 31.83
C ASN E 456 -31.38 5.31 31.18
N GLN E 457 -31.52 5.51 29.88
CA GLN E 457 -32.71 5.04 29.16
C GLN E 457 -32.90 3.53 29.21
N ASP E 458 -31.82 2.75 29.12
CA ASP E 458 -31.95 1.31 29.23
C ASP E 458 -32.36 0.88 30.65
N HIS E 459 -31.65 1.37 31.67
CA HIS E 459 -32.00 1.10 33.07
C HIS E 459 -33.47 1.42 33.39
N SER E 460 -33.89 2.63 33.05
CA SER E 460 -35.25 3.07 33.30
C SER E 460 -36.24 2.16 32.58
N PHE E 461 -35.98 1.91 31.31
CA PHE E 461 -36.81 1.00 30.53
C PHE E 461 -36.96 -0.29 31.29
N MET E 462 -35.84 -0.79 31.81
CA MET E 462 -35.86 -2.06 32.50
C MET E 462 -36.54 -2.00 33.87
N LEU E 463 -36.51 -0.83 34.50
CA LEU E 463 -37.26 -0.66 35.75
C LEU E 463 -38.73 -0.96 35.48
N GLY E 464 -39.23 -0.45 34.36
CA GLY E 464 -40.60 -0.70 33.96
C GLY E 464 -40.83 -2.17 33.67
N VAL E 465 -39.96 -2.74 32.83
CA VAL E 465 -40.05 -4.17 32.52
C VAL E 465 -40.06 -5.03 33.77
N GLU E 466 -39.11 -4.77 34.66
CA GLU E 466 -38.96 -5.57 35.88
C GLU E 466 -40.11 -5.38 36.87
N ALA E 467 -40.67 -4.18 36.92
CA ALA E 467 -41.82 -3.95 37.78
C ALA E 467 -43.02 -4.80 37.33
N VAL E 468 -43.24 -4.87 36.01
CA VAL E 468 -44.32 -5.70 35.48
C VAL E 468 -44.02 -7.18 35.72
N ASP E 469 -42.75 -7.56 35.63
CA ASP E 469 -42.38 -8.95 35.81
C ASP E 469 -42.53 -9.37 37.26
N ASN E 470 -42.43 -8.39 38.17
CA ASN E 470 -42.65 -8.67 39.58
C ASN E 470 -44.14 -8.81 39.86
N ILE E 471 -44.92 -7.88 39.31
CA ILE E 471 -46.36 -7.90 39.47
C ILE E 471 -46.98 -9.19 38.96
N VAL E 472 -46.43 -9.73 37.88
CA VAL E 472 -47.04 -10.87 37.20
C VAL E 472 -46.38 -12.23 37.50
N ASN E 473 -45.07 -12.30 37.37
CA ASN E 473 -44.35 -13.58 37.52
C ASN E 473 -43.51 -13.71 38.79
N GLY E 474 -43.55 -12.72 39.67
CA GLY E 474 -42.78 -12.77 40.90
C GLY E 474 -41.27 -12.70 40.68
N ALA E 475 -40.86 -11.94 39.67
CA ALA E 475 -39.44 -11.72 39.44
C ALA E 475 -38.87 -10.77 40.48
N VAL E 476 -37.56 -10.87 40.72
CA VAL E 476 -36.88 -9.90 41.57
C VAL E 476 -36.69 -8.60 40.79
N GLU E 477 -36.93 -7.47 41.45
CA GLU E 477 -36.64 -6.18 40.82
C GLU E 477 -35.16 -5.87 41.01
N LEU E 478 -34.34 -6.37 40.09
CA LEU E 478 -32.89 -6.36 40.25
C LEU E 478 -32.26 -4.99 39.96
N THR E 479 -32.76 -4.30 38.95
CA THR E 479 -32.24 -2.98 38.60
C THR E 479 -32.56 -1.95 39.68
N LEU E 480 -33.74 -2.08 40.28
CA LEU E 480 -34.18 -1.15 41.30
C LEU E 480 -33.33 -1.24 42.58
N ASN E 481 -33.09 -2.46 43.04
CA ASN E 481 -32.42 -2.67 44.33
C ASN E 481 -30.97 -3.13 44.27
N TYR E 482 -30.50 -3.57 43.10
CA TYR E 482 -29.12 -4.03 42.97
C TYR E 482 -28.40 -3.50 41.73
N PRO E 483 -28.37 -2.17 41.57
CA PRO E 483 -27.75 -1.56 40.39
C PRO E 483 -26.36 -2.12 40.10
N ASP E 484 -25.60 -2.40 41.17
CA ASP E 484 -24.27 -2.98 41.01
C ASP E 484 -24.30 -4.39 40.44
N PHE E 485 -25.33 -5.15 40.78
CA PHE E 485 -25.46 -6.51 40.30
C PHE E 485 -25.68 -6.55 38.79
N VAL E 486 -26.53 -5.64 38.31
CA VAL E 486 -26.93 -5.64 36.91
C VAL E 486 -25.91 -4.93 36.02
N ASN E 487 -25.17 -3.97 36.57
CA ASN E 487 -24.16 -3.28 35.79
C ASN E 487 -22.91 -4.14 35.60
N GLY E 488 -22.70 -5.09 36.50
CA GLY E 488 -21.51 -5.93 36.45
C GLY E 488 -21.65 -7.23 35.68
N ARG E 489 -22.75 -7.40 34.95
CA ARG E 489 -22.98 -8.65 34.24
C ARG E 489 -23.56 -8.43 32.84
N GLN E 490 -23.59 -9.49 32.04
CA GLN E 490 -24.35 -9.48 30.80
C GLN E 490 -25.73 -10.05 31.04
N ASN E 491 -26.74 -9.19 30.92
CA ASN E 491 -28.12 -9.56 31.18
C ASN E 491 -28.79 -10.06 29.92
N THR E 492 -28.75 -11.38 29.73
CA THR E 492 -29.16 -11.96 28.47
C THR E 492 -30.34 -12.92 28.58
N GLU E 493 -30.84 -13.12 29.79
CA GLU E 493 -31.91 -14.10 30.02
C GLU E 493 -33.28 -13.65 29.47
N ARG E 494 -33.67 -12.42 29.77
CA ARG E 494 -34.98 -11.92 29.37
C ARG E 494 -34.96 -11.39 27.94
N ARG E 495 -35.87 -11.90 27.11
CA ARG E 495 -35.93 -11.53 25.70
C ARG E 495 -37.36 -11.13 25.29
N LEU E 496 -37.48 -10.38 24.19
CA LEU E 496 -38.77 -9.94 23.71
C LEU E 496 -39.62 -11.13 23.26
N VAL E 497 -38.97 -12.24 22.91
CA VAL E 497 -39.65 -13.51 22.74
C VAL E 497 -39.11 -14.53 23.74
N ASP E 498 -39.89 -14.81 24.78
CA ASP E 498 -39.51 -15.78 25.80
C ASP E 498 -40.13 -17.14 25.49
N GLY E 499 -39.61 -18.18 26.13
CA GLY E 499 -40.17 -19.52 25.97
C GLY E 499 -41.68 -19.55 26.01
N ALA E 500 -42.26 -18.76 26.90
CA ALA E 500 -43.71 -18.74 27.06
C ALA E 500 -44.42 -18.49 25.73
N GLN E 501 -43.95 -17.50 24.97
CA GLN E 501 -44.59 -17.14 23.71
C GLN E 501 -44.31 -18.16 22.61
N VAL E 502 -43.12 -18.76 22.65
CA VAL E 502 -42.78 -19.81 21.70
C VAL E 502 -43.66 -21.04 21.88
N PHE E 503 -43.84 -21.49 23.13
CA PHE E 503 -44.64 -22.67 23.41
C PHE E 503 -46.12 -22.46 23.11
N ALA E 504 -46.62 -21.28 23.43
CA ALA E 504 -48.04 -20.98 23.26
C ALA E 504 -48.44 -20.87 21.80
N LYS E 505 -47.54 -20.35 20.97
CA LYS E 505 -47.82 -20.18 19.55
C LYS E 505 -47.66 -21.50 18.80
N SER E 506 -46.81 -22.37 19.33
CA SER E 506 -46.60 -23.70 18.77
C SER E 506 -47.80 -24.59 19.06
N LYS E 507 -48.43 -24.36 20.20
CA LYS E 507 -49.61 -25.11 20.60
C LYS E 507 -50.83 -24.62 19.82
N ALA E 508 -50.78 -23.36 19.39
CA ALA E 508 -51.88 -22.75 18.65
C ALA E 508 -51.95 -23.26 17.22
N GLN E 509 -51.10 -24.23 16.89
CA GLN E 509 -51.07 -24.77 15.54
C GLN E 509 -51.46 -26.24 15.48
N LEU E 510 -51.69 -26.84 16.65
CA LEU E 510 -52.06 -28.25 16.72
C LEU E 510 -53.55 -28.43 16.90
N THR F 1 -40.53 -40.43 11.82
CA THR F 1 -40.57 -41.28 13.01
C THR F 1 -40.81 -40.46 14.28
N HIS F 2 -42.01 -40.57 14.83
CA HIS F 2 -42.39 -39.81 16.01
C HIS F 2 -42.24 -40.62 17.29
N PRO F 3 -41.78 -39.97 18.37
CA PRO F 3 -41.65 -40.61 19.68
C PRO F 3 -43.03 -40.98 20.22
N ASP F 4 -43.07 -41.93 21.16
CA ASP F 4 -44.34 -42.33 21.76
C ASP F 4 -45.01 -41.14 22.44
N ILE F 5 -44.18 -40.27 23.01
CA ILE F 5 -44.65 -39.13 23.79
C ILE F 5 -43.84 -37.88 23.47
N SER F 6 -44.52 -36.74 23.39
CA SER F 6 -43.84 -35.46 23.15
C SER F 6 -44.27 -34.40 24.14
N VAL F 7 -43.30 -33.70 24.72
CA VAL F 7 -43.61 -32.59 25.61
C VAL F 7 -42.67 -31.40 25.39
N ASP F 8 -43.12 -30.21 25.78
CA ASP F 8 -42.31 -29.01 25.67
C ASP F 8 -41.11 -29.09 26.59
N VAL F 9 -41.36 -29.48 27.84
CA VAL F 9 -40.30 -29.58 28.85
C VAL F 9 -40.33 -30.93 29.52
N LEU F 10 -39.21 -31.65 29.44
CA LEU F 10 -39.09 -32.94 30.11
C LEU F 10 -38.19 -32.84 31.34
N VAL F 11 -38.68 -33.31 32.48
CA VAL F 11 -37.89 -33.31 33.71
C VAL F 11 -37.44 -34.73 34.08
N ILE F 12 -36.14 -34.92 34.22
CA ILE F 12 -35.63 -36.21 34.67
C ILE F 12 -35.25 -36.14 36.14
N GLY F 13 -35.87 -37.00 36.95
CA GLY F 13 -35.56 -37.06 38.36
C GLY F 13 -36.60 -36.36 39.22
N ALA F 14 -37.09 -37.05 40.24
CA ALA F 14 -38.09 -36.50 41.14
C ALA F 14 -37.60 -36.36 42.58
N GLY F 15 -36.37 -35.86 42.74
CA GLY F 15 -35.91 -35.41 44.04
C GLY F 15 -36.35 -33.97 44.19
N PRO F 16 -35.88 -33.28 45.24
CA PRO F 16 -36.31 -31.89 45.45
C PRO F 16 -36.19 -31.01 44.20
N THR F 17 -35.09 -31.12 43.47
CA THR F 17 -34.87 -30.26 42.31
C THR F 17 -35.88 -30.51 41.18
N GLY F 18 -36.05 -31.77 40.80
CA GLY F 18 -37.05 -32.13 39.80
C GLY F 18 -38.46 -31.78 40.22
N LEU F 19 -38.78 -32.03 41.48
CA LEU F 19 -40.08 -31.67 42.02
C LEU F 19 -40.25 -30.15 42.02
N GLY F 20 -39.14 -29.43 42.14
CA GLY F 20 -39.17 -27.99 42.04
C GLY F 20 -39.61 -27.56 40.65
N ALA F 21 -38.96 -28.10 39.64
CA ALA F 21 -39.31 -27.81 38.26
C ALA F 21 -40.78 -28.16 37.96
N ALA F 22 -41.23 -29.31 38.44
CA ALA F 22 -42.60 -29.76 38.19
C ALA F 22 -43.63 -28.84 38.84
N LYS F 23 -43.33 -28.37 40.05
CA LYS F 23 -44.24 -27.46 40.75
C LYS F 23 -44.41 -26.13 40.02
N ARG F 24 -43.31 -25.55 39.53
CA ARG F 24 -43.43 -24.29 38.79
C ARG F 24 -44.09 -24.53 37.44
N LEU F 25 -43.72 -25.62 36.77
CA LEU F 25 -44.39 -26.00 35.54
C LEU F 25 -45.89 -26.14 35.76
N ASN F 26 -46.25 -26.77 36.88
CA ASN F 26 -47.66 -27.00 37.18
C ASN F 26 -48.39 -25.71 37.52
N GLN F 27 -47.70 -24.80 38.20
CA GLN F 27 -48.28 -23.51 38.55
C GLN F 27 -48.49 -22.64 37.32
N ILE F 28 -47.52 -22.66 36.41
CA ILE F 28 -47.59 -21.85 35.22
C ILE F 28 -48.65 -22.40 34.26
N ASP F 29 -48.74 -23.72 34.19
CA ASP F 29 -49.78 -24.39 33.41
C ASP F 29 -49.84 -23.82 32.00
N GLY F 30 -48.68 -23.78 31.34
CA GLY F 30 -48.58 -23.25 29.99
C GLY F 30 -48.05 -24.32 29.05
N PRO F 31 -46.71 -24.41 28.93
CA PRO F 31 -46.08 -25.47 28.14
C PRO F 31 -46.42 -26.85 28.70
N SER F 32 -46.39 -27.86 27.85
CA SER F 32 -46.64 -29.24 28.28
C SER F 32 -45.37 -29.78 28.89
N TRP F 33 -45.51 -30.74 29.80
CA TRP F 33 -44.35 -31.27 30.52
C TRP F 33 -44.69 -32.61 31.14
N MET F 34 -43.65 -33.38 31.47
CA MET F 34 -43.81 -34.55 32.34
C MET F 34 -42.53 -34.79 33.12
N ILE F 35 -42.62 -35.56 34.20
CA ILE F 35 -41.45 -35.88 35.00
C ILE F 35 -41.30 -37.38 35.21
N VAL F 36 -40.08 -37.88 35.02
CA VAL F 36 -39.80 -39.30 35.18
C VAL F 36 -38.74 -39.57 36.24
N ASP F 37 -38.82 -40.74 36.87
CA ASP F 37 -37.83 -41.15 37.86
C ASP F 37 -37.80 -42.67 37.96
N SER F 38 -36.60 -43.24 38.00
CA SER F 38 -36.45 -44.69 38.11
C SER F 38 -37.01 -45.20 39.43
N ASN F 39 -37.12 -44.31 40.40
CA ASN F 39 -37.67 -44.67 41.70
C ASN F 39 -39.19 -44.51 41.70
N GLU F 40 -39.88 -45.41 42.39
CA GLU F 40 -41.34 -45.38 42.45
C GLU F 40 -41.82 -44.36 43.49
N THR F 41 -41.01 -44.13 44.51
CA THR F 41 -41.31 -43.12 45.52
C THR F 41 -40.49 -41.87 45.24
N PRO F 42 -41.17 -40.73 45.01
CA PRO F 42 -40.47 -39.47 44.78
C PRO F 42 -39.75 -39.01 46.04
N GLY F 43 -38.69 -38.24 45.90
CA GLY F 43 -37.95 -37.74 47.04
C GLY F 43 -36.45 -37.80 46.88
N GLY F 44 -35.99 -38.71 46.01
CA GLY F 44 -34.57 -38.86 45.75
C GLY F 44 -33.74 -39.07 47.00
N LEU F 45 -32.58 -38.42 47.07
CA LEU F 45 -31.70 -38.58 48.21
C LEU F 45 -32.18 -37.79 49.44
N ALA F 46 -33.39 -37.26 49.36
CA ALA F 46 -34.00 -36.62 50.51
C ALA F 46 -35.12 -37.50 51.08
N SER F 47 -35.13 -38.76 50.65
CA SER F 47 -36.16 -39.72 51.06
C SER F 47 -35.89 -40.26 52.44
N THR F 48 -36.84 -41.03 52.96
CA THR F 48 -36.69 -41.65 54.28
C THR F 48 -36.87 -43.17 54.18
N ASP F 49 -35.88 -43.92 54.69
CA ASP F 49 -35.98 -45.36 54.74
C ASP F 49 -36.52 -45.81 56.10
N VAL F 50 -36.95 -47.07 56.15
CA VAL F 50 -37.43 -47.66 57.40
C VAL F 50 -36.84 -49.06 57.56
N THR F 51 -36.48 -49.41 58.78
CA THR F 51 -35.96 -50.75 59.08
C THR F 51 -37.12 -51.70 59.31
N PRO F 52 -36.87 -53.01 59.10
CA PRO F 52 -37.89 -54.03 59.37
C PRO F 52 -38.48 -53.93 60.77
N GLU F 53 -37.78 -53.26 61.69
CA GLU F 53 -38.28 -53.14 63.05
C GLU F 53 -39.01 -51.82 63.33
N GLY F 54 -39.10 -50.96 62.32
CA GLY F 54 -39.90 -49.76 62.43
C GLY F 54 -39.16 -48.47 62.80
N PHE F 55 -37.85 -48.43 62.59
CA PHE F 55 -37.09 -47.21 62.77
C PHE F 55 -36.89 -46.47 61.45
N LEU F 56 -37.22 -45.18 61.43
CA LEU F 56 -37.02 -44.34 60.25
C LEU F 56 -35.66 -43.66 60.24
N TYR F 57 -35.11 -43.46 59.05
CA TYR F 57 -33.87 -42.70 58.90
C TYR F 57 -33.83 -41.91 57.61
N ASP F 58 -33.64 -40.60 57.73
CA ASP F 58 -33.45 -39.73 56.59
C ASP F 58 -32.11 -40.07 55.95
N VAL F 59 -32.09 -40.17 54.62
CA VAL F 59 -30.84 -40.48 53.93
C VAL F 59 -30.12 -39.20 53.52
N GLY F 60 -30.80 -38.07 53.65
CA GLY F 60 -30.24 -36.81 53.19
C GLY F 60 -30.63 -35.58 53.99
N GLY F 61 -30.66 -35.72 55.32
CA GLY F 61 -30.84 -34.59 56.21
C GLY F 61 -32.16 -33.87 56.09
N HIS F 62 -32.20 -32.65 56.62
CA HIS F 62 -33.43 -31.85 56.63
C HIS F 62 -33.11 -30.37 56.54
N VAL F 63 -34.07 -29.58 56.06
CA VAL F 63 -33.88 -28.15 55.98
C VAL F 63 -34.01 -27.51 57.35
N ILE F 64 -33.00 -26.74 57.73
CA ILE F 64 -32.97 -26.09 59.02
C ILE F 64 -33.32 -24.62 58.84
N PHE F 65 -32.94 -24.07 57.70
CA PHE F 65 -33.27 -22.69 57.38
C PHE F 65 -33.67 -22.56 55.92
N SER F 66 -34.89 -22.12 55.66
CA SER F 66 -35.36 -21.90 54.31
C SER F 66 -35.02 -20.50 53.84
N HIS F 67 -34.53 -20.38 52.62
CA HIS F 67 -34.12 -19.08 52.09
C HIS F 67 -35.18 -18.46 51.18
N TYR F 68 -36.28 -19.16 50.97
CA TYR F 68 -37.27 -18.74 49.97
C TYR F 68 -38.72 -18.92 50.42
N LYS F 69 -39.54 -17.89 50.20
CA LYS F 69 -40.97 -17.99 50.46
C LYS F 69 -41.60 -19.08 49.59
N TYR F 70 -41.13 -19.20 48.37
CA TYR F 70 -41.72 -20.15 47.43
C TYR F 70 -41.62 -21.55 47.99
N PHE F 71 -40.48 -21.87 48.58
CA PHE F 71 -40.26 -23.18 49.16
C PHE F 71 -41.19 -23.37 50.36
N ASP F 72 -41.36 -22.31 51.15
CA ASP F 72 -42.28 -22.35 52.28
C ASP F 72 -43.69 -22.62 51.79
N ASP F 73 -44.09 -21.89 50.75
CA ASP F 73 -45.43 -22.05 50.18
C ASP F 73 -45.76 -23.50 49.83
N CYS F 74 -44.82 -24.18 49.16
CA CYS F 74 -45.07 -25.54 48.71
C CYS F 74 -45.10 -26.53 49.87
N LEU F 75 -44.32 -26.26 50.91
CA LEU F 75 -44.35 -27.09 52.11
C LEU F 75 -45.67 -26.93 52.82
N ASP F 76 -46.13 -25.68 52.94
CA ASP F 76 -47.41 -25.40 53.58
C ASP F 76 -48.55 -26.06 52.81
N GLU F 77 -48.48 -26.04 51.48
CA GLU F 77 -49.51 -26.64 50.66
C GLU F 77 -49.51 -28.15 50.82
N ALA F 78 -48.31 -28.72 50.95
CA ALA F 78 -48.19 -30.17 51.01
C ALA F 78 -48.58 -30.72 52.39
N LEU F 79 -48.17 -30.02 53.44
CA LEU F 79 -48.55 -30.38 54.81
C LEU F 79 -49.22 -29.19 55.49
N PRO F 80 -50.52 -28.99 55.19
CA PRO F 80 -51.25 -27.78 55.61
C PRO F 80 -51.71 -27.76 57.06
N LYS F 81 -51.66 -28.90 57.75
CA LYS F 81 -52.12 -28.96 59.13
C LYS F 81 -51.01 -28.57 60.11
N GLU F 82 -51.40 -27.88 61.18
CA GLU F 82 -50.43 -27.47 62.19
C GLU F 82 -49.84 -28.68 62.91
N ASP F 83 -50.62 -29.75 63.00
CA ASP F 83 -50.13 -30.98 63.64
C ASP F 83 -49.38 -31.88 62.66
N ASP F 84 -49.05 -31.33 61.48
CA ASP F 84 -48.19 -32.06 60.55
C ASP F 84 -46.73 -31.77 60.87
N TRP F 85 -46.50 -30.74 61.67
CA TRP F 85 -45.15 -30.26 61.95
C TRP F 85 -44.82 -30.19 63.44
N TYR F 86 -43.56 -30.44 63.77
CA TYR F 86 -43.01 -30.08 65.07
C TYR F 86 -42.00 -28.96 64.84
N THR F 87 -42.03 -27.93 65.67
CA THR F 87 -41.03 -26.88 65.59
C THR F 87 -40.05 -26.96 66.76
N HIS F 88 -38.76 -27.06 66.44
CA HIS F 88 -37.72 -27.21 67.45
C HIS F 88 -36.71 -26.07 67.39
N GLN F 89 -35.94 -25.91 68.46
CA GLN F 89 -34.90 -24.87 68.51
C GLN F 89 -33.62 -25.29 67.80
N ARG F 90 -33.07 -24.36 67.02
CA ARG F 90 -31.82 -24.58 66.30
C ARG F 90 -30.62 -24.49 67.23
N ILE F 91 -29.91 -25.60 67.36
CA ILE F 91 -28.75 -25.69 68.24
C ILE F 91 -27.73 -26.61 67.57
N SER F 92 -26.52 -26.66 68.11
CA SER F 92 -25.50 -27.55 67.58
C SER F 92 -24.38 -27.73 68.60
N TYR F 93 -23.68 -28.86 68.54
CA TYR F 93 -22.56 -29.09 69.43
C TYR F 93 -21.41 -29.76 68.70
N VAL F 94 -20.18 -29.44 69.13
CA VAL F 94 -18.99 -30.11 68.64
C VAL F 94 -18.41 -30.94 69.78
N ARG F 95 -18.03 -32.18 69.48
CA ARG F 95 -17.40 -33.05 70.46
C ARG F 95 -15.90 -32.83 70.47
N CYS F 96 -15.38 -32.31 71.57
CA CYS F 96 -13.95 -32.05 71.67
C CYS F 96 -13.41 -32.34 73.06
N GLN F 97 -12.53 -33.34 73.16
CA GLN F 97 -11.88 -33.68 74.41
C GLN F 97 -12.86 -33.83 75.57
N GLY F 98 -13.76 -34.81 75.43
CA GLY F 98 -14.71 -35.14 76.48
C GLY F 98 -15.72 -34.04 76.75
N GLN F 99 -15.84 -33.09 75.84
CA GLN F 99 -16.75 -31.96 76.02
C GLN F 99 -17.69 -31.77 74.83
N TRP F 100 -18.94 -31.40 75.11
CA TRP F 100 -19.86 -30.98 74.07
C TRP F 100 -19.79 -29.46 73.94
N VAL F 101 -19.06 -28.98 72.94
CA VAL F 101 -18.86 -27.55 72.74
C VAL F 101 -19.93 -26.98 71.81
N PRO F 102 -20.73 -26.04 72.33
CA PRO F 102 -21.84 -25.42 71.60
C PRO F 102 -21.36 -24.62 70.40
N TYR F 103 -22.20 -24.53 69.37
CA TYR F 103 -21.93 -23.65 68.24
C TYR F 103 -22.14 -22.20 68.67
N PRO F 104 -21.22 -21.30 68.27
CA PRO F 104 -20.05 -21.56 67.45
C PRO F 104 -18.83 -21.98 68.28
N PHE F 105 -18.03 -22.89 67.74
CA PHE F 105 -16.89 -23.45 68.44
C PHE F 105 -15.99 -22.38 69.07
N GLN F 106 -15.63 -21.37 68.28
CA GLN F 106 -14.68 -20.35 68.72
C GLN F 106 -15.15 -19.55 69.92
N ASN F 107 -16.47 -19.44 70.08
CA ASN F 107 -17.03 -18.61 71.14
C ASN F 107 -17.25 -19.40 72.44
N ASN F 108 -16.77 -20.64 72.45
CA ASN F 108 -16.95 -21.52 73.61
C ASN F 108 -15.69 -22.30 73.94
N ILE F 109 -14.54 -21.75 73.55
CA ILE F 109 -13.26 -22.36 73.85
C ILE F 109 -13.09 -22.51 75.36
N SER F 110 -13.80 -21.68 76.12
CA SER F 110 -13.70 -21.71 77.57
C SER F 110 -13.88 -23.12 78.13
N MET F 111 -14.66 -23.94 77.43
CA MET F 111 -14.93 -25.31 77.88
C MET F 111 -13.71 -26.21 77.73
N LEU F 112 -12.80 -25.82 76.86
CA LEU F 112 -11.59 -26.59 76.62
C LEU F 112 -10.57 -26.31 77.72
N PRO F 113 -9.55 -27.19 77.84
CA PRO F 113 -8.44 -26.98 78.78
C PRO F 113 -7.74 -25.63 78.52
N LYS F 114 -7.26 -25.02 79.59
CA LYS F 114 -6.62 -23.71 79.50
C LYS F 114 -5.44 -23.69 78.53
N GLU F 115 -4.67 -24.78 78.49
CA GLU F 115 -3.54 -24.88 77.58
C GLU F 115 -3.98 -24.77 76.13
N GLU F 116 -5.12 -25.38 75.82
CA GLU F 116 -5.67 -25.34 74.46
C GLU F 116 -6.23 -23.95 74.14
N GLN F 117 -6.79 -23.29 75.14
CA GLN F 117 -7.33 -21.95 74.95
C GLN F 117 -6.23 -20.97 74.54
N VAL F 118 -5.03 -21.16 75.09
CA VAL F 118 -3.90 -20.29 74.76
C VAL F 118 -3.50 -20.42 73.30
N LYS F 119 -3.30 -21.65 72.85
CA LYS F 119 -2.95 -21.91 71.46
C LYS F 119 -3.98 -21.31 70.52
N CYS F 120 -5.25 -21.46 70.88
CA CYS F 120 -6.33 -20.90 70.06
C CYS F 120 -6.27 -19.37 70.01
N ILE F 121 -6.16 -18.75 71.18
CA ILE F 121 -6.16 -17.29 71.25
C ILE F 121 -4.96 -16.70 70.52
N ASP F 122 -3.83 -17.42 70.56
CA ASP F 122 -2.63 -16.98 69.86
C ASP F 122 -2.84 -16.99 68.36
N GLY F 123 -3.44 -18.06 67.85
CA GLY F 123 -3.72 -18.18 66.43
C GLY F 123 -4.59 -17.04 65.95
N MET F 124 -5.61 -16.72 66.75
CA MET F 124 -6.55 -15.67 66.39
C MET F 124 -5.88 -14.31 66.36
N ILE F 125 -5.00 -14.06 67.32
CA ILE F 125 -4.26 -12.81 67.36
C ILE F 125 -3.44 -12.65 66.08
N ASP F 126 -2.72 -13.71 65.72
CA ASP F 126 -1.92 -13.72 64.51
C ASP F 126 -2.79 -13.44 63.28
N ALA F 127 -3.93 -14.11 63.19
CA ALA F 127 -4.81 -13.96 62.04
C ALA F 127 -5.39 -12.56 61.97
N ALA F 128 -5.75 -11.99 63.11
CA ALA F 128 -6.35 -10.66 63.14
C ALA F 128 -5.37 -9.58 62.71
N LEU F 129 -4.10 -9.75 63.08
CA LEU F 129 -3.08 -8.75 62.75
C LEU F 129 -2.79 -8.81 61.25
N GLU F 130 -2.69 -10.02 60.71
CA GLU F 130 -2.51 -10.21 59.29
C GLU F 130 -3.69 -9.67 58.49
N ALA F 131 -4.90 -9.85 59.01
CA ALA F 131 -6.12 -9.41 58.33
C ALA F 131 -6.18 -7.90 58.22
N ARG F 132 -5.65 -7.21 59.21
CA ARG F 132 -5.62 -5.75 59.20
C ARG F 132 -4.89 -5.25 57.95
N VAL F 133 -4.05 -6.11 57.40
CA VAL F 133 -3.14 -5.72 56.32
C VAL F 133 -3.37 -6.48 55.00
N ALA F 134 -4.17 -7.54 55.05
CA ALA F 134 -4.43 -8.37 53.87
C ALA F 134 -4.91 -7.55 52.67
N ASN F 135 -4.30 -7.82 51.52
CA ASN F 135 -4.68 -7.16 50.28
C ASN F 135 -5.04 -8.18 49.20
N THR F 136 -5.03 -9.46 49.57
CA THR F 136 -5.39 -10.53 48.65
C THR F 136 -6.50 -11.40 49.23
N LYS F 137 -6.89 -12.43 48.49
CA LYS F 137 -7.93 -13.35 48.92
C LYS F 137 -7.34 -14.74 49.03
N PRO F 138 -7.93 -15.60 49.88
CA PRO F 138 -7.48 -16.98 50.05
C PRO F 138 -7.70 -17.78 48.76
N LYS F 139 -6.80 -18.72 48.47
CA LYS F 139 -6.92 -19.53 47.26
C LYS F 139 -7.33 -20.98 47.54
N THR F 140 -7.21 -21.41 48.80
CA THR F 140 -7.66 -22.75 49.17
C THR F 140 -8.51 -22.72 50.45
N PHE F 141 -9.33 -23.75 50.62
CA PHE F 141 -10.13 -23.89 51.82
C PHE F 141 -9.24 -23.69 53.06
N ASP F 142 -8.09 -24.35 53.05
CA ASP F 142 -7.15 -24.29 54.18
C ASP F 142 -6.69 -22.87 54.50
N GLU F 143 -6.23 -22.13 53.49
CA GLU F 143 -5.84 -20.75 53.70
C GLU F 143 -7.00 -19.93 54.28
N TRP F 144 -8.20 -20.18 53.78
CA TRP F 144 -9.38 -19.46 54.24
C TRP F 144 -9.61 -19.71 55.72
N ILE F 145 -9.41 -20.96 56.13
CA ILE F 145 -9.60 -21.35 57.53
C ILE F 145 -8.59 -20.64 58.43
N VAL F 146 -7.31 -20.80 58.12
CA VAL F 146 -6.25 -20.17 58.90
C VAL F 146 -6.43 -18.65 59.02
N ARG F 147 -6.79 -18.00 57.91
CA ARG F 147 -7.01 -16.57 57.94
C ARG F 147 -8.20 -16.21 58.81
N MET F 148 -9.21 -17.08 58.79
CA MET F 148 -10.43 -16.85 59.53
C MET F 148 -10.29 -17.17 61.01
N MET F 149 -9.66 -18.31 61.30
CA MET F 149 -9.70 -18.90 62.64
C MET F 149 -8.35 -18.94 63.37
N GLY F 150 -7.27 -18.82 62.62
CA GLY F 150 -5.94 -19.00 63.18
C GLY F 150 -5.56 -20.47 63.17
N THR F 151 -4.26 -20.76 63.26
CA THR F 151 -3.78 -22.13 63.19
C THR F 151 -4.26 -22.99 64.35
N GLY F 152 -4.45 -22.37 65.51
CA GLY F 152 -4.83 -23.11 66.71
C GLY F 152 -6.18 -23.78 66.58
N ILE F 153 -7.22 -22.96 66.47
CA ILE F 153 -8.58 -23.46 66.28
C ILE F 153 -8.65 -24.35 65.03
N ALA F 154 -7.89 -24.00 64.00
CA ALA F 154 -7.85 -24.79 62.78
C ALA F 154 -7.43 -26.23 63.07
N ASP F 155 -6.37 -26.38 63.85
CA ASP F 155 -5.82 -27.70 64.15
C ASP F 155 -6.71 -28.48 65.13
N LEU F 156 -7.45 -27.74 65.95
CA LEU F 156 -8.33 -28.37 66.93
C LEU F 156 -9.61 -28.88 66.29
N PHE F 157 -10.19 -28.10 65.37
CA PHE F 157 -11.50 -28.43 64.82
C PHE F 157 -11.56 -28.45 63.28
N MET F 158 -11.51 -27.26 62.67
CA MET F 158 -11.72 -27.10 61.24
C MET F 158 -11.01 -28.14 60.36
N ARG F 159 -9.68 -28.20 60.48
CA ARG F 159 -8.88 -29.08 59.62
C ARG F 159 -9.23 -30.55 59.76
N PRO F 160 -9.14 -31.10 60.98
CA PRO F 160 -9.43 -32.53 61.14
C PRO F 160 -10.88 -32.86 60.79
N TYR F 161 -11.80 -32.01 61.21
CA TYR F 161 -13.22 -32.26 60.92
C TYR F 161 -13.49 -32.29 59.43
N ASN F 162 -13.05 -31.26 58.71
CA ASN F 162 -13.34 -31.17 57.29
C ASN F 162 -12.79 -32.33 56.46
N PHE F 163 -11.65 -32.88 56.87
CA PHE F 163 -11.16 -34.08 56.20
C PHE F 163 -12.08 -35.27 56.41
N LYS F 164 -12.65 -35.37 57.61
CA LYS F 164 -13.57 -36.47 57.91
C LYS F 164 -14.85 -36.33 57.11
N VAL F 165 -15.23 -35.09 56.83
CA VAL F 165 -16.45 -34.78 56.08
C VAL F 165 -16.28 -34.98 54.58
N TRP F 166 -15.27 -34.33 54.00
CA TRP F 166 -15.09 -34.33 52.56
C TRP F 166 -14.21 -35.48 52.07
N ALA F 167 -13.57 -36.18 52.99
CA ALA F 167 -12.68 -37.27 52.62
C ALA F 167 -11.58 -36.75 51.68
N VAL F 168 -11.30 -35.45 51.81
CA VAL F 168 -10.26 -34.78 51.05
C VAL F 168 -9.65 -33.71 51.94
N PRO F 169 -8.32 -33.54 51.89
CA PRO F 169 -7.65 -32.52 52.71
C PRO F 169 -8.13 -31.12 52.34
N THR F 170 -8.11 -30.21 53.31
CA THR F 170 -8.55 -28.84 53.05
C THR F 170 -7.66 -28.12 52.03
N THR F 171 -6.46 -28.63 51.82
CA THR F 171 -5.53 -28.01 50.88
C THR F 171 -5.93 -28.28 49.43
N LYS F 172 -6.83 -29.23 49.25
CA LYS F 172 -7.25 -29.64 47.90
C LYS F 172 -8.58 -29.04 47.49
N MET F 173 -9.06 -28.06 48.26
CA MET F 173 -10.39 -27.49 48.04
C MET F 173 -10.35 -25.98 47.90
N GLN F 174 -11.30 -25.45 47.12
CA GLN F 174 -11.43 -24.00 46.96
C GLN F 174 -12.20 -23.43 48.14
N CYS F 175 -12.35 -22.11 48.18
CA CYS F 175 -13.00 -21.48 49.33
C CYS F 175 -14.09 -20.48 48.94
N ALA F 176 -14.23 -20.24 47.64
CA ALA F 176 -15.27 -19.34 47.15
C ALA F 176 -16.67 -19.87 47.47
N TRP F 177 -16.79 -21.19 47.59
CA TRP F 177 -18.05 -21.82 47.92
C TRP F 177 -18.54 -21.44 49.32
N LEU F 178 -17.71 -20.73 50.07
CA LEU F 178 -18.05 -20.37 51.44
C LEU F 178 -18.77 -19.03 51.55
N GLY F 179 -18.73 -18.25 50.47
CA GLY F 179 -19.36 -16.95 50.46
C GLY F 179 -18.36 -15.81 50.46
N GLU F 180 -18.86 -14.59 50.35
CA GLU F 180 -17.99 -13.42 50.29
C GLU F 180 -17.91 -12.71 51.64
N ARG F 181 -17.36 -13.41 52.62
CA ARG F 181 -17.15 -12.83 53.94
C ARG F 181 -15.66 -12.65 54.17
N VAL F 182 -15.24 -11.41 54.40
CA VAL F 182 -13.84 -11.13 54.66
C VAL F 182 -13.33 -12.00 55.81
N ALA F 183 -12.19 -12.65 55.60
CA ALA F 183 -11.64 -13.57 56.59
C ALA F 183 -11.13 -12.86 57.85
N ALA F 184 -12.02 -12.15 58.53
CA ALA F 184 -11.69 -11.49 59.79
C ALA F 184 -12.23 -12.31 60.97
N PRO F 185 -11.35 -12.62 61.94
N PRO F 185 -14.95 -15.10 63.18
CA PRO F 185 -11.67 -13.54 63.04
CA PRO F 185 -14.81 -15.11 64.65
C PRO F 185 -12.69 -13.04 64.07
C PRO F 185 -14.75 -13.70 65.24
N ASN F 186 -12.60 -11.78 64.47
N ASN F 186 -13.66 -12.98 65.02
CA ASN F 186 -13.38 -11.26 65.62
CA ASN F 186 -13.42 -11.68 65.65
C ASN F 186 -12.82 -11.73 66.96
C ASN F 186 -12.79 -11.84 67.04
N LEU F 187 -11.60 -11.29 67.23
CA LEU F 187 -10.87 -11.53 68.48
C LEU F 187 -11.65 -11.13 69.72
N LYS F 188 -12.23 -9.93 69.70
CA LYS F 188 -12.92 -9.39 70.86
C LYS F 188 -13.99 -10.33 71.42
N ALA F 189 -14.87 -10.80 70.54
CA ALA F 189 -15.93 -11.72 70.96
C ALA F 189 -15.34 -12.97 71.60
N VAL F 190 -14.32 -13.55 70.97
CA VAL F 190 -13.71 -14.76 71.47
C VAL F 190 -13.02 -14.58 72.84
N THR F 191 -12.14 -13.57 72.94
CA THR F 191 -11.45 -13.34 74.21
C THR F 191 -12.42 -12.96 75.32
N THR F 192 -13.45 -12.18 74.98
CA THR F 192 -14.45 -11.76 75.94
C THR F 192 -15.14 -12.97 76.58
N ASN F 193 -15.52 -13.94 75.76
CA ASN F 193 -16.16 -15.15 76.27
C ASN F 193 -15.23 -16.01 77.11
N VAL F 194 -13.95 -16.03 76.74
CA VAL F 194 -12.96 -16.78 77.51
C VAL F 194 -12.76 -16.17 78.89
N ILE F 195 -12.85 -14.85 78.95
CA ILE F 195 -12.67 -14.13 80.21
C ILE F 195 -13.91 -14.26 81.08
N LEU F 196 -15.08 -14.00 80.50
CA LEU F 196 -16.35 -14.08 81.20
C LEU F 196 -16.71 -15.53 81.55
N GLY F 197 -16.35 -16.45 80.66
CA GLY F 197 -16.67 -17.85 80.85
C GLY F 197 -18.07 -18.18 80.36
N PRO F 205 -32.63 -18.71 72.30
CA PRO F 205 -32.46 -18.44 70.87
C PRO F 205 -33.77 -18.63 70.09
N ASN F 206 -34.31 -17.53 69.58
CA ASN F 206 -35.56 -17.57 68.82
C ASN F 206 -35.39 -18.25 67.46
N ALA F 207 -34.21 -18.80 67.22
CA ALA F 207 -33.95 -19.56 66.01
C ALA F 207 -34.60 -20.94 66.12
N THR F 208 -35.59 -21.20 65.28
CA THR F 208 -36.27 -22.48 65.28
C THR F 208 -36.37 -23.04 63.88
N PHE F 209 -36.57 -24.34 63.77
CA PHE F 209 -36.89 -24.98 62.50
C PHE F 209 -38.04 -25.96 62.70
N ARG F 210 -38.72 -26.31 61.62
CA ARG F 210 -39.83 -27.23 61.70
C ARG F 210 -39.47 -28.56 61.05
N PHE F 211 -40.03 -29.64 61.58
CA PHE F 211 -39.75 -30.99 61.10
C PHE F 211 -41.08 -31.72 60.95
N PRO F 212 -41.22 -32.52 59.88
CA PRO F 212 -42.50 -33.21 59.69
C PRO F 212 -42.78 -34.17 60.84
N ALA F 213 -44.04 -34.28 61.24
CA ALA F 213 -44.42 -35.12 62.37
C ALA F 213 -44.38 -36.61 62.03
N ARG F 214 -44.65 -36.95 60.76
CA ARG F 214 -44.68 -38.34 60.36
C ARG F 214 -43.97 -38.57 59.04
N GLY F 215 -43.43 -39.77 58.86
CA GLY F 215 -42.79 -40.13 57.60
C GLY F 215 -41.44 -39.48 57.36
N GLY F 216 -40.96 -38.73 58.33
CA GLY F 216 -39.66 -38.06 58.20
C GLY F 216 -39.61 -37.12 57.01
N THR F 217 -38.41 -36.63 56.70
CA THR F 217 -38.26 -35.67 55.59
C THR F 217 -38.83 -36.21 54.28
N GLY F 218 -38.71 -37.51 54.07
CA GLY F 218 -39.25 -38.14 52.87
C GLY F 218 -40.72 -37.83 52.69
N GLY F 219 -41.45 -37.73 53.81
CA GLY F 219 -42.87 -37.47 53.79
C GLY F 219 -43.24 -36.14 53.14
N ILE F 220 -42.35 -35.16 53.28
CA ILE F 220 -42.56 -33.86 52.65
C ILE F 220 -42.67 -34.00 51.14
N TRP F 221 -41.78 -34.81 50.57
CA TRP F 221 -41.66 -34.89 49.12
C TRP F 221 -42.71 -35.79 48.48
N ILE F 222 -43.19 -36.77 49.24
CA ILE F 222 -44.32 -37.57 48.79
C ILE F 222 -45.58 -36.70 48.72
N ALA F 223 -45.79 -35.90 49.76
CA ALA F 223 -46.93 -34.99 49.78
C ALA F 223 -46.83 -33.95 48.67
N VAL F 224 -45.65 -33.38 48.46
CA VAL F 224 -45.47 -32.42 47.37
C VAL F 224 -45.78 -33.05 46.02
N ALA F 225 -45.25 -34.24 45.78
CA ALA F 225 -45.46 -34.93 44.52
C ALA F 225 -46.95 -35.20 44.30
N ASN F 226 -47.67 -35.51 45.38
CA ASN F 226 -49.09 -35.80 45.27
C ASN F 226 -49.94 -34.60 44.83
N THR F 227 -49.34 -33.41 44.81
CA THR F 227 -50.06 -32.22 44.37
C THR F 227 -49.97 -32.08 42.86
N LEU F 228 -49.14 -32.90 42.24
CA LEU F 228 -48.98 -32.91 40.79
C LEU F 228 -50.03 -33.83 40.14
N PRO F 229 -50.44 -33.50 38.91
CA PRO F 229 -51.30 -34.39 38.12
C PRO F 229 -50.61 -35.71 37.84
N LYS F 230 -51.20 -36.80 38.33
CA LYS F 230 -50.57 -38.11 38.28
C LYS F 230 -50.21 -38.56 36.88
N GLU F 231 -51.00 -38.16 35.90
CA GLU F 231 -50.77 -38.60 34.52
C GLU F 231 -49.54 -37.95 33.89
N LYS F 232 -49.01 -36.92 34.54
CA LYS F 232 -47.80 -36.27 34.03
C LYS F 232 -46.56 -36.79 34.77
N THR F 233 -46.77 -37.72 35.70
CA THR F 233 -45.66 -38.36 36.39
C THR F 233 -45.45 -39.77 35.84
N ARG F 234 -44.21 -40.23 35.87
CA ARG F 234 -43.89 -41.59 35.47
C ARG F 234 -42.81 -42.14 36.39
N PHE F 235 -43.22 -42.60 37.56
CA PHE F 235 -42.31 -43.00 38.61
C PHE F 235 -42.18 -44.52 38.71
N GLY F 236 -40.95 -45.02 38.67
CA GLY F 236 -40.70 -46.44 38.82
C GLY F 236 -39.81 -46.98 37.72
N GLU F 237 -39.76 -48.31 37.62
CA GLU F 237 -38.98 -48.96 36.58
C GLU F 237 -39.38 -48.46 35.20
N LYS F 238 -40.65 -48.04 35.08
CA LYS F 238 -41.16 -47.48 33.83
C LYS F 238 -40.58 -46.10 33.56
N GLY F 239 -39.98 -45.50 34.58
CA GLY F 239 -39.45 -44.15 34.47
C GLY F 239 -37.94 -44.08 34.32
N LYS F 240 -37.28 -45.23 34.39
CA LYS F 240 -35.82 -45.28 34.28
C LYS F 240 -35.32 -44.83 32.89
N VAL F 241 -34.48 -43.81 32.87
CA VAL F 241 -33.90 -43.32 31.62
C VAL F 241 -32.59 -44.04 31.31
N THR F 242 -32.51 -44.60 30.10
CA THR F 242 -31.34 -45.39 29.72
C THR F 242 -30.51 -44.69 28.64
N LYS F 243 -31.14 -43.82 27.88
CA LYS F 243 -30.41 -43.10 26.84
C LYS F 243 -30.93 -41.68 26.63
N VAL F 244 -30.01 -40.77 26.36
CA VAL F 244 -30.35 -39.40 26.03
C VAL F 244 -29.71 -39.04 24.69
N ASN F 245 -30.55 -38.73 23.70
CA ASN F 245 -30.06 -38.34 22.39
C ASN F 245 -30.21 -36.84 22.21
N ALA F 246 -29.16 -36.11 22.52
CA ALA F 246 -29.21 -34.65 22.52
C ALA F 246 -29.39 -34.05 21.12
N ASN F 247 -28.97 -34.79 20.10
CA ASN F 247 -29.03 -34.27 18.73
C ASN F 247 -30.45 -34.12 18.19
N ASN F 248 -31.30 -35.12 18.46
CA ASN F 248 -32.70 -35.03 18.07
C ASN F 248 -33.63 -35.03 19.27
N LYS F 249 -33.14 -34.50 20.38
CA LYS F 249 -33.93 -34.24 21.58
C LYS F 249 -34.90 -35.37 21.92
N THR F 250 -34.36 -36.56 22.13
CA THR F 250 -35.18 -37.72 22.43
C THR F 250 -34.61 -38.52 23.59
N VAL F 251 -35.48 -38.99 24.47
CA VAL F 251 -35.06 -39.80 25.59
C VAL F 251 -35.64 -41.21 25.51
N THR F 252 -34.81 -42.21 25.75
CA THR F 252 -35.28 -43.59 25.73
C THR F 252 -35.32 -44.20 27.13
N LEU F 253 -36.49 -44.67 27.52
CA LEU F 253 -36.70 -45.30 28.83
C LEU F 253 -36.26 -46.76 28.85
N GLN F 254 -36.38 -47.39 30.02
CA GLN F 254 -36.01 -48.78 30.20
C GLN F 254 -36.94 -49.71 29.41
N ASP F 255 -38.24 -49.46 29.52
CA ASP F 255 -39.23 -50.30 28.83
C ASP F 255 -39.33 -50.00 27.34
N GLY F 256 -38.40 -49.21 26.83
CA GLY F 256 -38.34 -48.94 25.40
C GLY F 256 -39.02 -47.67 24.94
N THR F 257 -39.84 -47.09 25.82
CA THR F 257 -40.57 -45.86 25.48
C THR F 257 -39.61 -44.73 25.10
N THR F 258 -40.03 -43.94 24.13
CA THR F 258 -39.23 -42.80 23.68
C THR F 258 -40.01 -41.51 23.94
N ILE F 259 -39.30 -40.50 24.44
CA ILE F 259 -39.91 -39.21 24.74
C ILE F 259 -39.17 -38.10 24.00
N GLY F 260 -39.94 -37.25 23.32
CA GLY F 260 -39.36 -36.11 22.64
C GLY F 260 -39.61 -34.84 23.43
N TYR F 261 -38.58 -34.00 23.55
CA TYR F 261 -38.69 -32.77 24.33
C TYR F 261 -38.21 -31.58 23.53
N LYS F 262 -38.64 -30.39 23.93
CA LYS F 262 -38.07 -29.14 23.41
C LYS F 262 -36.98 -28.62 24.34
N LYS F 263 -37.21 -28.75 25.64
CA LYS F 263 -36.20 -28.38 26.63
C LYS F 263 -36.07 -29.52 27.64
N LEU F 264 -34.86 -29.74 28.12
CA LEU F 264 -34.62 -30.82 29.09
C LEU F 264 -34.08 -30.31 30.43
N VAL F 265 -34.83 -30.57 31.49
CA VAL F 265 -34.33 -30.34 32.84
C VAL F 265 -33.88 -31.69 33.40
N SER F 266 -32.57 -31.90 33.48
CA SER F 266 -32.03 -33.16 33.98
C SER F 266 -31.44 -32.98 35.38
N THR F 267 -31.83 -33.86 36.29
CA THR F 267 -31.38 -33.74 37.68
C THR F 267 -30.56 -34.93 38.14
N MET F 268 -30.34 -35.89 37.25
CA MET F 268 -29.46 -37.00 37.56
C MET F 268 -28.03 -36.47 37.65
N ALA F 269 -27.14 -37.25 38.23
CA ALA F 269 -25.74 -36.86 38.30
C ALA F 269 -25.24 -36.50 36.91
N VAL F 270 -24.61 -35.34 36.78
CA VAL F 270 -24.17 -34.85 35.48
C VAL F 270 -23.20 -35.82 34.82
N ASP F 271 -22.54 -36.65 35.62
CA ASP F 271 -21.60 -37.64 35.09
C ASP F 271 -22.33 -38.84 34.48
N PHE F 272 -23.50 -39.17 35.00
CA PHE F 272 -24.32 -40.23 34.42
C PHE F 272 -24.94 -39.76 33.10
N LEU F 273 -25.34 -38.49 33.08
CA LEU F 273 -25.91 -37.90 31.88
C LEU F 273 -24.91 -38.00 30.73
N ALA F 274 -23.68 -37.55 30.98
CA ALA F 274 -22.61 -37.65 29.99
C ALA F 274 -22.52 -39.08 29.46
N GLU F 275 -22.69 -40.05 30.35
CA GLU F 275 -22.71 -41.45 29.96
C GLU F 275 -23.94 -41.74 29.10
N ALA F 276 -25.12 -41.37 29.61
CA ALA F 276 -26.37 -41.61 28.92
C ALA F 276 -26.44 -40.90 27.56
N MET F 277 -25.59 -39.90 27.37
CA MET F 277 -25.55 -39.13 26.13
C MET F 277 -24.52 -39.68 25.14
N ASN F 278 -23.72 -40.64 25.58
CA ASN F 278 -22.63 -41.16 24.77
C ASN F 278 -21.83 -40.03 24.13
N ASP F 279 -21.62 -38.97 24.90
CA ASP F 279 -20.83 -37.82 24.45
C ASP F 279 -19.46 -37.89 25.10
N GLN F 280 -18.45 -38.18 24.28
CA GLN F 280 -17.10 -38.43 24.78
C GLN F 280 -16.46 -37.19 25.37
N GLU F 281 -16.65 -36.04 24.73
CA GLU F 281 -16.07 -34.80 25.21
C GLU F 281 -16.57 -34.46 26.61
N LEU F 282 -17.87 -34.64 26.84
CA LEU F 282 -18.48 -34.34 28.12
C LEU F 282 -18.03 -35.31 29.20
N VAL F 283 -18.03 -36.60 28.87
CA VAL F 283 -17.56 -37.62 29.79
C VAL F 283 -16.16 -37.28 30.28
N GLY F 284 -15.33 -36.79 29.37
CA GLY F 284 -13.97 -36.39 29.71
C GLY F 284 -13.92 -35.26 30.70
N LEU F 285 -14.56 -34.15 30.37
CA LEU F 285 -14.70 -33.03 31.29
C LEU F 285 -15.27 -33.53 32.62
N THR F 286 -16.26 -34.40 32.51
CA THR F 286 -16.99 -34.91 33.67
C THR F 286 -16.10 -35.61 34.70
N LYS F 287 -15.09 -36.33 34.23
CA LYS F 287 -14.22 -37.07 35.14
C LYS F 287 -13.24 -36.16 35.88
N GLN F 288 -13.19 -34.89 35.49
CA GLN F 288 -12.37 -33.91 36.21
C GLN F 288 -13.05 -33.49 37.50
N LEU F 289 -14.33 -33.85 37.64
CA LEU F 289 -15.08 -33.56 38.85
C LEU F 289 -14.77 -34.60 39.93
N PHE F 290 -15.00 -34.24 41.19
CA PHE F 290 -14.74 -35.16 42.28
C PHE F 290 -15.94 -35.27 43.23
N TYR F 291 -16.21 -36.48 43.69
CA TYR F 291 -17.27 -36.69 44.66
C TYR F 291 -16.87 -37.74 45.69
N SER F 292 -17.45 -37.65 46.87
CA SER F 292 -17.25 -38.62 47.92
C SER F 292 -18.53 -39.42 48.14
N SER F 293 -18.38 -40.69 48.51
CA SER F 293 -19.52 -41.54 48.84
C SER F 293 -19.77 -41.45 50.35
N THR F 294 -21.02 -41.64 50.76
CA THR F 294 -21.33 -41.56 52.18
C THR F 294 -22.07 -42.80 52.70
N HIS F 295 -21.72 -43.22 53.92
CA HIS F 295 -22.46 -44.28 54.60
C HIS F 295 -23.41 -43.64 55.59
N VAL F 296 -24.67 -44.05 55.54
CA VAL F 296 -25.65 -43.59 56.52
C VAL F 296 -26.01 -44.71 57.49
N ILE F 297 -25.52 -44.58 58.72
CA ILE F 297 -25.72 -45.59 59.74
C ILE F 297 -26.84 -45.22 60.70
N GLY F 298 -27.76 -46.16 60.93
CA GLY F 298 -28.85 -45.95 61.87
C GLY F 298 -28.78 -46.95 63.00
N VAL F 299 -29.04 -46.49 64.23
CA VAL F 299 -29.01 -47.35 65.39
C VAL F 299 -30.23 -47.13 66.29
N GLY F 300 -31.02 -48.18 66.46
CA GLY F 300 -32.17 -48.13 67.34
C GLY F 300 -31.83 -48.78 68.65
N VAL F 301 -32.26 -48.17 69.76
CA VAL F 301 -31.87 -48.64 71.07
C VAL F 301 -32.97 -48.44 72.11
N ARG F 302 -33.07 -49.38 73.04
CA ARG F 302 -34.10 -49.34 74.08
C ARG F 302 -33.76 -48.38 75.20
N GLY F 303 -34.78 -47.70 75.72
CA GLY F 303 -34.62 -46.87 76.89
C GLY F 303 -35.30 -45.52 76.80
N SER F 304 -35.49 -44.88 77.94
CA SER F 304 -35.96 -43.51 77.98
C SER F 304 -34.83 -42.63 77.48
N ARG F 305 -35.18 -41.47 76.94
CA ARG F 305 -34.17 -40.55 76.40
C ARG F 305 -33.18 -40.16 77.50
N PRO F 306 -31.94 -40.67 77.40
CA PRO F 306 -30.89 -40.54 78.42
C PRO F 306 -30.64 -39.10 78.86
N GLU F 307 -30.10 -38.96 80.08
CA GLU F 307 -29.83 -37.65 80.66
C GLU F 307 -28.73 -36.90 79.92
N ARG F 308 -27.66 -37.63 79.58
CA ARG F 308 -26.51 -37.03 78.91
C ARG F 308 -26.89 -36.45 77.55
N ILE F 309 -27.79 -37.14 76.86
CA ILE F 309 -28.14 -36.79 75.48
C ILE F 309 -28.68 -35.36 75.32
N GLY F 310 -29.95 -35.16 75.65
N GLY F 310 -29.93 -35.16 75.70
CA GLY F 310 -30.58 -33.88 75.38
CA GLY F 310 -30.51 -33.82 75.73
C GLY F 310 -31.59 -34.02 74.25
C GLY F 310 -31.35 -33.48 74.50
N ASP F 311 -31.60 -33.08 73.32
N ASP F 311 -31.55 -32.18 74.29
CA ASP F 311 -32.58 -33.14 72.22
CA ASP F 311 -32.29 -31.70 73.12
C ASP F 311 -32.37 -32.20 71.03
C ASP F 311 -31.40 -31.78 71.89
N LYS F 312 -32.49 -32.77 69.83
N LYS F 312 -30.14 -32.14 72.11
CA LYS F 312 -32.78 -32.01 68.61
CA LYS F 312 -29.13 -32.18 71.06
C LYS F 312 -31.65 -31.13 68.08
C LYS F 312 -29.67 -32.72 69.73
N CYS F 313 -30.75 -31.73 67.30
N CYS F 313 -29.46 -31.95 68.68
CA CYS F 313 -29.70 -30.97 66.61
CA CYS F 313 -29.82 -32.36 67.33
C CYS F 313 -28.57 -31.87 66.10
C CYS F 313 -28.63 -32.99 66.63
N TRP F 314 -27.63 -31.28 65.37
N TRP F 314 -27.93 -32.20 65.82
CA TRP F 314 -26.47 -32.00 64.85
CA TRP F 314 -26.74 -32.70 65.13
C TRP F 314 -25.32 -32.04 65.86
C TRP F 314 -25.47 -32.41 65.91
N LEU F 315 -24.55 -33.12 65.82
N LEU F 315 -24.61 -33.41 65.99
CA LEU F 315 -23.37 -33.26 66.64
CA LEU F 315 -23.34 -33.28 66.69
C LEU F 315 -22.15 -33.51 65.75
C LEU F 315 -22.19 -33.44 65.71
N TYR F 316 -21.09 -32.73 65.95
CA TYR F 316 -19.93 -32.80 65.08
C TYR F 316 -18.72 -33.42 65.76
N PHE F 317 -18.04 -34.31 65.03
CA PHE F 317 -16.93 -35.08 65.61
C PHE F 317 -15.63 -34.93 64.84
N PRO F 318 -14.79 -33.98 65.28
CA PRO F 318 -13.46 -33.68 64.71
C PRO F 318 -12.40 -34.71 65.06
N GLU F 319 -12.58 -35.44 66.15
CA GLU F 319 -11.52 -36.30 66.68
C GLU F 319 -11.49 -37.69 66.05
N ASP F 320 -10.43 -38.44 66.35
CA ASP F 320 -10.19 -39.73 65.72
C ASP F 320 -10.65 -40.96 66.52
N ASN F 321 -11.52 -40.75 67.50
CA ASN F 321 -12.06 -41.88 68.26
C ASN F 321 -13.39 -42.38 67.70
N CYS F 322 -13.74 -41.92 66.50
CA CYS F 322 -14.95 -42.34 65.82
C CYS F 322 -14.84 -42.06 64.32
N PRO F 323 -15.42 -42.93 63.49
CA PRO F 323 -15.34 -42.79 62.03
C PRO F 323 -16.24 -41.67 61.52
N PHE F 324 -17.37 -41.46 62.17
CA PHE F 324 -18.38 -40.52 61.69
C PHE F 324 -18.06 -39.07 61.98
N TYR F 325 -18.49 -38.18 61.09
CA TYR F 325 -18.22 -36.75 61.24
C TYR F 325 -19.41 -35.98 61.80
N ARG F 326 -20.60 -36.56 61.69
CA ARG F 326 -21.76 -36.00 62.36
C ARG F 326 -22.80 -37.05 62.70
N ALA F 327 -23.57 -36.79 63.74
CA ALA F 327 -24.62 -37.68 64.18
C ALA F 327 -25.73 -36.83 64.77
N THR F 328 -26.91 -37.41 64.89
CA THR F 328 -28.03 -36.71 65.50
C THR F 328 -28.94 -37.71 66.22
N ILE F 329 -29.66 -37.22 67.22
CA ILE F 329 -30.64 -38.04 67.91
C ILE F 329 -31.97 -37.93 67.17
N PHE F 330 -32.13 -38.75 66.14
CA PHE F 330 -33.30 -38.66 65.26
C PHE F 330 -34.61 -38.78 66.01
N SER F 331 -34.64 -39.65 67.03
CA SER F 331 -35.82 -39.84 67.84
C SER F 331 -36.29 -38.55 68.51
N ASN F 332 -35.39 -37.60 68.71
CA ASN F 332 -35.76 -36.33 69.33
C ASN F 332 -36.60 -35.45 68.41
N TYR F 333 -36.52 -35.71 67.11
CA TYR F 333 -37.19 -34.88 66.11
C TYR F 333 -38.69 -35.15 66.03
N SER F 334 -39.06 -36.41 66.22
CA SER F 334 -40.46 -36.82 66.18
C SER F 334 -40.63 -38.17 66.85
N PRO F 335 -41.62 -38.30 67.74
CA PRO F 335 -41.95 -39.58 68.39
C PRO F 335 -42.35 -40.65 67.37
N TYR F 336 -42.69 -40.24 66.16
CA TYR F 336 -43.10 -41.18 65.13
C TYR F 336 -41.94 -41.67 64.26
N ASN F 337 -40.72 -41.32 64.65
CA ASN F 337 -39.55 -41.78 63.91
C ASN F 337 -39.10 -43.17 64.35
N GLN F 338 -39.72 -43.67 65.43
CA GLN F 338 -39.39 -44.98 65.99
C GLN F 338 -40.63 -45.59 66.65
N PRO F 339 -40.62 -46.91 66.87
CA PRO F 339 -41.82 -47.58 67.40
C PRO F 339 -42.26 -47.00 68.73
N GLU F 340 -43.55 -47.08 69.01
CA GLU F 340 -44.08 -46.67 70.30
C GLU F 340 -43.64 -47.65 71.39
N ALA F 341 -43.80 -47.25 72.65
CA ALA F 341 -43.34 -48.04 73.78
C ALA F 341 -43.92 -49.46 73.81
N SER F 342 -45.21 -49.58 73.51
CA SER F 342 -45.92 -50.85 73.64
C SER F 342 -45.47 -51.88 72.61
N LYS F 343 -44.62 -51.47 71.69
CA LYS F 343 -44.10 -52.39 70.68
C LYS F 343 -43.02 -53.26 71.30
N LYS F 344 -42.98 -54.53 70.91
CA LYS F 344 -42.05 -55.48 71.52
C LYS F 344 -40.99 -55.96 70.54
N LEU F 345 -39.73 -55.71 70.89
CA LEU F 345 -38.60 -56.06 70.04
C LEU F 345 -37.51 -56.74 70.85
N PRO F 346 -36.81 -57.70 70.21
CA PRO F 346 -35.68 -58.40 70.82
C PRO F 346 -34.39 -57.58 70.72
N THR F 347 -33.51 -57.70 71.71
CA THR F 347 -32.21 -57.04 71.66
C THR F 347 -31.27 -57.82 70.75
N MET F 348 -30.67 -57.14 69.78
CA MET F 348 -29.78 -57.77 68.82
C MET F 348 -28.37 -57.89 69.38
N GLN F 349 -27.92 -56.85 70.06
CA GLN F 349 -26.58 -56.81 70.64
C GLN F 349 -26.51 -55.67 71.63
N LEU F 350 -25.45 -55.65 72.43
CA LEU F 350 -25.21 -54.53 73.32
C LEU F 350 -24.28 -53.55 72.62
N ALA F 351 -24.18 -52.33 73.15
CA ALA F 351 -23.35 -51.32 72.52
C ALA F 351 -21.87 -51.70 72.56
N ASP F 352 -21.52 -52.64 73.44
CA ASP F 352 -20.14 -53.08 73.57
C ASP F 352 -19.81 -54.18 72.57
N GLY F 353 -20.83 -54.68 71.89
CA GLY F 353 -20.65 -55.67 70.84
C GLY F 353 -20.85 -57.10 71.28
N SER F 354 -21.42 -57.29 72.47
CA SER F 354 -21.62 -58.62 73.01
C SER F 354 -23.09 -59.06 72.94
N ARG F 355 -23.31 -60.36 73.05
CA ARG F 355 -24.66 -60.91 73.07
C ARG F 355 -25.42 -60.46 74.30
N PRO F 356 -26.73 -60.20 74.15
CA PRO F 356 -27.56 -59.73 75.26
C PRO F 356 -27.89 -60.87 76.22
N GLN F 357 -28.25 -60.54 77.46
CA GLN F 357 -28.53 -61.56 78.46
C GLN F 357 -29.85 -62.25 78.16
N SER F 358 -30.85 -61.49 77.74
CA SER F 358 -32.13 -62.06 77.33
C SER F 358 -32.44 -61.78 75.86
N THR F 359 -32.82 -62.82 75.13
CA THR F 359 -33.09 -62.71 73.71
C THR F 359 -34.58 -62.56 73.45
N GLU F 360 -35.34 -62.33 74.51
CA GLU F 360 -36.79 -62.19 74.41
C GLU F 360 -37.19 -60.81 73.90
N ALA F 361 -38.27 -60.75 73.12
CA ALA F 361 -38.80 -59.47 72.67
C ALA F 361 -39.54 -58.78 73.81
N LYS F 362 -39.09 -57.58 74.16
CA LYS F 362 -39.70 -56.81 75.24
C LYS F 362 -40.15 -55.44 74.76
N GLU F 363 -40.79 -54.70 75.66
CA GLU F 363 -41.31 -53.37 75.36
C GLU F 363 -40.23 -52.30 75.23
N GLY F 364 -40.66 -51.09 74.87
CA GLY F 364 -39.79 -49.92 74.81
C GLY F 364 -39.79 -49.23 76.16
N PRO F 365 -39.75 -47.88 76.16
CA PRO F 365 -39.73 -47.02 74.97
C PRO F 365 -38.39 -47.09 74.23
N TYR F 366 -38.35 -46.50 73.04
CA TYR F 366 -37.13 -46.53 72.21
C TYR F 366 -36.63 -45.14 71.86
N TRP F 367 -35.34 -45.04 71.60
CA TRP F 367 -34.75 -43.84 71.01
C TRP F 367 -33.82 -44.24 69.87
N SER F 368 -33.29 -43.26 69.14
CA SER F 368 -32.66 -43.55 67.87
C SER F 368 -31.51 -42.60 67.50
N ILE F 369 -30.45 -43.15 66.93
CA ILE F 369 -29.29 -42.35 66.53
C ILE F 369 -28.96 -42.56 65.06
N MET F 370 -28.69 -41.46 64.36
CA MET F 370 -28.27 -41.52 62.96
C MET F 370 -26.92 -40.84 62.80
N LEU F 371 -26.05 -41.43 61.98
CA LEU F 371 -24.73 -40.84 61.78
C LEU F 371 -24.20 -41.06 60.35
N GLU F 372 -23.21 -40.25 59.95
CA GLU F 372 -22.69 -40.32 58.59
C GLU F 372 -21.18 -40.54 58.51
N VAL F 373 -20.77 -41.44 57.61
CA VAL F 373 -19.35 -41.65 57.34
C VAL F 373 -19.06 -41.40 55.87
N SER F 374 -17.99 -40.66 55.60
CA SER F 374 -17.59 -40.36 54.23
C SER F 374 -16.57 -41.37 53.74
N GLU F 375 -16.41 -41.46 52.42
CA GLU F 375 -15.50 -42.42 51.80
C GLU F 375 -14.98 -41.92 50.46
N SER F 376 -13.66 -42.03 50.25
CA SER F 376 -13.06 -41.66 48.98
C SER F 376 -11.78 -42.45 48.75
N SER F 377 -11.17 -42.25 47.58
CA SER F 377 -9.93 -42.93 47.25
C SER F 377 -8.81 -42.50 48.20
N MET F 378 -8.96 -41.31 48.78
CA MET F 378 -7.97 -40.79 49.70
C MET F 378 -8.32 -41.12 51.15
N LYS F 379 -9.48 -41.75 51.34
CA LYS F 379 -9.95 -42.09 52.67
C LYS F 379 -10.96 -43.23 52.58
N PRO F 380 -10.48 -44.46 52.35
CA PRO F 380 -11.34 -45.62 52.14
C PRO F 380 -11.99 -46.08 53.43
N VAL F 381 -12.99 -46.96 53.30
CA VAL F 381 -13.65 -47.54 54.47
C VAL F 381 -13.87 -49.03 54.26
N ASN F 382 -13.76 -49.80 55.35
CA ASN F 382 -14.06 -51.22 55.30
C ASN F 382 -15.54 -51.44 55.50
N GLN F 383 -16.24 -51.74 54.41
CA GLN F 383 -17.70 -51.83 54.44
C GLN F 383 -18.21 -52.93 55.37
N GLU F 384 -17.37 -53.93 55.64
CA GLU F 384 -17.77 -55.06 56.48
C GLU F 384 -17.69 -54.77 57.98
N THR F 385 -16.86 -53.80 58.36
CA THR F 385 -16.63 -53.51 59.77
C THR F 385 -17.06 -52.11 60.17
N ILE F 386 -17.60 -51.35 59.22
CA ILE F 386 -17.91 -49.94 59.46
C ILE F 386 -19.09 -49.76 60.41
N LEU F 387 -20.03 -50.71 60.41
CA LEU F 387 -21.15 -50.65 61.33
C LEU F 387 -20.65 -50.81 62.78
N ALA F 388 -19.94 -51.89 63.03
CA ALA F 388 -19.40 -52.16 64.35
C ALA F 388 -18.51 -51.01 64.83
N ASP F 389 -17.66 -50.51 63.93
CA ASP F 389 -16.75 -49.42 64.29
C ASP F 389 -17.52 -48.17 64.72
N CYS F 390 -18.64 -47.91 64.05
CA CYS F 390 -19.46 -46.75 64.37
C CYS F 390 -20.13 -46.89 65.74
N ILE F 391 -20.54 -48.11 66.06
CA ILE F 391 -21.18 -48.39 67.33
C ILE F 391 -20.17 -48.24 68.48
N GLN F 392 -18.95 -48.69 68.24
CA GLN F 392 -17.87 -48.51 69.19
C GLN F 392 -17.48 -47.03 69.30
N GLY F 393 -17.66 -46.30 68.20
CA GLY F 393 -17.40 -44.86 68.20
C GLY F 393 -18.45 -44.13 69.01
N LEU F 394 -19.65 -44.69 69.06
CA LEU F 394 -20.73 -44.14 69.87
C LEU F 394 -20.42 -44.31 71.35
N VAL F 395 -19.73 -45.40 71.68
CA VAL F 395 -19.32 -45.64 73.06
C VAL F 395 -18.20 -44.67 73.45
N ASN F 396 -17.14 -44.65 72.64
CA ASN F 396 -15.98 -43.79 72.91
C ASN F 396 -16.38 -42.33 73.11
N THR F 397 -17.48 -41.92 72.47
CA THR F 397 -17.94 -40.54 72.55
C THR F 397 -19.00 -40.36 73.61
N GLU F 398 -19.31 -41.44 74.31
CA GLU F 398 -20.28 -41.40 75.41
C GLU F 398 -21.67 -40.99 74.95
N MET F 399 -22.10 -41.52 73.80
CA MET F 399 -23.49 -41.40 73.40
C MET F 399 -24.24 -42.69 73.75
N LEU F 400 -23.52 -43.81 73.67
CA LEU F 400 -24.05 -45.09 74.11
C LEU F 400 -23.21 -45.64 75.27
N LYS F 401 -23.89 -46.10 76.32
CA LYS F 401 -23.23 -46.84 77.37
C LYS F 401 -22.92 -48.23 76.82
N PRO F 402 -21.83 -48.85 77.28
CA PRO F 402 -21.50 -50.18 76.79
C PRO F 402 -22.59 -51.20 77.12
N THR F 403 -23.57 -50.77 77.92
CA THR F 403 -24.63 -51.66 78.38
C THR F 403 -25.95 -51.44 77.64
N ASP F 404 -26.05 -50.35 76.89
CA ASP F 404 -27.27 -50.04 76.15
C ASP F 404 -27.63 -51.13 75.13
N GLU F 405 -28.92 -51.38 74.99
CA GLU F 405 -29.42 -52.48 74.17
C GLU F 405 -29.81 -52.02 72.77
N ILE F 406 -29.15 -52.58 71.76
CA ILE F 406 -29.45 -52.21 70.38
C ILE F 406 -30.54 -53.10 69.79
N VAL F 407 -31.64 -52.46 69.37
CA VAL F 407 -32.79 -53.17 68.86
C VAL F 407 -32.81 -53.21 67.34
N SER F 408 -32.16 -52.24 66.71
CA SER F 408 -32.20 -52.13 65.25
C SER F 408 -30.97 -51.42 64.69
N THR F 409 -30.52 -51.88 63.52
CA THR F 409 -29.40 -51.25 62.85
C THR F 409 -29.73 -50.96 61.38
N TYR F 410 -29.15 -49.87 60.87
CA TYR F 410 -29.37 -49.46 59.50
C TYR F 410 -28.05 -49.00 58.86
N HIS F 411 -27.73 -49.58 57.71
CA HIS F 411 -26.52 -49.22 57.00
C HIS F 411 -26.75 -49.22 55.48
N ARG F 412 -26.57 -48.06 54.87
CA ARG F 412 -26.70 -47.92 53.43
C ARG F 412 -25.61 -47.01 52.88
N ARG F 413 -25.01 -47.41 51.76
CA ARG F 413 -23.95 -46.63 51.14
C ARG F 413 -24.44 -45.97 49.87
N PHE F 414 -24.20 -44.67 49.76
CA PHE F 414 -24.57 -43.93 48.57
C PHE F 414 -23.32 -43.55 47.79
N ASP F 415 -23.22 -44.07 46.56
CA ASP F 415 -22.04 -43.84 45.73
C ASP F 415 -21.81 -42.35 45.52
N HIS F 416 -22.85 -41.65 45.09
CA HIS F 416 -22.78 -40.20 44.97
C HIS F 416 -23.32 -39.55 46.23
N GLY F 417 -22.45 -39.25 47.18
CA GLY F 417 -22.87 -38.69 48.45
C GLY F 417 -22.75 -37.19 48.48
N TYR F 418 -21.54 -36.69 48.27
CA TYR F 418 -21.26 -35.27 48.29
C TYR F 418 -20.51 -34.84 47.04
N PRO F 419 -20.93 -33.73 46.41
CA PRO F 419 -20.13 -33.13 45.35
C PRO F 419 -19.03 -32.25 45.94
N THR F 420 -17.77 -32.61 45.70
CA THR F 420 -16.65 -31.96 46.37
C THR F 420 -16.22 -30.64 45.73
N PRO F 421 -16.24 -29.56 46.52
CA PRO F 421 -15.74 -28.26 46.06
C PRO F 421 -14.21 -28.24 45.90
N THR F 422 -13.70 -29.12 45.05
CA THR F 422 -12.27 -29.16 44.75
C THR F 422 -11.81 -27.91 44.03
N LEU F 423 -10.50 -27.73 43.92
CA LEU F 423 -9.91 -26.60 43.23
C LEU F 423 -10.18 -26.65 41.72
N GLU F 424 -10.46 -27.85 41.22
CA GLU F 424 -10.69 -28.03 39.78
C GLU F 424 -12.17 -27.95 39.40
N ARG F 425 -13.06 -27.89 40.37
CA ARG F 425 -14.49 -28.00 40.10
C ARG F 425 -14.99 -26.98 39.08
N GLU F 426 -14.69 -25.71 39.31
CA GLU F 426 -15.21 -24.65 38.46
C GLU F 426 -14.60 -24.68 37.06
N GLY F 427 -13.32 -25.01 36.98
CA GLY F 427 -12.67 -25.15 35.70
C GLY F 427 -13.45 -26.13 34.82
N ALA F 428 -14.01 -27.15 35.46
CA ALA F 428 -14.79 -28.16 34.76
C ALA F 428 -16.21 -27.68 34.49
N LEU F 429 -16.89 -27.21 35.54
CA LEU F 429 -18.28 -26.80 35.40
C LEU F 429 -18.51 -25.65 34.41
N THR F 430 -17.56 -24.72 34.33
CA THR F 430 -17.70 -23.59 33.40
C THR F 430 -17.53 -24.05 31.96
N GLN F 431 -17.26 -25.34 31.78
CA GLN F 431 -17.21 -25.94 30.44
C GLN F 431 -18.39 -26.90 30.25
N ILE F 432 -18.64 -27.72 31.25
CA ILE F 432 -19.69 -28.74 31.17
C ILE F 432 -21.07 -28.13 31.01
N LEU F 433 -21.42 -27.21 31.89
CA LEU F 433 -22.78 -26.65 31.93
C LEU F 433 -23.16 -25.83 30.71
N PRO F 434 -22.27 -24.95 30.24
CA PRO F 434 -22.55 -24.16 29.02
C PRO F 434 -22.73 -25.06 27.79
N LYS F 435 -21.94 -26.12 27.71
CA LYS F 435 -22.04 -27.05 26.59
C LYS F 435 -23.34 -27.82 26.62
N LEU F 436 -23.82 -28.15 27.82
CA LEU F 436 -25.10 -28.80 27.96
C LEU F 436 -26.21 -27.82 27.62
N GLN F 437 -25.97 -26.56 27.99
CA GLN F 437 -26.90 -25.49 27.73
C GLN F 437 -27.10 -25.29 26.23
N ASP F 438 -26.01 -25.44 25.47
CA ASP F 438 -26.08 -25.27 24.02
C ASP F 438 -26.95 -26.32 23.34
N LYS F 439 -27.33 -27.36 24.08
CA LYS F 439 -28.23 -28.39 23.55
C LYS F 439 -29.60 -28.29 24.18
N ASP F 440 -29.88 -27.13 24.78
CA ASP F 440 -31.14 -26.92 25.49
C ASP F 440 -31.34 -27.92 26.60
N ILE F 441 -30.24 -28.27 27.26
CA ILE F 441 -30.30 -29.14 28.43
C ILE F 441 -29.90 -28.37 29.67
N TRP F 442 -30.86 -28.19 30.58
CA TRP F 442 -30.60 -27.58 31.87
C TRP F 442 -30.24 -28.68 32.87
N SER F 443 -28.95 -28.91 33.07
CA SER F 443 -28.50 -29.88 34.06
C SER F 443 -28.38 -29.16 35.40
N ARG F 444 -29.25 -29.50 36.34
CA ARG F 444 -29.37 -28.76 37.60
C ARG F 444 -29.60 -29.70 38.78
N GLY F 445 -29.05 -29.34 39.93
CA GLY F 445 -29.28 -30.12 41.14
C GLY F 445 -28.01 -30.37 41.93
N ARG F 446 -28.12 -31.18 42.98
CA ARG F 446 -26.99 -31.48 43.86
C ARG F 446 -25.86 -32.16 43.09
N PHE F 447 -26.21 -33.05 42.17
CA PHE F 447 -25.22 -33.64 41.28
C PHE F 447 -25.50 -33.29 39.81
N GLY F 448 -26.62 -32.61 39.58
CA GLY F 448 -26.92 -32.12 38.24
C GLY F 448 -26.04 -30.93 37.91
N SER F 449 -25.87 -30.03 38.88
CA SER F 449 -24.97 -28.88 38.72
C SER F 449 -23.77 -28.93 39.66
N TRP F 450 -23.79 -29.85 40.62
CA TRP F 450 -22.58 -30.24 41.36
C TRP F 450 -22.00 -29.16 42.28
N ARG F 451 -22.82 -28.22 42.73
CA ARG F 451 -22.35 -27.17 43.63
C ARG F 451 -22.93 -27.29 45.05
N TYR F 452 -22.10 -27.74 45.98
CA TYR F 452 -22.52 -27.98 47.35
C TYR F 452 -23.20 -26.77 48.02
N GLU F 453 -22.71 -25.57 47.72
CA GLU F 453 -23.20 -24.34 48.37
C GLU F 453 -24.69 -24.16 48.19
N VAL F 454 -25.23 -24.76 47.13
CA VAL F 454 -26.66 -24.69 46.86
C VAL F 454 -27.20 -26.11 46.70
N GLY F 455 -26.79 -26.97 47.62
CA GLY F 455 -27.17 -28.38 47.57
C GLY F 455 -28.18 -28.79 48.61
N ASN F 456 -28.58 -27.86 49.48
CA ASN F 456 -29.64 -28.13 50.45
C ASN F 456 -30.97 -28.28 49.75
N GLN F 457 -31.93 -28.90 50.43
CA GLN F 457 -33.21 -29.22 49.80
C GLN F 457 -33.94 -28.00 49.30
N ASP F 458 -33.88 -26.90 50.03
CA ASP F 458 -34.54 -25.67 49.59
C ASP F 458 -33.81 -25.05 48.40
N HIS F 459 -32.48 -25.03 48.44
CA HIS F 459 -31.69 -24.54 47.31
C HIS F 459 -31.95 -25.37 46.06
N SER F 460 -31.92 -26.69 46.23
CA SER F 460 -32.13 -27.63 45.12
C SER F 460 -33.51 -27.45 44.49
N PHE F 461 -34.54 -27.46 45.33
CA PHE F 461 -35.90 -27.21 44.89
C PHE F 461 -35.93 -25.97 43.99
N MET F 462 -35.28 -24.90 44.46
CA MET F 462 -35.29 -23.64 43.72
C MET F 462 -34.48 -23.69 42.42
N LEU F 463 -33.48 -24.57 42.36
CA LEU F 463 -32.73 -24.73 41.12
C LEU F 463 -33.67 -25.26 40.04
N GLY F 464 -34.54 -26.20 40.41
CA GLY F 464 -35.56 -26.69 39.51
C GLY F 464 -36.56 -25.61 39.12
N VAL F 465 -37.05 -24.88 40.12
CA VAL F 465 -38.00 -23.79 39.90
C VAL F 465 -37.44 -22.72 38.97
N GLU F 466 -36.21 -22.28 39.25
CA GLU F 466 -35.59 -21.20 38.50
C GLU F 466 -35.20 -21.63 37.09
N ALA F 467 -34.86 -22.91 36.92
CA ALA F 467 -34.58 -23.45 35.59
C ALA F 467 -35.82 -23.32 34.71
N VAL F 468 -36.96 -23.72 35.25
CA VAL F 468 -38.21 -23.59 34.52
C VAL F 468 -38.53 -22.12 34.25
N ASP F 469 -38.25 -21.27 35.23
CA ASP F 469 -38.53 -19.84 35.10
C ASP F 469 -37.65 -19.22 34.02
N ASN F 470 -36.45 -19.78 33.84
CA ASN F 470 -35.56 -19.33 32.78
C ASN F 470 -36.09 -19.81 31.43
N ILE F 471 -36.47 -21.08 31.37
CA ILE F 471 -37.06 -21.64 30.16
C ILE F 471 -38.30 -20.88 29.71
N VAL F 472 -39.20 -20.59 30.64
CA VAL F 472 -40.50 -20.05 30.26
C VAL F 472 -40.57 -18.52 30.27
N ASN F 473 -40.02 -17.90 31.30
CA ASN F 473 -40.19 -16.45 31.48
C ASN F 473 -38.90 -15.65 31.31
N GLY F 474 -37.81 -16.34 31.01
CA GLY F 474 -36.52 -15.67 30.85
C GLY F 474 -36.00 -15.07 32.15
N ALA F 475 -36.19 -15.77 33.26
CA ALA F 475 -35.69 -15.29 34.55
C ALA F 475 -34.20 -15.62 34.70
N VAL F 476 -33.52 -14.85 35.53
CA VAL F 476 -32.12 -15.13 35.85
C VAL F 476 -32.08 -16.36 36.75
N GLU F 477 -31.16 -17.27 36.47
CA GLU F 477 -30.95 -18.40 37.36
C GLU F 477 -30.01 -17.96 38.49
N LEU F 478 -30.57 -17.25 39.46
CA LEU F 478 -29.80 -16.62 40.52
C LEU F 478 -29.15 -17.62 41.47
N THR F 479 -29.89 -18.65 41.85
CA THR F 479 -29.36 -19.65 42.78
C THR F 479 -28.20 -20.44 42.18
N LEU F 480 -28.28 -20.73 40.89
CA LEU F 480 -27.21 -21.47 40.21
C LEU F 480 -25.91 -20.68 40.10
N ASN F 481 -26.02 -19.40 39.76
CA ASN F 481 -24.84 -18.60 39.41
C ASN F 481 -24.41 -17.60 40.48
N TYR F 482 -25.31 -17.32 41.43
CA TYR F 482 -25.00 -16.33 42.47
C TYR F 482 -25.47 -16.77 43.86
N PRO F 483 -24.88 -17.86 44.38
CA PRO F 483 -25.23 -18.40 45.70
C PRO F 483 -25.17 -17.36 46.82
N ASP F 484 -24.16 -16.51 46.81
CA ASP F 484 -24.02 -15.48 47.84
C ASP F 484 -25.17 -14.48 47.78
N PHE F 485 -25.63 -14.19 46.57
CA PHE F 485 -26.71 -13.22 46.40
C PHE F 485 -28.00 -13.71 47.04
N VAL F 486 -28.39 -14.94 46.74
CA VAL F 486 -29.64 -15.48 47.29
C VAL F 486 -29.53 -15.77 48.78
N ASN F 487 -28.40 -16.30 49.22
CA ASN F 487 -28.19 -16.58 50.65
C ASN F 487 -28.21 -15.35 51.53
N GLY F 488 -27.84 -14.20 50.95
CA GLY F 488 -27.71 -12.98 51.73
C GLY F 488 -28.93 -12.07 51.71
N ARG F 489 -30.06 -12.58 51.24
CA ARG F 489 -31.27 -11.78 51.14
C ARG F 489 -32.50 -12.58 51.52
N GLN F 490 -33.62 -11.88 51.71
CA GLN F 490 -34.90 -12.54 51.88
C GLN F 490 -35.58 -12.66 50.52
N ASN F 491 -35.75 -13.88 50.04
CA ASN F 491 -36.37 -14.10 48.74
C ASN F 491 -37.86 -14.30 48.86
N THR F 492 -38.60 -13.22 48.69
CA THR F 492 -40.03 -13.20 48.97
C THR F 492 -40.87 -12.90 47.72
N GLU F 493 -40.22 -12.62 46.60
CA GLU F 493 -40.91 -12.17 45.39
C GLU F 493 -41.70 -13.29 44.70
N ARG F 494 -41.05 -14.44 44.50
CA ARG F 494 -41.69 -15.55 43.81
C ARG F 494 -42.57 -16.35 44.77
N ARG F 495 -43.86 -16.46 44.43
CA ARG F 495 -44.83 -17.16 45.28
C ARG F 495 -45.51 -18.30 44.54
N LEU F 496 -46.13 -19.22 45.28
CA LEU F 496 -46.86 -20.32 44.66
C LEU F 496 -48.09 -19.79 43.92
N VAL F 497 -48.61 -18.65 44.38
CA VAL F 497 -49.66 -17.95 43.66
C VAL F 497 -49.17 -16.55 43.28
N ASP F 498 -48.73 -16.40 42.03
CA ASP F 498 -48.21 -15.13 41.54
C ASP F 498 -49.32 -14.33 40.86
N GLY F 499 -49.04 -13.08 40.51
CA GLY F 499 -50.01 -12.23 39.84
C GLY F 499 -50.68 -12.88 38.66
N ALA F 500 -49.92 -13.68 37.91
CA ALA F 500 -50.43 -14.33 36.70
C ALA F 500 -51.66 -15.21 36.97
N GLN F 501 -51.59 -16.01 38.03
CA GLN F 501 -52.72 -16.89 38.38
C GLN F 501 -53.88 -16.13 39.01
N VAL F 502 -53.56 -15.07 39.74
CA VAL F 502 -54.59 -14.22 40.35
C VAL F 502 -55.45 -13.53 39.28
N PHE F 503 -54.80 -12.85 38.33
CA PHE F 503 -55.52 -12.16 37.27
C PHE F 503 -56.33 -13.11 36.40
N ALA F 504 -55.78 -14.30 36.16
CA ALA F 504 -56.42 -15.28 35.30
C ALA F 504 -57.64 -15.90 35.96
N LYS F 505 -57.55 -16.13 37.26
CA LYS F 505 -58.69 -16.68 38.00
C LYS F 505 -59.82 -15.67 38.03
N SER F 506 -59.49 -14.45 38.45
CA SER F 506 -60.47 -13.37 38.55
C SER F 506 -61.19 -13.13 37.23
N LYS F 507 -60.49 -13.29 36.12
CA LYS F 507 -61.08 -13.07 34.81
C LYS F 507 -62.08 -14.16 34.47
N ALA F 508 -61.81 -15.38 34.93
CA ALA F 508 -62.68 -16.52 34.69
C ALA F 508 -63.93 -16.47 35.58
N GLN F 509 -63.83 -15.72 36.69
CA GLN F 509 -64.97 -15.53 37.58
C GLN F 509 -66.05 -14.70 36.91
N LEU F 510 -65.64 -13.75 36.09
CA LEU F 510 -66.59 -12.89 35.40
C LEU F 510 -67.16 -13.60 34.18
N GLU F 511 -66.29 -14.18 33.37
CA GLU F 511 -66.70 -14.94 32.20
C GLU F 511 -67.47 -16.20 32.58
N THR G 1 64.82 -11.63 82.20
CA THR G 1 64.98 -11.38 80.77
C THR G 1 64.13 -10.21 80.29
N HIS G 2 64.75 -9.04 80.19
CA HIS G 2 64.05 -7.84 79.75
C HIS G 2 64.14 -7.65 78.24
N PRO G 3 63.08 -7.11 77.63
CA PRO G 3 63.09 -6.78 76.21
C PRO G 3 64.06 -5.64 75.93
N ASP G 4 64.45 -5.49 74.67
CA ASP G 4 65.37 -4.42 74.29
C ASP G 4 64.73 -3.07 74.54
N ILE G 5 63.42 -3.01 74.35
CA ILE G 5 62.67 -1.78 74.49
C ILE G 5 61.37 -2.03 75.24
N SER G 6 60.99 -1.10 76.10
CA SER G 6 59.72 -1.17 76.81
C SER G 6 58.95 0.15 76.71
N VAL G 7 57.67 0.05 76.36
CA VAL G 7 56.79 1.21 76.30
C VAL G 7 55.42 0.84 76.89
N ASP G 8 54.68 1.86 77.33
CA ASP G 8 53.35 1.61 77.87
C ASP G 8 52.39 1.18 76.76
N VAL G 9 52.42 1.92 75.65
CA VAL G 9 51.53 1.62 74.53
C VAL G 9 52.33 1.47 73.24
N LEU G 10 52.25 0.29 72.64
CA LEU G 10 52.91 0.05 71.35
C LEU G 10 51.91 0.01 70.21
N VAL G 11 52.19 0.76 69.15
CA VAL G 11 51.32 0.83 67.99
C VAL G 11 51.95 0.13 66.79
N ILE G 12 51.26 -0.85 66.23
CA ILE G 12 51.75 -1.56 65.06
C ILE G 12 51.03 -1.08 63.81
N GLY G 13 51.80 -0.53 62.87
CA GLY G 13 51.24 -0.04 61.62
C GLY G 13 51.13 1.47 61.61
N ALA G 14 51.54 2.10 60.52
CA ALA G 14 51.50 3.55 60.41
C ALA G 14 50.64 4.03 59.25
N GLY G 15 49.54 3.33 58.99
CA GLY G 15 48.50 3.85 58.12
C GLY G 15 47.69 4.86 58.92
N PRO G 16 46.59 5.34 58.34
CA PRO G 16 45.76 6.32 59.05
C PRO G 16 45.40 5.89 60.48
N THR G 17 45.07 4.61 60.68
CA THR G 17 44.68 4.16 62.03
C THR G 17 45.81 4.27 63.04
N GLY G 18 46.97 3.71 62.69
CA GLY G 18 48.13 3.83 63.55
C GLY G 18 48.53 5.26 63.83
N LEU G 19 48.50 6.11 62.79
CA LEU G 19 48.86 7.51 62.96
C LEU G 19 47.83 8.25 63.82
N GLY G 20 46.56 7.83 63.73
CA GLY G 20 45.54 8.33 64.61
C GLY G 20 45.91 8.03 66.07
N ALA G 21 46.35 6.82 66.32
CA ALA G 21 46.74 6.41 67.66
C ALA G 21 47.97 7.18 68.15
N ALA G 22 48.95 7.34 67.27
CA ALA G 22 50.18 8.06 67.61
C ALA G 22 49.89 9.51 67.95
N LYS G 23 49.01 10.14 67.18
CA LYS G 23 48.67 11.54 67.40
C LYS G 23 48.01 11.79 68.76
N ARG G 24 47.05 10.94 69.15
CA ARG G 24 46.40 11.13 70.44
C ARG G 24 47.38 10.82 71.57
N LEU G 25 48.17 9.77 71.42
CA LEU G 25 49.22 9.47 72.39
C LEU G 25 50.18 10.65 72.50
N ASN G 26 50.51 11.24 71.37
CA ASN G 26 51.44 12.36 71.35
C ASN G 26 50.81 13.60 72.00
N GLN G 27 49.53 13.82 71.73
CA GLN G 27 48.80 14.91 72.35
C GLN G 27 48.74 14.75 73.87
N ILE G 28 48.38 13.56 74.33
CA ILE G 28 48.24 13.29 75.76
C ILE G 28 49.56 13.42 76.49
N ASP G 29 50.63 12.94 75.86
CA ASP G 29 51.97 13.04 76.43
C ASP G 29 52.01 12.56 77.88
N GLY G 30 51.39 11.40 78.13
CA GLY G 30 51.42 10.78 79.44
C GLY G 30 52.21 9.49 79.35
N PRO G 31 51.51 8.38 79.07
CA PRO G 31 52.17 7.07 78.95
C PRO G 31 53.19 7.07 77.81
N SER G 32 54.23 6.28 77.94
CA SER G 32 55.24 6.15 76.91
C SER G 32 54.70 5.29 75.78
N TRP G 33 55.20 5.52 74.57
CA TRP G 33 54.69 4.80 73.40
C TRP G 33 55.71 4.81 72.27
N MET G 34 55.44 4.00 71.25
CA MET G 34 56.19 4.05 70.00
C MET G 34 55.36 3.41 68.90
N ILE G 35 55.64 3.78 67.66
CA ILE G 35 54.91 3.24 66.53
C ILE G 35 55.88 2.60 65.55
N VAL G 36 55.52 1.43 65.01
CA VAL G 36 56.36 0.75 64.05
C VAL G 36 55.59 0.41 62.78
N ASP G 37 56.33 0.23 61.68
CA ASP G 37 55.74 -0.14 60.40
C ASP G 37 56.84 -0.70 59.52
N SER G 38 56.53 -1.77 58.80
CA SER G 38 57.48 -2.39 57.87
C SER G 38 57.84 -1.44 56.72
N ASN G 39 56.94 -0.51 56.42
CA ASN G 39 57.19 0.48 55.36
C ASN G 39 57.94 1.70 55.88
N GLU G 40 58.90 2.16 55.09
CA GLU G 40 59.73 3.30 55.46
C GLU G 40 58.95 4.61 55.30
N THR G 41 57.92 4.59 54.45
CA THR G 41 57.06 5.75 54.25
C THR G 41 55.70 5.50 54.90
N PRO G 42 55.31 6.34 55.86
CA PRO G 42 54.03 6.17 56.54
C PRO G 42 52.86 6.48 55.61
N GLY G 43 51.69 5.89 55.89
CA GLY G 43 50.52 6.13 55.07
C GLY G 43 49.71 4.88 54.81
N GLY G 44 50.36 3.72 54.95
CA GLY G 44 49.70 2.46 54.72
C GLY G 44 49.03 2.39 53.36
N LEU G 45 47.87 1.76 53.30
CA LEU G 45 47.13 1.66 52.06
C LEU G 45 46.47 2.99 51.71
N ALA G 46 46.93 4.07 52.32
CA ALA G 46 46.43 5.39 51.96
C ALA G 46 47.54 6.21 51.32
N SER G 47 48.66 5.54 51.04
CA SER G 47 49.82 6.17 50.42
C SER G 47 49.59 6.50 48.95
N THR G 48 50.59 7.12 48.33
CA THR G 48 50.53 7.48 46.92
C THR G 48 51.76 6.97 46.17
N ASP G 49 51.54 6.27 45.06
CA ASP G 49 52.63 5.75 44.24
C ASP G 49 52.92 6.65 43.02
N VAL G 50 54.10 6.46 42.43
CA VAL G 50 54.51 7.23 41.26
C VAL G 50 55.14 6.30 40.23
N THR G 51 54.72 6.41 38.98
CA THR G 51 55.29 5.61 37.90
C THR G 51 56.63 6.20 37.47
N PRO G 52 57.49 5.37 36.84
CA PRO G 52 58.77 5.86 36.35
C PRO G 52 58.64 7.13 35.50
N GLU G 53 57.50 7.32 34.83
CA GLU G 53 57.31 8.53 34.02
C GLU G 53 56.64 9.69 34.78
N GLY G 54 56.52 9.55 36.10
CA GLY G 54 56.06 10.65 36.92
C GLY G 54 54.54 10.81 37.03
N PHE G 55 53.82 9.70 37.00
CA PHE G 55 52.38 9.73 37.21
C PHE G 55 52.02 9.21 38.60
N LEU G 56 51.31 10.03 39.37
CA LEU G 56 50.91 9.66 40.73
C LEU G 56 49.57 8.93 40.77
N TYR G 57 49.47 7.91 41.60
CA TYR G 57 48.20 7.23 41.82
C TYR G 57 48.00 6.91 43.28
N ASP G 58 46.86 7.36 43.82
CA ASP G 58 46.46 7.00 45.18
C ASP G 58 46.13 5.52 45.23
N VAL G 59 46.69 4.81 46.19
CA VAL G 59 46.44 3.38 46.33
C VAL G 59 45.11 3.10 47.04
N GLY G 60 44.71 4.00 47.92
CA GLY G 60 43.52 3.80 48.74
C GLY G 60 42.57 4.99 48.83
N GLY G 61 42.36 5.63 47.69
CA GLY G 61 41.38 6.70 47.60
C GLY G 61 41.70 7.94 48.39
N HIS G 62 40.67 8.75 48.62
CA HIS G 62 40.81 10.04 49.29
C HIS G 62 39.56 10.34 50.08
N VAL G 63 39.69 11.10 51.16
CA VAL G 63 38.53 11.48 51.95
C VAL G 63 37.72 12.53 51.21
N ILE G 64 36.41 12.31 51.15
CA ILE G 64 35.50 13.25 50.53
C ILE G 64 34.78 14.06 51.61
N PHE G 65 34.43 13.40 52.70
CA PHE G 65 33.74 14.06 53.81
C PHE G 65 34.33 13.65 55.15
N SER G 66 34.74 14.64 55.94
CA SER G 66 35.21 14.38 57.30
C SER G 66 34.06 14.42 58.30
N HIS G 67 33.95 13.38 59.12
CA HIS G 67 32.92 13.35 60.15
C HIS G 67 33.42 13.89 61.50
N TYR G 68 34.71 14.21 61.60
CA TYR G 68 35.31 14.59 62.88
C TYR G 68 36.13 15.87 62.85
N LYS G 69 35.85 16.77 63.80
CA LYS G 69 36.69 17.96 63.96
C LYS G 69 38.13 17.57 64.29
N TYR G 70 38.30 16.47 65.02
CA TYR G 70 39.63 16.04 65.43
C TYR G 70 40.49 15.72 64.22
N PHE G 71 39.89 15.03 63.27
CA PHE G 71 40.53 14.70 62.00
C PHE G 71 40.90 15.98 61.27
N ASP G 72 39.97 16.94 61.24
CA ASP G 72 40.20 18.21 60.56
C ASP G 72 41.38 18.93 61.19
N ASP G 73 41.47 18.89 62.53
CA ASP G 73 42.54 19.56 63.25
C ASP G 73 43.90 19.02 62.83
N CYS G 74 44.02 17.70 62.73
CA CYS G 74 45.30 17.10 62.39
C CYS G 74 45.72 17.40 60.95
N LEU G 75 44.73 17.46 60.04
CA LEU G 75 45.02 17.83 58.65
C LEU G 75 45.45 19.29 58.54
N ASP G 76 44.79 20.17 59.30
CA ASP G 76 45.15 21.58 59.31
C ASP G 76 46.55 21.78 59.85
N GLU G 77 46.88 21.08 60.93
CA GLU G 77 48.21 21.17 61.51
C GLU G 77 49.26 20.67 60.54
N ALA G 78 48.93 19.58 59.86
CA ALA G 78 49.87 18.95 58.92
C ALA G 78 50.12 19.82 57.68
N LEU G 79 49.04 20.30 57.06
CA LEU G 79 49.10 21.12 55.85
C LEU G 79 48.35 22.44 56.06
N PRO G 80 48.96 23.37 56.81
CA PRO G 80 48.30 24.60 57.27
C PRO G 80 48.12 25.68 56.19
N LYS G 81 48.79 25.55 55.05
CA LYS G 81 48.73 26.59 54.03
C LYS G 81 47.56 26.44 53.06
N GLU G 82 46.93 27.56 52.75
CA GLU G 82 45.91 27.62 51.71
C GLU G 82 46.34 26.89 50.45
N ASP G 83 47.54 27.18 49.99
CA ASP G 83 48.04 26.60 48.74
C ASP G 83 48.51 25.16 48.91
N ASP G 84 48.25 24.58 50.09
CA ASP G 84 48.55 23.17 50.31
C ASP G 84 47.43 22.32 49.74
N TRP G 85 46.26 22.93 49.56
CA TRP G 85 45.06 22.21 49.17
C TRP G 85 44.32 22.84 47.99
N TYR G 86 43.64 21.98 47.23
CA TYR G 86 42.64 22.42 46.27
C TYR G 86 41.27 22.02 46.81
N THR G 87 40.27 22.88 46.63
CA THR G 87 38.92 22.54 47.04
C THR G 87 38.01 22.37 45.83
N HIS G 88 37.42 21.19 45.68
CA HIS G 88 36.61 20.86 44.52
C HIS G 88 35.16 20.60 44.89
N GLN G 89 34.28 20.60 43.88
CA GLN G 89 32.86 20.30 44.13
C GLN G 89 32.59 18.80 44.18
N ARG G 90 31.77 18.39 45.13
CA ARG G 90 31.42 16.99 45.29
C ARG G 90 30.42 16.56 44.21
N ILE G 91 30.84 15.61 43.37
CA ILE G 91 30.02 15.14 42.25
C ILE G 91 30.31 13.68 41.93
N SER G 92 29.34 13.00 41.32
CA SER G 92 29.52 11.60 40.94
C SER G 92 28.61 11.23 39.76
N TYR G 93 28.97 10.17 39.06
CA TYR G 93 28.22 9.72 37.89
C TYR G 93 28.21 8.20 37.76
N VAL G 94 27.10 7.65 37.29
CA VAL G 94 27.00 6.24 36.96
C VAL G 94 26.96 6.08 35.44
N ARG G 95 27.77 5.16 34.92
CA ARG G 95 27.77 4.88 33.49
C ARG G 95 26.73 3.83 33.15
N CYS G 96 25.61 4.27 32.56
CA CYS G 96 24.54 3.36 32.20
C CYS G 96 24.00 3.63 30.79
N GLN G 97 24.14 2.62 29.93
CA GLN G 97 23.62 2.68 28.55
C GLN G 97 24.00 3.97 27.83
N GLY G 98 25.30 4.15 27.61
CA GLY G 98 25.81 5.30 26.87
C GLY G 98 25.47 6.63 27.50
N GLN G 99 25.15 6.62 28.79
CA GLN G 99 24.82 7.86 29.49
C GLN G 99 25.65 8.02 30.76
N TRP G 100 25.95 9.27 31.12
CA TRP G 100 26.60 9.57 32.38
C TRP G 100 25.56 10.05 33.37
N VAL G 101 24.99 9.11 34.14
CA VAL G 101 23.89 9.41 35.05
C VAL G 101 24.41 9.97 36.37
N PRO G 102 24.04 11.22 36.68
CA PRO G 102 24.46 11.92 37.90
C PRO G 102 23.97 11.22 39.16
N TYR G 103 24.66 11.45 40.27
CA TYR G 103 24.21 10.98 41.58
C TYR G 103 23.13 11.92 42.10
N PRO G 104 22.07 11.36 42.71
CA PRO G 104 21.90 9.91 42.88
C PRO G 104 21.19 9.29 41.67
N PHE G 105 21.51 8.04 41.37
CA PHE G 105 20.98 7.36 40.19
C PHE G 105 19.46 7.51 40.06
N GLN G 106 18.74 7.10 41.09
CA GLN G 106 17.27 7.04 41.05
C GLN G 106 16.62 8.39 40.73
N ASN G 107 17.26 9.48 41.14
CA ASN G 107 16.71 10.81 40.89
C ASN G 107 17.00 11.31 39.47
N ASN G 108 17.67 10.48 38.69
CA ASN G 108 18.07 10.88 37.34
C ASN G 108 17.71 9.87 36.25
N ILE G 109 16.76 8.98 36.54
CA ILE G 109 16.29 7.99 35.57
C ILE G 109 15.92 8.67 34.27
N SER G 110 15.55 9.94 34.36
CA SER G 110 15.13 10.74 33.22
C SER G 110 16.05 10.64 32.00
N MET G 111 17.30 10.23 32.23
CA MET G 111 18.25 10.13 31.13
C MET G 111 18.19 8.80 30.41
N LEU G 112 17.54 7.82 31.02
CA LEU G 112 17.46 6.49 30.45
C LEU G 112 16.34 6.43 29.40
N PRO G 113 16.37 5.39 28.55
CA PRO G 113 15.27 5.13 27.63
C PRO G 113 13.94 5.12 28.38
N LYS G 114 12.86 5.48 27.70
CA LYS G 114 11.55 5.57 28.33
C LYS G 114 11.03 4.20 28.81
N GLU G 115 11.37 3.14 28.08
CA GLU G 115 11.01 1.80 28.50
C GLU G 115 11.65 1.47 29.84
N GLU G 116 12.92 1.79 29.97
CA GLU G 116 13.65 1.53 31.20
C GLU G 116 13.07 2.33 32.37
N GLN G 117 12.69 3.58 32.11
CA GLN G 117 12.09 4.40 33.15
C GLN G 117 10.83 3.73 33.70
N VAL G 118 10.07 3.11 32.80
CA VAL G 118 8.82 2.44 33.17
C VAL G 118 9.08 1.32 34.17
N LYS G 119 9.96 0.40 33.82
CA LYS G 119 10.30 -0.70 34.71
C LYS G 119 10.81 -0.18 36.05
N CYS G 120 11.53 0.94 36.03
CA CYS G 120 12.03 1.55 37.25
C CYS G 120 10.91 2.08 38.12
N ILE G 121 10.05 2.90 37.54
CA ILE G 121 8.97 3.52 38.30
C ILE G 121 7.99 2.47 38.82
N ASP G 122 7.77 1.43 38.01
CA ASP G 122 6.90 0.33 38.42
C ASP G 122 7.46 -0.37 39.65
N GLY G 123 8.77 -0.56 39.67
CA GLY G 123 9.44 -1.22 40.77
C GLY G 123 9.33 -0.48 42.08
N MET G 124 9.39 0.85 42.01
CA MET G 124 9.35 1.67 43.21
C MET G 124 7.94 1.80 43.78
N ILE G 125 6.95 1.76 42.89
CA ILE G 125 5.56 1.78 43.34
C ILE G 125 5.30 0.56 44.20
N ASP G 126 5.81 -0.59 43.76
CA ASP G 126 5.69 -1.82 44.54
C ASP G 126 6.36 -1.65 45.90
N ALA G 127 7.62 -1.24 45.88
CA ALA G 127 8.40 -1.04 47.09
C ALA G 127 7.72 -0.05 48.03
N ALA G 128 7.21 1.04 47.47
CA ALA G 128 6.49 2.03 48.27
C ALA G 128 5.25 1.43 48.95
N LEU G 129 4.57 0.54 48.24
CA LEU G 129 3.35 -0.07 48.78
C LEU G 129 3.68 -1.06 49.90
N GLU G 130 4.65 -1.93 49.66
CA GLU G 130 5.08 -2.88 50.69
C GLU G 130 5.64 -2.15 51.92
N ALA G 131 6.37 -1.07 51.67
CA ALA G 131 6.99 -0.30 52.74
C ALA G 131 5.94 0.27 53.69
N ARG G 132 4.78 0.62 53.13
CA ARG G 132 3.69 1.18 53.93
C ARG G 132 3.21 0.16 54.96
N VAL G 133 3.61 -1.09 54.77
CA VAL G 133 3.06 -2.20 55.56
C VAL G 133 4.13 -3.06 56.24
N ALA G 134 5.40 -2.78 55.95
CA ALA G 134 6.50 -3.56 56.50
C ALA G 134 6.52 -3.54 58.02
N ASN G 135 6.82 -4.68 58.62
CA ASN G 135 6.91 -4.80 60.07
C ASN G 135 8.17 -5.54 60.48
N THR G 136 8.93 -5.98 59.47
CA THR G 136 10.22 -6.61 59.71
C THR G 136 11.32 -5.75 59.09
N LYS G 137 12.57 -6.19 59.24
CA LYS G 137 13.68 -5.49 58.63
C LYS G 137 14.52 -6.42 57.77
N PRO G 138 15.12 -5.88 56.69
CA PRO G 138 15.87 -6.66 55.71
C PRO G 138 16.97 -7.48 56.38
N LYS G 139 17.22 -8.68 55.87
CA LYS G 139 18.22 -9.57 56.44
C LYS G 139 19.40 -9.80 55.50
N THR G 140 19.33 -9.23 54.31
CA THR G 140 20.44 -9.27 53.37
C THR G 140 20.59 -7.93 52.66
N PHE G 141 21.79 -7.66 52.16
CA PHE G 141 22.02 -6.50 51.30
C PHE G 141 20.96 -6.48 50.19
N ASP G 142 20.71 -7.63 49.59
CA ASP G 142 19.77 -7.71 48.46
C ASP G 142 18.36 -7.26 48.83
N GLU G 143 17.81 -7.82 49.89
CA GLU G 143 16.47 -7.46 50.35
C GLU G 143 16.38 -5.97 50.62
N TRP G 144 17.44 -5.44 51.24
CA TRP G 144 17.53 -4.03 51.55
C TRP G 144 17.47 -3.22 50.26
N ILE G 145 18.28 -3.63 49.28
CA ILE G 145 18.26 -2.98 47.97
C ILE G 145 16.87 -2.97 47.35
N VAL G 146 16.25 -4.15 47.32
CA VAL G 146 14.91 -4.28 46.73
C VAL G 146 13.86 -3.40 47.42
N ARG G 147 13.81 -3.47 48.75
CA ARG G 147 12.85 -2.67 49.50
C ARG G 147 13.12 -1.18 49.34
N MET G 148 14.38 -0.85 49.08
CA MET G 148 14.81 0.53 49.00
C MET G 148 14.50 1.11 47.62
N MET G 149 14.86 0.36 46.58
CA MET G 149 14.82 0.86 45.20
C MET G 149 13.71 0.24 44.34
N GLY G 150 13.41 -1.03 44.57
CA GLY G 150 12.55 -1.78 43.68
C GLY G 150 13.42 -2.63 42.77
N THR G 151 12.84 -3.67 42.17
CA THR G 151 13.61 -4.61 41.37
C THR G 151 14.11 -3.99 40.06
N GLY G 152 13.44 -2.95 39.60
CA GLY G 152 13.82 -2.30 38.37
C GLY G 152 15.20 -1.67 38.51
N ILE G 153 15.28 -0.63 39.33
CA ILE G 153 16.54 0.03 39.63
C ILE G 153 17.58 -0.96 40.16
N ALA G 154 17.12 -1.94 40.92
CA ALA G 154 18.00 -2.97 41.46
C ALA G 154 18.80 -3.70 40.39
N ASP G 155 18.13 -4.06 39.30
CA ASP G 155 18.76 -4.81 38.21
C ASP G 155 19.66 -3.95 37.32
N LEU G 156 19.32 -2.67 37.20
CA LEU G 156 20.09 -1.75 36.36
C LEU G 156 21.42 -1.35 36.99
N PHE G 157 21.39 -1.10 38.30
CA PHE G 157 22.55 -0.52 38.97
C PHE G 157 23.01 -1.34 40.17
N MET G 158 22.24 -1.25 41.26
CA MET G 158 22.59 -1.85 42.54
C MET G 158 23.22 -3.24 42.47
N ARG G 159 22.45 -4.20 41.99
CA ARG G 159 22.89 -5.60 42.01
C ARG G 159 24.15 -5.86 41.20
N PRO G 160 24.13 -5.50 39.90
CA PRO G 160 25.31 -5.81 39.08
C PRO G 160 26.53 -5.01 39.54
N TYR G 161 26.32 -3.74 39.87
CA TYR G 161 27.42 -2.90 40.34
C TYR G 161 28.04 -3.43 41.64
N ASN G 162 27.19 -3.79 42.60
CA ASN G 162 27.69 -4.27 43.88
C ASN G 162 28.39 -5.61 43.82
N PHE G 163 28.02 -6.44 42.84
CA PHE G 163 28.76 -7.69 42.63
C PHE G 163 30.13 -7.38 42.04
N LYS G 164 30.20 -6.35 41.19
CA LYS G 164 31.47 -5.95 40.61
C LYS G 164 32.39 -5.37 41.68
N VAL G 165 31.81 -4.63 42.63
CA VAL G 165 32.60 -4.07 43.73
C VAL G 165 33.08 -5.13 44.72
N TRP G 166 32.14 -5.89 45.27
CA TRP G 166 32.44 -6.79 46.39
C TRP G 166 32.94 -8.16 45.95
N ALA G 167 32.80 -8.49 44.68
CA ALA G 167 33.19 -9.80 44.18
C ALA G 167 32.41 -10.89 44.92
N VAL G 168 31.19 -10.54 45.32
CA VAL G 168 30.32 -11.42 46.07
C VAL G 168 28.90 -10.96 45.80
N PRO G 169 27.96 -11.90 45.66
CA PRO G 169 26.58 -11.55 45.32
C PRO G 169 25.88 -10.80 46.46
N THR G 170 24.95 -9.92 46.13
CA THR G 170 24.26 -9.11 47.14
C THR G 170 23.46 -9.94 48.15
N THR G 171 23.12 -11.17 47.79
CA THR G 171 22.37 -12.06 48.68
C THR G 171 23.26 -12.63 49.78
N LYS G 172 24.57 -12.46 49.66
CA LYS G 172 25.50 -13.05 50.62
C LYS G 172 26.03 -12.04 51.63
N MET G 173 25.43 -10.86 51.67
CA MET G 173 25.92 -9.77 52.54
C MET G 173 24.81 -9.25 53.45
N GLN G 174 25.22 -8.67 54.59
CA GLN G 174 24.27 -8.07 55.51
C GLN G 174 23.90 -6.68 55.02
N CYS G 175 23.05 -5.98 55.76
CA CYS G 175 22.65 -4.63 55.37
C CYS G 175 22.70 -3.64 56.53
N ALA G 176 23.00 -4.13 57.73
CA ALA G 176 23.16 -3.27 58.89
C ALA G 176 24.25 -2.23 58.64
N TRP G 177 25.32 -2.67 58.00
CA TRP G 177 26.47 -1.83 57.70
C TRP G 177 26.07 -0.56 56.96
N LEU G 178 24.88 -0.54 56.38
CA LEU G 178 24.42 0.58 55.58
C LEU G 178 23.83 1.72 56.41
N GLY G 179 23.55 1.46 57.68
CA GLY G 179 22.95 2.45 58.55
C GLY G 179 21.55 2.10 59.00
N GLU G 180 20.97 2.95 59.86
CA GLU G 180 19.64 2.73 60.41
C GLU G 180 18.55 3.29 59.48
N ARG G 181 18.95 3.72 58.29
CA ARG G 181 18.02 4.25 57.31
C ARG G 181 16.91 3.24 56.99
N VAL G 182 15.66 3.66 57.17
CA VAL G 182 14.51 2.82 56.86
C VAL G 182 14.47 2.48 55.38
N ALA G 183 14.44 1.19 55.06
CA ALA G 183 14.43 0.72 53.67
C ALA G 183 13.14 1.11 52.94
N ALA G 184 12.93 2.41 52.77
CA ALA G 184 11.74 2.91 52.07
C ALA G 184 12.14 3.87 50.95
N PRO G 185 11.46 3.78 49.80
CA PRO G 185 11.77 4.57 48.62
C PRO G 185 11.13 5.96 48.67
N ASN G 186 11.73 6.94 47.99
CA ASN G 186 11.14 8.26 47.86
C ASN G 186 10.48 8.45 46.50
N LEU G 187 9.30 7.85 46.34
CA LEU G 187 8.59 7.82 45.05
C LEU G 187 8.33 9.20 44.46
N LYS G 188 7.85 10.12 45.29
CA LYS G 188 7.49 11.45 44.83
C LYS G 188 8.66 12.15 44.12
N ALA G 189 9.80 12.23 44.81
CA ALA G 189 10.98 12.88 44.25
C ALA G 189 11.39 12.24 42.94
N VAL G 190 11.46 10.91 42.91
CA VAL G 190 11.83 10.21 41.69
C VAL G 190 10.90 10.50 40.53
N THR G 191 9.59 10.49 40.79
CA THR G 191 8.64 10.73 39.72
C THR G 191 8.54 12.22 39.39
N THR G 192 8.77 13.06 40.39
CA THR G 192 8.77 14.50 40.16
C THR G 192 9.90 14.86 39.21
N ASN G 193 10.99 14.12 39.27
CA ASN G 193 12.12 14.35 38.37
C ASN G 193 11.84 13.87 36.94
N VAL G 194 11.21 12.71 36.82
CA VAL G 194 10.88 12.16 35.51
C VAL G 194 9.91 13.04 34.76
N ILE G 195 8.95 13.61 35.48
CA ILE G 195 7.99 14.53 34.87
C ILE G 195 8.66 15.85 34.50
N LEU G 196 9.43 16.41 35.43
CA LEU G 196 10.07 17.70 35.23
C LEU G 196 11.22 17.65 34.22
N GLY G 197 11.79 16.46 34.04
CA GLY G 197 12.87 16.28 33.08
C GLY G 197 14.20 16.81 33.60
N LYS G 198 14.14 17.67 34.60
CA LYS G 198 15.34 18.23 35.20
C LYS G 198 15.79 17.36 36.36
N THR G 199 16.80 17.83 37.10
CA THR G 199 17.36 17.07 38.21
C THR G 199 17.53 17.94 39.45
N ALA G 207 28.03 21.08 47.68
CA ALA G 207 28.99 20.43 48.56
C ALA G 207 30.38 20.38 47.93
N THR G 208 31.40 20.43 48.77
CA THR G 208 32.78 20.47 48.31
C THR G 208 33.69 19.60 49.17
N PHE G 209 34.86 19.28 48.65
CA PHE G 209 35.88 18.60 49.44
C PHE G 209 37.25 19.18 49.10
N ARG G 210 38.23 18.92 49.97
CA ARG G 210 39.57 19.42 49.73
C ARG G 210 40.53 18.26 49.41
N PHE G 211 41.48 18.52 48.53
CA PHE G 211 42.43 17.52 48.08
C PHE G 211 43.83 18.13 48.09
N PRO G 212 44.83 17.32 48.46
CA PRO G 212 46.20 17.85 48.60
C PRO G 212 46.80 18.28 47.26
N ALA G 213 47.43 19.45 47.26
CA ALA G 213 48.02 20.00 46.04
C ALA G 213 49.21 19.19 45.53
N ARG G 214 49.96 18.57 46.44
CA ARG G 214 51.13 17.79 46.03
C ARG G 214 51.26 16.46 46.76
N GLY G 215 51.84 15.48 46.10
CA GLY G 215 52.11 14.18 46.71
C GLY G 215 50.87 13.30 46.85
N GLY G 216 49.73 13.79 46.38
CA GLY G 216 48.49 13.04 46.46
C GLY G 216 48.07 12.82 47.90
N THR G 217 47.09 11.94 48.07
CA THR G 217 46.60 11.60 49.40
C THR G 217 47.75 11.22 50.34
N GLY G 218 48.72 10.49 49.81
CA GLY G 218 49.86 10.05 50.59
C GLY G 218 50.61 11.19 51.26
N GLY G 219 50.65 12.34 50.60
CA GLY G 219 51.31 13.51 51.15
C GLY G 219 50.72 13.95 52.48
N ILE G 220 49.43 13.69 52.66
CA ILE G 220 48.76 13.98 53.92
C ILE G 220 49.41 13.21 55.07
N TRP G 221 49.55 11.90 54.88
CA TRP G 221 50.03 11.02 55.94
C TRP G 221 51.52 11.13 56.21
N ILE G 222 52.27 11.60 55.22
CA ILE G 222 53.69 11.90 55.43
C ILE G 222 53.79 13.13 56.32
N ALA G 223 52.92 14.11 56.07
CA ALA G 223 52.93 15.35 56.81
C ALA G 223 52.41 15.17 58.25
N VAL G 224 51.38 14.35 58.42
CA VAL G 224 50.86 14.06 59.75
C VAL G 224 51.93 13.37 60.58
N ALA G 225 52.56 12.36 60.00
CA ALA G 225 53.63 11.62 60.66
C ALA G 225 54.82 12.52 61.04
N ASN G 226 55.10 13.53 60.23
CA ASN G 226 56.22 14.43 60.50
C ASN G 226 56.02 15.29 61.75
N THR G 227 54.80 15.31 62.28
CA THR G 227 54.55 16.07 63.50
C THR G 227 54.86 15.25 64.74
N LEU G 228 55.19 13.97 64.53
CA LEU G 228 55.53 13.07 65.63
C LEU G 228 57.02 13.15 65.97
N PRO G 229 57.38 12.90 67.25
CA PRO G 229 58.79 12.86 67.64
C PRO G 229 59.50 11.66 67.02
N LYS G 230 60.49 11.94 66.18
CA LYS G 230 61.10 10.91 65.34
C LYS G 230 61.65 9.71 66.10
N GLU G 231 62.11 9.92 67.33
CA GLU G 231 62.72 8.84 68.09
C GLU G 231 61.68 7.86 68.64
N LYS G 232 60.40 8.15 68.40
CA LYS G 232 59.33 7.26 68.84
C LYS G 232 58.78 6.47 67.67
N THR G 233 59.33 6.75 66.49
CA THR G 233 58.95 6.03 65.29
C THR G 233 60.06 5.06 64.91
N ARG G 234 59.68 4.02 64.17
CA ARG G 234 60.61 3.01 63.72
C ARG G 234 60.05 2.45 62.41
N PHE G 235 60.37 3.12 61.31
CA PHE G 235 59.77 2.80 60.00
C PHE G 235 60.79 2.16 59.06
N GLY G 236 60.34 1.11 58.37
CA GLY G 236 61.21 0.39 57.45
C GLY G 236 61.35 -1.08 57.83
N GLU G 237 62.36 -1.73 57.28
CA GLU G 237 62.60 -3.13 57.57
C GLU G 237 62.87 -3.30 59.07
N LYS G 238 63.43 -2.27 59.69
CA LYS G 238 63.76 -2.29 61.11
C LYS G 238 62.50 -2.25 61.99
N GLY G 239 61.36 -2.00 61.38
CA GLY G 239 60.11 -1.92 62.11
C GLY G 239 59.12 -3.00 61.73
N LYS G 240 59.59 -4.01 61.01
CA LYS G 240 58.70 -5.09 60.60
C LYS G 240 58.51 -6.06 61.75
N VAL G 241 57.24 -6.32 62.07
CA VAL G 241 56.89 -7.23 63.17
C VAL G 241 56.67 -8.64 62.64
N THR G 242 57.32 -9.61 63.25
CA THR G 242 57.21 -11.01 62.83
C THR G 242 56.49 -11.87 63.85
N LYS G 243 56.72 -11.60 65.14
CA LYS G 243 56.11 -12.39 66.19
C LYS G 243 55.50 -11.53 67.30
N VAL G 244 54.32 -11.94 67.77
CA VAL G 244 53.63 -11.26 68.85
C VAL G 244 53.31 -12.24 69.97
N ASN G 245 54.06 -12.16 71.07
CA ASN G 245 53.81 -13.05 72.20
C ASN G 245 52.84 -12.43 73.21
N ALA G 246 51.56 -12.73 73.03
CA ALA G 246 50.50 -12.11 73.83
C ALA G 246 50.55 -12.50 75.30
N ASN G 247 51.11 -13.67 75.60
CA ASN G 247 51.12 -14.17 76.97
C ASN G 247 52.06 -13.39 77.89
N ASN G 248 53.22 -13.02 77.37
CA ASN G 248 54.15 -12.18 78.14
C ASN G 248 54.37 -10.82 77.49
N LYS G 249 53.37 -10.35 76.76
CA LYS G 249 53.33 -8.98 76.25
C LYS G 249 54.64 -8.56 75.60
N THR G 250 55.03 -9.26 74.54
CA THR G 250 56.26 -8.94 73.84
C THR G 250 56.08 -9.10 72.35
N VAL G 251 56.67 -8.16 71.59
CA VAL G 251 56.64 -8.21 70.14
C VAL G 251 58.06 -8.46 69.62
N THR G 252 58.17 -9.20 68.52
CA THR G 252 59.48 -9.47 67.94
C THR G 252 59.60 -8.88 66.54
N LEU G 253 60.66 -8.11 66.32
CA LEU G 253 60.90 -7.45 65.05
C LEU G 253 61.71 -8.34 64.09
N GLN G 254 61.90 -7.87 62.87
CA GLN G 254 62.68 -8.62 61.88
C GLN G 254 64.13 -8.74 62.28
N ASP G 255 64.72 -7.61 62.69
CA ASP G 255 66.13 -7.59 63.08
C ASP G 255 66.36 -8.26 64.43
N GLY G 256 65.33 -8.92 64.96
CA GLY G 256 65.44 -9.63 66.21
C GLY G 256 65.10 -8.80 67.43
N THR G 257 64.97 -7.50 67.26
CA THR G 257 64.64 -6.61 68.38
C THR G 257 63.34 -7.05 69.05
N THR G 258 63.30 -6.95 70.38
CA THR G 258 62.10 -7.28 71.13
C THR G 258 61.55 -6.05 71.83
N ILE G 259 60.24 -5.85 71.71
CA ILE G 259 59.59 -4.71 72.35
C ILE G 259 58.55 -5.17 73.36
N GLY G 260 58.63 -4.62 74.57
CA GLY G 260 57.67 -4.93 75.62
C GLY G 260 56.59 -3.88 75.73
N TYR G 261 55.35 -4.31 75.93
CA TYR G 261 54.23 -3.40 76.01
C TYR G 261 53.31 -3.70 77.18
N LYS G 262 52.45 -2.76 77.54
CA LYS G 262 51.40 -3.01 78.51
C LYS G 262 50.07 -3.11 77.78
N LYS G 263 49.91 -2.27 76.76
CA LYS G 263 48.75 -2.31 75.89
C LYS G 263 49.24 -2.29 74.45
N LEU G 264 48.54 -2.99 73.58
CA LEU G 264 48.91 -3.08 72.17
C LEU G 264 47.81 -2.60 71.25
N VAL G 265 48.13 -1.64 70.39
CA VAL G 265 47.21 -1.21 69.34
C VAL G 265 47.72 -1.76 68.01
N SER G 266 47.07 -2.81 67.51
CA SER G 266 47.50 -3.45 66.26
C SER G 266 46.60 -3.03 65.10
N THR G 267 47.19 -2.50 64.03
CA THR G 267 46.41 -2.11 62.86
C THR G 267 46.66 -2.98 61.63
N MET G 268 47.43 -4.05 61.83
CA MET G 268 47.62 -5.03 60.75
C MET G 268 46.33 -5.83 60.58
N ALA G 269 46.18 -6.51 59.45
CA ALA G 269 45.00 -7.34 59.23
C ALA G 269 44.86 -8.34 60.38
N VAL G 270 43.65 -8.49 60.90
CA VAL G 270 43.44 -9.29 62.10
C VAL G 270 43.78 -10.79 61.91
N ASP G 271 43.65 -11.28 60.68
CA ASP G 271 44.07 -12.65 60.38
C ASP G 271 45.59 -12.79 60.48
N PHE G 272 46.32 -11.81 59.96
CA PHE G 272 47.78 -11.77 60.11
C PHE G 272 48.21 -11.72 61.56
N LEU G 273 47.45 -10.98 62.37
CA LEU G 273 47.76 -10.85 63.79
C LEU G 273 47.60 -12.21 64.47
N ALA G 274 46.45 -12.84 64.26
CA ALA G 274 46.20 -14.19 64.76
C ALA G 274 47.38 -15.09 64.40
N GLU G 275 47.85 -14.96 63.16
CA GLU G 275 49.00 -15.69 62.67
C GLU G 275 50.24 -15.40 63.50
N ALA G 276 50.63 -14.13 63.55
CA ALA G 276 51.83 -13.72 64.28
C ALA G 276 51.75 -14.06 65.76
N MET G 277 50.53 -14.28 66.25
CA MET G 277 50.31 -14.67 67.64
C MET G 277 50.42 -16.18 67.84
N ASN G 278 50.30 -16.94 66.74
CA ASN G 278 50.30 -18.39 66.83
C ASN G 278 49.15 -18.89 67.70
N ASP G 279 47.98 -18.32 67.49
CA ASP G 279 46.80 -18.63 68.30
C ASP G 279 45.77 -19.35 67.44
N GLN G 280 45.65 -20.66 67.65
CA GLN G 280 44.78 -21.51 66.83
C GLN G 280 43.33 -21.05 66.84
N GLU G 281 42.80 -20.78 68.04
CA GLU G 281 41.42 -20.37 68.18
C GLU G 281 41.13 -19.08 67.40
N LEU G 282 42.03 -18.11 67.52
CA LEU G 282 41.87 -16.84 66.81
C LEU G 282 42.07 -17.01 65.31
N VAL G 283 43.08 -17.77 64.93
CA VAL G 283 43.24 -18.16 63.53
C VAL G 283 41.94 -18.79 63.02
N GLY G 284 41.38 -19.71 63.81
CA GLY G 284 40.16 -20.38 63.43
C GLY G 284 39.01 -19.43 63.18
N LEU G 285 38.76 -18.55 64.15
CA LEU G 285 37.69 -17.56 64.03
C LEU G 285 38.01 -16.58 62.91
N THR G 286 39.31 -16.34 62.73
CA THR G 286 39.76 -15.39 61.72
C THR G 286 39.46 -15.91 60.31
N LYS G 287 39.48 -17.23 60.15
CA LYS G 287 39.18 -17.86 58.86
C LYS G 287 37.76 -17.56 58.41
N GLN G 288 36.87 -17.31 59.37
CA GLN G 288 35.45 -17.10 59.06
C GLN G 288 35.19 -15.74 58.45
N LEU G 289 36.23 -14.93 58.34
CA LEU G 289 36.12 -13.61 57.75
C LEU G 289 36.36 -13.67 56.23
N PHE G 290 35.79 -12.73 55.50
CA PHE G 290 35.94 -12.70 54.05
C PHE G 290 36.43 -11.34 53.51
N TYR G 291 37.37 -11.39 52.58
CA TYR G 291 37.85 -10.17 51.93
C TYR G 291 38.05 -10.37 50.43
N SER G 292 37.84 -9.31 49.67
CA SER G 292 38.15 -9.31 48.24
C SER G 292 39.46 -8.58 47.98
N SER G 293 40.25 -9.10 47.06
CA SER G 293 41.48 -8.43 46.63
C SER G 293 41.13 -7.34 45.62
N THR G 294 42.02 -6.37 45.44
CA THR G 294 41.77 -5.35 44.44
C THR G 294 42.98 -4.95 43.59
N HIS G 295 42.72 -4.70 42.32
CA HIS G 295 43.73 -4.20 41.40
C HIS G 295 43.53 -2.72 41.22
N VAL G 296 44.59 -1.95 41.45
CA VAL G 296 44.57 -0.52 41.18
C VAL G 296 45.29 -0.26 39.86
N ILE G 297 44.59 0.33 38.91
CA ILE G 297 45.16 0.58 37.57
C ILE G 297 45.29 2.06 37.27
N GLY G 298 46.47 2.47 36.82
CA GLY G 298 46.69 3.84 36.38
C GLY G 298 47.01 3.91 34.90
N VAL G 299 46.47 4.92 34.22
CA VAL G 299 46.74 5.13 32.81
C VAL G 299 47.04 6.59 32.52
N GLY G 300 48.29 6.89 32.17
CA GLY G 300 48.66 8.22 31.76
C GLY G 300 48.56 8.37 30.25
N VAL G 301 47.87 9.41 29.80
CA VAL G 301 47.70 9.61 28.38
C VAL G 301 48.02 11.05 27.95
N ARG G 302 48.37 11.22 26.68
CA ARG G 302 48.74 12.53 26.15
C ARG G 302 47.53 13.31 25.67
N GLY G 303 47.51 14.61 25.94
CA GLY G 303 46.47 15.48 25.43
C GLY G 303 45.86 16.42 26.44
N SER G 304 45.24 17.49 25.96
CA SER G 304 44.47 18.38 26.80
C SER G 304 43.25 17.61 27.28
N ARG G 305 42.61 18.08 28.35
CA ARG G 305 41.46 17.37 28.90
C ARG G 305 40.29 17.36 27.92
N PRO G 306 39.92 16.16 27.45
CA PRO G 306 38.85 15.96 26.46
C PRO G 306 37.52 16.58 26.90
N GLU G 307 36.78 17.11 25.93
CA GLU G 307 35.48 17.73 26.20
C GLU G 307 34.53 16.76 26.90
N ARG G 308 34.57 15.49 26.47
CA ARG G 308 33.71 14.46 27.03
C ARG G 308 33.80 14.40 28.54
N ILE G 309 35.02 14.56 29.05
CA ILE G 309 35.30 14.37 30.47
C ILE G 309 35.58 15.69 31.17
N GLY G 310 34.56 16.30 31.75
CA GLY G 310 34.69 17.61 32.37
C GLY G 310 35.35 17.60 33.74
N ASP G 311 34.58 17.97 34.76
CA ASP G 311 35.06 18.04 36.13
C ASP G 311 34.75 16.76 36.88
N LYS G 312 34.34 15.73 36.15
CA LYS G 312 33.97 14.44 36.72
C LYS G 312 35.03 13.93 37.71
N CYS G 313 34.58 13.14 38.69
CA CYS G 313 35.48 12.57 39.69
C CYS G 313 35.32 11.05 39.78
N TRP G 314 34.55 10.58 40.76
N TRP G 314 34.56 10.56 40.76
CA TRP G 314 34.20 9.17 40.84
CA TRP G 314 34.28 9.13 40.82
C TRP G 314 33.18 8.80 39.78
C TRP G 314 33.18 8.74 39.84
N LEU G 315 33.48 7.74 39.02
CA LEU G 315 32.55 7.26 38.01
C LEU G 315 32.30 5.79 38.29
N TYR G 316 31.03 5.39 38.30
CA TYR G 316 30.64 4.02 38.65
C TYR G 316 30.13 3.24 37.43
N PHE G 317 30.58 1.99 37.32
CA PHE G 317 30.32 1.19 36.13
C PHE G 317 29.64 -0.15 36.44
N PRO G 318 28.30 -0.15 36.47
CA PRO G 318 27.50 -1.37 36.70
C PRO G 318 27.53 -2.38 35.55
N GLU G 319 27.57 -1.91 34.30
CA GLU G 319 27.45 -2.79 33.13
C GLU G 319 28.64 -3.73 32.94
N ASP G 320 28.51 -4.67 31.98
CA ASP G 320 29.52 -5.69 31.78
C ASP G 320 30.51 -5.41 30.63
N ASN G 321 30.49 -4.20 30.10
CA ASN G 321 31.48 -3.79 29.09
C ASN G 321 32.79 -3.24 29.68
N CYS G 322 33.05 -3.54 30.95
CA CYS G 322 34.34 -3.21 31.58
C CYS G 322 34.51 -3.95 32.89
N PRO G 323 35.76 -4.34 33.20
CA PRO G 323 36.03 -5.16 34.39
C PRO G 323 36.08 -4.34 35.66
N PHE G 324 36.26 -3.04 35.54
CA PHE G 324 36.38 -2.17 36.70
C PHE G 324 35.02 -1.68 37.17
N TYR G 325 34.91 -1.37 38.46
CA TYR G 325 33.64 -0.90 39.03
C TYR G 325 33.62 0.61 39.24
N ARG G 326 34.79 1.22 39.44
CA ARG G 326 34.87 2.67 39.51
C ARG G 326 36.19 3.18 38.93
N ALA G 327 36.18 4.44 38.52
CA ALA G 327 37.37 5.05 37.95
C ALA G 327 37.30 6.55 38.17
N THR G 328 38.44 7.22 38.09
CA THR G 328 38.46 8.65 38.28
C THR G 328 39.48 9.36 37.39
N ILE G 329 39.14 10.58 36.98
CA ILE G 329 40.08 11.41 36.25
C ILE G 329 40.99 12.11 37.25
N PHE G 330 42.00 11.37 37.71
CA PHE G 330 42.89 11.83 38.78
C PHE G 330 43.59 13.15 38.44
N SER G 331 43.92 13.32 37.16
CA SER G 331 44.61 14.52 36.71
C SER G 331 43.79 15.77 36.99
N ASN G 332 42.49 15.61 37.17
CA ASN G 332 41.62 16.74 37.49
C ASN G 332 41.77 17.23 38.93
N TYR G 333 42.23 16.35 39.81
CA TYR G 333 42.31 16.66 41.24
C TYR G 333 43.41 17.66 41.53
N SER G 334 44.53 17.55 40.81
CA SER G 334 45.65 18.47 40.94
C SER G 334 46.57 18.42 39.74
N PRO G 335 47.05 19.60 39.30
CA PRO G 335 48.02 19.67 38.19
C PRO G 335 49.33 18.97 38.54
N TYR G 336 49.56 18.69 39.81
CA TYR G 336 50.81 18.06 40.23
C TYR G 336 50.73 16.53 40.35
N ASN G 337 49.64 15.93 39.87
CA ASN G 337 49.50 14.48 39.91
C ASN G 337 50.17 13.80 38.71
N GLN G 338 50.58 14.62 37.75
CA GLN G 338 51.19 14.14 36.51
C GLN G 338 52.14 15.20 35.92
N PRO G 339 53.03 14.77 35.01
CA PRO G 339 54.07 15.66 34.47
C PRO G 339 53.49 16.93 33.83
N GLU G 340 54.25 18.02 33.90
CA GLU G 340 53.86 19.25 33.21
C GLU G 340 54.04 19.10 31.71
N ALA G 341 53.43 20.00 30.95
CA ALA G 341 53.45 19.92 29.49
C ALA G 341 54.84 19.76 28.91
N SER G 342 55.78 20.59 29.36
CA SER G 342 57.12 20.64 28.77
C SER G 342 57.87 19.31 28.83
N LYS G 343 57.49 18.45 29.75
CA LYS G 343 58.13 17.14 29.90
C LYS G 343 57.90 16.30 28.64
N LYS G 344 58.94 15.60 28.20
CA LYS G 344 58.87 14.82 26.96
C LYS G 344 58.82 13.31 27.20
N LEU G 345 57.75 12.68 26.73
CA LEU G 345 57.53 11.26 26.95
C LEU G 345 57.09 10.56 25.66
N PRO G 346 57.63 9.35 25.41
CA PRO G 346 57.27 8.54 24.24
C PRO G 346 55.96 7.79 24.45
N THR G 347 55.15 7.70 23.40
CA THR G 347 53.94 6.89 23.47
C THR G 347 54.31 5.41 23.58
N MET G 348 53.70 4.73 24.55
CA MET G 348 53.97 3.32 24.78
C MET G 348 53.04 2.45 23.93
N GLN G 349 51.81 2.92 23.76
CA GLN G 349 50.78 2.17 23.05
C GLN G 349 49.57 3.05 22.82
N LEU G 350 48.71 2.66 21.88
CA LEU G 350 47.46 3.37 21.67
C LEU G 350 46.39 2.71 22.54
N ALA G 351 45.28 3.40 22.73
CA ALA G 351 44.20 2.89 23.57
C ALA G 351 43.52 1.68 22.94
N ASP G 352 43.83 1.41 21.68
CA ASP G 352 43.22 0.28 20.97
C ASP G 352 44.11 -0.96 21.05
N GLY G 353 45.30 -0.80 21.62
CA GLY G 353 46.18 -1.92 21.85
C GLY G 353 47.34 -2.05 20.88
N SER G 354 47.35 -1.21 19.84
CA SER G 354 48.39 -1.27 18.81
C SER G 354 49.60 -0.39 19.12
N ARG G 355 50.71 -0.66 18.44
CA ARG G 355 51.88 0.19 18.53
C ARG G 355 51.57 1.59 18.04
N PRO G 356 52.29 2.60 18.55
CA PRO G 356 52.12 3.98 18.09
C PRO G 356 52.80 4.21 16.74
N GLN G 357 52.41 5.27 16.05
CA GLN G 357 53.04 5.64 14.78
C GLN G 357 54.50 6.04 15.01
N SER G 358 54.75 6.82 16.05
CA SER G 358 56.12 7.21 16.40
C SER G 358 56.43 6.92 17.87
N THR G 359 57.66 6.50 18.13
CA THR G 359 58.10 6.23 19.49
C THR G 359 59.07 7.30 19.99
N GLU G 360 58.99 8.48 19.39
CA GLU G 360 59.82 9.60 19.81
C GLU G 360 59.23 10.26 21.04
N ALA G 361 60.09 10.75 21.92
CA ALA G 361 59.63 11.48 23.10
C ALA G 361 59.06 12.84 22.68
N LYS G 362 57.84 13.13 23.11
CA LYS G 362 57.17 14.37 22.74
C LYS G 362 56.64 15.11 23.97
N GLU G 363 56.12 16.31 23.74
CA GLU G 363 55.58 17.13 24.80
C GLU G 363 54.16 16.73 25.20
N GLY G 364 53.71 17.23 26.34
CA GLY G 364 52.34 17.05 26.79
C GLY G 364 51.46 18.11 26.17
N PRO G 365 50.48 18.62 26.94
CA PRO G 365 50.21 18.25 28.34
C PRO G 365 49.67 16.83 28.49
N TYR G 366 49.47 16.39 29.73
CA TYR G 366 49.01 15.04 29.99
C TYR G 366 47.77 15.02 30.89
N TRP G 367 47.05 13.91 30.85
CA TRP G 367 46.00 13.65 31.83
C TRP G 367 46.04 12.20 32.27
N SER G 368 45.25 11.84 33.27
CA SER G 368 45.44 10.56 33.95
C SER G 368 44.12 9.93 34.40
N ILE G 369 44.05 8.61 34.31
CA ILE G 369 42.85 7.89 34.72
C ILE G 369 43.22 6.82 35.71
N MET G 370 42.45 6.76 36.80
CA MET G 370 42.64 5.71 37.79
C MET G 370 41.36 4.88 37.91
N LEU G 371 41.51 3.57 38.03
CA LEU G 371 40.36 2.70 38.11
C LEU G 371 40.65 1.47 38.95
N GLU G 372 39.60 0.82 39.45
CA GLU G 372 39.76 -0.29 40.38
C GLU G 372 39.03 -1.55 39.95
N VAL G 373 39.68 -2.70 40.10
CA VAL G 373 39.06 -3.98 39.80
C VAL G 373 39.11 -4.93 41.00
N SER G 374 37.94 -5.49 41.36
CA SER G 374 37.85 -6.42 42.48
C SER G 374 38.12 -7.87 42.05
N GLU G 375 38.60 -8.67 42.99
CA GLU G 375 38.88 -10.09 42.73
C GLU G 375 38.57 -10.95 43.96
N SER G 376 37.98 -12.11 43.73
CA SER G 376 37.71 -13.06 44.80
C SER G 376 37.61 -14.48 44.28
N SER G 377 37.36 -15.43 45.17
CA SER G 377 37.22 -16.83 44.77
C SER G 377 35.94 -17.05 43.97
N MET G 378 35.06 -16.07 43.99
CA MET G 378 33.81 -16.14 43.24
C MET G 378 33.87 -15.29 41.98
N LYS G 379 34.98 -14.59 41.79
CA LYS G 379 35.13 -13.69 40.67
C LYS G 379 36.61 -13.43 40.41
N PRO G 380 37.31 -14.42 39.82
CA PRO G 380 38.75 -14.34 39.60
C PRO G 380 39.11 -13.34 38.50
N VAL G 381 40.39 -13.02 38.40
CA VAL G 381 40.87 -12.14 37.34
C VAL G 381 42.17 -12.67 36.74
N ASN G 382 42.33 -12.46 35.44
CA ASN G 382 43.58 -12.81 34.78
C ASN G 382 44.58 -11.69 34.95
N GLN G 383 45.59 -11.92 35.77
CA GLN G 383 46.54 -10.87 36.13
C GLN G 383 47.43 -10.46 34.95
N GLU G 384 47.47 -11.31 33.92
CA GLU G 384 48.29 -11.03 32.74
C GLU G 384 47.56 -10.18 31.70
N THR G 385 46.24 -10.30 31.68
CA THR G 385 45.44 -9.62 30.65
C THR G 385 44.60 -8.49 31.22
N ILE G 386 44.58 -8.39 32.55
CA ILE G 386 43.70 -7.45 33.23
C ILE G 386 43.94 -6.00 32.80
N LEU G 387 45.21 -5.63 32.63
CA LEU G 387 45.56 -4.27 32.21
C LEU G 387 44.97 -3.95 30.84
N ALA G 388 45.25 -4.80 29.85
CA ALA G 388 44.70 -4.62 28.51
C ALA G 388 43.18 -4.54 28.55
N ASP G 389 42.56 -5.46 29.28
CA ASP G 389 41.09 -5.51 29.39
C ASP G 389 40.53 -4.20 29.94
N CYS G 390 41.21 -3.63 30.94
CA CYS G 390 40.78 -2.36 31.51
C CYS G 390 40.87 -1.24 30.48
N ILE G 391 42.01 -1.16 29.79
CA ILE G 391 42.19 -0.16 28.74
C ILE G 391 41.11 -0.31 27.66
N GLN G 392 40.85 -1.55 27.27
CA GLN G 392 39.77 -1.83 26.33
C GLN G 392 38.44 -1.39 26.94
N GLY G 393 38.29 -1.63 28.24
CA GLY G 393 37.11 -1.21 28.97
C GLY G 393 36.95 0.30 28.96
N LEU G 394 38.09 0.99 28.98
CA LEU G 394 38.10 2.45 28.93
C LEU G 394 37.59 2.94 27.57
N VAL G 395 37.94 2.19 26.52
CA VAL G 395 37.41 2.47 25.19
C VAL G 395 35.89 2.28 25.15
N ASN G 396 35.45 1.09 25.53
CA ASN G 396 34.02 0.75 25.48
C ASN G 396 33.14 1.76 26.20
N THR G 397 33.64 2.32 27.30
CA THR G 397 32.86 3.29 28.06
C THR G 397 32.99 4.71 27.49
N GLU G 398 33.82 4.85 26.46
CA GLU G 398 34.05 6.13 25.82
C GLU G 398 34.76 7.12 26.73
N MET G 399 35.72 6.61 27.49
CA MET G 399 36.61 7.49 28.26
C MET G 399 37.87 7.74 27.45
N LEU G 400 38.38 6.69 26.81
CA LEU G 400 39.49 6.82 25.87
C LEU G 400 39.05 6.56 24.44
N LYS G 401 39.44 7.45 23.53
CA LYS G 401 39.31 7.19 22.11
C LYS G 401 40.35 6.15 21.73
N PRO G 402 40.06 5.31 20.73
CA PRO G 402 41.02 4.27 20.36
C PRO G 402 42.31 4.90 19.83
N THR G 403 42.24 6.18 19.48
CA THR G 403 43.39 6.91 18.95
C THR G 403 44.26 7.55 20.04
N ASP G 404 43.72 7.69 21.24
CA ASP G 404 44.44 8.31 22.35
C ASP G 404 45.76 7.60 22.66
N GLU G 405 46.77 8.40 23.05
CA GLU G 405 48.12 7.88 23.23
C GLU G 405 48.46 7.62 24.69
N ILE G 406 48.76 6.36 25.01
CA ILE G 406 49.06 5.99 26.38
C ILE G 406 50.55 6.14 26.69
N VAL G 407 50.85 7.06 27.60
CA VAL G 407 52.22 7.42 27.94
C VAL G 407 52.72 6.69 29.17
N SER G 408 51.80 6.30 30.05
CA SER G 408 52.18 5.61 31.28
C SER G 408 51.08 4.65 31.75
N THR G 409 51.50 3.49 32.25
CA THR G 409 50.57 2.54 32.86
C THR G 409 51.00 2.20 34.28
N TYR G 410 50.03 1.89 35.14
CA TYR G 410 50.29 1.49 36.50
C TYR G 410 49.35 0.35 36.93
N HIS G 411 49.94 -0.71 37.46
CA HIS G 411 49.14 -1.84 37.92
C HIS G 411 49.71 -2.40 39.21
N ARG G 412 48.86 -2.47 40.23
CA ARG G 412 49.27 -3.04 41.51
C ARG G 412 48.12 -3.81 42.13
N ARG G 413 48.42 -4.99 42.66
CA ARG G 413 47.39 -5.85 43.25
C ARG G 413 47.53 -5.95 44.76
N PHE G 414 46.46 -5.63 45.46
CA PHE G 414 46.46 -5.69 46.92
C PHE G 414 45.67 -6.89 47.42
N ASP G 415 46.38 -7.85 48.00
CA ASP G 415 45.77 -9.05 48.55
C ASP G 415 44.53 -8.68 49.38
N HIS G 416 44.78 -8.09 50.55
CA HIS G 416 43.69 -7.57 51.36
C HIS G 416 43.26 -6.21 50.80
N GLY G 417 42.12 -6.17 50.14
CA GLY G 417 41.68 -4.94 49.52
C GLY G 417 40.42 -4.34 50.11
N TYR G 418 39.39 -5.18 50.27
CA TYR G 418 38.15 -4.76 50.91
C TYR G 418 37.74 -5.80 51.96
N PRO G 419 37.41 -5.34 53.18
CA PRO G 419 36.85 -6.23 54.21
C PRO G 419 35.37 -6.43 53.93
N THR G 420 34.97 -7.67 53.66
CA THR G 420 33.61 -7.92 53.16
C THR G 420 32.59 -8.02 54.28
N PRO G 421 31.56 -7.16 54.24
CA PRO G 421 30.40 -7.24 55.13
C PRO G 421 29.51 -8.44 54.78
N THR G 422 30.05 -9.65 54.87
CA THR G 422 29.25 -10.86 54.69
C THR G 422 28.21 -11.02 55.80
N LEU G 423 27.29 -11.95 55.62
CA LEU G 423 26.30 -12.28 56.65
C LEU G 423 26.98 -12.83 57.90
N GLU G 424 28.15 -13.42 57.71
CA GLU G 424 28.85 -14.12 58.77
C GLU G 424 29.85 -13.24 59.54
N ARG G 425 29.99 -11.97 59.15
CA ARG G 425 31.07 -11.14 59.68
C ARG G 425 30.97 -10.91 61.19
N GLU G 426 29.81 -10.43 61.62
CA GLU G 426 29.60 -10.06 63.03
C GLU G 426 29.70 -11.25 63.98
N GLY G 427 29.17 -12.40 63.55
CA GLY G 427 29.23 -13.60 64.37
C GLY G 427 30.68 -13.96 64.66
N ALA G 428 31.57 -13.54 63.78
CA ALA G 428 32.99 -13.79 63.96
C ALA G 428 33.66 -12.67 64.76
N LEU G 429 33.39 -11.43 64.34
CA LEU G 429 34.02 -10.28 64.98
C LEU G 429 33.65 -10.13 66.45
N THR G 430 32.41 -10.50 66.79
CA THR G 430 31.93 -10.40 68.18
C THR G 430 32.60 -11.43 69.09
N GLN G 431 33.41 -12.30 68.51
CA GLN G 431 34.24 -13.21 69.30
C GLN G 431 35.70 -12.80 69.21
N ILE G 432 36.16 -12.50 68.00
CA ILE G 432 37.56 -12.18 67.75
C ILE G 432 38.03 -10.97 68.54
N LEU G 433 37.28 -9.89 68.44
CA LEU G 433 37.68 -8.61 69.05
C LEU G 433 37.70 -8.62 70.58
N PRO G 434 36.62 -9.10 71.22
CA PRO G 434 36.61 -9.19 72.68
C PRO G 434 37.73 -10.07 73.23
N LYS G 435 37.98 -11.19 72.56
CA LYS G 435 39.05 -12.08 72.99
C LYS G 435 40.44 -11.42 72.92
N LEU G 436 40.65 -10.59 71.91
CA LEU G 436 41.91 -9.89 71.77
C LEU G 436 42.06 -8.81 72.84
N GLN G 437 40.96 -8.16 73.16
CA GLN G 437 40.97 -7.14 74.17
C GLN G 437 41.22 -7.74 75.55
N ASP G 438 40.72 -8.95 75.77
CA ASP G 438 40.99 -9.68 77.01
C ASP G 438 42.49 -9.91 77.21
N LYS G 439 43.26 -9.78 76.13
CA LYS G 439 44.71 -9.92 76.22
C LYS G 439 45.40 -8.57 76.22
N ASP G 440 44.60 -7.51 76.32
CA ASP G 440 45.11 -6.15 76.23
C ASP G 440 45.59 -5.85 74.81
N ILE G 441 44.86 -6.35 73.83
CA ILE G 441 45.17 -6.04 72.45
C ILE G 441 44.02 -5.32 71.79
N TRP G 442 44.28 -4.13 71.28
CA TRP G 442 43.27 -3.38 70.56
C TRP G 442 43.51 -3.52 69.06
N SER G 443 42.79 -4.45 68.43
CA SER G 443 42.92 -4.65 66.98
C SER G 443 41.94 -3.74 66.27
N ARG G 444 42.45 -2.82 65.47
CA ARG G 444 41.65 -1.72 64.97
C ARG G 444 42.06 -1.27 63.56
N GLY G 445 41.07 -0.85 62.78
CA GLY G 445 41.34 -0.36 61.44
C GLY G 445 40.58 -1.12 60.36
N ARG G 446 40.79 -0.73 59.11
CA ARG G 446 40.11 -1.32 57.97
C ARG G 446 40.14 -2.86 58.02
N PHE G 447 41.32 -3.44 58.21
CA PHE G 447 41.43 -4.88 58.41
C PHE G 447 41.82 -5.24 59.84
N GLY G 448 42.05 -4.23 60.67
CA GLY G 448 42.30 -4.45 62.09
C GLY G 448 41.02 -4.87 62.79
N SER G 449 39.92 -4.19 62.46
CA SER G 449 38.61 -4.51 63.00
C SER G 449 37.61 -4.92 61.92
N TRP G 450 38.00 -4.78 60.65
CA TRP G 450 37.28 -5.45 59.54
C TRP G 450 35.88 -4.91 59.24
N ARG G 451 35.61 -3.66 59.57
CA ARG G 451 34.29 -3.11 59.32
C ARG G 451 34.32 -1.97 58.29
N TYR G 452 33.87 -2.29 57.08
CA TYR G 452 33.89 -1.35 55.96
C TYR G 452 33.17 -0.03 56.28
N GLU G 453 32.06 -0.10 57.01
CA GLU G 453 31.29 1.10 57.33
C GLU G 453 32.16 2.18 57.95
N VAL G 454 33.25 1.76 58.59
CA VAL G 454 34.18 2.68 59.24
C VAL G 454 35.59 2.46 58.70
N GLY G 455 35.68 2.21 57.40
CA GLY G 455 36.96 1.91 56.76
C GLY G 455 37.60 3.10 56.06
N ASN G 456 36.87 4.20 55.93
CA ASN G 456 37.42 5.40 55.32
C ASN G 456 38.53 5.98 56.18
N GLN G 457 39.30 6.90 55.60
CA GLN G 457 40.48 7.42 56.26
C GLN G 457 40.20 8.18 57.56
N ASP G 458 39.16 9.02 57.57
CA ASP G 458 38.80 9.70 58.81
C ASP G 458 38.33 8.72 59.89
N HIS G 459 37.40 7.83 59.54
CA HIS G 459 36.93 6.79 60.45
C HIS G 459 38.08 5.97 61.02
N SER G 460 38.95 5.47 60.14
CA SER G 460 40.06 4.62 60.58
C SER G 460 41.03 5.39 61.47
N PHE G 461 41.30 6.64 61.08
CA PHE G 461 42.09 7.53 61.91
C PHE G 461 41.47 7.59 63.31
N MET G 462 40.16 7.82 63.35
CA MET G 462 39.47 7.95 64.63
C MET G 462 39.41 6.64 65.42
N LEU G 463 39.43 5.51 64.72
CA LEU G 463 39.49 4.22 65.43
C LEU G 463 40.77 4.16 66.24
N GLY G 464 41.85 4.70 65.67
CA GLY G 464 43.13 4.76 66.35
C GLY G 464 43.05 5.70 67.54
N VAL G 465 42.51 6.89 67.31
CA VAL G 465 42.37 7.90 68.34
C VAL G 465 41.55 7.37 69.51
N GLU G 466 40.37 6.86 69.20
CA GLU G 466 39.44 6.37 70.22
C GLU G 466 39.98 5.15 70.97
N ALA G 467 40.73 4.30 70.29
CA ALA G 467 41.36 3.16 70.96
C ALA G 467 42.29 3.64 72.09
N VAL G 468 43.14 4.60 71.75
CA VAL G 468 44.06 5.18 72.72
C VAL G 468 43.28 5.88 73.81
N ASP G 469 42.20 6.55 73.43
CA ASP G 469 41.38 7.24 74.42
C ASP G 469 40.75 6.25 75.38
N ASN G 470 40.41 5.07 74.87
CA ASN G 470 39.81 4.04 75.70
C ASN G 470 40.86 3.44 76.62
N ILE G 471 42.07 3.30 76.10
CA ILE G 471 43.17 2.76 76.89
C ILE G 471 43.56 3.71 78.04
N VAL G 472 43.57 5.01 77.78
CA VAL G 472 44.07 5.99 78.74
C VAL G 472 42.98 6.63 79.60
N ASN G 473 41.88 7.07 78.99
CA ASN G 473 40.82 7.79 79.69
C ASN G 473 39.48 7.05 79.81
N GLY G 474 39.44 5.77 79.49
CA GLY G 474 38.20 5.00 79.55
C GLY G 474 37.07 5.50 78.68
N ALA G 475 37.39 6.11 77.54
CA ALA G 475 36.37 6.62 76.64
C ALA G 475 35.67 5.48 75.90
N VAL G 476 34.45 5.72 75.44
CA VAL G 476 33.72 4.73 74.66
C VAL G 476 34.26 4.69 73.25
N GLU G 477 34.51 3.49 72.72
CA GLU G 477 34.92 3.37 71.32
C GLU G 477 33.69 3.43 70.44
N LEU G 478 33.26 4.66 70.19
CA LEU G 478 32.02 4.92 69.48
C LEU G 478 32.08 4.54 67.99
N THR G 479 33.19 4.84 67.33
CA THR G 479 33.30 4.56 65.90
C THR G 479 33.36 3.06 65.65
N LEU G 480 34.07 2.34 66.51
CA LEU G 480 34.16 0.89 66.41
C LEU G 480 32.79 0.22 66.49
N ASN G 481 32.01 0.59 67.49
CA ASN G 481 30.78 -0.14 67.82
C ASN G 481 29.47 0.52 67.40
N TYR G 482 29.49 1.82 67.14
CA TYR G 482 28.25 2.53 66.79
C TYR G 482 28.42 3.48 65.60
N PRO G 483 28.78 2.92 64.44
CA PRO G 483 28.98 3.71 63.22
C PRO G 483 27.81 4.64 62.90
N ASP G 484 26.58 4.18 63.14
CA ASP G 484 25.41 5.00 62.84
C ASP G 484 25.36 6.20 63.75
N PHE G 485 25.80 6.01 64.98
CA PHE G 485 25.85 7.10 65.94
C PHE G 485 26.77 8.20 65.45
N VAL G 486 27.98 7.83 65.02
CA VAL G 486 28.98 8.83 64.64
C VAL G 486 28.69 9.49 63.29
N ASN G 487 28.22 8.70 62.32
CA ASN G 487 27.92 9.25 60.99
C ASN G 487 26.70 10.18 61.02
N GLY G 488 25.84 10.01 62.03
CA GLY G 488 24.61 10.78 62.12
C GLY G 488 24.72 12.05 62.93
N ARG G 489 25.91 12.39 63.38
CA ARG G 489 26.10 13.56 64.23
C ARG G 489 27.32 14.37 63.82
N GLN G 490 27.43 15.57 64.36
CA GLN G 490 28.65 16.36 64.22
C GLN G 490 29.54 16.09 65.42
N ASN G 491 30.70 15.51 65.17
CA ASN G 491 31.61 15.14 66.24
C ASN G 491 32.62 16.24 66.53
N THR G 492 32.27 17.16 67.43
CA THR G 492 33.05 18.36 67.63
C THR G 492 33.74 18.42 68.99
N GLU G 493 33.46 17.46 69.87
CA GLU G 493 33.93 17.49 71.25
C GLU G 493 35.43 17.25 71.39
N ARG G 494 35.97 16.30 70.63
CA ARG G 494 37.37 15.95 70.76
C ARG G 494 38.26 16.79 69.83
N ARG G 495 39.25 17.46 70.40
CA ARG G 495 40.09 18.36 69.63
C ARG G 495 41.57 18.04 69.82
N LEU G 496 42.41 18.51 68.90
CA LEU G 496 43.85 18.37 69.03
C LEU G 496 44.40 19.14 70.24
N VAL G 497 43.67 20.17 70.67
CA VAL G 497 43.99 20.83 71.92
C VAL G 497 42.76 20.77 72.83
N ASP G 498 42.84 19.92 73.84
CA ASP G 498 41.74 19.74 74.79
C ASP G 498 42.02 20.56 76.05
N GLY G 499 41.02 20.71 76.90
CA GLY G 499 41.19 21.38 78.18
C GLY G 499 42.45 20.95 78.91
N ALA G 500 42.71 19.64 78.88
CA ALA G 500 43.89 19.10 79.54
C ALA G 500 45.16 19.83 79.13
N GLN G 501 45.37 19.99 77.82
CA GLN G 501 46.57 20.66 77.34
C GLN G 501 46.55 22.18 77.64
N VAL G 502 45.37 22.79 77.55
CA VAL G 502 45.24 24.20 77.87
C VAL G 502 45.56 24.50 79.35
N PHE G 503 44.97 23.76 80.28
CA PHE G 503 45.24 23.99 81.70
C PHE G 503 46.70 23.74 82.05
N ALA G 504 47.30 22.73 81.42
CA ALA G 504 48.70 22.40 81.69
C ALA G 504 49.64 23.51 81.16
N LYS G 505 49.36 23.99 79.96
CA LYS G 505 50.20 25.00 79.34
C LYS G 505 50.10 26.32 80.11
N SER G 506 48.87 26.70 80.43
CA SER G 506 48.63 27.93 81.18
C SER G 506 49.34 27.90 82.53
N LYS G 507 49.34 26.75 83.18
CA LYS G 507 49.94 26.61 84.50
C LYS G 507 51.45 26.74 84.44
N ALA G 508 52.05 26.20 83.38
CA ALA G 508 53.50 26.22 83.22
C ALA G 508 54.02 27.66 83.07
N GLN G 509 53.37 28.43 82.21
CA GLN G 509 53.77 29.81 81.96
C GLN G 509 53.71 30.64 83.24
N LEU G 510 52.61 30.50 83.99
CA LEU G 510 52.42 31.23 85.23
C LEU G 510 53.59 31.03 86.17
N GLU G 511 54.21 29.85 86.11
CA GLU G 511 55.37 29.53 86.92
C GLU G 511 56.67 29.94 86.22
N THR H 1 42.35 43.64 90.17
CA THR H 1 41.58 43.06 91.26
C THR H 1 41.39 41.56 91.10
N HIS H 2 41.97 40.79 92.02
CA HIS H 2 41.93 39.33 91.95
C HIS H 2 40.93 38.76 92.95
N PRO H 3 40.40 37.56 92.64
CA PRO H 3 39.48 36.89 93.57
C PRO H 3 40.26 36.27 94.71
N ASP H 4 39.59 36.03 95.84
CA ASP H 4 40.25 35.35 96.95
C ASP H 4 40.78 33.98 96.52
N ILE H 5 40.05 33.32 95.62
CA ILE H 5 40.44 32.00 95.14
C ILE H 5 40.29 31.88 93.62
N SER H 6 41.26 31.24 92.97
CA SER H 6 41.14 30.90 91.56
C SER H 6 41.29 29.39 91.33
N VAL H 7 40.36 28.81 90.58
CA VAL H 7 40.51 27.42 90.15
C VAL H 7 40.23 27.28 88.66
N ASP H 8 40.76 26.23 88.05
CA ASP H 8 40.43 25.90 86.67
C ASP H 8 38.95 25.53 86.50
N VAL H 9 38.45 24.65 87.36
CA VAL H 9 37.07 24.17 87.26
C VAL H 9 36.36 24.30 88.60
N LEU H 10 35.27 25.06 88.62
CA LEU H 10 34.47 25.22 89.84
C LEU H 10 33.17 24.42 89.78
N VAL H 11 32.89 23.65 90.83
CA VAL H 11 31.66 22.87 90.91
C VAL H 11 30.71 23.46 91.95
N ILE H 12 29.53 23.84 91.50
CA ILE H 12 28.50 24.32 92.41
C ILE H 12 27.45 23.23 92.69
N GLY H 13 27.39 22.80 93.95
CA GLY H 13 26.42 21.81 94.37
C GLY H 13 27.04 20.45 94.66
N ALA H 14 26.71 19.87 95.80
CA ALA H 14 27.30 18.60 96.18
C ALA H 14 26.27 17.48 96.35
N GLY H 15 25.28 17.45 95.47
CA GLY H 15 24.43 16.28 95.34
C GLY H 15 25.13 15.26 94.45
N PRO H 16 24.44 14.18 94.07
CA PRO H 16 25.08 13.20 93.20
C PRO H 16 25.83 13.83 92.02
N THR H 17 25.21 14.80 91.36
CA THR H 17 25.82 15.36 90.15
C THR H 17 27.13 16.09 90.46
N GLY H 18 27.12 16.92 91.48
CA GLY H 18 28.31 17.65 91.89
C GLY H 18 29.42 16.73 92.35
N LEU H 19 29.05 15.73 93.14
CA LEU H 19 30.01 14.76 93.66
C LEU H 19 30.62 13.92 92.55
N GLY H 20 29.85 13.69 91.50
CA GLY H 20 30.35 13.00 90.33
C GLY H 20 31.42 13.81 89.63
N ALA H 21 31.18 15.11 89.45
CA ALA H 21 32.18 15.98 88.82
C ALA H 21 33.44 16.04 89.69
N ALA H 22 33.27 16.09 91.01
CA ALA H 22 34.40 16.14 91.92
C ALA H 22 35.18 14.84 91.96
N LYS H 23 34.50 13.70 91.80
CA LYS H 23 35.19 12.42 91.77
C LYS H 23 36.11 12.30 90.55
N ARG H 24 35.58 12.64 89.39
CA ARG H 24 36.37 12.58 88.16
C ARG H 24 37.54 13.59 88.19
N LEU H 25 37.29 14.80 88.68
CA LEU H 25 38.36 15.80 88.84
C LEU H 25 39.44 15.32 89.81
N ASN H 26 38.99 14.73 90.92
CA ASN H 26 39.93 14.19 91.90
C ASN H 26 40.75 13.03 91.32
N GLN H 27 40.10 12.19 90.50
CA GLN H 27 40.79 11.09 89.83
C GLN H 27 41.79 11.59 88.78
N ILE H 28 41.35 12.49 87.92
CA ILE H 28 42.24 13.03 86.89
C ILE H 28 43.42 13.75 87.56
N ASP H 29 43.12 14.54 88.59
CA ASP H 29 44.15 15.24 89.35
C ASP H 29 45.05 16.06 88.43
N GLY H 30 44.42 16.79 87.51
CA GLY H 30 45.15 17.63 86.58
C GLY H 30 44.85 19.09 86.90
N PRO H 31 43.78 19.62 86.30
CA PRO H 31 43.34 20.98 86.58
C PRO H 31 42.94 21.16 88.04
N SER H 32 43.14 22.37 88.55
CA SER H 32 42.75 22.71 89.91
C SER H 32 41.24 22.83 89.93
N TRP H 33 40.63 22.58 91.09
CA TRP H 33 39.18 22.59 91.20
C TRP H 33 38.75 22.72 92.65
N MET H 34 37.51 23.14 92.87
CA MET H 34 36.88 23.04 94.18
C MET H 34 35.37 22.85 94.05
N ILE H 35 34.74 22.42 95.12
CA ILE H 35 33.30 22.22 95.10
C ILE H 35 32.66 22.95 96.29
N VAL H 36 31.52 23.59 96.04
CA VAL H 36 30.81 24.31 97.10
C VAL H 36 29.37 23.83 97.23
N ASP H 37 28.82 23.94 98.43
CA ASP H 37 27.41 23.62 98.68
C ASP H 37 26.94 24.34 99.94
N SER H 38 25.71 24.84 99.90
CA SER H 38 25.15 25.59 101.02
C SER H 38 24.77 24.67 102.18
N ASN H 39 24.83 23.37 101.95
CA ASN H 39 24.49 22.40 102.98
C ASN H 39 25.74 21.75 103.56
N GLU H 40 25.81 21.71 104.88
CA GLU H 40 26.97 21.16 105.58
C GLU H 40 27.10 19.66 105.34
N THR H 41 26.00 19.01 105.00
CA THR H 41 26.02 17.59 104.68
C THR H 41 25.82 17.39 103.18
N PRO H 42 26.78 16.75 102.51
CA PRO H 42 26.66 16.47 101.07
C PRO H 42 25.55 15.45 100.79
N GLY H 43 25.00 15.49 99.59
CA GLY H 43 23.99 14.52 99.20
C GLY H 43 22.81 15.14 98.47
N GLY H 44 22.64 16.45 98.64
CA GLY H 44 21.53 17.15 98.00
C GLY H 44 20.21 16.43 98.24
N LEU H 45 19.41 16.30 97.18
CA LEU H 45 18.10 15.67 97.31
C LEU H 45 18.19 14.16 97.37
N ALA H 46 19.39 13.64 97.59
CA ALA H 46 19.56 12.21 97.81
C ALA H 46 19.95 11.96 99.25
N SER H 47 19.62 12.91 100.11
CA SER H 47 19.98 12.84 101.52
C SER H 47 18.92 12.11 102.33
N THR H 48 19.24 11.84 103.58
CA THR H 48 18.34 11.14 104.49
C THR H 48 18.13 11.93 105.78
N ASP H 49 16.86 12.10 106.16
CA ASP H 49 16.50 12.78 107.41
C ASP H 49 16.15 11.76 108.50
N VAL H 50 16.20 12.22 109.75
CA VAL H 50 15.82 11.39 110.88
C VAL H 50 14.88 12.18 111.79
N THR H 51 13.90 11.49 112.38
CA THR H 51 12.99 12.12 113.33
C THR H 51 13.57 12.03 114.73
N PRO H 52 13.14 12.95 115.61
CA PRO H 52 13.62 12.93 117.00
C PRO H 52 13.48 11.55 117.66
N GLU H 53 12.61 10.70 117.12
CA GLU H 53 12.43 9.36 117.69
C GLU H 53 13.18 8.26 116.94
N GLY H 54 14.03 8.65 116.00
CA GLY H 54 14.97 7.72 115.39
C GLY H 54 14.54 6.97 114.13
N PHE H 55 13.57 7.51 113.40
CA PHE H 55 13.16 6.92 112.13
C PHE H 55 13.76 7.68 110.93
N LEU H 56 14.52 6.95 110.10
CA LEU H 56 15.15 7.54 108.91
C LEU H 56 14.19 7.64 107.74
N TYR H 57 14.33 8.68 106.93
CA TYR H 57 13.54 8.81 105.71
C TYR H 57 14.28 9.48 104.56
N ASP H 58 14.47 8.73 103.47
N ASP H 58 14.43 8.76 103.45
CA ASP H 58 15.10 9.26 102.27
CA ASP H 58 14.94 9.35 102.22
C ASP H 58 14.26 10.37 101.67
C ASP H 58 13.91 10.33 101.68
N VAL H 59 14.90 11.49 101.34
N VAL H 59 14.19 10.93 100.53
CA VAL H 59 14.19 12.62 100.75
CA VAL H 59 13.23 11.78 99.85
C VAL H 59 13.83 12.32 99.29
C VAL H 59 12.31 10.90 99.00
N GLY H 60 13.63 11.03 99.00
N GLY H 60 12.35 9.60 99.26
CA GLY H 60 13.31 10.59 97.67
CA GLY H 60 11.55 8.65 98.52
C GLY H 60 14.57 10.17 96.93
C GLY H 60 12.21 7.29 98.50
N GLY H 61 14.86 8.87 96.95
N GLY H 61 12.51 6.77 99.68
CA GLY H 61 16.06 8.39 96.30
CA GLY H 61 13.15 5.48 99.84
C GLY H 61 16.23 6.89 96.28
C GLY H 61 14.02 5.10 98.66
N HIS H 62 17.48 6.47 96.41
N HIS H 62 14.92 5.99 98.28
CA HIS H 62 17.89 5.07 96.24
CA HIS H 62 15.75 5.81 97.09
C HIS H 62 17.77 4.60 94.78
C HIS H 62 16.33 4.40 96.99
N VAL H 63 18.90 4.21 94.22
N VAL H 63 16.62 3.98 95.75
CA VAL H 63 18.97 3.70 92.87
CA VAL H 63 17.09 2.63 95.49
C VAL H 63 18.71 2.21 92.89
C VAL H 63 18.21 2.63 94.45
N ILE H 64 18.14 1.69 91.81
N ILE H 64 19.34 2.02 94.81
CA ILE H 64 17.76 0.28 91.81
CA ILE H 64 20.53 2.01 93.96
C ILE H 64 18.41 -0.47 90.65
C ILE H 64 20.46 0.94 92.87
N PHE H 65 18.74 0.26 89.58
N PHE H 65 20.24 1.40 91.64
CA PHE H 65 19.58 -0.31 88.53
CA PHE H 65 20.30 0.55 90.45
C PHE H 65 20.67 0.68 88.10
C PHE H 65 20.98 1.31 89.31
N SER H 66 21.91 0.28 88.29
N SER H 66 22.21 0.94 89.01
CA SER H 66 23.05 1.11 87.95
CA SER H 66 23.06 1.73 88.11
C SER H 66 23.47 0.88 86.50
C SER H 66 23.15 1.21 86.68
N HIS H 67 23.39 1.94 85.70
N HIS H 67 23.47 2.12 85.76
CA HIS H 67 23.72 1.85 84.29
CA HIS H 67 23.72 1.77 84.36
C HIS H 67 25.22 2.00 84.01
C HIS H 67 25.21 1.92 84.04
N TYR H 68 26.02 2.17 85.07
CA TYR H 68 27.45 2.47 84.88
C TYR H 68 28.41 1.79 85.87
N LYS H 69 29.49 1.22 85.37
CA LYS H 69 30.55 0.70 86.25
C LYS H 69 31.20 1.79 87.10
N TYR H 70 31.36 2.98 86.52
CA TYR H 70 32.06 4.05 87.22
C TYR H 70 31.31 4.42 88.48
N PHE H 71 29.99 4.47 88.38
CA PHE H 71 29.12 4.68 89.54
C PHE H 71 29.30 3.57 90.57
N ASP H 72 29.33 2.32 90.11
CA ASP H 72 29.58 1.19 91.00
C ASP H 72 30.93 1.32 91.67
N ASP H 73 31.95 1.67 90.88
CA ASP H 73 33.30 1.83 91.42
C ASP H 73 33.31 2.79 92.60
N CYS H 74 32.62 3.92 92.45
CA CYS H 74 32.64 4.95 93.48
C CYS H 74 31.87 4.51 94.72
N LEU H 75 30.79 3.75 94.54
CA LEU H 75 30.06 3.21 95.68
C LEU H 75 30.88 2.14 96.39
N ASP H 76 31.53 1.29 95.61
CA ASP H 76 32.36 0.24 96.18
C ASP H 76 33.53 0.82 96.99
N GLU H 77 34.06 1.95 96.53
CA GLU H 77 35.16 2.60 97.25
C GLU H 77 34.67 3.26 98.53
N ALA H 78 33.53 3.94 98.43
CA ALA H 78 32.95 4.65 99.56
C ALA H 78 32.49 3.70 100.68
N LEU H 79 31.84 2.61 100.31
CA LEU H 79 31.36 1.59 101.27
C LEU H 79 31.88 0.20 100.85
N PRO H 80 33.11 -0.13 101.25
CA PRO H 80 33.80 -1.30 100.70
C PRO H 80 33.50 -2.64 101.39
N LYS H 81 32.88 -2.63 102.57
CA LYS H 81 32.64 -3.88 103.30
C LYS H 81 31.32 -4.56 102.93
N GLU H 82 31.34 -5.88 102.89
CA GLU H 82 30.13 -6.66 102.61
C GLU H 82 28.94 -6.22 103.46
N ASP H 83 29.17 -5.99 104.75
CA ASP H 83 28.09 -5.58 105.64
C ASP H 83 27.72 -4.10 105.52
N ASP H 84 28.32 -3.40 104.55
CA ASP H 84 27.90 -2.04 104.25
C ASP H 84 26.60 -2.04 103.44
N TRP H 85 26.28 -3.19 102.83
CA TRP H 85 25.14 -3.23 101.92
C TRP H 85 24.14 -4.37 102.17
N TYR H 86 22.87 -4.05 102.00
CA TYR H 86 21.83 -5.06 101.86
C TYR H 86 21.43 -5.16 100.40
N THR H 87 21.41 -6.38 99.87
CA THR H 87 20.93 -6.59 98.50
C THR H 87 19.57 -7.30 98.50
N HIS H 88 18.61 -6.69 97.80
CA HIS H 88 17.23 -7.16 97.83
C HIS H 88 16.68 -7.51 96.47
N GLN H 89 15.70 -8.41 96.47
N GLN H 89 15.64 -8.34 96.45
CA GLN H 89 15.05 -8.87 95.26
CA GLN H 89 14.86 -8.56 95.25
C GLN H 89 14.25 -7.72 94.67
C GLN H 89 13.69 -7.60 95.28
N ARG H 90 13.92 -7.83 93.39
N ARG H 90 13.40 -6.96 94.15
CA ARG H 90 13.20 -6.76 92.72
CA ARG H 90 12.26 -6.06 94.06
C ARG H 90 11.77 -7.11 92.36
C ARG H 90 10.93 -6.78 94.31
N ILE H 91 10.86 -6.22 92.73
N ILE H 91 10.15 -6.24 95.25
CA ILE H 91 9.45 -6.39 92.45
CA ILE H 91 8.78 -6.70 95.47
C ILE H 91 8.76 -5.03 92.60
C ILE H 91 7.87 -5.48 95.39
N SER H 92 7.52 -4.96 92.13
N SER H 92 7.19 -5.34 94.25
CA SER H 92 6.70 -3.77 92.29
CA SER H 92 6.40 -4.14 93.99
C SER H 92 5.23 -4.18 92.35
C SER H 92 5.01 -4.47 93.49
N TYR H 93 4.41 -3.36 92.98
N TYR H 93 4.05 -3.62 93.85
CA TYR H 93 2.98 -3.65 93.08
CA TYR H 93 2.66 -3.83 93.47
C TYR H 93 2.13 -2.40 92.87
C TYR H 93 1.96 -2.51 93.14
N VAL H 94 0.94 -2.60 92.30
CA VAL H 94 0.02 -1.50 92.08
C VAL H 94 -1.26 -1.77 92.85
N ARG H 95 -1.79 -0.75 93.51
CA ARG H 95 -3.05 -0.89 94.26
C ARG H 95 -4.22 -0.57 93.34
N CYS H 96 -5.05 -1.57 93.09
CA CYS H 96 -6.20 -1.40 92.22
C CYS H 96 -7.37 -2.26 92.72
N GLN H 97 -8.43 -1.60 93.17
CA GLN H 97 -9.64 -2.29 93.64
C GLN H 97 -9.35 -3.43 94.62
N GLY H 98 -8.87 -3.05 95.80
CA GLY H 98 -8.65 -3.99 96.88
C GLY H 98 -7.59 -5.05 96.64
N GLN H 99 -6.86 -4.93 95.54
CA GLN H 99 -5.84 -5.92 95.19
C GLN H 99 -4.46 -5.31 95.07
N TRP H 100 -3.44 -6.13 95.27
CA TRP H 100 -2.06 -5.74 95.01
C TRP H 100 -1.61 -6.36 93.69
N VAL H 101 -1.69 -5.58 92.61
CA VAL H 101 -1.36 -6.07 91.28
C VAL H 101 0.14 -5.96 91.01
N PRO H 102 0.80 -7.11 90.87
CA PRO H 102 2.25 -7.16 90.61
C PRO H 102 2.64 -6.33 89.39
N TYR H 103 3.84 -5.79 89.36
N TYR H 103 3.81 -5.72 89.47
CA TYR H 103 4.33 -5.19 88.12
CA TYR H 103 4.32 -4.75 88.51
C TYR H 103 4.83 -6.30 87.18
C TYR H 103 5.11 -5.49 87.45
N PRO H 104 4.65 -6.13 85.86
N PRO H 104 4.86 -5.20 86.15
CA PRO H 104 3.97 -4.98 85.24
CA PRO H 104 3.95 -4.20 85.59
C PRO H 104 2.45 -5.16 85.23
C PRO H 104 2.46 -4.56 85.68
N PHE H 105 1.75 -4.08 85.60
N PHE H 105 1.61 -3.61 85.35
CA PHE H 105 0.29 -4.10 85.66
CA PHE H 105 0.17 -3.70 85.55
C PHE H 105 -0.32 -4.95 84.55
C PHE H 105 -0.58 -4.43 84.43
N GLN H 106 0.09 -4.69 83.31
CA GLN H 106 -0.55 -5.32 82.16
C GLN H 106 -0.56 -6.86 82.17
N ASN H 107 0.49 -7.47 82.70
CA ASN H 107 0.59 -8.92 82.67
C ASN H 107 -0.09 -9.57 83.87
N ASN H 108 -0.80 -8.77 84.65
CA ASN H 108 -1.45 -9.28 85.85
C ASN H 108 -2.88 -8.76 86.00
N ILE H 109 -3.49 -8.40 84.88
CA ILE H 109 -4.89 -7.98 84.88
C ILE H 109 -5.76 -9.06 85.54
N SER H 110 -5.37 -10.32 85.37
CA SER H 110 -6.15 -11.44 85.90
C SER H 110 -6.56 -11.22 87.36
N MET H 111 -5.77 -10.43 88.09
CA MET H 111 -6.05 -10.16 89.49
C MET H 111 -7.15 -9.12 89.64
N LEU H 112 -7.64 -8.61 88.52
CA LEU H 112 -8.76 -7.68 88.52
C LEU H 112 -10.07 -8.45 88.29
N PRO H 113 -11.21 -7.78 88.52
CA PRO H 113 -12.52 -8.35 88.19
C PRO H 113 -12.59 -8.72 86.71
N LYS H 114 -13.30 -9.79 86.38
CA LYS H 114 -13.42 -10.23 85.00
C LYS H 114 -13.96 -9.13 84.09
N GLU H 115 -14.91 -8.35 84.59
CA GLU H 115 -15.45 -7.22 83.84
C GLU H 115 -14.34 -6.22 83.49
N GLU H 116 -13.43 -6.00 84.43
CA GLU H 116 -12.32 -5.07 84.22
C GLU H 116 -11.30 -5.61 83.23
N GLN H 117 -11.00 -6.90 83.31
CA GLN H 117 -10.10 -7.54 82.36
C GLN H 117 -10.57 -7.32 80.93
N VAL H 118 -11.86 -7.56 80.69
CA VAL H 118 -12.44 -7.42 79.35
C VAL H 118 -12.18 -6.04 78.76
N LYS H 119 -12.47 -5.00 79.53
CA LYS H 119 -12.23 -3.63 79.07
C LYS H 119 -10.75 -3.40 78.73
N CYS H 120 -9.87 -4.06 79.46
CA CYS H 120 -8.43 -3.93 79.22
C CYS H 120 -7.97 -4.68 77.98
N ILE H 121 -8.46 -5.92 77.82
CA ILE H 121 -8.05 -6.75 76.70
C ILE H 121 -8.59 -6.18 75.39
N ASP H 122 -9.80 -5.67 75.43
CA ASP H 122 -10.39 -5.01 74.26
C ASP H 122 -9.52 -3.83 73.83
N GLY H 123 -9.16 -3.00 74.79
CA GLY H 123 -8.33 -1.84 74.53
C GLY H 123 -7.02 -2.20 73.86
N MET H 124 -6.36 -3.24 74.36
CA MET H 124 -5.11 -3.70 73.79
C MET H 124 -5.27 -4.26 72.38
N ILE H 125 -6.38 -4.94 72.13
CA ILE H 125 -6.66 -5.48 70.81
C ILE H 125 -6.73 -4.35 69.79
N ASP H 126 -7.47 -3.30 70.12
CA ASP H 126 -7.54 -2.11 69.28
C ASP H 126 -6.14 -1.55 69.01
N ALA H 127 -5.45 -1.17 70.09
CA ALA H 127 -4.13 -0.57 69.98
C ALA H 127 -3.18 -1.45 69.16
N ALA H 128 -3.28 -2.76 69.35
CA ALA H 128 -2.43 -3.68 68.60
C ALA H 128 -2.71 -3.60 67.10
N LEU H 129 -3.98 -3.52 66.74
CA LEU H 129 -4.36 -3.47 65.33
C LEU H 129 -3.89 -2.16 64.68
N GLU H 130 -4.12 -1.04 65.37
CA GLU H 130 -3.70 0.25 64.84
C GLU H 130 -2.19 0.33 64.72
N ALA H 131 -1.50 -0.25 65.71
CA ALA H 131 -0.04 -0.26 65.70
C ALA H 131 0.51 -1.01 64.49
N ARG H 132 -0.26 -1.96 63.98
CA ARG H 132 0.19 -2.75 62.83
C ARG H 132 0.29 -1.85 61.61
N VAL H 133 -0.38 -0.71 61.67
CA VAL H 133 -0.54 0.17 60.53
C VAL H 133 0.01 1.57 60.76
N ALA H 134 0.30 1.90 62.01
CA ALA H 134 0.83 3.22 62.35
C ALA H 134 2.07 3.59 61.54
N ASN H 135 2.08 4.79 60.98
CA ASN H 135 3.23 5.27 60.23
C ASN H 135 3.74 6.58 60.80
N THR H 136 3.22 6.95 61.96
CA THR H 136 3.66 8.13 62.67
C THR H 136 4.03 7.77 64.09
N LYS H 137 4.58 8.73 64.83
CA LYS H 137 4.89 8.50 66.23
C LYS H 137 4.04 9.42 67.11
N PRO H 138 3.74 8.95 68.34
CA PRO H 138 2.90 9.73 69.25
C PRO H 138 3.53 11.08 69.61
N LYS H 139 2.68 12.06 69.90
CA LYS H 139 3.15 13.41 70.16
C LYS H 139 2.96 13.85 71.61
N THR H 140 2.11 13.16 72.35
CA THR H 140 1.94 13.43 73.77
C THR H 140 2.11 12.18 74.61
N PHE H 141 2.38 12.35 75.90
CA PHE H 141 2.46 11.22 76.82
C PHE H 141 1.15 10.44 76.73
N ASP H 142 0.03 11.16 76.66
CA ASP H 142 -1.28 10.51 76.59
C ASP H 142 -1.47 9.64 75.35
N GLU H 143 -1.10 10.15 74.17
CA GLU H 143 -1.18 9.36 72.94
C GLU H 143 -0.26 8.14 73.03
N TRP H 144 0.90 8.33 73.64
CA TRP H 144 1.86 7.24 73.78
C TRP H 144 1.28 6.13 74.66
N ILE H 145 0.57 6.54 75.71
CA ILE H 145 -0.03 5.59 76.64
C ILE H 145 -1.13 4.80 75.92
N VAL H 146 -2.01 5.51 75.24
CA VAL H 146 -3.09 4.86 74.50
C VAL H 146 -2.57 3.83 73.50
N ARG H 147 -1.56 4.21 72.71
CA ARG H 147 -1.03 3.32 71.68
C ARG H 147 -0.29 2.13 72.28
N MET H 148 0.15 2.27 73.52
CA MET H 148 0.92 1.23 74.18
C MET H 148 0.01 0.22 74.88
N MET H 149 -0.97 0.74 75.60
CA MET H 149 -1.81 -0.09 76.48
C MET H 149 -3.25 -0.21 76.02
N GLY H 150 -3.75 0.80 75.31
CA GLY H 150 -5.16 0.86 74.96
C GLY H 150 -5.91 1.70 75.97
N THR H 151 -7.10 2.16 75.60
CA THR H 151 -7.87 3.05 76.45
C THR H 151 -8.27 2.41 77.78
N GLY H 152 -8.44 1.08 77.76
CA GLY H 152 -8.83 0.35 78.94
C GLY H 152 -7.84 0.52 80.08
N ILE H 153 -6.62 0.06 79.84
CA ILE H 153 -5.57 0.14 80.85
C ILE H 153 -5.20 1.60 81.14
N ALA H 154 -5.37 2.46 80.15
CA ALA H 154 -5.08 3.88 80.31
C ALA H 154 -5.95 4.52 81.40
N ASP H 155 -7.25 4.27 81.34
CA ASP H 155 -8.19 4.87 82.28
C ASP H 155 -8.09 4.24 83.66
N LEU H 156 -7.74 2.96 83.70
CA LEU H 156 -7.63 2.21 84.95
C LEU H 156 -6.41 2.63 85.76
N PHE H 157 -5.28 2.76 85.08
CA PHE H 157 -4.00 2.93 85.77
C PHE H 157 -3.19 4.13 85.26
N MET H 158 -2.65 4.00 84.05
CA MET H 158 -1.74 5.00 83.50
C MET H 158 -2.17 6.44 83.69
N ARG H 159 -3.34 6.79 83.19
CA ARG H 159 -3.81 8.18 83.22
C ARG H 159 -3.97 8.74 84.62
N PRO H 160 -4.75 8.05 85.48
CA PRO H 160 -4.94 8.56 86.84
C PRO H 160 -3.64 8.60 87.62
N TYR H 161 -2.87 7.51 87.59
CA TYR H 161 -1.64 7.44 88.35
C TYR H 161 -0.68 8.57 87.99
N ASN H 162 -0.46 8.77 86.70
CA ASN H 162 0.47 9.80 86.25
C ASN H 162 0.05 11.21 86.63
N PHE H 163 -1.25 11.45 86.72
CA PHE H 163 -1.70 12.76 87.20
C PHE H 163 -1.32 12.95 88.67
N LYS H 164 -1.45 11.88 89.45
CA LYS H 164 -1.08 11.96 90.87
C LYS H 164 0.41 12.18 91.02
N VAL H 165 1.18 11.62 90.10
CA VAL H 165 2.64 11.74 90.12
C VAL H 165 3.12 13.11 89.63
N TRP H 166 2.82 13.42 88.37
CA TRP H 166 3.33 14.63 87.73
C TRP H 166 2.56 15.88 88.10
N ALA H 167 1.43 15.71 88.78
CA ALA H 167 0.56 16.83 89.11
C ALA H 167 0.23 17.63 87.86
N VAL H 168 0.14 16.91 86.74
CA VAL H 168 -0.15 17.52 85.44
C VAL H 168 -0.79 16.44 84.57
N PRO H 169 -1.82 16.82 83.81
CA PRO H 169 -2.53 15.85 82.96
C PRO H 169 -1.59 15.25 81.92
N THR H 170 -1.79 13.96 81.61
CA THR H 170 -0.93 13.26 80.67
C THR H 170 -0.87 13.94 79.31
N THR H 171 -1.90 14.73 78.99
CA THR H 171 -1.99 15.34 77.67
C THR H 171 -1.11 16.58 77.52
N LYS H 172 -0.51 17.00 78.63
CA LYS H 172 0.35 18.19 78.65
C LYS H 172 1.84 17.85 78.64
N MET H 173 2.15 16.56 78.57
CA MET H 173 3.52 16.09 78.60
C MET H 173 3.94 15.42 77.29
N GLN H 174 5.24 15.47 77.00
CA GLN H 174 5.82 14.83 75.82
C GLN H 174 6.04 13.36 76.13
N CYS H 175 6.55 12.61 75.17
CA CYS H 175 6.72 11.17 75.34
C CYS H 175 8.08 10.64 74.87
N ALA H 176 8.86 11.53 74.26
N ALA H 176 8.95 11.53 74.43
CA ALA H 176 10.19 11.18 73.77
CA ALA H 176 10.31 11.14 74.07
C ALA H 176 11.05 10.75 74.94
C ALA H 176 11.17 10.77 75.28
N TRP H 177 10.97 11.52 76.02
N TRP H 177 10.54 10.51 76.44
CA TRP H 177 11.71 11.25 77.24
CA TRP H 177 11.29 10.39 77.70
C TRP H 177 11.55 9.80 77.64
C TRP H 177 11.18 9.04 78.42
N LEU H 178 10.48 9.16 77.19
N LEU H 178 10.14 8.28 78.11
CA LEU H 178 10.20 7.77 77.54
CA LEU H 178 9.78 7.11 78.91
C LEU H 178 11.12 6.78 76.83
C LEU H 178 10.42 5.79 78.47
N GLY H 179 11.62 7.18 75.66
N GLY H 179 11.39 5.85 77.58
CA GLY H 179 12.50 6.31 74.91
CA GLY H 179 12.05 4.67 77.06
C GLY H 179 12.00 5.95 73.53
C GLY H 179 12.18 3.53 78.05
N GLU H 180 12.76 5.11 72.84
N GLU H 180 12.77 3.80 79.22
CA GLU H 180 12.52 4.80 71.44
CA GLU H 180 13.03 2.76 80.21
C GLU H 180 12.32 3.31 71.22
C GLU H 180 12.21 2.95 81.48
N ARG H 181 11.10 2.82 71.43
N ARG H 181 11.11 3.69 81.37
CA ARG H 181 10.82 1.41 71.19
CA ARG H 181 10.27 3.98 82.53
C ARG H 181 9.40 1.15 70.67
C ARG H 181 8.95 3.21 82.49
N VAL H 182 8.95 1.99 69.73
N VAL H 182 8.39 3.07 81.29
CA VAL H 182 7.63 1.88 69.10
CA VAL H 182 7.08 2.43 81.15
C VAL H 182 6.52 1.29 69.97
C VAL H 182 7.15 1.16 80.31
N ALA H 183 5.46 2.07 70.19
N ALA H 183 6.52 0.10 80.79
CA ALA H 183 4.33 1.65 71.00
CA ALA H 183 6.55 -1.21 80.13
C ALA H 183 3.62 0.44 70.39
C ALA H 183 5.81 -1.22 78.80
N ALA H 184 4.05 -0.75 70.81
N ALA H 184 6.16 -2.16 77.94
CA ALA H 184 3.43 -1.99 70.34
CA ALA H 184 5.52 -2.31 76.65
C ALA H 184 3.16 -2.92 71.52
C ALA H 184 4.81 -3.66 76.55
N PRO H 185 1.88 -3.07 71.89
N PRO H 185 3.49 -3.65 76.73
CA PRO H 185 1.44 -3.86 73.04
CA PRO H 185 2.68 -4.88 76.75
C PRO H 185 1.69 -5.35 72.86
C PRO H 185 2.52 -5.49 75.36
N ASN H 186 2.13 -6.02 73.92
N ASN H 186 2.58 -6.82 75.31
CA ASN H 186 2.32 -7.47 73.88
CA ASN H 186 2.31 -7.55 74.08
C ASN H 186 1.01 -8.20 74.20
C ASN H 186 1.00 -8.34 74.21
N LEU H 187 0.14 -8.25 73.20
CA LEU H 187 -1.19 -8.87 73.30
C LEU H 187 -1.13 -10.31 73.78
N LYS H 188 -0.36 -11.14 73.08
CA LYS H 188 -0.25 -12.55 73.42
C LYS H 188 0.09 -12.77 74.89
N ALA H 189 1.20 -12.20 75.34
CA ALA H 189 1.63 -12.34 76.72
C ALA H 189 0.50 -12.00 77.69
N VAL H 190 -0.13 -10.84 77.48
CA VAL H 190 -1.23 -10.42 78.33
C VAL H 190 -2.39 -11.44 78.35
N THR H 191 -2.92 -11.79 77.19
CA THR H 191 -4.03 -12.76 77.14
C THR H 191 -3.60 -14.11 77.68
N THR H 192 -2.36 -14.50 77.41
CA THR H 192 -1.86 -15.79 77.88
C THR H 192 -1.89 -15.89 79.40
N ASN H 193 -1.54 -14.80 80.08
CA ASN H 193 -1.54 -14.79 81.54
C ASN H 193 -2.95 -14.82 82.11
N VAL H 194 -3.89 -14.19 81.41
CA VAL H 194 -5.28 -14.16 81.83
C VAL H 194 -5.88 -15.55 81.72
N ILE H 195 -5.56 -16.25 80.65
CA ILE H 195 -6.02 -17.61 80.46
C ILE H 195 -5.41 -18.55 81.50
N LEU H 196 -4.09 -18.51 81.61
CA LEU H 196 -3.35 -19.43 82.47
C LEU H 196 -3.56 -19.15 83.96
N GLY H 197 -3.81 -17.90 84.30
N GLY H 197 -3.79 -17.89 84.31
CA GLY H 197 -3.89 -17.49 85.69
CA GLY H 197 -4.08 -17.51 85.68
C GLY H 197 -2.49 -17.36 86.26
C GLY H 197 -2.84 -17.32 86.54
N LYS H 198 -1.56 -16.92 85.41
N LYS H 198 -1.70 -17.79 86.06
CA LYS H 198 -0.17 -16.76 85.80
CA LYS H 198 -0.44 -17.66 86.80
C LYS H 198 0.18 -15.30 86.05
C LYS H 198 0.68 -17.22 85.87
N THR H 199 1.46 -15.06 86.32
CA THR H 199 1.94 -13.72 86.62
C THR H 199 3.30 -13.45 85.99
N ALA H 200 3.67 -12.17 85.96
CA ALA H 200 4.99 -11.76 85.51
C ALA H 200 5.39 -10.49 86.25
N GLY H 201 6.38 -10.60 87.12
CA GLY H 201 6.79 -9.48 87.94
C GLY H 201 8.27 -9.19 87.92
N ASN H 202 8.89 -9.29 86.75
CA ASN H 202 10.34 -9.18 86.65
C ASN H 202 10.82 -8.02 85.77
N TRP H 203 9.90 -7.35 85.10
CA TRP H 203 10.25 -6.28 84.18
C TRP H 203 11.05 -5.16 84.86
N GLY H 204 11.91 -4.50 84.08
CA GLY H 204 12.75 -3.43 84.59
C GLY H 204 14.18 -3.90 84.71
N PRO H 205 15.15 -3.06 84.29
N PRO H 205 17.68 -17.00 88.60
CA PRO H 205 16.56 -3.43 84.39
CA PRO H 205 18.61 -15.88 88.53
C PRO H 205 16.77 -3.73 85.85
C PRO H 205 17.87 -14.57 88.24
N ASN H 206 16.62 -2.67 86.65
N ASN H 206 17.20 -14.03 89.25
CA ASN H 206 16.13 -2.76 88.00
CA ASN H 206 16.42 -12.81 89.10
C ASN H 206 15.65 -4.16 88.30
C ASN H 206 17.20 -11.56 89.50
N ALA H 207 16.53 -5.04 88.78
N ALA H 207 17.00 -10.48 88.74
CA ALA H 207 16.13 -6.42 88.98
CA ALA H 207 17.73 -9.23 88.96
C ALA H 207 16.69 -7.08 90.24
C ALA H 207 17.43 -8.65 90.34
N THR H 208 17.86 -6.63 90.69
N THR H 208 18.32 -7.76 90.81
CA THR H 208 18.47 -7.11 91.92
CA THR H 208 18.21 -7.21 92.14
C THR H 208 19.26 -5.94 92.48
C THR H 208 18.70 -5.76 92.23
N PHE H 209 18.69 -5.26 93.47
CA PHE H 209 19.24 -3.95 93.83
C PHE H 209 19.86 -3.96 95.23
N ARG H 210 20.74 -3.00 95.48
CA ARG H 210 21.38 -2.90 96.79
C ARG H 210 21.00 -1.61 97.51
N PHE H 211 21.04 -1.66 98.84
CA PHE H 211 20.66 -0.53 99.67
C PHE H 211 21.59 -0.45 100.89
N PRO H 212 22.05 0.76 101.20
CA PRO H 212 23.05 0.93 102.28
C PRO H 212 22.50 0.50 103.64
N ALA H 213 23.31 -0.25 104.38
CA ALA H 213 22.90 -0.76 105.68
C ALA H 213 22.63 0.36 106.69
N ARG H 214 23.39 1.45 106.61
CA ARG H 214 23.28 2.51 107.60
C ARG H 214 23.18 3.90 106.98
N GLY H 215 22.40 4.77 107.61
CA GLY H 215 22.32 6.16 107.20
C GLY H 215 21.45 6.39 105.98
N GLY H 216 20.77 5.33 105.52
CA GLY H 216 19.91 5.44 104.37
C GLY H 216 20.69 5.80 103.13
N THR H 217 19.98 6.27 102.09
CA THR H 217 20.66 6.66 100.86
C THR H 217 21.65 7.79 101.11
N GLY H 218 21.35 8.62 102.10
CA GLY H 218 22.24 9.71 102.46
C GLY H 218 23.63 9.24 102.82
N GLY H 219 23.70 8.08 103.47
CA GLY H 219 24.98 7.52 103.89
C GLY H 219 25.96 7.34 102.75
N ILE H 220 25.46 7.06 101.56
CA ILE H 220 26.32 6.85 100.40
C ILE H 220 27.09 8.12 100.05
N TRP H 221 26.37 9.22 99.93
CA TRP H 221 26.97 10.46 99.45
C TRP H 221 27.90 11.12 100.47
N ILE H 222 27.62 10.91 101.74
CA ILE H 222 28.53 11.33 102.80
C ILE H 222 29.83 10.52 102.68
N ALA H 223 29.71 9.21 102.53
CA ALA H 223 30.90 8.38 102.34
C ALA H 223 31.66 8.73 101.06
N VAL H 224 30.94 9.00 99.96
CA VAL H 224 31.58 9.42 98.72
C VAL H 224 32.32 10.75 98.89
N ALA H 225 31.68 11.71 99.56
CA ALA H 225 32.31 12.99 99.83
C ALA H 225 33.58 12.84 100.68
N ASN H 226 33.57 11.88 101.60
CA ASN H 226 34.72 11.69 102.49
C ASN H 226 35.98 11.23 101.77
N THR H 227 35.83 10.72 100.54
CA THR H 227 36.99 10.29 99.77
C THR H 227 37.69 11.48 99.11
N LEU H 228 37.04 12.64 99.13
CA LEU H 228 37.59 13.85 98.51
C LEU H 228 38.52 14.61 99.46
N PRO H 229 39.51 15.32 98.91
CA PRO H 229 40.37 16.16 99.76
C PRO H 229 39.53 17.25 100.37
N LYS H 230 39.39 17.22 101.70
CA LYS H 230 38.49 18.13 102.41
C LYS H 230 38.74 19.60 102.09
N GLU H 231 40.00 19.95 101.87
CA GLU H 231 40.38 21.34 101.65
C GLU H 231 39.94 21.88 100.29
N LYS H 232 39.42 21.01 99.43
CA LYS H 232 38.90 21.46 98.14
C LYS H 232 37.38 21.53 98.15
N THR H 233 36.81 21.34 99.33
CA THR H 233 35.36 21.43 99.52
C THR H 233 35.01 22.59 100.43
N ARG H 234 33.83 23.17 100.20
CA ARG H 234 33.35 24.25 101.04
C ARG H 234 31.86 24.03 101.30
N PHE H 235 31.55 23.32 102.37
CA PHE H 235 30.17 22.88 102.61
C PHE H 235 29.55 23.58 103.81
N GLY H 236 28.34 24.09 103.62
CA GLY H 236 27.63 24.77 104.68
C GLY H 236 27.37 26.21 104.32
N GLU H 237 27.05 27.01 105.32
CA GLU H 237 26.76 28.43 105.12
C GLU H 237 27.92 29.13 104.39
N LYS H 238 29.15 28.73 104.72
CA LYS H 238 30.33 29.32 104.11
C LYS H 238 30.44 28.96 102.63
N GLY H 239 29.60 28.03 102.18
CA GLY H 239 29.68 27.55 100.82
C GLY H 239 28.48 27.92 99.96
N LYS H 240 27.59 28.74 100.51
CA LYS H 240 26.40 29.15 99.78
C LYS H 240 26.77 30.18 98.71
N VAL H 241 26.42 29.88 97.46
CA VAL H 241 26.66 30.81 96.35
C VAL H 241 25.54 31.84 96.27
N THR H 242 25.90 33.12 96.20
CA THR H 242 24.91 34.19 96.18
C THR H 242 24.91 34.99 94.89
N LYS H 243 26.02 34.93 94.15
CA LYS H 243 26.10 35.62 92.87
C LYS H 243 27.04 34.91 91.90
N VAL H 244 26.65 34.85 90.64
CA VAL H 244 27.50 34.28 89.59
C VAL H 244 27.71 35.33 88.50
N ASN H 245 28.93 35.84 88.41
CA ASN H 245 29.25 36.82 87.37
C ASN H 245 29.89 36.16 86.17
N ALA H 246 29.05 35.82 85.18
CA ALA H 246 29.52 35.07 84.01
C ALA H 246 30.47 35.87 83.13
N ASN H 247 30.33 37.19 83.11
CA ASN H 247 31.17 38.02 82.23
C ASN H 247 32.65 38.05 82.61
N ASN H 248 32.95 38.02 83.90
CA ASN H 248 34.34 37.92 84.34
C ASN H 248 34.61 36.65 85.13
N LYS H 249 33.71 35.68 84.99
CA LYS H 249 33.92 34.34 85.53
C LYS H 249 34.27 34.35 87.02
N THR H 250 33.39 34.95 87.81
CA THR H 250 33.59 35.04 89.24
C THR H 250 32.32 34.64 89.97
N VAL H 251 32.48 33.97 91.10
CA VAL H 251 31.35 33.61 91.92
C VAL H 251 31.54 34.25 93.29
N THR H 252 30.44 34.62 93.94
CA THR H 252 30.53 35.16 95.28
C THR H 252 29.75 34.31 96.27
N LEU H 253 30.36 34.01 97.41
CA LEU H 253 29.72 33.22 98.46
C LEU H 253 29.04 34.11 99.50
N GLN H 254 28.24 33.50 100.36
CA GLN H 254 27.50 34.24 101.39
C GLN H 254 28.43 35.03 102.30
N ASP H 255 29.59 34.46 102.62
CA ASP H 255 30.52 35.10 103.54
C ASP H 255 31.40 36.13 102.83
N GLY H 256 31.11 36.40 101.56
CA GLY H 256 31.82 37.40 100.81
C GLY H 256 32.98 36.88 99.98
N THR H 257 33.36 35.62 100.20
CA THR H 257 34.45 35.01 99.45
C THR H 257 34.14 35.01 97.97
N THR H 258 35.13 35.37 97.16
CA THR H 258 34.97 35.38 95.71
C THR H 258 35.88 34.34 95.07
N ILE H 259 35.33 33.60 94.12
CA ILE H 259 36.08 32.54 93.45
C ILE H 259 36.15 32.80 91.96
N GLY H 260 37.37 32.80 91.41
CA GLY H 260 37.56 32.87 89.97
C GLY H 260 37.66 31.49 89.36
N TYR H 261 37.05 31.31 88.18
CA TYR H 261 37.07 30.02 87.51
C TYR H 261 37.32 30.17 86.01
N LYS H 262 37.76 29.10 85.36
CA LYS H 262 37.86 29.06 83.92
C LYS H 262 36.67 28.31 83.33
N LYS H 263 36.18 27.30 84.04
CA LYS H 263 34.98 26.58 83.62
C LYS H 263 34.11 26.32 84.83
N LEU H 264 32.81 26.42 84.63
CA LEU H 264 31.87 26.27 85.71
C LEU H 264 31.01 25.04 85.46
N VAL H 265 30.94 24.15 86.45
CA VAL H 265 29.93 23.09 86.44
C VAL H 265 28.90 23.43 87.51
N SER H 266 27.70 23.80 87.08
CA SER H 266 26.67 24.23 88.02
C SER H 266 25.57 23.20 88.10
N THR H 267 25.31 22.69 89.30
CA THR H 267 24.29 21.66 89.47
C THR H 267 23.09 22.18 90.25
N MET H 268 23.01 23.50 90.42
CA MET H 268 21.85 24.09 91.08
C MET H 268 20.68 24.14 90.08
N ALA H 269 19.47 24.32 90.58
CA ALA H 269 18.32 24.49 89.71
C ALA H 269 18.58 25.62 88.72
N VAL H 270 18.46 25.32 87.43
CA VAL H 270 18.85 26.25 86.37
C VAL H 270 18.14 27.61 86.47
N ASP H 271 16.91 27.61 86.95
CA ASP H 271 16.19 28.86 87.15
C ASP H 271 16.88 29.70 88.22
N PHE H 272 17.38 29.05 89.27
CA PHE H 272 18.11 29.75 90.32
C PHE H 272 19.42 30.30 89.77
N LEU H 273 20.03 29.55 88.86
CA LEU H 273 21.27 29.99 88.24
C LEU H 273 21.06 31.31 87.50
N ALA H 274 20.09 31.33 86.60
CA ALA H 274 19.76 32.53 85.82
C ALA H 274 19.56 33.75 86.74
N GLU H 275 18.85 33.53 87.84
CA GLU H 275 18.63 34.58 88.82
C GLU H 275 19.97 35.02 89.38
N ALA H 276 20.78 34.06 89.82
CA ALA H 276 22.08 34.36 90.41
C ALA H 276 23.00 35.01 89.40
N MET H 277 22.70 34.83 88.11
CA MET H 277 23.49 35.42 87.05
C MET H 277 23.06 36.84 86.72
N ASN H 278 21.89 37.23 87.22
CA ASN H 278 21.31 38.52 86.85
C ASN H 278 21.24 38.64 85.33
N ASP H 279 20.73 37.59 84.68
CA ASP H 279 20.62 37.55 83.24
C ASP H 279 19.15 37.44 82.85
N GLN H 280 18.60 38.54 82.34
CA GLN H 280 17.17 38.61 82.03
C GLN H 280 16.75 37.60 80.97
N GLU H 281 17.53 37.52 79.89
CA GLU H 281 17.20 36.57 78.82
C GLU H 281 17.04 35.16 79.37
N LEU H 282 18.02 34.71 80.15
CA LEU H 282 18.01 33.36 80.69
C LEU H 282 16.87 33.16 81.70
N VAL H 283 16.68 34.14 82.58
CA VAL H 283 15.55 34.09 83.52
C VAL H 283 14.25 33.95 82.74
N GLY H 284 14.13 34.72 81.66
CA GLY H 284 12.96 34.64 80.80
C GLY H 284 12.74 33.24 80.28
N LEU H 285 13.76 32.68 79.62
CA LEU H 285 13.68 31.32 79.10
C LEU H 285 13.45 30.33 80.22
N THR H 286 14.09 30.59 81.37
CA THR H 286 14.05 29.68 82.50
C THR H 286 12.63 29.54 83.03
N LYS H 287 11.82 30.57 82.84
CA LYS H 287 10.43 30.56 83.31
C LYS H 287 9.61 29.55 82.53
N GLN H 288 9.95 29.38 81.25
CA GLN H 288 9.19 28.51 80.37
C GLN H 288 9.24 27.05 80.81
N LEU H 289 10.06 26.77 81.83
CA LEU H 289 10.15 25.41 82.36
C LEU H 289 9.09 25.20 83.42
N PHE H 290 8.75 23.95 83.68
CA PHE H 290 7.76 23.63 84.70
C PHE H 290 8.31 22.59 85.66
N TYR H 291 7.87 22.65 86.92
CA TYR H 291 8.24 21.64 87.90
C TYR H 291 7.14 21.47 88.93
N SER H 292 7.11 20.29 89.54
CA SER H 292 6.17 20.03 90.62
C SER H 292 6.92 19.95 91.95
N SER H 293 6.26 20.35 93.03
CA SER H 293 6.83 20.19 94.36
C SER H 293 6.40 18.83 94.89
N THR H 294 7.08 18.33 95.90
CA THR H 294 6.69 17.05 96.49
C THR H 294 6.82 17.01 98.02
N HIS H 295 5.83 16.39 98.65
CA HIS H 295 5.83 16.22 100.09
C HIS H 295 6.28 14.80 100.40
N VAL H 296 7.24 14.69 101.30
CA VAL H 296 7.66 13.37 101.77
C VAL H 296 7.07 13.13 103.14
N ILE H 297 6.24 12.10 103.25
CA ILE H 297 5.58 11.79 104.51
C ILE H 297 6.15 10.52 105.13
N GLY H 298 6.57 10.63 106.39
CA GLY H 298 7.09 9.49 107.10
C GLY H 298 6.17 9.07 108.22
N VAL H 299 6.08 7.76 108.46
CA VAL H 299 5.24 7.23 109.54
C VAL H 299 5.88 6.03 110.21
N GLY H 300 6.20 6.20 111.50
CA GLY H 300 6.72 5.10 112.31
C GLY H 300 5.57 4.47 113.07
N VAL H 301 5.58 3.15 113.17
CA VAL H 301 4.49 2.44 113.83
C VAL H 301 5.03 1.26 114.65
N ARG H 302 4.37 0.99 115.78
CA ARG H 302 4.79 -0.11 116.64
C ARG H 302 4.23 -1.44 116.15
N GLY H 303 4.94 -2.52 116.45
CA GLY H 303 4.47 -3.85 116.15
C GLY H 303 5.41 -4.64 115.26
N SER H 304 5.24 -5.96 115.26
CA SER H 304 5.97 -6.82 114.33
C SER H 304 5.49 -6.51 112.92
N ARG H 305 6.28 -6.84 111.91
CA ARG H 305 5.88 -6.58 110.53
C ARG H 305 4.66 -7.42 110.17
N PRO H 306 3.52 -6.76 109.92
CA PRO H 306 2.26 -7.43 109.61
C PRO H 306 2.35 -8.28 108.34
N GLU H 307 1.66 -9.41 108.32
CA GLU H 307 1.72 -10.34 107.20
C GLU H 307 1.23 -9.74 105.88
N ARG H 308 0.17 -8.95 105.95
CA ARG H 308 -0.41 -8.34 104.75
C ARG H 308 0.60 -7.44 104.04
N ILE H 309 1.52 -6.87 104.83
CA ILE H 309 2.58 -6.04 104.26
C ILE H 309 3.66 -6.90 103.60
N GLY H 310 4.16 -7.89 104.32
CA GLY H 310 5.16 -8.78 103.79
C GLY H 310 6.48 -8.09 103.47
N ASP H 311 7.11 -8.53 102.38
CA ASP H 311 8.39 -7.95 101.96
C ASP H 311 8.20 -7.07 100.74
N LYS H 312 7.33 -6.07 100.87
CA LYS H 312 7.06 -5.15 99.77
C LYS H 312 8.08 -4.01 99.73
N CYS H 313 8.08 -3.28 98.61
CA CYS H 313 8.95 -2.13 98.44
C CYS H 313 8.12 -0.94 97.92
N TRP H 314 8.33 -0.51 96.68
N TRP H 314 8.33 -0.57 96.66
CA TRP H 314 7.48 0.57 96.17
CA TRP H 314 7.50 0.42 96.00
C TRP H 314 6.12 0.10 95.70
C TRP H 314 6.06 -0.07 95.87
N LEU H 315 5.10 0.78 96.21
CA LEU H 315 3.72 0.47 95.95
C LEU H 315 3.13 1.67 95.21
N TYR H 316 2.34 1.41 94.17
CA TYR H 316 1.78 2.49 93.37
C TYR H 316 0.27 2.60 93.55
N PHE H 317 -0.21 3.84 93.64
CA PHE H 317 -1.61 4.08 93.98
C PHE H 317 -2.31 5.02 92.99
N PRO H 318 -2.93 4.42 91.94
CA PRO H 318 -3.70 5.11 90.89
C PRO H 318 -5.00 5.72 91.42
N GLU H 319 -5.67 5.02 92.32
CA GLU H 319 -7.02 5.36 92.75
C GLU H 319 -7.10 6.64 93.60
N ASP H 320 -8.33 7.07 93.91
CA ASP H 320 -8.55 8.34 94.59
C ASP H 320 -8.84 8.21 96.10
N ASN H 321 -8.66 7.03 96.66
CA ASN H 321 -8.87 6.85 98.09
C ASN H 321 -7.63 7.22 98.92
N CYS H 322 -6.62 7.78 98.25
CA CYS H 322 -5.42 8.27 98.93
C CYS H 322 -4.70 9.32 98.09
N PRO H 323 -4.06 10.29 98.75
CA PRO H 323 -3.43 11.43 98.07
C PRO H 323 -2.08 11.05 97.45
N PHE H 324 -1.37 10.13 98.08
CA PHE H 324 -0.03 9.75 97.63
C PHE H 324 -0.04 8.85 96.40
N TYR H 325 1.02 8.92 95.60
CA TYR H 325 1.11 8.11 94.37
C TYR H 325 2.01 6.91 94.56
N ARG H 326 2.94 6.98 95.51
CA ARG H 326 3.76 5.82 95.82
C ARG H 326 4.16 5.80 97.29
N ALA H 327 4.48 4.61 97.77
CA ALA H 327 4.82 4.40 99.16
C ALA H 327 5.70 3.16 99.29
N THR H 328 6.46 3.09 100.38
CA THR H 328 7.35 1.95 100.55
C THR H 328 7.52 1.56 102.01
N ILE H 329 7.76 0.29 102.24
CA ILE H 329 8.02 -0.22 103.57
C ILE H 329 9.50 -0.05 103.85
N PHE H 330 9.89 1.17 104.17
CA PHE H 330 11.30 1.52 104.38
C PHE H 330 11.99 0.59 105.36
N SER H 331 11.25 0.16 106.39
CA SER H 331 11.82 -0.70 107.42
C SER H 331 12.30 -2.04 106.86
N ASN H 332 11.77 -2.44 105.71
CA ASN H 332 12.21 -3.67 105.05
C ASN H 332 13.61 -3.58 104.44
N TYR H 333 14.05 -2.37 104.08
CA TYR H 333 15.32 -2.20 103.39
C TYR H 333 16.52 -2.46 104.29
N SER H 334 16.40 -2.05 105.54
CA SER H 334 17.48 -2.19 106.50
C SER H 334 16.93 -2.14 107.91
N PRO H 335 17.49 -2.96 108.82
CA PRO H 335 17.11 -2.91 110.23
C PRO H 335 17.55 -1.62 110.90
N TYR H 336 18.42 -0.84 110.25
CA TYR H 336 18.91 0.38 110.88
C TYR H 336 18.16 1.64 110.43
N ASN H 337 17.04 1.45 109.72
CA ASN H 337 16.24 2.60 109.29
C ASN H 337 15.28 3.07 110.36
N GLN H 338 15.22 2.33 111.47
CA GLN H 338 14.34 2.65 112.59
C GLN H 338 14.85 2.04 113.90
N PRO H 339 14.41 2.57 115.05
CA PRO H 339 14.96 2.14 116.34
C PRO H 339 14.83 0.64 116.57
N GLU H 340 15.76 0.06 117.31
CA GLU H 340 15.69 -1.36 117.64
C GLU H 340 14.54 -1.62 118.61
N ALA H 341 14.23 -2.90 118.82
CA ALA H 341 13.09 -3.31 119.64
C ALA H 341 13.14 -2.74 121.06
N SER H 342 14.29 -2.87 121.71
CA SER H 342 14.44 -2.47 123.11
C SER H 342 14.13 -0.99 123.38
N LYS H 343 14.12 -0.18 122.32
CA LYS H 343 13.87 1.25 122.47
C LYS H 343 12.42 1.50 122.85
N LYS H 344 12.20 2.38 123.83
CA LYS H 344 10.86 2.64 124.34
C LYS H 344 10.32 3.98 123.90
N LEU H 345 9.12 3.97 123.31
CA LEU H 345 8.51 5.17 122.77
C LEU H 345 7.03 5.23 123.09
N PRO H 346 6.50 6.44 123.30
CA PRO H 346 5.08 6.68 123.55
C PRO H 346 4.29 6.71 122.24
N THR H 347 3.04 6.32 122.29
CA THR H 347 2.18 6.34 121.10
C THR H 347 1.61 7.73 120.89
N MET H 348 1.91 8.33 119.74
CA MET H 348 1.44 9.67 119.42
C MET H 348 -0.04 9.67 119.04
N GLN H 349 -0.48 8.57 118.46
CA GLN H 349 -1.87 8.44 118.02
C GLN H 349 -2.12 7.05 117.42
N LEU H 350 -3.36 6.81 117.02
CA LEU H 350 -3.70 5.57 116.34
C LEU H 350 -3.92 5.89 114.86
N ALA H 351 -3.93 4.85 114.03
CA ALA H 351 -4.09 5.05 112.59
C ALA H 351 -5.41 5.76 112.25
N ASP H 352 -6.41 5.54 113.09
CA ASP H 352 -7.74 6.11 112.84
C ASP H 352 -7.83 7.61 113.10
N GLY H 353 -6.85 8.14 113.84
CA GLY H 353 -6.76 9.57 114.08
C GLY H 353 -7.08 9.99 115.51
N SER H 354 -7.26 9.01 116.39
CA SER H 354 -7.61 9.29 117.77
C SER H 354 -6.43 9.14 118.72
N ARG H 355 -6.60 9.60 119.96
CA ARG H 355 -5.57 9.48 120.98
C ARG H 355 -5.39 8.02 121.39
N PRO H 356 -4.19 7.68 121.91
CA PRO H 356 -3.85 6.32 122.34
C PRO H 356 -4.37 6.01 123.73
N GLN H 357 -4.53 4.72 124.04
CA GLN H 357 -5.05 4.30 125.34
C GLN H 357 -4.15 4.73 126.49
N SER H 358 -2.86 4.41 126.39
CA SER H 358 -1.89 4.85 127.39
C SER H 358 -0.84 5.76 126.76
N THR H 359 -0.34 6.71 127.54
CA THR H 359 0.67 7.64 127.04
C THR H 359 2.06 7.31 127.58
N GLU H 360 2.25 6.05 127.95
CA GLU H 360 3.53 5.56 128.46
C GLU H 360 4.43 5.07 127.33
N ALA H 361 5.74 5.18 127.54
CA ALA H 361 6.71 4.70 126.55
C ALA H 361 6.80 3.18 126.57
N LYS H 362 6.57 2.55 125.42
CA LYS H 362 6.57 1.10 125.34
C LYS H 362 7.62 0.56 124.39
N GLU H 363 7.92 -0.74 124.55
CA GLU H 363 8.95 -1.42 123.78
C GLU H 363 8.55 -1.59 122.32
N GLY H 364 9.51 -2.04 121.50
CA GLY H 364 9.25 -2.30 120.09
C GLY H 364 8.72 -3.70 119.90
N PRO H 365 9.00 -4.32 118.73
CA PRO H 365 9.79 -3.75 117.62
C PRO H 365 9.00 -2.73 116.79
N TYR H 366 9.64 -2.19 115.76
CA TYR H 366 9.02 -1.16 114.93
C TYR H 366 9.15 -1.43 113.43
N TRP H 367 8.21 -0.88 112.67
CA TRP H 367 8.34 -0.80 111.21
C TRP H 367 7.97 0.59 110.73
N SER H 368 8.20 0.87 109.45
CA SER H 368 8.15 2.25 108.98
C SER H 368 7.63 2.36 107.54
N ILE H 369 6.90 3.44 107.28
CA ILE H 369 6.30 3.66 105.97
C ILE H 369 6.62 5.05 105.45
N MET H 370 7.01 5.13 104.19
CA MET H 370 7.29 6.42 103.56
C MET H 370 6.40 6.58 102.33
N LEU H 371 5.92 7.80 102.11
CA LEU H 371 5.06 8.04 100.97
C LEU H 371 5.25 9.45 100.40
N GLU H 372 4.88 9.62 99.13
CA GLU H 372 5.11 10.88 98.43
C GLU H 372 3.83 11.47 97.88
N VAL H 373 3.70 12.78 97.93
CA VAL H 373 2.55 13.48 97.38
C VAL H 373 3.02 14.66 96.54
N SER H 374 2.48 14.79 95.34
CA SER H 374 2.87 15.87 94.45
C SER H 374 1.98 17.09 94.58
N GLU H 375 2.51 18.26 94.21
CA GLU H 375 1.78 19.52 94.28
C GLU H 375 2.17 20.43 93.13
N SER H 376 1.20 21.16 92.58
CA SER H 376 1.46 22.11 91.52
C SER H 376 0.27 23.07 91.37
N SER H 377 0.40 24.03 90.47
CA SER H 377 -0.67 24.99 90.21
C SER H 377 -1.93 24.30 89.70
N MET H 378 -1.79 23.07 89.21
CA MET H 378 -2.92 22.32 88.67
C MET H 378 -3.44 21.28 89.67
N LYS H 379 -2.73 21.13 90.78
CA LYS H 379 -3.11 20.15 91.80
C LYS H 379 -2.54 20.57 93.15
N PRO H 380 -3.18 21.56 93.78
CA PRO H 380 -2.71 22.10 95.06
C PRO H 380 -2.86 21.12 96.20
N VAL H 381 -2.20 21.38 97.32
CA VAL H 381 -2.34 20.56 98.52
C VAL H 381 -2.42 21.42 99.77
N ASN H 382 -3.23 20.98 100.72
CA ASN H 382 -3.37 21.65 102.01
C ASN H 382 -2.30 21.14 102.96
N GLN H 383 -1.25 21.94 103.15
CA GLN H 383 -0.10 21.52 103.95
C GLN H 383 -0.47 21.18 105.40
N GLU H 384 -1.57 21.77 105.88
CA GLU H 384 -2.00 21.54 107.25
C GLU H 384 -2.72 20.19 107.40
N THR H 385 -3.41 19.76 106.36
CA THR H 385 -4.23 18.55 106.44
C THR H 385 -3.59 17.33 105.78
N ILE H 386 -2.54 17.55 104.99
CA ILE H 386 -1.94 16.50 104.18
C ILE H 386 -1.48 15.29 105.00
N LEU H 387 -0.84 15.54 106.15
CA LEU H 387 -0.34 14.46 106.99
C LEU H 387 -1.47 13.53 107.40
N ALA H 388 -2.51 14.11 107.97
CA ALA H 388 -3.67 13.34 108.41
C ALA H 388 -4.31 12.60 107.26
N ASP H 389 -4.43 13.28 106.12
CA ASP H 389 -5.04 12.70 104.93
C ASP H 389 -4.27 11.46 104.47
N CYS H 390 -2.95 11.53 104.57
CA CYS H 390 -2.11 10.41 104.15
C CYS H 390 -2.29 9.21 105.08
N ILE H 391 -2.26 9.47 106.39
CA ILE H 391 -2.47 8.42 107.38
C ILE H 391 -3.81 7.73 107.15
N GLN H 392 -4.84 8.53 106.87
CA GLN H 392 -6.17 8.00 106.56
C GLN H 392 -6.13 7.18 105.28
N GLY H 393 -5.40 7.67 104.28
CA GLY H 393 -5.23 6.95 103.03
C GLY H 393 -4.59 5.60 103.25
N LEU H 394 -3.64 5.54 104.19
CA LEU H 394 -2.97 4.28 104.53
C LEU H 394 -3.99 3.27 105.03
N VAL H 395 -5.02 3.78 105.71
CA VAL H 395 -6.10 2.95 106.22
C VAL H 395 -6.97 2.43 105.07
N ASN H 396 -7.45 3.36 104.25
CA ASN H 396 -8.27 3.03 103.09
C ASN H 396 -7.59 2.01 102.17
N THR H 397 -6.27 1.99 102.17
CA THR H 397 -5.52 1.11 101.29
C THR H 397 -5.11 -0.17 102.00
N GLU H 398 -5.59 -0.32 103.23
CA GLU H 398 -5.30 -1.52 104.01
C GLU H 398 -3.81 -1.72 104.24
N MET H 399 -3.09 -0.63 104.40
CA MET H 399 -1.69 -0.71 104.82
C MET H 399 -1.60 -0.60 106.34
N LEU H 400 -2.41 0.29 106.92
CA LEU H 400 -2.54 0.40 108.37
C LEU H 400 -3.96 0.08 108.84
N LYS H 401 -4.07 -0.80 109.82
CA LYS H 401 -5.35 -1.03 110.51
C LYS H 401 -5.65 0.19 111.36
N PRO H 402 -6.94 0.50 111.57
CA PRO H 402 -7.30 1.67 112.36
C PRO H 402 -6.84 1.53 113.81
N THR H 403 -6.37 0.34 114.17
CA THR H 403 -5.93 0.06 115.53
C THR H 403 -4.42 0.29 115.70
N ASP H 404 -3.69 0.35 114.59
CA ASP H 404 -2.24 0.48 114.63
C ASP H 404 -1.77 1.74 115.37
N GLU H 405 -0.65 1.60 116.08
CA GLU H 405 -0.11 2.68 116.89
C GLU H 405 0.99 3.43 116.16
N ILE H 406 0.79 4.74 115.95
CA ILE H 406 1.79 5.56 115.29
C ILE H 406 2.74 6.18 116.31
N VAL H 407 4.03 5.84 116.18
CA VAL H 407 5.05 6.29 117.13
C VAL H 407 5.80 7.52 116.65
N SER H 408 5.86 7.69 115.33
CA SER H 408 6.62 8.78 114.74
C SER H 408 5.98 9.27 113.45
N THR H 409 6.09 10.57 113.20
CA THR H 409 5.60 11.14 111.94
C THR H 409 6.63 12.08 111.32
N TYR H 410 6.75 12.02 110.01
CA TYR H 410 7.68 12.89 109.28
C TYR H 410 6.99 13.56 108.11
N HIS H 411 7.25 14.86 107.93
CA HIS H 411 6.69 15.60 106.81
C HIS H 411 7.58 16.76 106.40
N ARG H 412 7.96 16.78 105.12
CA ARG H 412 8.77 17.84 104.57
C ARG H 412 8.37 18.10 103.12
N ARG H 413 8.29 19.38 102.76
CA ARG H 413 7.93 19.77 101.40
C ARG H 413 9.15 20.30 100.65
N PHE H 414 9.39 19.75 99.46
CA PHE H 414 10.50 20.22 98.63
C PHE H 414 9.99 21.01 97.43
N ASP H 415 10.35 22.29 97.36
CA ASP H 415 9.88 23.18 96.31
C ASP H 415 10.13 22.60 94.91
N HIS H 416 11.40 22.32 94.62
CA HIS H 416 11.76 21.66 93.37
C HIS H 416 11.81 20.15 93.59
N GLY H 417 10.80 19.44 93.11
CA GLY H 417 10.73 18.01 93.34
C GLY H 417 10.92 17.16 92.10
N TYR H 418 10.15 17.44 91.07
CA TYR H 418 10.28 16.77 89.78
C TYR H 418 10.39 17.80 88.68
N PRO H 419 11.38 17.64 87.79
CA PRO H 419 11.43 18.45 86.57
C PRO H 419 10.44 17.85 85.57
N THR H 420 9.39 18.59 85.22
CA THR H 420 8.30 18.02 84.42
C THR H 420 8.62 17.93 82.94
N PRO H 421 8.56 16.71 82.38
CA PRO H 421 8.72 16.50 80.94
C PRO H 421 7.55 17.06 80.15
N THR H 422 7.36 18.38 80.22
CA THR H 422 6.27 19.03 79.51
C THR H 422 6.58 19.13 78.01
N LEU H 423 5.54 19.39 77.22
CA LEU H 423 5.69 19.53 75.77
C LEU H 423 6.65 20.66 75.40
N GLU H 424 6.73 21.66 76.27
CA GLU H 424 7.55 22.85 76.01
C GLU H 424 8.99 22.72 76.52
N ARG H 425 9.28 21.63 77.24
CA ARG H 425 10.57 21.47 77.90
C ARG H 425 11.75 21.69 76.95
N GLU H 426 11.79 20.88 75.89
CA GLU H 426 12.92 20.91 74.97
C GLU H 426 13.07 22.25 74.27
N GLY H 427 11.96 22.87 73.93
CA GLY H 427 11.98 24.18 73.30
C GLY H 427 12.79 25.16 74.14
N ALA H 428 12.66 25.06 75.45
CA ALA H 428 13.38 25.93 76.36
C ALA H 428 14.84 25.50 76.51
N LEU H 429 15.04 24.24 76.90
CA LEU H 429 16.38 23.71 77.14
C LEU H 429 17.35 23.86 75.98
N THR H 430 16.84 23.71 74.76
CA THR H 430 17.70 23.80 73.58
C THR H 430 18.13 25.25 73.34
N GLN H 431 17.62 26.16 74.15
CA GLN H 431 18.10 27.54 74.13
C GLN H 431 18.94 27.82 75.37
N ILE H 432 18.47 27.35 76.51
CA ILE H 432 19.11 27.64 77.79
C ILE H 432 20.50 27.01 77.89
N LEU H 433 20.57 25.71 77.68
CA LEU H 433 21.81 24.97 77.87
C LEU H 433 22.93 25.43 76.92
N PRO H 434 22.63 25.64 75.63
CA PRO H 434 23.64 26.15 74.70
C PRO H 434 24.11 27.57 75.03
N LYS H 435 23.19 28.46 75.39
CA LYS H 435 23.58 29.82 75.76
C LYS H 435 24.51 29.82 76.97
N LEU H 436 24.23 28.97 77.95
CA LEU H 436 25.10 28.85 79.11
C LEU H 436 26.42 28.25 78.67
N GLN H 437 26.35 27.31 77.74
CA GLN H 437 27.54 26.67 77.20
C GLN H 437 28.50 27.68 76.59
N ASP H 438 27.95 28.70 75.93
CA ASP H 438 28.77 29.72 75.27
C ASP H 438 29.51 30.58 76.28
N LYS H 439 29.13 30.47 77.55
CA LYS H 439 29.77 31.23 78.61
C LYS H 439 30.69 30.33 79.43
N ASP H 440 31.01 29.17 78.87
CA ASP H 440 31.80 28.15 79.59
C ASP H 440 31.14 27.72 80.88
N ILE H 441 29.81 27.59 80.84
CA ILE H 441 29.07 27.11 82.00
C ILE H 441 28.36 25.80 81.67
N TRP H 442 28.74 24.73 82.34
CA TRP H 442 28.08 23.43 82.19
C TRP H 442 27.00 23.27 83.25
N SER H 443 25.77 23.57 82.88
CA SER H 443 24.66 23.38 83.80
C SER H 443 24.12 21.96 83.63
N ARG H 444 24.19 21.18 84.71
CA ARG H 444 23.90 19.75 84.62
C ARG H 444 23.25 19.24 85.90
N GLY H 445 22.34 18.28 85.74
CA GLY H 445 21.73 17.64 86.89
C GLY H 445 20.21 17.61 86.80
N ARG H 446 19.58 17.06 87.85
CA ARG H 446 18.13 16.93 87.87
C ARG H 446 17.42 18.25 87.55
N PHE H 447 17.88 19.34 88.17
CA PHE H 447 17.35 20.66 87.85
C PHE H 447 18.42 21.54 87.21
N GLY H 448 19.64 21.03 87.16
CA GLY H 448 20.70 21.69 86.42
C GLY H 448 20.44 21.62 84.92
N SER H 449 20.05 20.45 84.44
CA SER H 449 19.72 20.27 83.03
C SER H 449 18.27 19.79 82.81
N TRP H 450 17.56 19.53 83.91
CA TRP H 450 16.10 19.47 83.88
C TRP H 450 15.51 18.29 83.09
N ARG H 451 16.24 17.20 82.98
CA ARG H 451 15.73 16.03 82.26
C ARG H 451 15.54 14.80 83.13
N TYR H 452 14.28 14.49 83.42
CA TYR H 452 13.92 13.38 84.28
C TYR H 452 14.46 12.02 83.81
N GLU H 453 14.58 11.83 82.49
CA GLU H 453 15.00 10.54 81.95
C GLU H 453 16.40 10.18 82.42
N VAL H 454 17.20 11.20 82.69
CA VAL H 454 18.53 10.98 83.23
C VAL H 454 18.66 11.70 84.56
N GLY H 455 17.64 11.51 85.40
CA GLY H 455 17.55 12.21 86.67
C GLY H 455 17.71 11.32 87.89
N ASN H 456 17.90 10.01 87.66
CA ASN H 456 18.23 9.12 88.77
C ASN H 456 19.63 9.41 89.28
N GLN H 457 19.95 8.87 90.44
CA GLN H 457 21.20 9.20 91.10
C GLN H 457 22.40 8.76 90.29
N ASP H 458 22.30 7.60 89.65
CA ASP H 458 23.41 7.14 88.81
C ASP H 458 23.56 8.03 87.58
N HIS H 459 22.45 8.38 86.93
CA HIS H 459 22.49 9.28 85.79
C HIS H 459 23.06 10.64 86.19
N SER H 460 22.59 11.16 87.31
CA SER H 460 23.00 12.48 87.79
C SER H 460 24.49 12.51 88.05
N PHE H 461 24.95 11.55 88.84
CA PHE H 461 26.37 11.40 89.12
C PHE H 461 27.16 11.48 87.82
N MET H 462 26.72 10.71 86.83
CA MET H 462 27.45 10.59 85.57
C MET H 462 27.38 11.87 84.72
N LEU H 463 26.30 12.62 84.87
CA LEU H 463 26.22 13.91 84.18
C LEU H 463 27.39 14.79 84.60
N GLY H 464 27.70 14.79 85.89
CA GLY H 464 28.82 15.54 86.43
C GLY H 464 30.14 14.97 85.97
N VAL H 465 30.26 13.64 86.04
CA VAL H 465 31.46 12.95 85.58
C VAL H 465 31.76 13.29 84.12
N GLU H 466 30.74 13.20 83.28
CA GLU H 466 30.91 13.42 81.84
C GLU H 466 31.12 14.88 81.49
N ALA H 467 30.59 15.78 82.31
CA ALA H 467 30.83 17.21 82.09
C ALA H 467 32.32 17.51 82.28
N VAL H 468 32.89 16.96 83.35
CA VAL H 468 34.32 17.11 83.58
C VAL H 468 35.12 16.47 82.45
N ASP H 469 34.67 15.31 81.99
CA ASP H 469 35.39 14.59 80.94
C ASP H 469 35.32 15.35 79.63
N ASN H 470 34.24 16.10 79.44
CA ASN H 470 34.14 16.95 78.27
C ASN H 470 35.07 18.15 78.40
N ILE H 471 35.05 18.77 79.58
CA ILE H 471 35.92 19.92 79.87
C ILE H 471 37.39 19.59 79.70
N VAL H 472 37.79 18.42 80.21
CA VAL H 472 39.21 18.06 80.27
C VAL H 472 39.72 17.21 79.08
N ASN H 473 38.95 16.23 78.63
CA ASN H 473 39.44 15.28 77.63
C ASN H 473 38.69 15.29 76.31
N GLY H 474 37.71 16.17 76.17
CA GLY H 474 36.93 16.27 74.96
C GLY H 474 35.97 15.10 74.74
N ALA H 475 35.49 14.50 75.83
CA ALA H 475 34.55 13.40 75.74
C ALA H 475 33.17 13.90 75.30
N VAL H 476 32.40 13.02 74.65
CA VAL H 476 31.01 13.32 74.34
C VAL H 476 30.18 13.26 75.62
N GLU H 477 29.27 14.20 75.80
CA GLU H 477 28.36 14.14 76.95
C GLU H 477 27.16 13.28 76.57
N LEU H 478 27.33 11.97 76.72
CA LEU H 478 26.37 10.99 76.20
C LEU H 478 25.08 10.91 77.02
N THR H 479 25.20 10.99 78.33
CA THR H 479 24.02 10.90 79.20
C THR H 479 23.10 12.12 79.02
N LEU H 480 23.70 13.28 78.82
CA LEU H 480 22.96 14.52 78.64
C LEU H 480 22.14 14.57 77.35
N ASN H 481 22.75 14.15 76.25
CA ASN H 481 22.08 14.30 74.95
C ASN H 481 21.57 13.01 74.33
N TYR H 482 21.96 11.87 74.88
CA TYR H 482 21.53 10.60 74.31
C TYR H 482 21.13 9.57 75.38
N PRO H 483 20.09 9.89 76.17
CA PRO H 483 19.64 9.00 77.25
C PRO H 483 19.31 7.58 76.77
N ASP H 484 18.62 7.44 75.64
CA ASP H 484 18.30 6.12 75.12
C ASP H 484 19.59 5.34 74.85
N PHE H 485 20.63 6.04 74.43
CA PHE H 485 21.89 5.39 74.12
C PHE H 485 22.51 4.77 75.36
N VAL H 486 22.54 5.53 76.46
CA VAL H 486 23.19 5.06 77.68
C VAL H 486 22.33 4.09 78.48
N ASN H 487 21.01 4.26 78.42
CA ASN H 487 20.10 3.33 79.09
C ASN H 487 20.04 1.98 78.38
N GLY H 488 20.43 1.96 77.11
CA GLY H 488 20.30 0.76 76.31
C GLY H 488 21.56 -0.10 76.25
N ARG H 489 22.56 0.25 77.04
CA ARG H 489 23.83 -0.47 76.96
C ARG H 489 24.44 -0.69 78.33
N GLN H 490 25.50 -1.50 78.36
CA GLN H 490 26.32 -1.62 79.55
C GLN H 490 27.51 -0.69 79.42
N ASN H 491 27.54 0.34 80.25
CA ASN H 491 28.62 1.31 80.21
C ASN H 491 29.76 0.88 81.12
N THR H 492 30.78 0.27 80.54
CA THR H 492 31.85 -0.35 81.32
C THR H 492 33.24 0.25 81.10
N GLU H 493 33.35 1.14 80.12
CA GLU H 493 34.66 1.68 79.73
C GLU H 493 35.31 2.63 80.78
N ARG H 494 34.53 3.55 81.32
CA ARG H 494 35.04 4.49 82.30
C ARG H 494 35.07 3.91 83.71
N ARG H 495 36.26 3.88 84.30
CA ARG H 495 36.47 3.28 85.60
C ARG H 495 37.10 4.29 86.56
N LEU H 496 37.04 3.99 87.86
CA LEU H 496 37.64 4.87 88.87
C LEU H 496 39.16 4.82 88.80
N VAL H 497 39.69 3.72 88.29
CA VAL H 497 41.11 3.63 87.96
C VAL H 497 41.26 3.35 86.47
N ASP H 498 41.52 4.40 85.69
CA ASP H 498 41.71 4.29 84.26
C ASP H 498 43.22 4.14 83.95
N GLY H 499 43.55 3.81 82.72
CA GLY H 499 44.94 3.66 82.32
C GLY H 499 45.85 4.83 82.67
N ALA H 500 45.33 6.05 82.60
CA ALA H 500 46.16 7.22 82.89
C ALA H 500 46.77 7.12 84.29
N GLN H 501 45.97 6.74 85.26
CA GLN H 501 46.46 6.62 86.64
C GLN H 501 47.36 5.40 86.84
N VAL H 502 47.11 4.33 86.10
CA VAL H 502 47.99 3.17 86.16
C VAL H 502 49.38 3.49 85.60
N PHE H 503 49.43 4.08 84.41
CA PHE H 503 50.70 4.38 83.77
C PHE H 503 51.52 5.38 84.59
N ALA H 504 50.85 6.40 85.13
CA ALA H 504 51.53 7.45 85.88
C ALA H 504 52.12 6.91 87.18
N LYS H 505 51.39 6.01 87.81
CA LYS H 505 51.82 5.38 89.06
C LYS H 505 53.02 4.48 88.80
N SER H 506 52.94 3.70 87.72
CA SER H 506 53.99 2.75 87.38
C SER H 506 55.29 3.47 87.06
N LYS H 507 55.18 4.65 86.45
CA LYS H 507 56.36 5.42 86.08
C LYS H 507 56.94 6.12 87.29
N ALA H 508 56.10 6.35 88.31
CA ALA H 508 56.54 7.01 89.54
C ALA H 508 57.42 6.11 90.39
N GLN H 509 57.17 4.81 90.35
CA GLN H 509 57.98 3.84 91.08
C GLN H 509 59.37 3.68 90.47
N LEU H 510 59.41 3.52 89.14
CA LEU H 510 60.67 3.33 88.43
C LEU H 510 61.58 4.53 88.61
N GLU H 511 60.99 5.73 88.63
CA GLU H 511 61.76 6.95 88.82
C GLU H 511 62.29 7.07 90.25
#